data_6WEQ
#
_entry.id   6WEQ
#
_cell.length_a   67.446
_cell.length_b   329.709
_cell.length_c   86.717
_cell.angle_alpha   90.000
_cell.angle_beta   90.783
_cell.angle_gamma   90.000
#
_symmetry.space_group_name_H-M   'P 1 21 1'
#
loop_
_entity.id
_entity.type
_entity.pdbx_description
1 polymer 'Non-structural protein 1'
2 polymer '2B7 Fab fragment heavy chain'
3 polymer '2B7 Fab fragment light chain'
4 non-polymer 2-acetamido-2-deoxy-beta-D-glucopyranose
5 non-polymer 'SULFATE ION'
#
loop_
_entity_poly.entity_id
_entity_poly.type
_entity_poly.pdbx_seq_one_letter_code
_entity_poly.pdbx_strand_id
1 'polypeptide(L)'
;AHHHHHHSSGVDLGTENLYFQSNADSGCVINWKGRELKCGSGIFVTNEVHTWTEQYKFQADSPKRLSAAIGKAWEEGVCG
IRSATRLENIMWKQISNELNHILLENDMKFTVVVGDVSGILAQGKKMIRPQPMEHKYSWKSWGKAKIIGADVQNTTFIID
GPNTPECPDNQRAWNIWEVEDYGFGIFTTNIWLKLRDSYTQVCDHRLMSAAIKDSKAVHADMGYWIESEKNETWKLARAS
FIEVKTCIWPKSHTLWSNGVLESEMIIPKIYGGPISQHNYRPGYFTQTAGPWHLGKLELDFDFCEGTTVVVDEHCGNRGP
SLRTTTVTGKIIHEWCCRSCTLPPLRFKGEDGCWYGMEIRPVKDKEENLVKSMVSA
;
A,B,C,D
2 'polypeptide(L)'
;MEWSWIFLFLLSGTAGVHSEVQLQQSGPELVKPGASVKMSCKASGCTLTNCFMHWMKQKPGQDLEWIGYINPYNDMTKYS
ENFKGKATLTSDKSSSTAFMELSSLTSEDSAVYYCARGYLLRTGCFDYWGQGTTLTVSSAKTTPPSVYPLAPGCGDTTGS
SVTLGCLVKGYFPESVTVTWNSGSLSSSVHTFPALLQSGLYTMSSSVTVPSSTWPSQTVTCSVAHPASSTTVDKKLEPSG
PISTINPCPPCKECHKCPAPNLEGGPSV
;
E,G,I,K
3 'polypeptide(L)'
;METDTLLLWVLLLWVPGSTGNIVLTQSPASLAVSLGQRATISCRASESVDSYGYSFMHWYQQKPGQPPKVLIYLASNLES
GVPARFSGSGSRTDFTLTIDPVEADDAATYYCQQNNENPLTFGAGTKLELKRADAAPTVSIFPPSSEQLTSGGASVVCFL
NNFYPKDINVKWKIDGSERQNGVLNSWTDQDSKDSTYSMSSTLTLTKDEYERHNSYTCEATHKTSTSPIVKSFNRNEC
;
F,H,J,L
#
# COMPACT_ATOMS: atom_id res chain seq x y z
N GLY A 14 -1.86 7.34 15.91
CA GLY A 14 -3.30 7.52 16.04
C GLY A 14 -4.26 6.84 15.06
N THR A 15 -5.54 7.13 15.26
CA THR A 15 -6.65 6.47 14.56
C THR A 15 -7.24 7.38 13.49
N GLU A 16 -7.55 6.80 12.32
CA GLU A 16 -8.18 7.54 11.24
C GLU A 16 -9.39 6.79 10.67
N ASN A 17 -10.08 7.46 9.73
CA ASN A 17 -11.36 7.03 9.18
C ASN A 17 -11.34 7.02 7.66
N LEU A 18 -11.66 5.86 7.06
CA LEU A 18 -11.52 5.71 5.62
C LEU A 18 -12.72 4.97 5.04
N TYR A 19 -13.15 5.42 3.86
CA TYR A 19 -14.27 4.78 3.18
C TYR A 19 -13.74 3.74 2.20
N PHE A 20 -14.30 2.54 2.27
CA PHE A 20 -13.93 1.47 1.36
C PHE A 20 -15.20 0.90 0.73
N GLN A 21 -15.05 0.37 -0.49
CA GLN A 21 -16.13 -0.31 -1.19
C GLN A 21 -15.61 -1.61 -1.81
N SER A 22 -16.44 -2.66 -1.79
CA SER A 22 -16.04 -3.99 -2.25
C SER A 22 -15.90 -4.08 -3.78
N ASN A 23 -16.67 -3.30 -4.54
CA ASN A 23 -16.67 -3.43 -5.99
C ASN A 23 -15.90 -2.31 -6.68
N ALA A 24 -15.09 -1.56 -5.93
CA ALA A 24 -14.16 -0.59 -6.46
C ALA A 24 -12.73 -0.98 -6.09
N ASP A 25 -11.78 -0.24 -6.67
CA ASP A 25 -10.38 -0.35 -6.32
C ASP A 25 -10.17 0.11 -4.87
N SER A 26 -9.89 -0.80 -3.96
CA SER A 26 -9.75 -0.46 -2.54
C SER A 26 -8.33 -0.71 -2.08
N GLY A 27 -7.79 0.19 -1.28
CA GLY A 27 -6.45 0.00 -0.74
C GLY A 27 -5.82 1.32 -0.30
N CYS A 28 -4.54 1.21 0.05
CA CYS A 28 -3.70 2.34 0.42
C CYS A 28 -2.57 2.48 -0.58
N VAL A 29 -2.16 3.72 -0.81
CA VAL A 29 -1.20 4.00 -1.87
C VAL A 29 -0.33 5.17 -1.42
N ILE A 30 0.95 5.14 -1.77
CA ILE A 30 1.90 6.11 -1.27
C ILE A 30 2.43 6.95 -2.43
N ASN A 31 2.66 8.24 -2.17
CA ASN A 31 3.33 9.11 -3.11
C ASN A 31 4.60 9.67 -2.49
N TRP A 32 5.76 9.14 -2.89
CA TRP A 32 7.00 9.41 -2.17
C TRP A 32 7.29 10.91 -2.07
N LYS A 33 7.36 11.61 -3.19
CA LYS A 33 7.43 13.04 -3.09
C LYS A 33 6.07 13.59 -2.63
N GLY A 34 6.09 14.66 -1.86
CA GLY A 34 4.89 15.10 -1.20
C GLY A 34 4.44 14.25 -0.03
N ARG A 35 5.06 13.08 0.19
CA ARG A 35 4.76 12.17 1.30
C ARG A 35 3.28 12.10 1.64
N GLU A 36 2.47 11.58 0.71
CA GLU A 36 1.02 11.46 0.85
C GLU A 36 0.69 9.97 0.83
N LEU A 37 0.20 9.44 1.95
CA LEU A 37 -0.46 8.15 1.98
C LEU A 37 -1.95 8.38 1.84
N LYS A 38 -2.57 7.89 0.77
CA LYS A 38 -4.00 8.09 0.58
C LYS A 38 -4.68 6.73 0.55
N CYS A 39 -5.72 6.57 1.37
CA CYS A 39 -6.43 5.31 1.36
C CYS A 39 -7.91 5.56 1.14
N GLY A 40 -8.54 4.67 0.38
CA GLY A 40 -9.97 4.80 0.10
C GLY A 40 -10.40 3.82 -0.96
N SER A 41 -11.50 4.15 -1.63
CA SER A 41 -12.02 3.37 -2.72
C SER A 41 -12.31 4.28 -3.88
N GLY A 42 -12.01 3.83 -5.10
CA GLY A 42 -12.23 4.62 -6.28
C GLY A 42 -11.71 3.97 -7.53
N ILE A 43 -10.91 4.69 -8.30
CA ILE A 43 -10.38 4.20 -9.56
C ILE A 43 -8.89 4.45 -9.58
N PHE A 44 -8.12 3.41 -9.86
CA PHE A 44 -6.66 3.51 -9.89
C PHE A 44 -6.22 3.38 -11.34
N VAL A 45 -5.89 4.49 -11.97
CA VAL A 45 -5.39 4.45 -13.33
C VAL A 45 -3.89 4.34 -13.26
N THR A 46 -3.35 3.29 -13.85
CA THR A 46 -1.94 3.00 -13.74
C THR A 46 -1.26 2.99 -15.10
N ASN A 47 0.05 3.10 -15.03
CA ASN A 47 0.94 3.17 -16.19
C ASN A 47 1.27 1.75 -16.63
N GLU A 48 0.54 1.25 -17.62
CA GLU A 48 0.76 -0.13 -17.96
C GLU A 48 1.84 -0.36 -19.00
N VAL A 49 2.53 0.69 -19.46
CA VAL A 49 3.37 0.51 -20.65
C VAL A 49 4.63 -0.29 -20.33
N HIS A 50 5.23 -0.07 -19.16
CA HIS A 50 6.51 -0.73 -18.95
C HIS A 50 6.39 -2.21 -18.58
N THR A 51 5.20 -2.66 -18.19
CA THR A 51 5.03 -4.03 -17.73
C THR A 51 4.23 -4.91 -18.69
N TRP A 52 3.88 -4.39 -19.89
CA TRP A 52 2.77 -4.96 -20.65
C TRP A 52 3.05 -6.38 -21.14
N THR A 53 4.28 -6.66 -21.59
CA THR A 53 4.56 -7.96 -22.19
C THR A 53 4.30 -9.10 -21.22
N GLU A 54 4.64 -8.88 -19.93
CA GLU A 54 4.42 -9.92 -18.93
C GLU A 54 3.00 -9.88 -18.39
N GLN A 55 2.40 -8.68 -18.36
CA GLN A 55 1.11 -8.50 -17.69
C GLN A 55 -0.10 -8.85 -18.54
N TYR A 56 -0.07 -8.63 -19.86
CA TYR A 56 -1.26 -8.80 -20.67
C TYR A 56 -1.01 -9.63 -21.91
N LYS A 57 -1.98 -10.49 -22.26
CA LYS A 57 -1.90 -11.36 -23.43
C LYS A 57 -3.24 -11.35 -24.15
N PHE A 58 -3.25 -10.86 -25.39
CA PHE A 58 -4.49 -10.89 -26.16
C PHE A 58 -4.80 -12.33 -26.59
N GLN A 59 -6.09 -12.65 -26.66
CA GLN A 59 -6.45 -14.02 -26.98
C GLN A 59 -7.77 -14.02 -27.72
N ALA A 60 -7.83 -14.70 -28.84
CA ALA A 60 -9.05 -14.76 -29.62
C ALA A 60 -10.02 -15.79 -29.03
N ASP A 61 -11.32 -15.54 -29.24
CA ASP A 61 -12.38 -16.27 -28.56
C ASP A 61 -12.46 -17.73 -28.99
N SER A 62 -12.50 -17.98 -30.30
CA SER A 62 -12.56 -19.33 -30.84
C SER A 62 -11.72 -19.36 -32.11
N PRO A 63 -10.55 -20.03 -32.09
CA PRO A 63 -9.73 -20.07 -33.30
C PRO A 63 -10.47 -20.65 -34.48
N LYS A 64 -11.41 -21.58 -34.25
CA LYS A 64 -12.23 -22.08 -35.37
C LYS A 64 -13.09 -20.97 -35.95
N ARG A 65 -13.83 -20.24 -35.10
CA ARG A 65 -14.70 -19.21 -35.64
C ARG A 65 -13.89 -18.13 -36.33
N LEU A 66 -12.71 -17.82 -35.79
CA LEU A 66 -11.82 -16.85 -36.46
C LEU A 66 -11.37 -17.38 -37.81
N SER A 67 -10.99 -18.65 -37.88
CA SER A 67 -10.47 -19.20 -39.12
C SER A 67 -11.50 -19.13 -40.23
N ALA A 68 -12.76 -19.45 -39.93
CA ALA A 68 -13.78 -19.40 -40.97
C ALA A 68 -14.00 -17.96 -41.47
N ALA A 69 -13.96 -16.98 -40.56
CA ALA A 69 -14.17 -15.59 -40.96
C ALA A 69 -13.08 -15.05 -41.87
N ILE A 70 -11.83 -15.49 -41.69
CA ILE A 70 -10.77 -15.10 -42.60
C ILE A 70 -10.98 -15.73 -43.97
N GLY A 71 -11.40 -16.99 -44.00
CA GLY A 71 -11.78 -17.62 -45.26
C GLY A 71 -12.87 -16.84 -45.98
N LYS A 72 -13.97 -16.55 -45.26
CA LYS A 72 -15.05 -15.71 -45.82
C LYS A 72 -14.56 -14.32 -46.20
N ALA A 73 -13.60 -13.76 -45.47
CA ALA A 73 -13.06 -12.47 -45.88
C ALA A 73 -12.26 -12.62 -47.16
N TRP A 74 -11.32 -13.56 -47.17
CA TRP A 74 -10.45 -13.74 -48.33
C TRP A 74 -11.25 -14.06 -49.58
N GLU A 75 -12.30 -14.89 -49.45
CA GLU A 75 -13.18 -15.09 -50.59
C GLU A 75 -13.80 -13.77 -51.06
N GLU A 76 -14.07 -12.85 -50.15
CA GLU A 76 -14.60 -11.54 -50.52
C GLU A 76 -13.51 -10.54 -50.88
N GLY A 77 -12.26 -10.98 -50.95
CA GLY A 77 -11.21 -10.18 -51.52
C GLY A 77 -10.29 -9.47 -50.56
N VAL A 78 -10.15 -9.94 -49.34
CA VAL A 78 -9.22 -9.40 -48.37
C VAL A 78 -7.93 -10.22 -48.40
N CYS A 79 -6.81 -9.57 -48.76
CA CYS A 79 -5.55 -10.30 -48.84
C CYS A 79 -4.83 -10.40 -47.50
N GLY A 80 -5.09 -9.46 -46.58
CA GLY A 80 -4.32 -9.47 -45.34
C GLY A 80 -4.89 -8.60 -44.23
N ILE A 81 -4.14 -8.53 -43.13
CA ILE A 81 -4.52 -7.75 -41.95
C ILE A 81 -3.37 -6.88 -41.48
N ARG A 82 -3.71 -5.73 -40.88
CA ARG A 82 -2.76 -4.98 -40.07
C ARG A 82 -3.28 -4.91 -38.65
N SER A 83 -2.42 -5.27 -37.70
CA SER A 83 -2.77 -5.16 -36.29
C SER A 83 -3.03 -3.70 -35.92
N ALA A 84 -3.95 -3.50 -34.98
CA ALA A 84 -4.24 -2.16 -34.51
C ALA A 84 -3.26 -1.75 -33.43
N THR A 85 -2.89 -2.69 -32.59
CA THR A 85 -2.08 -2.45 -31.42
C THR A 85 -0.94 -3.48 -31.38
N ARG A 86 0.11 -3.12 -30.62
CA ARG A 86 1.29 -3.96 -30.54
C ARG A 86 0.97 -5.33 -29.92
N LEU A 87 0.13 -5.36 -28.88
CA LEU A 87 -0.33 -6.62 -28.30
C LEU A 87 -1.01 -7.51 -29.33
N GLU A 88 -1.82 -6.92 -30.19
CA GLU A 88 -2.54 -7.70 -31.19
C GLU A 88 -1.59 -8.42 -32.12
N ASN A 89 -0.46 -7.79 -32.44
CA ASN A 89 0.48 -8.44 -33.33
C ASN A 89 1.09 -9.69 -32.70
N ILE A 90 1.52 -9.58 -31.43
CA ILE A 90 2.06 -10.72 -30.67
C ILE A 90 1.07 -11.86 -30.61
N MET A 91 -0.23 -11.51 -30.60
CA MET A 91 -1.29 -12.51 -30.61
C MET A 91 -1.33 -13.27 -31.92
N TRP A 92 -1.22 -12.57 -33.05
CA TRP A 92 -1.23 -13.23 -34.36
C TRP A 92 0.00 -14.13 -34.54
N LYS A 93 1.13 -13.73 -33.98
CA LYS A 93 2.31 -14.57 -34.05
C LYS A 93 2.08 -15.87 -33.28
N GLN A 94 1.48 -15.78 -32.08
CA GLN A 94 1.37 -16.93 -31.20
C GLN A 94 0.28 -17.90 -31.65
N ILE A 95 -0.73 -17.41 -32.36
CA ILE A 95 -1.84 -18.26 -32.77
C ILE A 95 -1.67 -18.78 -34.18
N SER A 96 -0.70 -18.27 -34.95
CA SER A 96 -0.64 -18.61 -36.36
C SER A 96 -0.48 -20.12 -36.58
N ASN A 97 0.33 -20.79 -35.75
CA ASN A 97 0.45 -22.23 -35.93
C ASN A 97 -0.89 -22.92 -35.72
N GLU A 98 -1.67 -22.44 -34.75
CA GLU A 98 -2.97 -23.08 -34.50
C GLU A 98 -3.98 -22.77 -35.60
N LEU A 99 -3.93 -21.57 -36.18
CA LEU A 99 -4.86 -21.25 -37.27
C LEU A 99 -4.57 -22.07 -38.50
N ASN A 100 -3.31 -22.10 -38.93
CA ASN A 100 -3.00 -22.82 -40.16
C ASN A 100 -3.36 -24.29 -40.05
N HIS A 101 -3.22 -24.89 -38.86
CA HIS A 101 -3.70 -26.26 -38.71
C HIS A 101 -5.20 -26.34 -38.93
N ILE A 102 -5.95 -25.33 -38.47
CA ILE A 102 -7.40 -25.30 -38.66
C ILE A 102 -7.72 -25.19 -40.15
N LEU A 103 -6.94 -24.37 -40.88
CA LEU A 103 -7.24 -24.14 -42.29
C LEU A 103 -7.00 -25.39 -43.15
N LEU A 104 -5.97 -26.18 -42.83
CA LEU A 104 -5.67 -27.38 -43.62
C LEU A 104 -6.77 -28.43 -43.48
N GLU A 105 -7.27 -28.64 -42.27
CA GLU A 105 -8.36 -29.58 -42.06
C GLU A 105 -9.61 -29.17 -42.85
N ASN A 106 -9.77 -27.87 -43.13
CA ASN A 106 -10.91 -27.34 -43.87
C ASN A 106 -10.60 -27.08 -45.34
N ASP A 107 -9.51 -27.66 -45.85
CA ASP A 107 -9.16 -27.58 -47.26
C ASP A 107 -9.20 -26.15 -47.79
N MET A 108 -8.78 -25.20 -46.97
CA MET A 108 -8.76 -23.80 -47.40
C MET A 108 -7.48 -23.55 -48.17
N LYS A 109 -7.59 -22.89 -49.31
CA LYS A 109 -6.47 -22.80 -50.25
C LYS A 109 -5.67 -21.50 -50.04
N PHE A 110 -5.15 -21.34 -48.82
CA PHE A 110 -4.22 -20.26 -48.44
C PHE A 110 -3.68 -20.52 -47.04
N THR A 111 -2.57 -19.86 -46.71
CA THR A 111 -1.94 -19.99 -45.39
C THR A 111 -1.65 -18.60 -44.82
N VAL A 112 -1.50 -18.54 -43.51
CA VAL A 112 -1.40 -17.29 -42.77
C VAL A 112 0.03 -17.07 -42.31
N VAL A 113 0.60 -15.92 -42.68
CA VAL A 113 1.98 -15.55 -42.36
C VAL A 113 1.96 -14.21 -41.62
N VAL A 114 2.67 -14.14 -40.50
CA VAL A 114 2.66 -12.97 -39.62
C VAL A 114 4.07 -12.42 -39.52
N GLY A 115 4.21 -11.12 -39.81
CA GLY A 115 5.49 -10.44 -39.80
C GLY A 115 5.64 -9.48 -38.62
N ASP A 116 6.75 -8.75 -38.63
CA ASP A 116 7.09 -7.80 -37.57
C ASP A 116 6.18 -6.58 -37.58
N VAL A 117 6.34 -5.78 -36.53
CA VAL A 117 5.70 -4.48 -36.38
C VAL A 117 6.78 -3.41 -36.52
N SER A 118 6.78 -2.73 -37.66
CA SER A 118 7.77 -1.70 -37.99
C SER A 118 7.12 -0.33 -37.85
N GLY A 119 7.65 0.48 -36.92
CA GLY A 119 7.26 1.88 -36.92
C GLY A 119 5.78 2.06 -36.64
N ILE A 120 5.15 2.96 -37.39
CA ILE A 120 3.75 3.23 -37.14
C ILE A 120 2.92 2.01 -37.51
N LEU A 121 1.91 1.70 -36.70
CA LEU A 121 1.04 0.56 -37.02
C LEU A 121 -0.02 1.03 -38.01
N ALA A 122 0.34 0.96 -39.30
CA ALA A 122 -0.44 1.61 -40.32
C ALA A 122 -1.87 1.07 -40.31
N GLN A 123 -2.77 1.89 -40.88
CA GLN A 123 -4.22 1.64 -40.87
C GLN A 123 -4.72 0.94 -42.14
N GLY A 124 -5.50 -0.14 -41.97
CA GLY A 124 -6.14 -0.84 -43.06
C GLY A 124 -7.60 -0.42 -43.14
N LYS A 125 -8.21 -0.61 -44.31
CA LYS A 125 -9.54 -0.06 -44.57
C LYS A 125 -10.69 -1.08 -44.58
N LYS A 126 -10.42 -2.37 -44.55
CA LYS A 126 -11.49 -3.36 -44.57
C LYS A 126 -11.73 -3.91 -43.16
N MET A 127 -12.71 -4.81 -43.08
CA MET A 127 -13.12 -5.46 -41.84
C MET A 127 -13.28 -6.97 -42.02
N ILE A 128 -13.16 -7.69 -40.91
CA ILE A 128 -13.38 -9.14 -40.88
C ILE A 128 -14.72 -9.37 -40.19
N ARG A 129 -15.72 -9.79 -40.97
CA ARG A 129 -17.04 -10.00 -40.42
C ARG A 129 -17.15 -11.36 -39.72
N PRO A 130 -17.70 -11.38 -38.51
CA PRO A 130 -17.80 -12.63 -37.73
C PRO A 130 -18.83 -13.59 -38.31
N GLN A 131 -18.76 -14.83 -37.83
CA GLN A 131 -19.63 -15.94 -38.21
C GLN A 131 -20.58 -16.38 -37.08
N PRO A 132 -21.62 -17.19 -37.38
CA PRO A 132 -22.59 -17.66 -36.36
C PRO A 132 -22.08 -18.80 -35.46
N GLN A 153 1.66 -14.63 -53.57
CA GLN A 153 0.68 -13.88 -54.35
C GLN A 153 -0.72 -13.92 -53.70
N ASN A 154 -1.57 -14.79 -54.28
CA ASN A 154 -2.91 -15.10 -53.80
C ASN A 154 -2.90 -16.09 -52.64
N THR A 155 -1.82 -16.84 -52.49
CA THR A 155 -1.80 -18.04 -51.67
C THR A 155 -1.57 -17.72 -50.20
N THR A 156 -1.14 -16.51 -49.86
CA THR A 156 -0.80 -16.17 -48.48
C THR A 156 -1.68 -15.02 -47.98
N PHE A 157 -2.23 -15.19 -46.78
CA PHE A 157 -2.97 -14.13 -46.09
C PHE A 157 -1.98 -13.49 -45.15
N ILE A 158 -1.48 -12.32 -45.53
CA ILE A 158 -0.35 -11.70 -44.85
C ILE A 158 -0.84 -10.81 -43.71
N ILE A 159 -0.29 -11.01 -42.53
CA ILE A 159 -0.57 -10.17 -41.37
C ILE A 159 0.68 -9.35 -41.07
N ASP A 160 0.54 -8.03 -41.06
CA ASP A 160 1.62 -7.13 -40.62
C ASP A 160 2.81 -7.29 -41.58
N GLY A 161 4.03 -7.45 -41.08
CA GLY A 161 5.19 -7.37 -41.93
C GLY A 161 5.47 -5.94 -42.39
N PRO A 162 6.25 -5.78 -43.45
CA PRO A 162 6.49 -4.43 -44.01
C PRO A 162 5.36 -4.05 -44.94
N ASN A 163 5.40 -2.81 -45.44
CA ASN A 163 4.36 -2.37 -46.36
C ASN A 163 4.60 -2.93 -47.76
N THR A 164 3.58 -3.55 -48.32
CA THR A 164 3.68 -4.29 -49.57
C THR A 164 2.62 -3.83 -50.58
N PRO A 165 3.02 -3.44 -51.80
CA PRO A 165 2.01 -2.99 -52.79
C PRO A 165 1.14 -4.09 -53.39
N GLU A 166 1.68 -5.30 -53.57
CA GLU A 166 0.86 -6.42 -54.06
C GLU A 166 -0.10 -6.97 -53.01
N CYS A 167 0.00 -6.49 -51.75
CA CYS A 167 -1.08 -6.61 -50.75
C CYS A 167 -1.16 -5.29 -49.99
N PRO A 168 -1.72 -4.26 -50.62
CA PRO A 168 -1.72 -2.92 -50.05
C PRO A 168 -2.61 -2.82 -48.83
N ASP A 169 -2.42 -1.74 -48.07
CA ASP A 169 -3.21 -1.57 -46.85
C ASP A 169 -4.70 -1.57 -47.16
N ASN A 170 -5.11 -0.83 -48.19
CA ASN A 170 -6.54 -0.69 -48.48
C ASN A 170 -7.19 -2.01 -48.83
N GLN A 171 -6.42 -3.07 -49.03
CA GLN A 171 -6.98 -4.38 -49.26
C GLN A 171 -6.99 -5.23 -48.00
N ARG A 172 -6.45 -4.70 -46.90
CA ARG A 172 -6.28 -5.39 -45.63
C ARG A 172 -7.30 -4.88 -44.61
N ALA A 173 -7.76 -5.80 -43.74
CA ALA A 173 -8.61 -5.49 -42.60
C ALA A 173 -7.79 -4.95 -41.41
N TRP A 174 -8.45 -4.20 -40.53
CA TRP A 174 -7.73 -3.52 -39.47
C TRP A 174 -8.67 -3.10 -38.34
N ASN A 175 -8.15 -3.14 -37.11
CA ASN A 175 -8.92 -2.80 -35.90
C ASN A 175 -10.17 -3.67 -35.78
N ILE A 176 -9.97 -4.98 -35.89
CA ILE A 176 -11.09 -5.90 -36.02
C ILE A 176 -11.50 -6.54 -34.72
N TRP A 177 -10.81 -6.25 -33.62
CA TRP A 177 -11.08 -6.89 -32.34
C TRP A 177 -11.65 -5.91 -31.34
N GLU A 178 -12.60 -6.36 -30.55
CA GLU A 178 -12.98 -5.63 -29.36
C GLU A 178 -12.96 -6.58 -28.17
N VAL A 179 -12.77 -6.01 -26.99
CA VAL A 179 -12.62 -6.80 -25.78
C VAL A 179 -13.98 -7.34 -25.34
N GLU A 180 -14.03 -8.65 -25.10
CA GLU A 180 -15.24 -9.31 -24.63
C GLU A 180 -15.24 -9.42 -23.11
N ASP A 181 -14.15 -9.91 -22.51
CA ASP A 181 -14.04 -10.12 -21.08
C ASP A 181 -12.58 -10.00 -20.66
N TYR A 182 -12.36 -9.65 -19.39
CA TYR A 182 -11.03 -9.66 -18.79
C TYR A 182 -10.83 -10.90 -17.93
N GLY A 183 -9.59 -11.42 -17.96
CA GLY A 183 -9.15 -12.54 -17.13
C GLY A 183 -8.33 -12.06 -15.93
N PHE A 184 -9.04 -11.79 -14.84
CA PHE A 184 -8.48 -11.06 -13.71
C PHE A 184 -7.61 -12.01 -12.88
N GLY A 185 -6.35 -11.63 -12.67
CA GLY A 185 -5.54 -12.41 -11.76
C GLY A 185 -4.31 -11.67 -11.29
N ILE A 186 -3.68 -12.27 -10.27
CA ILE A 186 -2.28 -11.96 -10.02
C ILE A 186 -1.54 -12.36 -11.31
N PHE A 187 -0.29 -11.87 -11.45
CA PHE A 187 0.63 -12.17 -12.57
C PHE A 187 0.07 -11.71 -13.92
N THR A 188 -0.37 -12.66 -14.74
CA THR A 188 -0.94 -12.42 -16.06
C THR A 188 -2.43 -12.12 -16.00
N THR A 189 -2.85 -11.29 -16.93
CA THR A 189 -4.25 -11.00 -17.18
C THR A 189 -4.50 -11.33 -18.65
N ASN A 190 -5.49 -12.17 -18.92
CA ASN A 190 -5.88 -12.45 -20.29
C ASN A 190 -6.87 -11.40 -20.72
N ILE A 191 -6.82 -11.05 -22.00
CA ILE A 191 -7.78 -10.14 -22.58
C ILE A 191 -8.40 -10.88 -23.75
N TRP A 192 -9.64 -11.35 -23.60
CA TRP A 192 -10.29 -12.12 -24.64
C TRP A 192 -11.07 -11.17 -25.56
N LEU A 193 -10.81 -11.24 -26.86
CA LEU A 193 -11.37 -10.31 -27.85
C LEU A 193 -12.28 -11.03 -28.83
N LYS A 194 -13.31 -10.33 -29.32
CA LYS A 194 -14.18 -10.84 -30.37
C LYS A 194 -14.15 -9.91 -31.58
N LEU A 195 -14.34 -10.51 -32.77
CA LEU A 195 -14.37 -9.70 -33.99
C LEU A 195 -15.52 -8.71 -33.93
N ARG A 196 -15.29 -7.50 -34.44
CA ARG A 196 -16.33 -6.49 -34.44
C ARG A 196 -17.36 -6.80 -35.50
N ASP A 197 -18.50 -6.10 -35.45
CA ASP A 197 -19.51 -6.31 -36.46
C ASP A 197 -19.42 -5.34 -37.61
N SER A 198 -18.88 -4.15 -37.38
CA SER A 198 -18.65 -3.19 -38.46
C SER A 198 -17.33 -2.50 -38.21
N TYR A 199 -16.84 -1.83 -39.24
CA TYR A 199 -15.54 -1.16 -39.19
C TYR A 199 -15.62 0.12 -38.36
N THR A 200 -14.53 0.42 -37.68
CA THR A 200 -14.47 1.67 -36.92
C THR A 200 -13.05 2.16 -36.79
N GLN A 201 -12.88 3.46 -36.98
CA GLN A 201 -11.58 4.05 -36.81
C GLN A 201 -11.23 4.27 -35.34
N VAL A 202 -12.21 4.22 -34.43
CA VAL A 202 -12.02 4.57 -33.03
C VAL A 202 -11.38 3.43 -32.29
N CYS A 203 -10.32 3.72 -31.54
CA CYS A 203 -9.70 2.75 -30.64
C CYS A 203 -10.69 2.05 -29.72
N ASP A 204 -10.34 0.86 -29.27
CA ASP A 204 -11.21 0.09 -28.39
C ASP A 204 -11.14 0.63 -26.97
N HIS A 205 -12.23 1.28 -26.53
CA HIS A 205 -12.24 1.97 -25.25
C HIS A 205 -12.15 1.02 -24.05
N ARG A 206 -12.50 -0.28 -24.24
CA ARG A 206 -12.35 -1.23 -23.13
C ARG A 206 -10.90 -1.32 -22.67
N LEU A 207 -9.94 -0.87 -23.47
CA LEU A 207 -8.54 -0.96 -23.10
C LEU A 207 -8.00 0.35 -22.55
N MET A 208 -8.80 1.40 -22.49
CA MET A 208 -8.25 2.73 -22.34
C MET A 208 -8.62 3.33 -21.01
N SER A 209 -7.89 4.34 -20.57
CA SER A 209 -8.28 4.98 -19.34
C SER A 209 -7.68 6.38 -19.29
N ALA A 210 -8.23 7.17 -18.37
CA ALA A 210 -7.74 8.50 -18.10
C ALA A 210 -8.14 8.88 -16.67
N ALA A 211 -7.42 9.83 -16.10
CA ALA A 211 -7.71 10.25 -14.75
C ALA A 211 -6.99 11.55 -14.50
N ILE A 212 -7.53 12.33 -13.58
CA ILE A 212 -6.98 13.63 -13.24
C ILE A 212 -7.35 13.92 -11.80
N LYS A 213 -6.42 14.52 -11.06
CA LYS A 213 -6.65 14.87 -9.67
C LYS A 213 -5.82 16.10 -9.35
N ASP A 214 -6.47 17.15 -8.85
CA ASP A 214 -5.81 18.41 -8.58
C ASP A 214 -5.17 18.95 -9.84
N SER A 215 -3.84 18.80 -9.97
CA SER A 215 -3.09 19.40 -11.05
C SER A 215 -2.19 18.41 -11.78
N LYS A 216 -2.62 17.16 -11.92
CA LYS A 216 -1.96 16.14 -12.71
C LYS A 216 -3.04 15.43 -13.46
N ALA A 217 -2.72 14.94 -14.64
CA ALA A 217 -3.72 14.26 -15.43
C ALA A 217 -3.04 13.26 -16.31
N VAL A 218 -3.71 12.16 -16.58
CA VAL A 218 -3.18 11.14 -17.48
C VAL A 218 -4.27 10.73 -18.43
N HIS A 219 -3.90 10.60 -19.69
CA HIS A 219 -4.62 9.70 -20.58
C HIS A 219 -3.73 8.49 -20.83
N ALA A 220 -4.33 7.31 -20.87
CA ALA A 220 -3.51 6.12 -20.75
C ALA A 220 -4.11 4.93 -21.49
N ASP A 221 -3.23 4.00 -21.82
CA ASP A 221 -3.52 2.92 -22.75
C ASP A 221 -2.55 1.78 -22.46
N MET A 222 -2.77 0.65 -23.13
CA MET A 222 -1.77 -0.39 -23.12
C MET A 222 -0.45 0.06 -23.73
N GLY A 223 -0.46 1.13 -24.54
CA GLY A 223 0.76 1.56 -25.15
C GLY A 223 1.07 3.05 -25.08
N TYR A 224 0.09 3.87 -24.76
CA TYR A 224 0.34 5.30 -24.63
C TYR A 224 0.25 5.68 -23.17
N TRP A 225 1.15 6.55 -22.68
CA TRP A 225 0.99 7.16 -21.36
C TRP A 225 1.20 8.65 -21.52
N ILE A 226 0.14 9.44 -21.37
CA ILE A 226 0.17 10.85 -21.77
C ILE A 226 -0.16 11.71 -20.56
N GLU A 227 0.84 12.40 -20.05
CA GLU A 227 0.78 13.17 -18.82
C GLU A 227 0.67 14.65 -19.11
N SER A 228 -0.30 15.30 -18.49
CA SER A 228 -0.43 16.74 -18.57
C SER A 228 -0.58 17.31 -17.16
N GLU A 229 -0.12 18.55 -16.96
CA GLU A 229 -0.20 19.15 -15.63
C GLU A 229 -0.35 20.67 -15.70
N LYS A 230 -0.86 21.26 -14.64
CA LYS A 230 -1.05 22.70 -14.59
C LYS A 230 0.07 23.32 -13.79
N ASN A 231 1.02 23.95 -14.47
CA ASN A 231 1.97 24.86 -13.83
C ASN A 231 1.70 26.23 -14.46
N GLU A 232 0.90 27.04 -13.74
CA GLU A 232 0.31 28.31 -14.18
C GLU A 232 -0.76 28.08 -15.23
N THR A 233 -0.56 27.11 -16.13
CA THR A 233 -1.49 26.84 -17.21
C THR A 233 -1.47 25.34 -17.53
N TRP A 234 -2.63 24.78 -17.89
CA TRP A 234 -2.70 23.34 -18.18
C TRP A 234 -2.04 23.03 -19.51
N LYS A 235 -1.08 22.11 -19.52
CA LYS A 235 -0.45 21.77 -20.78
C LYS A 235 0.10 20.35 -20.76
N LEU A 236 0.47 19.87 -21.94
CA LEU A 236 1.07 18.54 -22.07
C LEU A 236 2.48 18.54 -21.52
N ALA A 237 2.77 17.59 -20.65
CA ALA A 237 4.01 17.61 -19.89
C ALA A 237 5.02 16.58 -20.34
N ARG A 238 4.58 15.38 -20.70
CA ARG A 238 5.50 14.35 -21.17
C ARG A 238 4.71 13.15 -21.60
N ALA A 239 5.29 12.35 -22.50
CA ALA A 239 4.61 11.13 -22.90
C ALA A 239 5.60 10.01 -23.16
N SER A 240 5.05 8.80 -23.19
CA SER A 240 5.77 7.54 -23.34
C SER A 240 5.00 6.76 -24.38
N PHE A 241 5.68 6.31 -25.44
CA PHE A 241 5.06 5.56 -26.53
C PHE A 241 5.83 4.26 -26.74
N ILE A 242 5.13 3.15 -26.56
CA ILE A 242 5.69 1.83 -26.86
C ILE A 242 5.33 1.37 -28.26
N GLU A 243 4.34 2.00 -28.84
CA GLU A 243 3.88 1.74 -30.18
C GLU A 243 3.37 3.08 -30.60
N VAL A 244 3.26 3.30 -31.90
CA VAL A 244 2.58 4.47 -32.39
C VAL A 244 1.47 3.92 -33.24
N LYS A 245 0.22 4.10 -32.81
CA LYS A 245 -0.87 3.48 -33.57
C LYS A 245 -1.67 4.55 -34.33
N THR A 246 -2.65 4.08 -35.12
CA THR A 246 -3.40 4.94 -36.06
C THR A 246 -4.91 4.86 -35.88
N CYS A 247 -5.39 4.32 -34.77
CA CYS A 247 -6.81 4.46 -34.43
C CYS A 247 -7.06 5.87 -33.89
N ILE A 248 -8.33 6.23 -33.75
CA ILE A 248 -8.73 7.52 -33.19
C ILE A 248 -9.03 7.31 -31.72
N TRP A 249 -8.65 8.26 -30.87
CA TRP A 249 -8.85 8.07 -29.42
C TRP A 249 -10.29 8.36 -29.06
N PRO A 250 -10.98 7.48 -28.36
CA PRO A 250 -12.41 7.68 -28.17
C PRO A 250 -12.67 8.90 -27.32
N LYS A 251 -13.65 9.71 -27.75
CA LYS A 251 -13.97 10.91 -26.99
C LYS A 251 -14.44 10.54 -25.59
N SER A 252 -15.19 9.45 -25.46
CA SER A 252 -15.77 9.14 -24.16
C SER A 252 -14.72 8.96 -23.09
N HIS A 253 -13.50 8.60 -23.44
CA HIS A 253 -12.46 8.54 -22.42
C HIS A 253 -11.55 9.73 -22.52
N THR A 254 -12.07 10.91 -22.78
CA THR A 254 -11.18 12.04 -22.93
C THR A 254 -11.50 13.15 -21.93
N LEU A 255 -10.45 13.69 -21.33
CA LEU A 255 -10.60 14.86 -20.51
C LEU A 255 -10.69 16.05 -21.44
N TRP A 256 -11.60 16.97 -21.13
CA TRP A 256 -11.58 18.30 -21.71
C TRP A 256 -11.54 18.19 -23.23
N SER A 257 -12.58 17.59 -23.77
CA SER A 257 -12.62 17.28 -25.18
C SER A 257 -13.43 18.28 -25.98
N ASN A 258 -13.83 19.38 -25.38
CA ASN A 258 -14.60 20.40 -26.07
C ASN A 258 -13.69 21.45 -26.68
N GLY A 259 -14.08 21.90 -27.89
CA GLY A 259 -13.40 23.00 -28.58
C GLY A 259 -11.95 22.76 -28.92
N VAL A 260 -11.57 21.52 -29.20
CA VAL A 260 -10.17 21.25 -29.50
C VAL A 260 -9.96 21.51 -30.97
N LEU A 261 -8.88 22.20 -31.30
CA LEU A 261 -8.50 22.47 -32.69
C LEU A 261 -7.44 21.44 -33.07
N GLU A 262 -7.77 20.61 -34.05
CA GLU A 262 -6.88 19.50 -34.40
C GLU A 262 -5.46 19.97 -34.68
N SER A 263 -5.30 21.17 -35.24
CA SER A 263 -4.01 21.71 -35.59
C SER A 263 -3.15 22.01 -34.38
N GLU A 264 -3.74 22.02 -33.19
CA GLU A 264 -3.03 22.38 -31.97
C GLU A 264 -2.75 21.20 -31.06
N MET A 265 -3.23 20.01 -31.43
CA MET A 265 -2.98 18.78 -30.69
C MET A 265 -1.55 18.31 -30.94
N ILE A 266 -0.73 18.31 -29.90
CA ILE A 266 0.66 17.92 -30.08
C ILE A 266 0.75 16.52 -30.64
N ILE A 267 0.20 15.54 -29.91
CA ILE A 267 0.11 14.21 -30.49
C ILE A 267 -1.00 14.23 -31.52
N PRO A 268 -0.70 13.95 -32.78
CA PRO A 268 -1.70 14.10 -33.84
C PRO A 268 -2.86 13.15 -33.69
N LYS A 269 -4.04 13.64 -34.07
CA LYS A 269 -5.24 12.84 -33.95
C LYS A 269 -5.08 11.52 -34.70
N ILE A 270 -4.41 11.57 -35.85
CA ILE A 270 -4.28 10.39 -36.70
C ILE A 270 -3.40 9.31 -36.07
N TYR A 271 -2.57 9.66 -35.07
CA TYR A 271 -1.83 8.66 -34.30
C TYR A 271 -2.39 8.55 -32.89
N GLY A 272 -3.69 8.80 -32.76
CA GLY A 272 -4.33 8.51 -31.52
C GLY A 272 -4.18 9.56 -30.45
N GLY A 273 -3.80 10.78 -30.80
CA GLY A 273 -3.79 11.82 -29.81
C GLY A 273 -5.18 12.02 -29.21
N PRO A 274 -5.27 12.06 -27.87
CA PRO A 274 -6.55 12.39 -27.25
C PRO A 274 -7.03 13.75 -27.71
N ILE A 275 -8.25 13.82 -28.20
CA ILE A 275 -8.72 15.11 -28.70
C ILE A 275 -9.12 16.00 -27.53
N SER A 276 -8.11 16.55 -26.87
CA SER A 276 -8.24 17.17 -25.57
C SER A 276 -7.38 18.41 -25.50
N GLN A 277 -7.81 19.38 -24.69
CA GLN A 277 -6.94 20.51 -24.51
C GLN A 277 -5.73 20.16 -23.67
N HIS A 278 -5.70 19.00 -23.00
CA HIS A 278 -4.49 18.55 -22.34
C HIS A 278 -3.42 18.18 -23.34
N ASN A 279 -3.82 17.81 -24.55
CA ASN A 279 -2.90 17.51 -25.63
C ASN A 279 -2.47 18.76 -26.39
N TYR A 280 -2.39 19.88 -25.70
CA TYR A 280 -1.93 21.13 -26.27
C TYR A 280 -0.56 21.47 -25.72
N ARG A 281 0.12 22.37 -26.38
CA ARG A 281 1.26 22.99 -25.73
C ARG A 281 1.47 24.38 -26.31
N PRO A 282 1.48 25.42 -25.47
CA PRO A 282 1.46 26.79 -25.99
C PRO A 282 2.63 27.03 -26.91
N GLY A 283 2.33 27.40 -28.13
CA GLY A 283 3.37 27.75 -29.07
C GLY A 283 3.79 26.62 -29.98
N TYR A 284 3.20 25.44 -29.82
CA TYR A 284 3.47 24.34 -30.71
C TYR A 284 2.19 23.98 -31.42
N PHE A 285 2.31 23.41 -32.61
CA PHE A 285 1.15 22.94 -33.32
C PHE A 285 1.30 21.44 -33.54
N THR A 286 0.27 20.84 -34.14
CA THR A 286 0.19 19.39 -34.24
C THR A 286 1.43 18.85 -34.95
N GLN A 287 2.03 17.80 -34.38
CA GLN A 287 3.30 17.28 -34.89
C GLN A 287 3.06 16.22 -35.96
N THR A 288 2.32 16.63 -37.00
CA THR A 288 2.03 15.70 -38.09
C THR A 288 3.29 15.19 -38.75
N ALA A 289 4.35 16.01 -38.78
CA ALA A 289 5.64 15.58 -39.30
C ALA A 289 6.66 15.27 -38.20
N GLY A 290 6.20 14.98 -36.98
CA GLY A 290 7.11 14.53 -35.94
C GLY A 290 7.72 13.18 -36.25
N PRO A 291 8.71 12.75 -35.42
CA PRO A 291 9.44 11.49 -35.70
C PRO A 291 8.67 10.24 -35.33
N TRP A 292 7.37 10.22 -35.64
CA TRP A 292 6.54 9.09 -35.27
C TRP A 292 6.94 7.80 -35.95
N HIS A 293 7.76 7.89 -36.99
CA HIS A 293 8.20 6.68 -37.66
C HIS A 293 9.03 5.79 -36.76
N LEU A 294 9.67 6.37 -35.76
CA LEU A 294 10.51 5.60 -34.85
C LEU A 294 9.75 4.44 -34.22
N GLY A 295 8.43 4.47 -34.25
CA GLY A 295 7.59 3.37 -33.82
C GLY A 295 7.48 3.18 -32.33
N LYS A 296 8.30 3.89 -31.55
CA LYS A 296 8.43 3.77 -30.09
C LYS A 296 9.33 4.89 -29.65
N LEU A 297 8.85 5.77 -28.79
CA LEU A 297 9.63 6.98 -28.55
C LEU A 297 9.08 7.65 -27.32
N GLU A 298 9.81 8.68 -26.87
CA GLU A 298 9.57 9.33 -25.59
C GLU A 298 9.53 10.85 -25.76
N LEU A 299 8.37 11.45 -25.55
CA LEU A 299 8.18 12.89 -25.71
C LEU A 299 8.17 13.60 -24.37
N ASP A 300 8.84 14.75 -24.28
CA ASP A 300 8.66 15.71 -23.18
C ASP A 300 9.23 17.06 -23.60
N PHE A 301 9.45 17.95 -22.63
CA PHE A 301 9.86 19.32 -22.93
C PHE A 301 11.16 19.65 -22.23
N ASP A 302 12.27 19.48 -22.95
CA ASP A 302 13.59 19.63 -22.37
C ASP A 302 14.60 19.69 -23.50
N PHE A 303 15.71 20.38 -23.28
CA PHE A 303 16.70 20.47 -24.33
C PHE A 303 17.35 19.11 -24.58
N CYS A 304 17.72 18.85 -25.82
CA CYS A 304 18.52 17.67 -26.09
C CYS A 304 19.95 17.92 -25.65
N GLU A 305 20.67 16.83 -25.37
CA GLU A 305 22.03 16.91 -24.85
C GLU A 305 22.95 17.69 -25.79
N GLY A 306 23.57 18.74 -25.24
CA GLY A 306 24.55 19.53 -25.96
C GLY A 306 24.01 20.49 -26.99
N THR A 307 22.74 20.86 -26.89
CA THR A 307 22.15 21.81 -27.82
C THR A 307 21.55 22.95 -27.03
N THR A 308 21.23 24.02 -27.75
CA THR A 308 20.49 25.13 -27.17
C THR A 308 19.43 25.56 -28.16
N VAL A 309 18.31 26.02 -27.63
CA VAL A 309 17.20 26.55 -28.41
C VAL A 309 16.95 27.97 -27.93
N VAL A 310 16.72 28.89 -28.86
CA VAL A 310 16.39 30.27 -28.50
C VAL A 310 15.15 30.69 -29.28
N VAL A 311 14.33 31.54 -28.67
CA VAL A 311 13.15 32.06 -29.35
C VAL A 311 13.56 33.25 -30.21
N ASP A 312 13.47 33.07 -31.52
CA ASP A 312 13.96 34.05 -32.50
C ASP A 312 13.01 34.07 -33.69
N GLU A 313 12.36 35.21 -33.94
CA GLU A 313 11.46 35.30 -35.09
C GLU A 313 12.22 35.09 -36.40
N HIS A 314 13.53 35.27 -36.38
CA HIS A 314 14.40 35.16 -37.55
C HIS A 314 14.63 33.72 -37.96
N CYS A 315 14.14 32.75 -37.18
CA CYS A 315 14.38 31.34 -37.42
C CYS A 315 13.71 30.90 -38.71
N GLY A 316 14.12 29.75 -39.20
CA GLY A 316 13.40 29.18 -40.31
C GLY A 316 12.00 28.83 -39.88
N ASN A 317 11.15 28.54 -40.86
CA ASN A 317 9.78 28.15 -40.53
C ASN A 317 9.73 26.71 -39.98
N ARG A 318 8.63 26.38 -39.32
CA ARG A 318 8.50 25.01 -38.83
C ARG A 318 8.43 24.04 -40.01
N GLY A 319 9.09 22.90 -39.86
CA GLY A 319 9.09 21.89 -40.89
C GLY A 319 9.23 20.52 -40.28
N PRO A 320 9.47 19.51 -41.11
CA PRO A 320 9.57 18.15 -40.59
C PRO A 320 10.69 18.06 -39.57
N SER A 321 10.44 17.29 -38.51
CA SER A 321 11.36 17.16 -37.38
C SER A 321 12.77 16.71 -37.76
N LEU A 322 13.76 17.31 -37.09
CA LEU A 322 15.18 17.03 -37.31
C LEU A 322 15.81 16.34 -36.12
N ARG A 323 16.79 15.51 -36.42
CA ARG A 323 17.56 14.78 -35.43
C ARG A 323 18.78 15.63 -35.04
N THR A 324 19.02 15.74 -33.74
CA THR A 324 20.09 16.58 -33.24
C THR A 324 21.45 15.99 -33.54
N THR A 325 21.53 14.78 -34.03
CA THR A 325 22.81 14.19 -34.40
C THR A 325 22.86 13.98 -35.91
N THR A 326 23.92 14.46 -36.53
CA THR A 326 24.10 14.39 -37.97
C THR A 326 24.09 12.93 -38.43
N VAL A 327 24.09 12.73 -39.74
CA VAL A 327 24.31 11.40 -40.27
C VAL A 327 25.70 10.91 -39.87
N THR A 328 26.65 11.84 -39.69
CA THR A 328 28.03 11.50 -39.37
C THR A 328 28.33 11.54 -37.88
N GLY A 329 27.30 11.54 -37.05
CA GLY A 329 27.53 11.61 -35.63
C GLY A 329 27.96 12.96 -35.11
N LYS A 330 28.02 13.99 -35.95
CA LYS A 330 28.31 15.34 -35.46
C LYS A 330 27.08 15.85 -34.73
N ILE A 331 27.28 16.49 -33.63
CA ILE A 331 26.14 17.04 -32.92
C ILE A 331 25.88 18.46 -33.44
N ILE A 332 24.61 18.80 -33.58
CA ILE A 332 24.22 20.11 -34.10
C ILE A 332 23.96 21.04 -32.92
N HIS A 333 24.83 22.05 -32.78
CA HIS A 333 24.88 22.79 -31.53
C HIS A 333 23.71 23.76 -31.39
N GLU A 334 23.54 24.65 -32.37
CA GLU A 334 22.69 25.83 -32.22
C GLU A 334 21.32 25.67 -32.89
N TRP A 335 20.25 25.69 -32.08
CA TRP A 335 18.90 25.65 -32.60
C TRP A 335 18.05 26.83 -32.14
N CYS A 336 16.95 27.05 -32.86
CA CYS A 336 16.03 28.16 -32.62
C CYS A 336 14.65 27.79 -33.13
N CYS A 337 13.67 28.59 -32.71
CA CYS A 337 12.29 28.41 -33.14
C CYS A 337 11.62 29.78 -33.23
N ARG A 338 10.71 29.89 -34.19
CA ARG A 338 10.12 31.19 -34.52
C ARG A 338 9.30 31.73 -33.36
N SER A 339 8.31 30.97 -32.90
CA SER A 339 7.51 31.48 -31.80
C SER A 339 7.04 30.37 -30.85
N CYS A 340 7.73 29.23 -30.82
CA CYS A 340 7.46 28.23 -29.82
C CYS A 340 7.79 28.79 -28.44
N THR A 341 7.60 27.98 -27.41
CA THR A 341 7.97 28.35 -26.05
C THR A 341 8.91 27.31 -25.46
N LEU A 342 9.84 27.77 -24.64
CA LEU A 342 10.74 26.88 -23.95
C LEU A 342 10.07 26.27 -22.72
N PRO A 343 10.54 25.11 -22.24
CA PRO A 343 11.56 24.23 -22.82
C PRO A 343 11.06 23.71 -24.15
N PRO A 344 11.94 23.24 -25.04
CA PRO A 344 11.51 22.86 -26.38
C PRO A 344 10.90 21.47 -26.41
N LEU A 345 9.91 21.29 -27.28
CA LEU A 345 9.33 19.97 -27.45
C LEU A 345 10.35 19.02 -28.09
N ARG A 346 10.68 17.94 -27.38
CA ARG A 346 11.69 16.99 -27.87
C ARG A 346 11.20 15.55 -27.79
N PHE A 347 11.63 14.73 -28.75
CA PHE A 347 11.40 13.29 -28.80
C PHE A 347 12.71 12.53 -28.68
N LYS A 348 12.73 11.49 -27.87
CA LYS A 348 13.90 10.65 -27.72
C LYS A 348 13.56 9.30 -28.32
N GLY A 349 14.48 8.77 -29.14
CA GLY A 349 14.23 7.54 -29.85
C GLY A 349 15.43 6.62 -29.84
N GLU A 350 15.30 5.51 -30.56
CA GLU A 350 16.36 4.52 -30.66
C GLU A 350 17.66 5.15 -31.20
N ASP A 351 17.57 5.92 -32.27
CA ASP A 351 18.78 6.44 -32.91
C ASP A 351 19.12 7.84 -32.42
N GLY A 352 18.44 8.35 -31.40
CA GLY A 352 18.82 9.64 -30.86
C GLY A 352 17.74 10.58 -30.40
N CYS A 353 18.03 11.88 -30.44
CA CYS A 353 17.15 12.93 -29.94
C CYS A 353 16.61 13.76 -31.11
N TRP A 354 15.34 14.14 -31.05
CA TRP A 354 14.69 14.92 -32.08
C TRP A 354 13.96 16.08 -31.43
N TYR A 355 13.78 17.15 -32.17
CA TYR A 355 13.08 18.31 -31.67
C TYR A 355 11.75 18.45 -32.41
N GLY A 356 10.76 19.04 -31.75
CA GLY A 356 9.47 19.27 -32.39
C GLY A 356 9.59 20.11 -33.64
N MET A 357 8.55 20.07 -34.47
CA MET A 357 8.66 20.65 -35.80
C MET A 357 9.11 22.10 -35.76
N GLU A 358 8.66 22.83 -34.75
CA GLU A 358 8.94 24.26 -34.67
C GLU A 358 10.43 24.57 -34.53
N ILE A 359 11.21 23.64 -34.00
CA ILE A 359 12.65 23.86 -33.76
C ILE A 359 13.44 23.67 -35.06
N ARG A 360 14.32 24.60 -35.37
CA ARG A 360 15.11 24.53 -36.58
C ARG A 360 16.56 24.85 -36.28
N PRO A 361 17.49 24.39 -37.13
CA PRO A 361 18.90 24.73 -36.89
C PRO A 361 19.12 26.21 -37.17
N VAL A 362 19.82 26.88 -36.27
CA VAL A 362 19.99 28.30 -36.50
C VAL A 362 20.88 28.53 -37.72
N LYS A 363 21.82 27.63 -38.03
CA LYS A 363 22.64 27.83 -39.23
C LYS A 363 21.91 27.48 -40.50
N ASP A 364 20.59 27.27 -40.42
CA ASP A 364 19.77 27.04 -41.61
C ASP A 364 20.17 25.72 -42.26
N LYS A 365 19.45 25.30 -43.31
CA LYS A 365 19.74 24.00 -43.90
C LYS A 365 21.15 24.03 -44.51
N GLU A 366 22.00 23.19 -43.95
CA GLU A 366 23.34 22.88 -44.41
C GLU A 366 23.61 21.45 -43.94
N GLU A 367 24.82 20.94 -44.22
CA GLU A 367 25.33 19.73 -43.58
C GLU A 367 24.58 18.45 -43.92
N ASN A 368 24.82 17.37 -43.19
CA ASN A 368 24.13 16.10 -43.48
C ASN A 368 23.00 15.95 -42.47
N LEU A 369 21.81 16.40 -42.85
CA LEU A 369 20.69 16.40 -41.92
C LEU A 369 19.89 15.10 -41.98
N VAL A 370 19.33 14.72 -40.85
CA VAL A 370 18.45 13.57 -40.75
C VAL A 370 17.04 14.10 -40.44
N LYS A 371 16.09 13.88 -41.34
CA LYS A 371 14.73 14.39 -41.20
C LYS A 371 13.71 13.25 -41.27
N SER A 372 12.56 13.46 -40.63
CA SER A 372 11.48 12.49 -40.65
C SER A 372 10.52 12.76 -41.82
N MET A 373 9.44 11.96 -41.90
CA MET A 373 8.51 12.02 -43.03
C MET A 373 7.37 13.02 -42.81
N GLY B 14 4.39 -17.56 -7.66
CA GLY B 14 5.35 -17.05 -8.62
C GLY B 14 5.59 -15.54 -8.61
N THR B 15 6.42 -15.09 -9.56
CA THR B 15 6.90 -13.71 -9.67
C THR B 15 6.23 -12.96 -10.82
N GLU B 16 5.97 -11.68 -10.59
CA GLU B 16 5.50 -10.79 -11.63
C GLU B 16 6.38 -9.53 -11.61
N ASN B 17 6.19 -8.66 -12.62
CA ASN B 17 7.01 -7.46 -12.82
C ASN B 17 6.12 -6.23 -12.94
N LEU B 18 6.46 -5.20 -12.16
CA LEU B 18 5.66 -4.01 -11.98
C LEU B 18 6.51 -2.74 -12.02
N TYR B 19 5.97 -1.70 -12.63
CA TYR B 19 6.63 -0.40 -12.74
C TYR B 19 6.22 0.51 -11.58
N PHE B 20 7.19 1.18 -10.96
CA PHE B 20 6.89 2.13 -9.91
C PHE B 20 7.64 3.43 -10.19
N GLN B 21 7.07 4.55 -9.74
CA GLN B 21 7.64 5.89 -9.94
C GLN B 21 7.67 6.66 -8.63
N SER B 22 8.71 7.47 -8.47
CA SER B 22 8.93 8.17 -7.21
C SER B 22 7.85 9.20 -6.92
N ASN B 23 7.32 9.86 -7.93
CA ASN B 23 6.43 11.00 -7.73
C ASN B 23 4.98 10.74 -8.10
N ALA B 24 4.60 9.49 -8.36
CA ALA B 24 3.20 9.17 -8.60
C ALA B 24 2.66 8.28 -7.49
N ASP B 25 1.36 8.11 -7.49
CA ASP B 25 0.73 7.18 -6.55
C ASP B 25 1.15 5.75 -6.88
N SER B 26 1.99 5.17 -6.04
CA SER B 26 2.50 3.83 -6.25
C SER B 26 1.97 2.91 -5.15
N GLY B 27 1.54 1.71 -5.52
CA GLY B 27 1.05 0.76 -4.54
C GLY B 27 0.27 -0.37 -5.20
N CYS B 28 -0.34 -1.18 -4.34
CA CYS B 28 -1.22 -2.27 -4.74
C CYS B 28 -2.62 -2.04 -4.24
N VAL B 29 -3.62 -2.51 -4.98
CA VAL B 29 -4.99 -2.20 -4.64
C VAL B 29 -5.84 -3.40 -5.00
N ILE B 30 -6.89 -3.65 -4.23
CA ILE B 30 -7.70 -4.86 -4.38
C ILE B 30 -9.10 -4.48 -4.83
N ASN B 31 -9.67 -5.28 -5.71
CA ASN B 31 -11.07 -5.16 -6.10
C ASN B 31 -11.76 -6.47 -5.75
N TRP B 32 -12.53 -6.49 -4.66
CA TRP B 32 -13.10 -7.74 -4.13
C TRP B 32 -13.96 -8.46 -5.15
N LYS B 33 -15.00 -7.79 -5.64
CA LYS B 33 -15.68 -8.31 -6.81
C LYS B 33 -14.79 -8.09 -8.05
N GLY B 34 -14.87 -9.04 -8.99
CA GLY B 34 -13.87 -9.08 -10.03
C GLY B 34 -12.53 -9.58 -9.57
N ARG B 35 -12.33 -9.72 -8.25
CA ARG B 35 -11.14 -10.28 -7.61
C ARG B 35 -9.86 -9.96 -8.37
N GLU B 36 -9.53 -8.67 -8.41
CA GLU B 36 -8.35 -8.14 -9.07
C GLU B 36 -7.45 -7.44 -8.07
N LEU B 37 -6.24 -7.96 -7.90
CA LEU B 37 -5.15 -7.22 -7.26
C LEU B 37 -4.37 -6.52 -8.38
N LYS B 38 -4.39 -5.19 -8.40
CA LYS B 38 -3.72 -4.41 -9.43
C LYS B 38 -2.69 -3.51 -8.78
N CYS B 39 -1.45 -3.65 -9.16
CA CYS B 39 -0.36 -2.87 -8.57
C CYS B 39 0.33 -2.11 -9.67
N GLY B 40 0.79 -0.90 -9.35
CA GLY B 40 1.46 -0.11 -10.35
C GLY B 40 1.64 1.30 -9.84
N SER B 41 1.81 2.22 -10.77
CA SER B 41 1.99 3.62 -10.47
C SER B 41 1.03 4.43 -11.28
N GLY B 42 0.48 5.48 -10.70
CA GLY B 42 -0.41 6.29 -11.48
C GLY B 42 -1.14 7.31 -10.67
N ILE B 43 -2.45 7.31 -10.85
CA ILE B 43 -3.33 8.21 -10.16
C ILE B 43 -4.51 7.41 -9.62
N PHE B 44 -4.74 7.54 -8.31
CA PHE B 44 -5.77 6.83 -7.56
C PHE B 44 -6.81 7.86 -7.21
N VAL B 45 -7.95 7.77 -7.86
CA VAL B 45 -9.06 8.66 -7.57
C VAL B 45 -9.94 8.01 -6.50
N THR B 46 -10.06 8.66 -5.35
CA THR B 46 -10.80 8.03 -4.28
C THR B 46 -12.05 8.84 -3.94
N ASN B 47 -12.98 8.16 -3.30
CA ASN B 47 -14.26 8.70 -2.88
C ASN B 47 -14.11 9.37 -1.51
N GLU B 48 -13.89 10.69 -1.51
CA GLU B 48 -13.65 11.49 -0.31
C GLU B 48 -14.94 11.99 0.32
N VAL B 49 -16.07 11.49 -0.14
CA VAL B 49 -17.37 12.02 0.22
C VAL B 49 -17.78 11.58 1.61
N HIS B 50 -17.60 10.31 1.94
CA HIS B 50 -18.10 9.79 3.21
C HIS B 50 -17.19 10.08 4.40
N THR B 51 -15.98 10.54 4.16
CA THR B 51 -14.98 10.74 5.19
C THR B 51 -14.66 12.21 5.51
N TRP B 52 -15.33 13.16 4.87
CA TRP B 52 -14.71 14.48 4.68
C TRP B 52 -14.50 15.24 5.99
N THR B 53 -15.42 15.18 6.93
CA THR B 53 -15.37 16.06 8.10
C THR B 53 -14.10 15.87 8.93
N GLU B 54 -13.66 14.63 9.13
CA GLU B 54 -12.43 14.36 9.85
C GLU B 54 -11.18 14.36 8.95
N GLN B 55 -11.34 14.02 7.65
CA GLN B 55 -10.19 13.80 6.78
C GLN B 55 -9.61 15.10 6.21
N TYR B 56 -10.46 16.10 5.92
CA TYR B 56 -10.00 17.34 5.30
C TYR B 56 -10.49 18.52 6.11
N LYS B 57 -9.65 19.56 6.21
CA LYS B 57 -9.98 20.75 6.98
C LYS B 57 -9.57 21.98 6.20
N PHE B 58 -10.52 22.83 5.87
CA PHE B 58 -10.14 24.07 5.24
C PHE B 58 -9.49 24.99 6.26
N GLN B 59 -8.54 25.80 5.79
CA GLN B 59 -7.78 26.66 6.70
C GLN B 59 -7.38 27.93 5.98
N ALA B 60 -7.67 29.08 6.59
CA ALA B 60 -7.37 30.36 5.98
C ALA B 60 -5.88 30.67 6.13
N ASP B 61 -5.33 31.37 5.15
CA ASP B 61 -3.88 31.52 5.10
C ASP B 61 -3.36 32.39 6.25
N SER B 62 -3.97 33.58 6.46
CA SER B 62 -3.62 34.52 7.53
C SER B 62 -4.86 35.18 8.11
N PRO B 63 -5.31 34.81 9.32
CA PRO B 63 -6.52 35.42 9.86
C PRO B 63 -6.43 36.93 9.99
N LYS B 64 -5.25 37.48 10.27
CA LYS B 64 -5.14 38.93 10.38
C LYS B 64 -5.39 39.59 9.03
N ARG B 65 -4.68 39.14 7.99
CA ARG B 65 -4.86 39.76 6.68
C ARG B 65 -6.24 39.48 6.11
N LEU B 66 -6.84 38.34 6.49
CA LEU B 66 -8.20 38.08 6.07
C LEU B 66 -9.15 39.15 6.61
N SER B 67 -9.04 39.43 7.91
CA SER B 67 -9.97 40.40 8.50
C SER B 67 -9.84 41.72 7.77
N ALA B 68 -8.61 42.07 7.38
CA ALA B 68 -8.43 43.32 6.66
C ALA B 68 -9.22 43.33 5.35
N ALA B 69 -9.22 42.20 4.65
CA ALA B 69 -9.93 42.13 3.39
C ALA B 69 -11.43 42.24 3.58
N ILE B 70 -11.95 41.70 4.69
CA ILE B 70 -13.37 41.89 4.96
C ILE B 70 -13.68 43.34 5.28
N GLY B 71 -12.83 44.01 6.05
CA GLY B 71 -13.05 45.43 6.28
C GLY B 71 -13.17 46.21 4.99
N LYS B 72 -12.22 46.03 4.07
CA LYS B 72 -12.29 46.72 2.79
C LYS B 72 -13.58 46.35 2.06
N ALA B 73 -14.02 45.10 2.17
CA ALA B 73 -15.25 44.69 1.51
C ALA B 73 -16.47 45.35 2.14
N TRP B 74 -16.56 45.25 3.46
CA TRP B 74 -17.70 45.81 4.16
C TRP B 74 -17.74 47.32 3.97
N GLU B 75 -16.58 47.97 4.01
CA GLU B 75 -16.58 49.39 3.67
C GLU B 75 -17.13 49.63 2.28
N GLU B 76 -16.85 48.74 1.35
CA GLU B 76 -17.27 48.92 -0.04
C GLU B 76 -18.65 48.37 -0.32
N GLY B 77 -19.37 47.90 0.68
CA GLY B 77 -20.74 47.51 0.50
C GLY B 77 -20.97 46.04 0.29
N VAL B 78 -20.08 45.19 0.78
CA VAL B 78 -20.32 43.76 0.75
C VAL B 78 -21.02 43.41 2.04
N CYS B 79 -22.22 42.90 1.91
CA CYS B 79 -23.09 42.68 3.05
C CYS B 79 -22.70 41.44 3.83
N GLY B 80 -22.30 40.39 3.10
CA GLY B 80 -22.06 39.11 3.72
C GLY B 80 -21.34 38.17 2.78
N ILE B 81 -21.20 36.92 3.21
CA ILE B 81 -20.53 35.91 2.41
C ILE B 81 -21.37 34.65 2.37
N ARG B 82 -21.31 33.92 1.25
CA ARG B 82 -21.81 32.57 1.16
C ARG B 82 -20.66 31.68 0.77
N SER B 83 -20.49 30.60 1.53
CA SER B 83 -19.52 29.58 1.19
C SER B 83 -19.93 28.89 -0.11
N ALA B 84 -18.93 28.41 -0.86
CA ALA B 84 -19.22 27.59 -2.03
C ALA B 84 -19.42 26.14 -1.65
N THR B 85 -18.68 25.66 -0.67
CA THR B 85 -18.58 24.26 -0.36
C THR B 85 -18.76 24.10 1.13
N ARG B 86 -19.22 22.92 1.59
CA ARG B 86 -19.47 22.78 3.02
C ARG B 86 -18.20 22.93 3.82
N LEU B 87 -17.08 22.45 3.28
CA LEU B 87 -15.80 22.62 3.98
C LEU B 87 -15.52 24.09 4.29
N GLU B 88 -15.81 24.99 3.35
CA GLU B 88 -15.60 26.42 3.55
C GLU B 88 -16.45 26.94 4.71
N ASN B 89 -17.63 26.37 4.91
CA ASN B 89 -18.48 26.81 6.02
C ASN B 89 -17.88 26.42 7.36
N ILE B 90 -17.41 25.18 7.46
CA ILE B 90 -16.77 24.69 8.68
C ILE B 90 -15.57 25.56 9.01
N MET B 91 -14.90 26.06 7.96
CA MET B 91 -13.75 26.94 8.13
C MET B 91 -14.17 28.28 8.73
N TRP B 92 -15.27 28.85 8.24
CA TRP B 92 -15.73 30.12 8.78
C TRP B 92 -16.18 30.00 10.22
N LYS B 93 -16.85 28.90 10.56
CA LYS B 93 -17.31 28.77 11.96
C LYS B 93 -16.14 28.74 12.92
N GLN B 94 -15.08 28.02 12.58
CA GLN B 94 -13.95 27.87 13.47
C GLN B 94 -13.03 29.05 13.48
N ILE B 95 -13.03 29.87 12.43
CA ILE B 95 -12.22 31.07 12.45
C ILE B 95 -13.03 32.31 12.84
N SER B 96 -14.35 32.21 12.92
CA SER B 96 -15.17 33.38 13.20
C SER B 96 -14.81 33.99 14.55
N ASN B 97 -14.64 33.15 15.55
CA ASN B 97 -14.34 33.66 16.86
C ASN B 97 -13.03 34.45 16.87
N GLU B 98 -12.01 33.97 16.15
CA GLU B 98 -10.74 34.70 16.09
C GLU B 98 -10.85 35.92 15.22
N LEU B 99 -11.71 35.87 14.21
CA LEU B 99 -11.89 37.02 13.34
C LEU B 99 -12.45 38.20 14.12
N ASN B 100 -13.54 37.97 14.86
CA ASN B 100 -14.17 39.09 15.55
C ASN B 100 -13.19 39.77 16.49
N HIS B 101 -12.33 38.99 17.13
CA HIS B 101 -11.33 39.56 18.03
C HIS B 101 -10.35 40.44 17.28
N ILE B 102 -9.94 40.02 16.08
CA ILE B 102 -9.04 40.84 15.29
C ILE B 102 -9.72 42.14 14.93
N LEU B 103 -11.00 42.07 14.57
CA LEU B 103 -11.69 43.30 14.17
C LEU B 103 -11.90 44.23 15.34
N LEU B 104 -12.11 43.69 16.54
CA LEU B 104 -12.31 44.55 17.71
C LEU B 104 -11.05 45.33 18.00
N GLU B 105 -9.90 44.66 18.02
CA GLU B 105 -8.63 45.35 18.29
C GLU B 105 -8.36 46.47 17.28
N ASN B 106 -8.92 46.36 16.07
CA ASN B 106 -8.69 47.32 15.00
C ASN B 106 -9.82 48.34 14.83
N ASP B 107 -10.58 48.59 15.88
CA ASP B 107 -11.55 49.70 15.91
C ASP B 107 -12.53 49.64 14.74
N MET B 108 -12.86 48.43 14.28
CA MET B 108 -13.83 48.22 13.22
C MET B 108 -15.22 48.06 13.84
N LYS B 109 -16.19 48.76 13.27
CA LYS B 109 -17.52 48.84 13.88
C LYS B 109 -18.52 47.91 13.18
N PHE B 110 -18.27 46.61 13.26
CA PHE B 110 -19.18 45.56 12.79
C PHE B 110 -18.67 44.23 13.33
N THR B 111 -19.52 43.20 13.25
CA THR B 111 -19.21 41.87 13.73
C THR B 111 -19.47 40.84 12.64
N VAL B 112 -18.81 39.69 12.78
CA VAL B 112 -18.93 38.61 11.79
C VAL B 112 -19.70 37.49 12.46
N VAL B 113 -20.79 37.07 11.84
CA VAL B 113 -21.67 36.02 12.35
C VAL B 113 -21.78 34.93 11.31
N VAL B 114 -21.64 33.67 11.73
CA VAL B 114 -21.61 32.56 10.78
C VAL B 114 -22.74 31.58 11.11
N GLY B 115 -23.65 31.40 10.17
CA GLY B 115 -24.81 30.57 10.39
C GLY B 115 -24.66 29.24 9.70
N ASP B 116 -25.70 28.42 9.79
CA ASP B 116 -25.67 27.07 9.25
C ASP B 116 -25.75 27.05 7.73
N VAL B 117 -25.53 25.88 7.16
CA VAL B 117 -25.67 25.69 5.71
C VAL B 117 -26.91 24.85 5.49
N SER B 118 -27.96 25.50 5.03
CA SER B 118 -29.24 24.85 4.79
C SER B 118 -29.40 24.63 3.29
N GLY B 119 -29.50 23.36 2.88
CA GLY B 119 -29.87 23.10 1.51
C GLY B 119 -28.80 23.54 0.54
N ILE B 120 -29.22 24.22 -0.52
CA ILE B 120 -28.30 24.62 -1.58
C ILE B 120 -27.40 25.74 -1.10
N LEU B 121 -26.11 25.68 -1.45
CA LEU B 121 -25.17 26.75 -1.12
C LEU B 121 -25.23 27.78 -2.23
N ALA B 122 -26.18 28.69 -2.12
CA ALA B 122 -26.51 29.63 -3.18
C ALA B 122 -25.35 30.57 -3.47
N GLN B 123 -25.38 31.17 -4.65
CA GLN B 123 -24.30 31.99 -5.17
C GLN B 123 -24.48 33.48 -4.86
N GLY B 124 -23.43 34.13 -4.37
CA GLY B 124 -23.42 35.57 -4.20
C GLY B 124 -22.68 36.16 -5.39
N LYS B 125 -22.90 37.44 -5.66
CA LYS B 125 -22.28 38.03 -6.84
C LYS B 125 -21.05 38.87 -6.56
N LYS B 126 -20.69 39.11 -5.32
CA LYS B 126 -19.53 39.94 -5.06
C LYS B 126 -18.30 39.08 -4.79
N MET B 127 -17.18 39.75 -4.56
CA MET B 127 -15.91 39.07 -4.29
C MET B 127 -15.19 39.74 -3.12
N ILE B 128 -14.31 38.97 -2.47
CA ILE B 128 -13.45 39.51 -1.42
C ILE B 128 -12.05 39.70 -1.99
N ARG B 129 -11.67 40.96 -2.19
CA ARG B 129 -10.38 41.32 -2.76
C ARG B 129 -9.33 41.24 -1.66
N PRO B 130 -8.23 40.54 -1.86
CA PRO B 130 -7.20 40.44 -0.82
C PRO B 130 -6.46 41.75 -0.63
N GLN B 131 -5.89 41.87 0.56
CA GLN B 131 -5.13 43.04 0.99
C GLN B 131 -3.65 42.69 1.07
N PRO B 132 -2.77 43.69 1.15
CA PRO B 132 -1.39 43.21 1.30
C PRO B 132 -1.14 42.73 2.74
N GLN B 153 -28.42 44.45 9.83
CA GLN B 153 -28.07 45.87 9.89
C GLN B 153 -26.68 46.11 9.28
N ASN B 154 -26.12 47.30 9.52
CA ASN B 154 -24.76 47.55 9.08
C ASN B 154 -23.77 46.79 9.94
N THR B 155 -24.18 46.46 11.17
CA THR B 155 -23.29 46.03 12.23
C THR B 155 -22.95 44.55 12.22
N THR B 156 -23.64 43.73 11.40
CA THR B 156 -23.34 42.30 11.30
C THR B 156 -23.03 41.95 9.87
N PHE B 157 -21.89 41.27 9.68
CA PHE B 157 -21.44 40.71 8.40
C PHE B 157 -21.81 39.23 8.43
N ILE B 158 -22.96 38.88 7.82
CA ILE B 158 -23.53 37.54 7.99
C ILE B 158 -23.04 36.60 6.91
N ILE B 159 -22.46 35.48 7.34
CA ILE B 159 -21.93 34.45 6.46
C ILE B 159 -22.86 33.25 6.52
N ASP B 160 -23.43 32.90 5.37
CA ASP B 160 -24.28 31.70 5.20
C ASP B 160 -25.53 31.81 6.05
N GLY B 161 -25.93 30.78 6.78
CA GLY B 161 -27.23 30.81 7.40
C GLY B 161 -28.29 30.70 6.32
N PRO B 162 -29.48 31.18 6.62
CA PRO B 162 -30.53 31.21 5.59
C PRO B 162 -30.34 32.45 4.74
N ASN B 163 -31.12 32.50 3.66
CA ASN B 163 -31.17 33.65 2.79
C ASN B 163 -31.99 34.75 3.44
N THR B 164 -31.44 35.95 3.48
CA THR B 164 -32.01 37.09 4.18
C THR B 164 -32.13 38.25 3.21
N PRO B 165 -33.31 38.88 3.11
CA PRO B 165 -33.45 39.99 2.17
C PRO B 165 -32.65 41.20 2.56
N GLU B 166 -32.50 41.47 3.85
CA GLU B 166 -31.65 42.60 4.20
C GLU B 166 -30.18 42.32 3.97
N CYS B 167 -29.84 41.08 3.58
CA CYS B 167 -28.51 40.74 3.08
C CYS B 167 -28.64 39.89 1.83
N PRO B 168 -28.97 40.51 0.70
CA PRO B 168 -29.25 39.73 -0.50
C PRO B 168 -28.02 39.04 -1.07
N ASP B 169 -28.26 37.91 -1.71
CA ASP B 169 -27.13 37.18 -2.24
C ASP B 169 -26.38 38.08 -3.20
N ASN B 170 -27.09 38.88 -3.99
CA ASN B 170 -26.38 39.71 -4.96
C ASN B 170 -25.43 40.67 -4.29
N GLN B 171 -25.50 40.81 -2.97
CA GLN B 171 -24.58 41.62 -2.19
C GLN B 171 -23.54 40.84 -1.40
N ARG B 172 -23.50 39.52 -1.48
CA ARG B 172 -22.56 38.73 -0.71
C ARG B 172 -21.42 38.29 -1.60
N ALA B 173 -20.23 38.19 -1.03
CA ALA B 173 -19.15 37.60 -1.82
C ALA B 173 -19.31 36.08 -1.83
N TRP B 174 -18.73 35.45 -2.85
CA TRP B 174 -18.97 34.02 -2.98
C TRP B 174 -17.88 33.37 -3.83
N ASN B 175 -17.52 32.15 -3.45
CA ASN B 175 -16.47 31.43 -4.16
C ASN B 175 -15.19 32.24 -4.21
N ILE B 176 -14.75 32.69 -3.02
CA ILE B 176 -13.66 33.66 -2.90
C ILE B 176 -12.33 33.03 -2.56
N TRP B 177 -12.27 31.71 -2.37
CA TRP B 177 -11.05 31.01 -1.97
C TRP B 177 -10.53 30.11 -3.08
N GLU B 178 -9.23 30.07 -3.24
CA GLU B 178 -8.59 29.02 -4.02
C GLU B 178 -7.51 28.34 -3.19
N VAL B 179 -7.25 27.10 -3.55
CA VAL B 179 -6.32 26.27 -2.82
C VAL B 179 -4.92 26.71 -3.16
N GLU B 180 -4.12 26.96 -2.12
CA GLU B 180 -2.74 27.32 -2.35
C GLU B 180 -1.80 26.13 -2.25
N ASP B 181 -1.97 25.30 -1.22
CA ASP B 181 -1.15 24.12 -1.05
C ASP B 181 -1.95 23.08 -0.28
N TYR B 182 -1.54 21.82 -0.42
CA TYR B 182 -2.12 20.79 0.43
C TYR B 182 -1.16 20.55 1.58
N GLY B 183 -1.71 20.31 2.76
CA GLY B 183 -0.90 19.95 3.90
C GLY B 183 -1.02 18.46 4.18
N PHE B 184 -0.18 17.67 3.53
CA PHE B 184 -0.32 16.22 3.58
C PHE B 184 0.31 15.62 4.83
N GLY B 185 -0.46 14.80 5.51
CA GLY B 185 0.01 14.00 6.62
C GLY B 185 -0.91 12.80 6.70
N ILE B 186 -0.45 11.79 7.45
CA ILE B 186 -1.36 10.71 7.80
C ILE B 186 -2.53 11.33 8.59
N PHE B 187 -3.63 10.58 8.68
CA PHE B 187 -4.80 11.04 9.45
C PHE B 187 -5.43 12.26 8.79
N THR B 188 -5.23 13.44 9.38
CA THR B 188 -5.79 14.67 8.84
C THR B 188 -4.88 15.30 7.79
N THR B 189 -5.51 15.96 6.83
CA THR B 189 -4.84 16.74 5.81
C THR B 189 -5.41 18.16 5.80
N ASN B 190 -4.54 19.16 5.93
CA ASN B 190 -4.95 20.55 5.85
C ASN B 190 -4.93 21.02 4.41
N ILE B 191 -5.85 21.91 4.09
CA ILE B 191 -5.92 22.54 2.78
C ILE B 191 -5.86 24.04 3.01
N TRP B 192 -4.74 24.65 2.68
CA TRP B 192 -4.56 26.07 2.93
C TRP B 192 -5.11 26.86 1.74
N LEU B 193 -5.90 27.92 2.03
CA LEU B 193 -6.59 28.71 1.00
C LEU B 193 -6.07 30.15 0.94
N LYS B 194 -6.06 30.75 -0.27
CA LYS B 194 -5.79 32.17 -0.45
C LYS B 194 -6.90 32.85 -1.24
N LEU B 195 -7.18 34.13 -0.93
CA LEU B 195 -8.25 34.83 -1.63
C LEU B 195 -7.91 35.01 -3.12
N ARG B 196 -8.94 34.86 -3.97
CA ARG B 196 -8.78 35.08 -5.40
C ARG B 196 -8.74 36.57 -5.70
N ASP B 197 -8.26 36.92 -6.89
CA ASP B 197 -8.32 38.32 -7.25
C ASP B 197 -9.51 38.67 -8.13
N SER B 198 -10.14 37.72 -8.81
CA SER B 198 -11.32 38.07 -9.61
C SER B 198 -12.40 37.02 -9.46
N TYR B 199 -13.63 37.42 -9.83
CA TYR B 199 -14.80 36.57 -9.63
C TYR B 199 -14.88 35.46 -10.67
N THR B 200 -15.36 34.30 -10.25
CA THR B 200 -15.53 33.17 -11.16
C THR B 200 -16.61 32.24 -10.68
N GLN B 201 -17.49 31.83 -11.59
CA GLN B 201 -18.51 30.82 -11.30
C GLN B 201 -17.92 29.42 -11.30
N VAL B 202 -16.74 29.25 -11.91
CA VAL B 202 -16.19 27.94 -12.11
C VAL B 202 -15.60 27.46 -10.81
N CYS B 203 -15.95 26.25 -10.47
CA CYS B 203 -15.36 25.57 -9.34
C CYS B 203 -13.83 25.57 -9.38
N ASP B 204 -13.29 25.47 -8.19
CA ASP B 204 -11.86 25.41 -7.97
C ASP B 204 -11.42 23.98 -8.25
N HIS B 205 -10.72 23.80 -9.36
CA HIS B 205 -10.36 22.46 -9.78
C HIS B 205 -9.37 21.78 -8.83
N ARG B 206 -8.61 22.55 -8.03
CA ARG B 206 -7.61 21.93 -7.16
C ARG B 206 -8.21 20.92 -6.20
N LEU B 207 -9.54 20.93 -6.02
CA LEU B 207 -10.19 20.00 -5.12
C LEU B 207 -10.80 18.81 -5.84
N MET B 208 -10.77 18.80 -7.18
CA MET B 208 -11.63 17.94 -7.97
C MET B 208 -10.85 16.83 -8.67
N SER B 209 -11.57 15.82 -9.14
CA SER B 209 -10.91 14.71 -9.79
C SER B 209 -11.88 14.01 -10.74
N ALA B 210 -11.31 13.20 -11.62
CA ALA B 210 -12.15 12.41 -12.49
C ALA B 210 -11.35 11.20 -12.94
N ALA B 211 -12.05 10.14 -13.30
CA ALA B 211 -11.33 8.93 -13.64
C ALA B 211 -12.26 8.01 -14.40
N ILE B 212 -11.68 7.20 -15.27
CA ILE B 212 -12.40 6.24 -16.09
C ILE B 212 -11.44 5.12 -16.44
N LYS B 213 -11.94 3.88 -16.44
CA LYS B 213 -11.14 2.73 -16.82
C LYS B 213 -12.05 1.65 -17.35
N ASP B 214 -11.78 1.19 -18.56
CA ASP B 214 -12.62 0.17 -19.20
C ASP B 214 -14.05 0.70 -19.32
N SER B 215 -14.94 0.29 -18.43
CA SER B 215 -16.34 0.67 -18.57
C SER B 215 -16.88 1.34 -17.31
N LYS B 216 -16.04 2.06 -16.59
CA LYS B 216 -16.49 2.76 -15.40
C LYS B 216 -15.85 4.13 -15.38
N ALA B 217 -16.59 5.11 -14.89
CA ALA B 217 -16.08 6.47 -14.88
C ALA B 217 -16.62 7.14 -13.63
N VAL B 218 -15.83 8.09 -13.12
CA VAL B 218 -16.20 8.87 -11.95
C VAL B 218 -15.83 10.30 -12.18
N HIS B 219 -16.75 11.22 -11.87
CA HIS B 219 -16.39 12.59 -11.56
C HIS B 219 -16.65 12.82 -10.10
N ALA B 220 -15.70 13.45 -9.43
CA ALA B 220 -15.73 13.40 -7.99
C ALA B 220 -15.11 14.67 -7.46
N ASP B 221 -15.41 14.89 -6.20
CA ASP B 221 -15.23 16.16 -5.56
C ASP B 221 -15.11 15.88 -4.08
N MET B 222 -14.76 16.92 -3.34
CA MET B 222 -14.89 16.84 -1.91
C MET B 222 -16.33 16.57 -1.51
N GLY B 223 -17.29 16.89 -2.39
CA GLY B 223 -18.68 16.74 -2.05
C GLY B 223 -19.54 16.02 -3.05
N TYR B 224 -19.07 15.84 -4.26
CA TYR B 224 -19.78 15.09 -5.28
C TYR B 224 -19.06 13.78 -5.58
N TRP B 225 -19.81 12.70 -5.72
CA TRP B 225 -19.27 11.45 -6.27
C TRP B 225 -20.25 10.99 -7.32
N ILE B 226 -19.87 11.05 -8.59
CA ILE B 226 -20.78 10.83 -9.69
C ILE B 226 -20.25 9.69 -10.55
N GLU B 227 -20.94 8.55 -10.49
CA GLU B 227 -20.57 7.31 -11.15
C GLU B 227 -21.37 7.14 -12.45
N SER B 228 -20.67 6.86 -13.53
CA SER B 228 -21.32 6.47 -14.77
C SER B 228 -20.69 5.18 -15.25
N GLU B 229 -21.46 4.36 -15.97
CA GLU B 229 -20.91 3.08 -16.41
C GLU B 229 -21.47 2.72 -17.77
N LYS B 230 -20.76 1.85 -18.49
CA LYS B 230 -21.20 1.42 -19.80
C LYS B 230 -21.86 0.05 -19.66
N ASN B 231 -23.18 0.00 -19.86
CA ASN B 231 -23.89 -1.25 -20.08
C ASN B 231 -24.60 -1.11 -21.43
N GLU B 232 -23.99 -1.62 -22.49
CA GLU B 232 -24.44 -1.38 -23.85
C GLU B 232 -24.29 0.08 -24.21
N THR B 233 -24.54 0.99 -23.27
CA THR B 233 -24.47 2.41 -23.56
C THR B 233 -24.04 3.19 -22.31
N TRP B 234 -23.26 4.25 -22.53
CA TRP B 234 -22.71 5.04 -21.44
C TRP B 234 -23.80 5.94 -20.85
N LYS B 235 -24.06 5.81 -19.55
CA LYS B 235 -25.04 6.66 -18.89
C LYS B 235 -24.70 6.84 -17.43
N LEU B 236 -25.43 7.76 -16.80
CA LEU B 236 -25.32 8.04 -15.38
C LEU B 236 -25.94 6.89 -14.60
N ALA B 237 -25.20 6.36 -13.64
CA ALA B 237 -25.67 5.21 -12.89
C ALA B 237 -25.97 5.54 -11.43
N ARG B 238 -25.22 6.44 -10.81
CA ARG B 238 -25.55 6.84 -9.45
C ARG B 238 -24.69 8.02 -9.02
N ALA B 239 -25.20 8.80 -8.07
CA ALA B 239 -24.34 9.83 -7.53
C ALA B 239 -24.64 10.00 -6.04
N SER B 240 -23.70 10.66 -5.34
CA SER B 240 -23.78 10.91 -3.91
C SER B 240 -23.43 12.36 -3.67
N PHE B 241 -24.31 13.07 -2.99
CA PHE B 241 -24.13 14.49 -2.74
C PHE B 241 -24.21 14.73 -1.23
N ILE B 242 -23.13 15.29 -0.67
CA ILE B 242 -23.12 15.80 0.70
C ILE B 242 -23.50 17.27 0.72
N GLU B 243 -23.43 17.90 -0.42
CA GLU B 243 -23.74 19.29 -0.55
C GLU B 243 -24.25 19.42 -1.95
N VAL B 244 -24.96 20.50 -2.17
CA VAL B 244 -25.34 20.92 -3.50
C VAL B 244 -24.77 22.30 -3.67
N LYS B 245 -23.83 22.44 -4.60
CA LYS B 245 -23.22 23.74 -4.78
C LYS B 245 -23.66 24.33 -6.11
N THR B 246 -23.28 25.58 -6.32
CA THR B 246 -23.76 26.31 -7.48
C THR B 246 -22.59 26.93 -8.21
N CYS B 247 -21.38 26.46 -7.95
CA CYS B 247 -20.27 26.75 -8.83
C CYS B 247 -20.47 25.95 -10.11
N ILE B 248 -19.75 26.30 -11.16
CA ILE B 248 -19.85 25.54 -12.40
C ILE B 248 -18.71 24.54 -12.42
N TRP B 249 -18.95 23.36 -12.92
CA TRP B 249 -17.90 22.33 -12.89
C TRP B 249 -16.84 22.69 -13.92
N PRO B 250 -15.56 22.60 -13.59
CA PRO B 250 -14.53 23.01 -14.55
C PRO B 250 -14.45 22.02 -15.69
N LYS B 251 -14.45 22.54 -16.92
CA LYS B 251 -14.40 21.66 -18.07
C LYS B 251 -13.13 20.82 -18.08
N SER B 252 -12.00 21.40 -17.64
CA SER B 252 -10.73 20.67 -17.72
C SER B 252 -10.79 19.39 -16.91
N HIS B 253 -11.56 19.36 -15.84
CA HIS B 253 -11.73 18.11 -15.11
C HIS B 253 -13.02 17.40 -15.50
N THR B 254 -13.38 17.39 -16.79
CA THR B 254 -14.58 16.73 -17.28
C THR B 254 -14.19 15.70 -18.31
N LEU B 255 -14.74 14.50 -18.18
CA LEU B 255 -14.64 13.48 -19.22
C LEU B 255 -15.73 13.71 -20.25
N TRP B 256 -15.37 13.55 -21.53
CA TRP B 256 -16.34 13.50 -22.63
C TRP B 256 -17.20 14.76 -22.64
N SER B 257 -16.54 15.89 -22.79
CA SER B 257 -17.17 17.17 -22.63
C SER B 257 -17.54 17.80 -23.96
N ASN B 258 -17.45 17.05 -25.03
CA ASN B 258 -17.74 17.60 -26.33
C ASN B 258 -19.21 17.40 -26.67
N GLY B 259 -19.80 18.43 -27.28
CA GLY B 259 -21.17 18.32 -27.75
C GLY B 259 -22.21 18.06 -26.69
N VAL B 260 -22.03 18.61 -25.51
CA VAL B 260 -22.99 18.38 -24.44
C VAL B 260 -24.13 19.39 -24.56
N LEU B 261 -25.37 18.93 -24.37
CA LEU B 261 -26.54 19.80 -24.36
C LEU B 261 -26.98 20.08 -22.93
N GLU B 262 -27.02 21.36 -22.53
CA GLU B 262 -27.37 21.65 -21.14
C GLU B 262 -28.69 21.01 -20.73
N SER B 263 -29.65 20.94 -21.65
CA SER B 263 -30.95 20.36 -21.31
C SER B 263 -30.89 18.88 -21.08
N GLU B 264 -29.82 18.20 -21.48
CA GLU B 264 -29.72 16.76 -21.37
C GLU B 264 -28.90 16.30 -20.18
N MET B 265 -28.33 17.23 -19.43
CA MET B 265 -27.54 16.90 -18.25
C MET B 265 -28.44 16.50 -17.08
N ILE B 266 -28.31 15.27 -16.59
CA ILE B 266 -29.14 14.90 -15.45
C ILE B 266 -28.83 15.78 -14.28
N ILE B 267 -27.60 15.76 -13.79
CA ILE B 267 -27.30 16.71 -12.73
C ILE B 267 -27.15 18.09 -13.36
N PRO B 268 -28.00 19.05 -13.02
CA PRO B 268 -28.02 20.32 -13.74
C PRO B 268 -26.72 21.08 -13.58
N LYS B 269 -26.35 21.80 -14.66
CA LYS B 269 -25.10 22.56 -14.70
C LYS B 269 -25.03 23.56 -13.56
N ILE B 270 -26.15 24.18 -13.24
CA ILE B 270 -26.17 25.23 -12.24
C ILE B 270 -25.90 24.68 -10.85
N TYR B 271 -26.06 23.38 -10.63
CA TYR B 271 -25.71 22.77 -9.36
C TYR B 271 -24.45 21.92 -9.46
N GLY B 272 -23.54 22.36 -10.31
CA GLY B 272 -22.22 21.82 -10.43
C GLY B 272 -22.17 20.55 -11.24
N GLY B 273 -23.24 20.21 -11.95
CA GLY B 273 -23.26 19.02 -12.77
C GLY B 273 -22.12 19.02 -13.75
N PRO B 274 -21.40 17.91 -13.88
CA PRO B 274 -20.36 17.84 -14.90
C PRO B 274 -20.94 18.02 -16.30
N ILE B 275 -20.40 18.97 -17.06
CA ILE B 275 -20.91 19.20 -18.40
C ILE B 275 -20.38 18.09 -19.31
N SER B 276 -20.96 16.92 -19.20
CA SER B 276 -20.37 15.77 -19.85
C SER B 276 -21.48 14.88 -20.31
N GLN B 277 -21.22 14.13 -21.36
CA GLN B 277 -22.21 13.15 -21.76
C GLN B 277 -22.29 11.99 -20.77
N HIS B 278 -21.34 11.84 -19.83
CA HIS B 278 -21.57 10.83 -18.80
C HIS B 278 -22.74 11.19 -17.93
N ASN B 279 -23.05 12.47 -17.86
CA ASN B 279 -24.15 13.05 -17.13
C ASN B 279 -25.44 13.01 -17.92
N TYR B 280 -25.63 12.00 -18.76
CA TYR B 280 -26.85 11.86 -19.51
C TYR B 280 -27.63 10.66 -19.01
N ARG B 281 -28.93 10.62 -19.30
CA ARG B 281 -29.62 9.35 -19.07
C ARG B 281 -30.87 9.22 -19.93
N PRO B 282 -31.02 8.14 -20.68
CA PRO B 282 -32.06 8.05 -21.71
C PRO B 282 -33.44 8.29 -21.17
N GLY B 283 -34.12 9.26 -21.72
CA GLY B 283 -35.48 9.50 -21.39
C GLY B 283 -35.67 10.49 -20.29
N TYR B 284 -34.58 11.04 -19.76
CA TYR B 284 -34.64 12.05 -18.72
C TYR B 284 -33.98 13.34 -19.18
N PHE B 285 -34.47 14.44 -18.69
CA PHE B 285 -33.82 15.69 -19.01
C PHE B 285 -33.34 16.36 -17.73
N THR B 286 -32.77 17.56 -17.90
CA THR B 286 -32.08 18.21 -16.81
C THR B 286 -33.03 18.37 -15.63
N GLN B 287 -32.53 18.06 -14.44
CA GLN B 287 -33.33 18.05 -13.21
C GLN B 287 -33.28 19.40 -12.50
N THR B 288 -33.67 20.45 -13.24
CA THR B 288 -33.67 21.80 -12.68
C THR B 288 -34.62 21.92 -11.51
N ALA B 289 -35.71 21.18 -11.53
CA ALA B 289 -36.64 21.21 -10.43
C ALA B 289 -36.53 20.00 -9.53
N GLY B 290 -35.44 19.26 -9.61
CA GLY B 290 -35.22 18.11 -8.76
C GLY B 290 -35.05 18.46 -7.30
N PRO B 291 -35.07 17.47 -6.44
CA PRO B 291 -35.03 17.78 -5.00
C PRO B 291 -33.66 18.23 -4.51
N TRP B 292 -33.00 19.09 -5.29
CA TRP B 292 -31.70 19.62 -4.89
C TRP B 292 -31.79 20.49 -3.66
N HIS B 293 -32.99 20.90 -3.27
CA HIS B 293 -33.15 21.65 -2.04
C HIS B 293 -32.81 20.82 -0.83
N LEU B 294 -32.89 19.50 -0.94
CA LEU B 294 -32.55 18.68 0.19
C LEU B 294 -31.14 18.95 0.69
N GLY B 295 -30.29 19.57 -0.14
CA GLY B 295 -28.99 19.99 0.29
C GLY B 295 -28.00 18.87 0.49
N LYS B 296 -28.46 17.63 0.42
CA LYS B 296 -27.67 16.45 0.69
C LYS B 296 -28.52 15.27 0.27
N LEU B 297 -28.07 14.46 -0.69
CA LEU B 297 -28.98 13.47 -1.24
C LEU B 297 -28.21 12.45 -2.06
N GLU B 298 -28.94 11.40 -2.47
CA GLU B 298 -28.38 10.20 -3.10
C GLU B 298 -29.16 9.88 -4.35
N LEU B 299 -28.52 9.97 -5.51
CA LEU B 299 -29.18 9.76 -6.79
C LEU B 299 -28.84 8.38 -7.33
N ASP B 300 -29.85 7.67 -7.81
CA ASP B 300 -29.59 6.45 -8.58
C ASP B 300 -30.84 6.12 -9.37
N PHE B 301 -30.88 4.92 -9.95
CA PHE B 301 -31.98 4.55 -10.82
C PHE B 301 -32.59 3.25 -10.28
N ASP B 302 -33.66 3.38 -9.51
CA ASP B 302 -34.28 2.27 -8.82
C ASP B 302 -35.64 2.72 -8.31
N PHE B 303 -36.55 1.78 -8.15
CA PHE B 303 -37.85 2.16 -7.63
C PHE B 303 -37.77 2.58 -6.15
N CYS B 304 -38.63 3.54 -5.78
CA CYS B 304 -38.81 3.94 -4.40
C CYS B 304 -39.66 2.91 -3.69
N GLU B 305 -39.46 2.80 -2.37
CA GLU B 305 -40.11 1.77 -1.56
C GLU B 305 -41.63 1.86 -1.65
N GLY B 306 -42.27 0.77 -2.09
CA GLY B 306 -43.72 0.72 -2.11
C GLY B 306 -44.40 1.49 -3.22
N THR B 307 -43.69 1.75 -4.33
CA THR B 307 -44.23 2.42 -5.50
C THR B 307 -43.99 1.60 -6.75
N THR B 308 -44.70 1.93 -7.80
CA THR B 308 -44.46 1.38 -9.13
C THR B 308 -44.52 2.51 -10.14
N VAL B 309 -43.70 2.40 -11.18
CA VAL B 309 -43.72 3.36 -12.27
C VAL B 309 -44.00 2.58 -13.54
N VAL B 310 -44.85 3.13 -14.40
CA VAL B 310 -45.15 2.55 -15.69
C VAL B 310 -44.95 3.63 -16.72
N VAL B 311 -44.52 3.22 -17.90
CA VAL B 311 -44.41 4.15 -19.02
C VAL B 311 -45.76 4.22 -19.71
N ASP B 312 -46.34 5.41 -19.71
CA ASP B 312 -47.64 5.65 -20.32
C ASP B 312 -47.53 7.01 -21.00
N GLU B 313 -47.77 7.03 -22.31
CA GLU B 313 -47.68 8.31 -23.01
C GLU B 313 -48.74 9.29 -22.53
N HIS B 314 -49.85 8.79 -21.98
CA HIS B 314 -50.92 9.64 -21.47
C HIS B 314 -50.56 10.29 -20.13
N CYS B 315 -49.37 10.04 -19.59
CA CYS B 315 -49.13 10.60 -18.27
C CYS B 315 -49.07 12.12 -18.31
N GLY B 316 -49.10 12.70 -17.13
CA GLY B 316 -48.87 14.12 -17.02
C GLY B 316 -47.46 14.45 -17.43
N ASN B 317 -47.24 15.72 -17.69
CA ASN B 317 -45.94 16.17 -18.14
C ASN B 317 -44.97 16.30 -16.99
N ARG B 318 -43.68 16.38 -17.33
CA ARG B 318 -42.67 16.54 -16.31
C ARG B 318 -42.78 17.91 -15.64
N GLY B 319 -42.61 17.87 -14.33
CA GLY B 319 -42.67 19.05 -13.49
C GLY B 319 -41.81 18.86 -12.27
N PRO B 320 -41.95 19.74 -11.29
CA PRO B 320 -41.07 19.67 -10.13
C PRO B 320 -41.23 18.33 -9.43
N SER B 321 -40.10 17.75 -9.07
CA SER B 321 -40.05 16.43 -8.47
C SER B 321 -40.95 16.38 -7.24
N LEU B 322 -41.60 15.24 -7.08
CA LEU B 322 -42.50 15.04 -5.96
C LEU B 322 -41.92 14.01 -5.02
N ARG B 323 -42.27 14.13 -3.77
CA ARG B 323 -41.90 13.13 -2.79
C ARG B 323 -42.99 12.08 -2.79
N THR B 324 -42.59 10.81 -2.76
CA THR B 324 -43.48 9.67 -2.84
C THR B 324 -44.39 9.51 -1.62
N THR B 325 -44.11 10.23 -0.53
CA THR B 325 -44.88 10.19 0.72
C THR B 325 -45.43 11.56 1.07
N THR B 326 -46.75 11.63 1.36
CA THR B 326 -47.45 12.87 1.73
C THR B 326 -46.95 13.42 3.07
N VAL B 327 -47.56 14.54 3.50
CA VAL B 327 -47.27 15.08 4.83
C VAL B 327 -47.72 14.14 5.93
N THR B 328 -48.77 13.36 5.69
CA THR B 328 -49.29 12.43 6.69
C THR B 328 -48.71 11.03 6.54
N GLY B 329 -47.56 10.90 5.89
CA GLY B 329 -46.93 9.60 5.83
C GLY B 329 -47.58 8.59 4.91
N LYS B 330 -48.60 8.98 4.15
CA LYS B 330 -49.19 8.04 3.18
C LYS B 330 -48.26 7.87 1.98
N ILE B 331 -48.10 6.65 1.55
CA ILE B 331 -47.26 6.37 0.40
C ILE B 331 -48.08 6.38 -0.87
N ILE B 332 -47.51 6.91 -1.93
CA ILE B 332 -48.23 7.07 -3.18
C ILE B 332 -47.90 5.87 -4.07
N HIS B 333 -48.90 5.05 -4.33
CA HIS B 333 -48.72 3.74 -4.94
C HIS B 333 -48.35 3.87 -6.41
N GLU B 334 -49.20 4.55 -7.19
CA GLU B 334 -49.15 4.44 -8.64
C GLU B 334 -48.51 5.67 -9.27
N TRP B 335 -47.37 5.48 -9.91
CA TRP B 335 -46.66 6.54 -10.63
C TRP B 335 -46.48 6.17 -12.10
N CYS B 336 -46.11 7.15 -12.92
CA CYS B 336 -46.00 6.96 -14.36
C CYS B 336 -45.01 7.99 -14.90
N CYS B 337 -44.62 7.81 -16.17
CA CYS B 337 -43.81 8.78 -16.86
C CYS B 337 -44.11 8.67 -18.35
N ARG B 338 -44.05 9.81 -19.02
CA ARG B 338 -44.42 9.89 -20.43
C ARG B 338 -43.43 9.16 -21.34
N SER B 339 -42.15 9.47 -21.25
CA SER B 339 -41.26 8.78 -22.16
C SER B 339 -39.91 8.51 -21.53
N CYS B 340 -39.83 8.54 -20.21
CA CYS B 340 -38.61 8.14 -19.54
C CYS B 340 -38.34 6.66 -19.84
N THR B 341 -37.26 6.15 -19.27
CA THR B 341 -36.91 4.74 -19.39
C THR B 341 -36.79 4.15 -18.00
N LEU B 342 -37.22 2.91 -17.85
CA LEU B 342 -37.07 2.22 -16.59
C LEU B 342 -35.66 1.62 -16.47
N PRO B 343 -35.15 1.43 -15.23
CA PRO B 343 -35.65 1.82 -13.91
C PRO B 343 -35.78 3.35 -13.77
N PRO B 344 -36.55 3.83 -12.79
CA PRO B 344 -36.81 5.26 -12.67
C PRO B 344 -35.69 6.01 -11.96
N LEU B 345 -35.48 7.26 -12.37
CA LEU B 345 -34.53 8.12 -11.68
C LEU B 345 -35.08 8.51 -10.31
N ARG B 346 -34.37 8.14 -9.24
CA ARG B 346 -34.90 8.43 -7.90
C ARG B 346 -33.87 9.08 -7.00
N PHE B 347 -34.32 10.03 -6.18
CA PHE B 347 -33.50 10.68 -5.16
C PHE B 347 -34.01 10.25 -3.79
N LYS B 348 -33.09 9.84 -2.91
CA LYS B 348 -33.41 9.42 -1.54
C LYS B 348 -32.85 10.44 -0.58
N GLY B 349 -33.65 10.84 0.39
CA GLY B 349 -33.22 11.87 1.29
C GLY B 349 -33.59 11.57 2.73
N GLU B 350 -33.22 12.52 3.60
CA GLU B 350 -33.54 12.39 5.00
C GLU B 350 -35.04 12.22 5.18
N ASP B 351 -35.85 12.89 4.37
CA ASP B 351 -37.28 12.90 4.56
C ASP B 351 -38.01 11.87 3.70
N GLY B 352 -37.30 11.03 2.94
CA GLY B 352 -37.97 10.00 2.19
C GLY B 352 -37.46 9.93 0.76
N CYS B 353 -38.29 9.43 -0.15
CA CYS B 353 -37.90 9.20 -1.53
C CYS B 353 -38.54 10.20 -2.47
N TRP B 354 -37.82 10.60 -3.49
CA TRP B 354 -38.36 11.50 -4.48
C TRP B 354 -38.09 10.94 -5.87
N TYR B 355 -38.92 11.31 -6.80
CA TYR B 355 -38.78 10.84 -8.17
C TYR B 355 -38.40 12.02 -9.06
N GLY B 356 -37.65 11.72 -10.13
CA GLY B 356 -37.24 12.72 -11.08
C GLY B 356 -38.41 13.43 -11.69
N MET B 357 -38.10 14.54 -12.37
CA MET B 357 -39.15 15.42 -12.87
C MET B 357 -40.12 14.69 -13.79
N GLU B 358 -39.62 13.76 -14.59
CA GLU B 358 -40.47 13.05 -15.52
C GLU B 358 -41.52 12.18 -14.84
N ILE B 359 -41.24 11.64 -13.66
CA ILE B 359 -42.19 10.76 -13.00
C ILE B 359 -43.29 11.57 -12.34
N ARG B 360 -44.52 11.15 -12.54
CA ARG B 360 -45.66 11.88 -12.01
C ARG B 360 -46.64 10.88 -11.40
N PRO B 361 -47.51 11.33 -10.50
CA PRO B 361 -48.50 10.39 -9.95
C PRO B 361 -49.54 10.11 -11.00
N VAL B 362 -49.78 8.83 -11.24
CA VAL B 362 -50.78 8.51 -12.21
C VAL B 362 -52.17 8.79 -11.63
N LYS B 363 -52.34 8.66 -10.33
CA LYS B 363 -53.63 8.94 -9.72
C LYS B 363 -53.89 10.42 -9.60
N ASP B 364 -53.02 11.25 -10.20
CA ASP B 364 -53.18 12.69 -10.29
C ASP B 364 -53.14 13.30 -8.90
N LYS B 365 -53.18 14.63 -8.80
CA LYS B 365 -53.15 15.24 -7.47
C LYS B 365 -54.41 14.91 -6.70
N GLU B 366 -54.17 14.40 -5.50
CA GLU B 366 -55.10 14.22 -4.42
C GLU B 366 -54.26 14.48 -3.17
N GLU B 367 -54.91 14.50 -2.01
CA GLU B 367 -54.17 14.45 -0.75
C GLU B 367 -53.19 15.62 -0.60
N ASN B 368 -52.20 15.46 0.28
CA ASN B 368 -51.22 16.49 0.60
C ASN B 368 -49.90 16.22 -0.12
N LEU B 369 -49.73 16.83 -1.30
CA LEU B 369 -48.55 16.53 -2.11
C LEU B 369 -47.39 17.39 -1.65
N VAL B 370 -46.19 16.83 -1.73
CA VAL B 370 -44.98 17.52 -1.31
C VAL B 370 -44.16 17.83 -2.56
N LYS B 371 -44.00 19.10 -2.91
CA LYS B 371 -43.23 19.45 -4.09
C LYS B 371 -42.11 20.39 -3.72
N SER B 372 -41.06 20.35 -4.52
CA SER B 372 -39.95 21.23 -4.20
C SER B 372 -40.24 22.63 -4.75
N MET B 373 -39.57 23.62 -4.15
CA MET B 373 -39.75 25.00 -4.59
C MET B 373 -38.72 25.26 -5.69
N GLY C 14 11.43 2.64 -13.02
CA GLY C 14 11.64 1.36 -13.71
C GLY C 14 10.85 0.19 -13.13
N THR C 15 11.09 -1.01 -13.67
CA THR C 15 10.35 -2.20 -13.28
C THR C 15 11.16 -3.09 -12.35
N GLU C 16 10.48 -3.65 -11.36
CA GLU C 16 11.07 -4.55 -10.38
C GLU C 16 10.28 -5.86 -10.37
N ASN C 17 10.76 -6.82 -9.58
CA ASN C 17 10.20 -8.16 -9.54
C ASN C 17 9.84 -8.53 -8.10
N LEU C 18 8.60 -8.94 -7.91
CA LEU C 18 8.07 -9.15 -6.57
C LEU C 18 7.31 -10.45 -6.55
N TYR C 19 7.44 -11.19 -5.47
CA TYR C 19 6.75 -12.45 -5.35
C TYR C 19 5.42 -12.18 -4.68
N PHE C 20 4.35 -12.78 -5.22
CA PHE C 20 3.06 -12.72 -4.54
C PHE C 20 2.48 -14.13 -4.46
N GLN C 21 1.70 -14.37 -3.40
CA GLN C 21 1.04 -15.64 -3.12
C GLN C 21 -0.43 -15.46 -2.76
N SER C 22 -1.26 -16.38 -3.23
CA SER C 22 -2.70 -16.27 -3.03
C SER C 22 -3.11 -16.49 -1.58
N ASN C 23 -2.39 -17.31 -0.84
CA ASN C 23 -2.86 -17.74 0.47
C ASN C 23 -2.13 -17.10 1.64
N ALA C 24 -1.29 -16.11 1.40
CA ALA C 24 -0.67 -15.31 2.47
C ALA C 24 -1.09 -13.85 2.32
N ASP C 25 -0.72 -13.07 3.31
CA ASP C 25 -0.93 -11.63 3.26
C ASP C 25 -0.10 -11.03 2.14
N SER C 26 -0.75 -10.59 1.06
CA SER C 26 -0.07 -10.05 -0.10
C SER C 26 -0.38 -8.57 -0.21
N GLY C 27 0.62 -7.77 -0.54
CA GLY C 27 0.40 -6.36 -0.71
C GLY C 27 1.69 -5.58 -0.63
N CYS C 28 1.55 -4.25 -0.65
CA CYS C 28 2.64 -3.31 -0.45
C CYS C 28 2.34 -2.47 0.77
N VAL C 29 3.38 -2.07 1.47
CA VAL C 29 3.28 -1.46 2.77
C VAL C 29 4.38 -0.42 2.86
N ILE C 30 4.10 0.70 3.50
CA ILE C 30 5.02 1.83 3.47
C ILE C 30 5.53 2.12 4.87
N ASN C 31 6.80 2.46 4.98
CA ASN C 31 7.36 2.90 6.23
C ASN C 31 7.91 4.30 6.06
N TRP C 32 7.17 5.30 6.57
CA TRP C 32 7.50 6.70 6.30
C TRP C 32 8.93 7.04 6.71
N LYS C 33 9.26 6.87 8.00
CA LYS C 33 10.66 6.95 8.38
C LYS C 33 11.38 5.71 7.90
N GLY C 34 12.65 5.88 7.54
CA GLY C 34 13.33 4.86 6.77
C GLY C 34 12.92 4.77 5.32
N ARG C 35 11.86 5.52 4.92
CA ARG C 35 11.31 5.63 3.56
C ARG C 35 11.48 4.34 2.79
N GLU C 36 10.83 3.30 3.26
CA GLU C 36 10.92 1.96 2.70
C GLU C 36 9.56 1.59 2.17
N LEU C 37 9.46 1.37 0.86
CA LEU C 37 8.30 0.71 0.31
C LEU C 37 8.59 -0.79 0.33
N LYS C 38 7.77 -1.58 1.00
CA LYS C 38 7.98 -3.02 1.06
C LYS C 38 6.81 -3.73 0.41
N CYS C 39 7.08 -4.52 -0.61
CA CYS C 39 6.04 -5.28 -1.28
C CYS C 39 6.40 -6.75 -1.29
N GLY C 40 5.40 -7.60 -1.09
CA GLY C 40 5.66 -9.03 -1.10
C GLY C 40 4.49 -9.81 -0.57
N SER C 41 4.78 -11.03 -0.14
CA SER C 41 3.78 -11.92 0.42
C SER C 41 4.35 -12.54 1.69
N GLY C 42 3.54 -12.61 2.73
CA GLY C 42 4.04 -13.13 3.97
C GLY C 42 3.06 -12.95 5.08
N ILE C 43 3.48 -12.39 6.20
CA ILE C 43 2.59 -12.23 7.34
C ILE C 43 2.70 -10.79 7.82
N PHE C 44 1.57 -10.16 7.97
CA PHE C 44 1.53 -8.77 8.36
C PHE C 44 1.04 -8.75 9.79
N VAL C 45 1.93 -8.47 10.73
CA VAL C 45 1.51 -8.36 12.12
C VAL C 45 1.19 -6.91 12.43
N THR C 46 -0.04 -6.66 12.89
CA THR C 46 -0.46 -5.30 13.14
C THR C 46 -0.86 -5.08 14.59
N ASN C 47 -0.82 -3.80 14.95
CA ASN C 47 -1.17 -3.28 16.28
C ASN C 47 -2.68 -3.07 16.30
N GLU C 48 -3.41 -4.09 16.76
CA GLU C 48 -4.86 -4.06 16.73
C GLU C 48 -5.41 -3.36 17.93
N VAL C 49 -4.55 -2.77 18.75
CA VAL C 49 -4.94 -2.39 20.09
C VAL C 49 -5.82 -1.14 20.08
N HIS C 50 -5.48 -0.11 19.29
CA HIS C 50 -6.19 1.16 19.43
C HIS C 50 -7.54 1.23 18.71
N THR C 51 -7.85 0.28 17.83
CA THR C 51 -9.09 0.31 17.04
C THR C 51 -10.09 -0.79 17.38
N TRP C 52 -9.87 -1.52 18.49
CA TRP C 52 -10.46 -2.87 18.67
C TRP C 52 -11.98 -2.86 18.82
N THR C 53 -12.54 -1.85 19.50
CA THR C 53 -13.98 -1.83 19.79
C THR C 53 -14.82 -1.83 18.52
N GLU C 54 -14.39 -1.10 17.50
CA GLU C 54 -15.12 -1.06 16.24
C GLU C 54 -14.74 -2.22 15.34
N GLN C 55 -13.50 -2.70 15.44
CA GLN C 55 -12.97 -3.66 14.48
C GLN C 55 -13.35 -5.11 14.78
N TYR C 56 -13.50 -5.49 16.06
CA TYR C 56 -13.73 -6.87 16.44
C TYR C 56 -14.92 -7.02 17.40
N LYS C 57 -15.65 -8.12 17.25
CA LYS C 57 -16.81 -8.45 18.08
C LYS C 57 -16.73 -9.92 18.45
N PHE C 58 -16.61 -10.24 19.73
CA PHE C 58 -16.68 -11.65 20.11
C PHE C 58 -18.11 -12.12 20.00
N GLN C 59 -18.29 -13.38 19.64
CA GLN C 59 -19.64 -13.90 19.42
C GLN C 59 -19.64 -15.37 19.76
N ALA C 60 -20.56 -15.77 20.62
CA ALA C 60 -20.65 -17.15 21.04
C ALA C 60 -21.37 -17.98 20.00
N ASP C 61 -21.05 -19.29 19.96
CA ASP C 61 -21.56 -20.16 18.90
C ASP C 61 -23.07 -20.36 19.02
N SER C 62 -23.53 -20.74 20.21
CA SER C 62 -24.94 -20.99 20.42
C SER C 62 -25.38 -20.48 21.78
N PRO C 63 -26.17 -19.41 21.83
CA PRO C 63 -26.75 -19.02 23.11
C PRO C 63 -27.58 -20.13 23.70
N LYS C 64 -28.17 -20.99 22.88
CA LYS C 64 -28.95 -22.11 23.41
C LYS C 64 -28.05 -23.09 24.15
N ARG C 65 -27.00 -23.56 23.50
CA ARG C 65 -26.10 -24.48 24.18
C ARG C 65 -25.37 -23.83 25.35
N LEU C 66 -25.03 -22.54 25.24
CA LEU C 66 -24.31 -21.84 26.30
C LEU C 66 -25.11 -21.78 27.59
N SER C 67 -26.38 -21.44 27.50
CA SER C 67 -27.18 -21.29 28.71
C SER C 67 -27.30 -22.60 29.48
N ALA C 68 -27.53 -23.71 28.78
CA ALA C 68 -27.68 -24.98 29.50
C ALA C 68 -26.38 -25.37 30.20
N ALA C 69 -25.23 -25.14 29.56
CA ALA C 69 -23.95 -25.49 30.18
C ALA C 69 -23.67 -24.64 31.40
N ILE C 70 -24.12 -23.38 31.38
CA ILE C 70 -24.01 -22.52 32.56
C ILE C 70 -24.93 -23.02 33.67
N GLY C 71 -26.12 -23.49 33.31
CA GLY C 71 -26.97 -24.15 34.30
C GLY C 71 -26.27 -25.33 34.97
N LYS C 72 -25.67 -26.22 34.16
CA LYS C 72 -24.95 -27.36 34.71
C LYS C 72 -23.84 -26.92 35.66
N ALA C 73 -23.17 -25.81 35.34
CA ALA C 73 -22.14 -25.30 36.23
C ALA C 73 -22.77 -24.82 37.53
N TRP C 74 -23.86 -24.08 37.41
CA TRP C 74 -24.52 -23.54 38.59
C TRP C 74 -24.98 -24.64 39.53
N GLU C 75 -25.53 -25.73 38.97
CA GLU C 75 -25.87 -26.89 39.78
C GLU C 75 -24.63 -27.52 40.40
N GLU C 76 -23.52 -27.54 39.67
CA GLU C 76 -22.27 -28.11 40.16
C GLU C 76 -21.46 -27.10 40.97
N GLY C 77 -22.00 -25.92 41.22
CA GLY C 77 -21.43 -25.02 42.18
C GLY C 77 -20.53 -23.92 41.67
N VAL C 78 -20.68 -23.51 40.42
CA VAL C 78 -19.93 -22.37 39.91
C VAL C 78 -20.84 -21.15 40.07
N CYS C 79 -20.44 -20.21 40.93
CA CYS C 79 -21.35 -19.12 41.23
C CYS C 79 -21.32 -18.05 40.16
N GLY C 80 -20.23 -17.97 39.40
CA GLY C 80 -20.04 -16.90 38.43
C GLY C 80 -18.89 -17.17 37.48
N ILE C 81 -18.59 -16.16 36.66
CA ILE C 81 -17.52 -16.18 35.67
C ILE C 81 -16.66 -14.94 35.79
N ARG C 82 -15.38 -15.07 35.45
CA ARG C 82 -14.54 -13.89 35.17
C ARG C 82 -14.02 -13.96 33.76
N SER C 83 -14.22 -12.87 33.03
CA SER C 83 -13.71 -12.77 31.68
C SER C 83 -12.18 -12.79 31.68
N ALA C 84 -11.63 -13.38 30.63
CA ALA C 84 -10.20 -13.42 30.42
C ALA C 84 -9.71 -12.15 29.74
N THR C 85 -10.49 -11.67 28.80
CA THR C 85 -10.08 -10.61 27.91
C THR C 85 -11.14 -9.52 27.87
N ARG C 86 -10.73 -8.32 27.48
CA ARG C 86 -11.66 -7.20 27.43
C ARG C 86 -12.75 -7.44 26.38
N LEU C 87 -12.39 -8.05 25.25
CA LEU C 87 -13.42 -8.41 24.28
C LEU C 87 -14.47 -9.34 24.89
N GLU C 88 -14.03 -10.36 25.62
CA GLU C 88 -14.95 -11.34 26.19
C GLU C 88 -15.97 -10.70 27.08
N ASN C 89 -15.59 -9.66 27.80
CA ASN C 89 -16.56 -9.04 28.70
C ASN C 89 -17.67 -8.34 27.94
N ILE C 90 -17.32 -7.62 26.87
CA ILE C 90 -18.31 -6.95 26.02
C ILE C 90 -19.29 -7.94 25.41
N MET C 91 -18.84 -9.16 25.15
CA MET C 91 -19.74 -10.16 24.62
C MET C 91 -20.81 -10.52 25.64
N TRP C 92 -20.39 -10.74 26.90
CA TRP C 92 -21.32 -11.08 27.97
C TRP C 92 -22.31 -9.97 28.21
N LYS C 93 -21.87 -8.72 28.07
CA LYS C 93 -22.82 -7.62 28.24
C LYS C 93 -23.91 -7.68 27.19
N GLN C 94 -23.54 -7.88 25.92
CA GLN C 94 -24.51 -7.85 24.83
C GLN C 94 -25.34 -9.11 24.75
N ILE C 95 -24.85 -10.24 25.25
CA ILE C 95 -25.62 -11.47 25.13
C ILE C 95 -26.47 -11.72 26.37
N SER C 96 -26.30 -10.90 27.43
CA SER C 96 -26.99 -11.12 28.70
C SER C 96 -28.50 -11.10 28.53
N ASN C 97 -29.02 -10.17 27.74
CA ASN C 97 -30.46 -10.08 27.57
C ASN C 97 -31.01 -11.35 26.93
N GLU C 98 -30.30 -11.90 25.95
CA GLU C 98 -30.82 -13.09 25.30
C GLU C 98 -30.71 -14.34 26.16
N LEU C 99 -29.66 -14.44 26.97
CA LEU C 99 -29.48 -15.65 27.77
C LEU C 99 -30.63 -15.79 28.75
N ASN C 100 -30.92 -14.73 29.49
CA ASN C 100 -31.97 -14.81 30.50
C ASN C 100 -33.30 -15.20 29.85
N HIS C 101 -33.53 -14.79 28.60
CA HIS C 101 -34.73 -15.25 27.89
C HIS C 101 -34.70 -16.76 27.69
N ILE C 102 -33.53 -17.33 27.37
CA ILE C 102 -33.43 -18.79 27.20
C ILE C 102 -33.66 -19.51 28.52
N LEU C 103 -33.13 -18.97 29.62
CA LEU C 103 -33.24 -19.61 30.92
C LEU C 103 -34.68 -19.65 31.42
N LEU C 104 -35.49 -18.66 31.04
CA LEU C 104 -36.89 -18.66 31.44
C LEU C 104 -37.64 -19.83 30.81
N GLU C 105 -37.41 -20.09 29.52
CA GLU C 105 -38.02 -21.25 28.88
C GLU C 105 -37.63 -22.55 29.56
N ASN C 106 -36.54 -22.57 30.31
CA ASN C 106 -36.07 -23.78 30.97
C ASN C 106 -36.43 -23.85 32.45
N ASP C 107 -37.35 -23.01 32.94
CA ASP C 107 -37.78 -23.06 34.35
C ASP C 107 -36.58 -23.17 35.28
N MET C 108 -35.48 -22.53 34.90
CA MET C 108 -34.25 -22.56 35.66
C MET C 108 -34.28 -21.43 36.66
N LYS C 109 -33.95 -21.73 37.90
CA LYS C 109 -34.20 -20.79 38.99
C LYS C 109 -32.99 -19.90 39.28
N PHE C 110 -32.58 -19.13 38.27
CA PHE C 110 -31.52 -18.15 38.49
C PHE C 110 -31.43 -17.20 37.29
N THR C 111 -30.75 -16.08 37.50
CA THR C 111 -30.62 -15.03 36.51
C THR C 111 -29.14 -14.69 36.36
N VAL C 112 -28.80 -14.13 35.22
CA VAL C 112 -27.42 -13.84 34.85
C VAL C 112 -27.23 -12.33 34.82
N VAL C 113 -26.26 -11.83 35.58
CA VAL C 113 -25.94 -10.41 35.69
C VAL C 113 -24.48 -10.21 35.32
N VAL C 114 -24.20 -9.23 34.46
CA VAL C 114 -22.86 -8.98 33.93
C VAL C 114 -22.44 -7.57 34.29
N GLY C 115 -21.31 -7.43 34.98
CA GLY C 115 -20.81 -6.14 35.40
C GLY C 115 -19.59 -5.70 34.62
N ASP C 116 -19.06 -4.54 35.03
CA ASP C 116 -17.90 -3.96 34.36
C ASP C 116 -16.62 -4.73 34.67
N VAL C 117 -15.55 -4.36 33.97
CA VAL C 117 -14.23 -4.92 34.18
C VAL C 117 -13.38 -3.83 34.84
N SER C 118 -13.04 -4.02 36.11
CA SER C 118 -12.26 -3.04 36.86
C SER C 118 -10.81 -3.49 36.97
N GLY C 119 -9.90 -2.73 36.37
CA GLY C 119 -8.48 -2.95 36.66
C GLY C 119 -7.99 -4.27 36.10
N ILE C 120 -7.26 -5.02 36.92
CA ILE C 120 -6.74 -6.31 36.46
C ILE C 120 -7.89 -7.29 36.31
N LEU C 121 -7.92 -8.02 35.19
CA LEU C 121 -8.98 -9.00 34.94
C LEU C 121 -8.65 -10.30 35.67
N ALA C 122 -9.00 -10.34 36.94
CA ALA C 122 -8.52 -11.38 37.85
C ALA C 122 -8.88 -12.78 37.36
N GLN C 123 -8.15 -13.77 37.87
CA GLN C 123 -8.25 -15.15 37.41
C GLN C 123 -9.21 -15.97 38.27
N GLY C 124 -10.12 -16.69 37.62
CA GLY C 124 -11.01 -17.63 38.29
C GLY C 124 -10.52 -19.05 38.07
N LYS C 125 -10.89 -19.96 38.97
CA LYS C 125 -10.35 -21.32 39.00
C LYS C 125 -11.30 -22.41 38.48
N LYS C 126 -12.53 -22.10 38.12
CA LYS C 126 -13.42 -23.15 37.64
C LYS C 126 -13.44 -23.16 36.11
N MET C 127 -14.16 -24.13 35.52
CA MET C 127 -14.33 -24.23 34.07
C MET C 127 -15.79 -24.49 33.74
N ILE C 128 -16.19 -24.10 32.54
CA ILE C 128 -17.55 -24.34 32.07
C ILE C 128 -17.50 -25.45 31.03
N ARG C 129 -18.02 -26.63 31.38
CA ARG C 129 -17.97 -27.74 30.43
C ARG C 129 -19.09 -27.61 29.39
N PRO C 130 -18.78 -27.85 28.12
CA PRO C 130 -19.81 -27.76 27.07
C PRO C 130 -20.81 -28.90 27.16
N GLN C 131 -22.00 -28.66 26.59
CA GLN C 131 -23.09 -29.63 26.53
C GLN C 131 -23.36 -30.10 25.10
N PRO C 132 -24.10 -31.22 24.91
CA PRO C 132 -24.34 -31.64 23.52
C PRO C 132 -25.45 -30.86 22.79
N GLN C 153 -28.00 -13.98 46.35
CA GLN C 153 -26.88 -14.85 46.71
C GLN C 153 -26.77 -16.07 45.75
N ASN C 154 -27.68 -17.03 45.92
CA ASN C 154 -27.76 -18.21 45.06
C ASN C 154 -28.38 -17.92 43.70
N THR C 155 -29.20 -16.88 43.64
CA THR C 155 -30.15 -16.62 42.57
C THR C 155 -29.57 -15.84 41.39
N THR C 156 -28.35 -15.34 41.48
CA THR C 156 -27.75 -14.58 40.40
C THR C 156 -26.40 -15.18 40.01
N PHE C 157 -26.17 -15.36 38.73
CA PHE C 157 -24.90 -15.86 38.20
C PHE C 157 -24.12 -14.65 37.73
N ILE C 158 -23.20 -14.16 38.54
CA ILE C 158 -22.56 -12.88 38.29
C ILE C 158 -21.35 -13.07 37.40
N ILE C 159 -21.32 -12.35 36.28
CA ILE C 159 -20.21 -12.35 35.35
C ILE C 159 -19.49 -11.03 35.53
N ASP C 160 -18.22 -11.12 35.97
CA ASP C 160 -17.35 -9.95 36.17
C ASP C 160 -17.86 -9.00 37.26
N GLY C 161 -17.89 -7.72 36.97
CA GLY C 161 -18.19 -6.76 38.01
C GLY C 161 -17.06 -6.61 39.02
N PRO C 162 -17.36 -6.11 40.21
CA PRO C 162 -16.33 -5.95 41.24
C PRO C 162 -16.05 -7.28 41.92
N ASN C 163 -15.08 -7.26 42.83
CA ASN C 163 -14.82 -8.46 43.60
C ASN C 163 -15.95 -8.65 44.59
N THR C 164 -16.45 -9.87 44.67
CA THR C 164 -17.44 -10.16 45.66
C THR C 164 -16.92 -11.33 46.48
N PRO C 165 -16.91 -11.23 47.80
CA PRO C 165 -16.49 -12.38 48.60
C PRO C 165 -17.51 -13.51 48.64
N GLU C 166 -18.82 -13.21 48.53
CA GLU C 166 -19.84 -14.26 48.49
C GLU C 166 -19.90 -14.98 47.14
N CYS C 167 -19.16 -14.53 46.12
CA CYS C 167 -18.91 -15.30 44.90
C CYS C 167 -17.43 -15.19 44.59
N PRO C 168 -16.59 -15.88 45.36
CA PRO C 168 -15.15 -15.69 45.24
C PRO C 168 -14.66 -16.19 43.90
N ASP C 169 -13.50 -15.66 43.50
CA ASP C 169 -13.01 -16.02 42.17
C ASP C 169 -12.80 -17.51 42.07
N ASN C 170 -12.26 -18.13 43.14
CA ASN C 170 -11.98 -19.56 43.13
C ASN C 170 -13.21 -20.40 42.90
N GLN C 171 -14.40 -19.81 42.95
CA GLN C 171 -15.65 -20.49 42.63
C GLN C 171 -16.14 -20.16 41.23
N ARG C 172 -15.41 -19.30 40.49
CA ARG C 172 -15.83 -18.80 39.19
C ARG C 172 -15.03 -19.44 38.06
N ALA C 173 -15.70 -19.69 36.93
CA ALA C 173 -14.96 -20.15 35.78
C ALA C 173 -14.24 -19.00 35.10
N TRP C 174 -13.21 -19.32 34.32
CA TRP C 174 -12.37 -18.28 33.75
C TRP C 174 -11.58 -18.81 32.56
N ASN C 175 -11.38 -17.95 31.56
CA ASN C 175 -10.66 -18.32 30.35
C ASN C 175 -11.31 -19.55 29.70
N ILE C 176 -12.63 -19.46 29.46
CA ILE C 176 -13.39 -20.62 29.06
C ILE C 176 -13.66 -20.70 27.57
N TRP C 177 -13.22 -19.72 26.78
CA TRP C 177 -13.49 -19.72 25.34
C TRP C 177 -12.22 -19.91 24.55
N GLU C 178 -12.31 -20.62 23.45
CA GLU C 178 -11.25 -20.60 22.44
C GLU C 178 -11.87 -20.32 21.08
N VAL C 179 -11.07 -19.75 20.18
CA VAL C 179 -11.61 -19.27 18.91
C VAL C 179 -11.92 -20.44 17.99
N GLU C 180 -13.13 -20.45 17.42
CA GLU C 180 -13.45 -21.54 16.52
C GLU C 180 -13.18 -21.15 15.08
N ASP C 181 -13.66 -19.98 14.65
CA ASP C 181 -13.47 -19.53 13.28
C ASP C 181 -13.53 -18.02 13.27
N TYR C 182 -12.93 -17.41 12.26
CA TYR C 182 -13.05 -15.97 12.02
C TYR C 182 -14.08 -15.66 10.94
N GLY C 183 -14.80 -14.55 11.13
CA GLY C 183 -15.71 -14.03 10.14
C GLY C 183 -15.14 -12.80 9.44
N PHE C 184 -14.40 -13.04 8.37
CA PHE C 184 -13.62 -11.97 7.77
C PHE C 184 -14.49 -11.10 6.87
N GLY C 185 -14.46 -9.81 7.11
CA GLY C 185 -15.09 -8.87 6.20
C GLY C 185 -14.39 -7.55 6.37
N ILE C 186 -14.59 -6.67 5.39
CA ILE C 186 -14.17 -5.30 5.59
C ILE C 186 -14.94 -4.77 6.81
N PHE C 187 -14.42 -3.70 7.40
CA PHE C 187 -15.06 -3.09 8.57
C PHE C 187 -15.00 -4.05 9.77
N THR C 188 -16.11 -4.69 10.13
CA THR C 188 -16.12 -5.58 11.29
C THR C 188 -15.61 -6.99 10.96
N THR C 189 -14.96 -7.60 11.93
CA THR C 189 -14.58 -9.01 11.87
C THR C 189 -15.14 -9.73 13.08
N ASN C 190 -15.91 -10.79 12.85
CA ASN C 190 -16.43 -11.62 13.92
C ASN C 190 -15.43 -12.68 14.32
N ILE C 191 -15.44 -13.00 15.60
CA ILE C 191 -14.61 -14.06 16.14
C ILE C 191 -15.54 -15.00 16.86
N TRP C 192 -15.80 -16.15 16.28
CA TRP C 192 -16.74 -17.11 16.85
C TRP C 192 -16.03 -18.06 17.81
N LEU C 193 -16.58 -18.21 19.01
CA LEU C 193 -15.93 -18.92 20.10
C LEU C 193 -16.68 -20.21 20.42
N LYS C 194 -15.93 -21.22 20.87
CA LYS C 194 -16.50 -22.46 21.39
C LYS C 194 -15.97 -22.66 22.80
N LEU C 195 -16.78 -23.24 23.67
CA LEU C 195 -16.29 -23.50 25.02
C LEU C 195 -15.16 -24.52 24.99
N ARG C 196 -14.15 -24.31 25.84
CA ARG C 196 -13.09 -25.29 25.89
C ARG C 196 -13.62 -26.52 26.60
N ASP C 197 -12.85 -27.61 26.51
CA ASP C 197 -13.22 -28.81 27.22
C ASP C 197 -12.54 -28.95 28.57
N SER C 198 -11.36 -28.35 28.75
CA SER C 198 -10.66 -28.46 30.02
C SER C 198 -10.03 -27.12 30.39
N TYR C 199 -9.73 -26.93 31.67
CA TYR C 199 -9.22 -25.66 32.16
C TYR C 199 -7.75 -25.45 31.81
N THR C 200 -7.38 -24.19 31.55
CA THR C 200 -5.99 -23.90 31.21
C THR C 200 -5.63 -22.47 31.57
N GLN C 201 -4.41 -22.25 32.03
CA GLN C 201 -3.94 -20.90 32.28
C GLN C 201 -3.50 -20.17 31.01
N VAL C 202 -3.31 -20.87 29.91
CA VAL C 202 -2.69 -20.26 28.74
C VAL C 202 -3.74 -19.47 27.97
N CYS C 203 -3.40 -18.24 27.62
CA CYS C 203 -4.20 -17.45 26.71
C CYS C 203 -4.49 -18.23 25.43
N ASP C 204 -5.60 -17.91 24.77
CA ASP C 204 -5.99 -18.56 23.52
C ASP C 204 -5.14 -18.02 22.36
N HIS C 205 -4.25 -18.87 21.82
CA HIS C 205 -3.27 -18.39 20.87
C HIS C 205 -3.88 -17.91 19.56
N ARG C 206 -5.10 -18.34 19.21
CA ARG C 206 -5.72 -17.91 17.96
C ARG C 206 -5.87 -16.41 17.87
N LEU C 207 -5.72 -15.69 18.98
CA LEU C 207 -5.84 -14.23 19.01
C LEU C 207 -4.49 -13.54 19.02
N MET C 208 -3.41 -14.30 19.04
CA MET C 208 -2.09 -13.77 19.37
C MET C 208 -1.16 -13.80 18.17
N SER C 209 -0.11 -12.99 18.25
CA SER C 209 0.84 -12.90 17.16
C SER C 209 2.15 -12.29 17.67
N ALA C 210 3.19 -12.51 16.88
CA ALA C 210 4.49 -11.92 17.16
C ALA C 210 5.26 -11.82 15.86
N ALA C 211 6.22 -10.90 15.85
CA ALA C 211 6.92 -10.70 14.61
C ALA C 211 8.20 -9.97 14.94
N ILE C 212 9.21 -10.19 14.12
CA ILE C 212 10.52 -9.57 14.30
C ILE C 212 11.16 -9.48 12.93
N LYS C 213 11.87 -8.38 12.67
CA LYS C 213 12.62 -8.25 11.42
C LYS C 213 13.77 -7.29 11.67
N ASP C 214 15.01 -7.74 11.40
CA ASP C 214 16.19 -6.94 11.68
C ASP C 214 16.34 -6.63 13.15
N SER C 215 16.00 -5.40 13.57
CA SER C 215 16.22 -4.97 14.95
C SER C 215 14.96 -4.40 15.59
N LYS C 216 13.80 -4.93 15.26
CA LYS C 216 12.55 -4.53 15.88
C LYS C 216 11.77 -5.80 16.12
N ALA C 217 11.01 -5.84 17.21
CA ALA C 217 10.27 -7.05 17.49
C ALA C 217 8.99 -6.68 18.21
N VAL C 218 7.95 -7.45 17.94
CA VAL C 218 6.65 -7.23 18.55
C VAL C 218 6.13 -8.57 19.00
N HIS C 219 5.58 -8.60 20.20
CA HIS C 219 4.57 -9.58 20.61
C HIS C 219 3.25 -8.82 20.71
N ALA C 220 2.16 -9.46 20.31
CA ALA C 220 0.97 -8.67 20.07
C ALA C 220 -0.28 -9.47 20.37
N ASP C 221 -1.35 -8.73 20.61
CA ASP C 221 -2.55 -9.31 21.21
C ASP C 221 -3.71 -8.39 20.85
N MET C 222 -4.92 -8.84 21.13
CA MET C 222 -6.05 -7.92 21.05
C MET C 222 -5.93 -6.77 22.06
N GLY C 223 -5.12 -6.93 23.12
CA GLY C 223 -4.99 -5.91 24.13
C GLY C 223 -3.57 -5.55 24.55
N TYR C 224 -2.60 -6.36 24.17
CA TYR C 224 -1.21 -6.07 24.46
C TYR C 224 -0.46 -5.74 23.17
N TRP C 225 0.37 -4.72 23.19
CA TRP C 225 1.33 -4.46 22.12
C TRP C 225 2.68 -4.16 22.77
N ILE C 226 3.63 -5.08 22.64
CA ILE C 226 4.89 -5.06 23.39
C ILE C 226 6.01 -5.01 22.36
N GLU C 227 6.70 -3.88 22.31
CA GLU C 227 7.75 -3.59 21.34
C GLU C 227 9.10 -3.80 22.00
N SER C 228 9.98 -4.49 21.32
CA SER C 228 11.36 -4.59 21.77
C SER C 228 12.29 -4.26 20.61
N GLU C 229 13.46 -3.72 20.92
CA GLU C 229 14.36 -3.40 19.83
C GLU C 229 15.79 -3.56 20.34
N LYS C 230 16.72 -3.76 19.43
CA LYS C 230 18.14 -3.90 19.75
C LYS C 230 18.87 -2.59 19.46
N ASN C 231 19.30 -1.90 20.49
CA ASN C 231 20.26 -0.82 20.33
C ASN C 231 21.53 -1.30 21.01
N GLU C 232 22.49 -1.78 20.22
CA GLU C 232 23.69 -2.43 20.72
C GLU C 232 23.30 -3.77 21.36
N THR C 233 22.15 -3.80 22.06
CA THR C 233 21.70 -4.98 22.78
C THR C 233 20.16 -5.03 22.78
N TRP C 234 19.60 -6.26 22.76
CA TRP C 234 18.16 -6.46 22.69
C TRP C 234 17.47 -6.20 24.03
N LYS C 235 16.47 -5.33 24.04
CA LYS C 235 15.73 -5.10 25.27
C LYS C 235 14.33 -4.60 24.99
N LEU C 236 13.52 -4.62 26.03
CA LEU C 236 12.14 -4.14 25.99
C LEU C 236 12.10 -2.63 25.87
N ALA C 237 11.34 -2.13 24.91
CA ALA C 237 11.39 -0.71 24.56
C ALA C 237 10.18 0.10 24.97
N ARG C 238 8.97 -0.45 24.88
CA ARG C 238 7.75 0.24 25.25
C ARG C 238 6.60 -0.74 25.11
N ALA C 239 5.50 -0.46 25.80
CA ALA C 239 4.33 -1.31 25.61
C ALA C 239 3.04 -0.50 25.72
N SER C 240 1.96 -1.13 25.32
CA SER C 240 0.64 -0.55 25.34
C SER C 240 -0.32 -1.59 25.90
N PHE C 241 -1.05 -1.23 26.94
CA PHE C 241 -1.97 -2.15 27.58
C PHE C 241 -3.35 -1.53 27.62
N ILE C 242 -4.29 -2.18 26.95
CA ILE C 242 -5.71 -1.81 26.98
C ILE C 242 -6.47 -2.63 28.01
N GLU C 243 -5.89 -3.71 28.50
CA GLU C 243 -6.42 -4.55 29.54
C GLU C 243 -5.17 -5.05 30.23
N VAL C 244 -5.28 -5.51 31.45
CA VAL C 244 -4.20 -6.28 32.05
C VAL C 244 -4.77 -7.62 32.43
N LYS C 245 -4.34 -8.67 31.76
CA LYS C 245 -4.99 -9.95 32.00
C LYS C 245 -4.09 -10.89 32.79
N THR C 246 -4.68 -12.02 33.16
CA THR C 246 -4.07 -12.96 34.08
C THR C 246 -3.96 -14.35 33.50
N CYS C 247 -4.07 -14.46 32.18
CA CYS C 247 -3.69 -15.67 31.50
C CYS C 247 -2.17 -15.73 31.38
N ILE C 248 -1.66 -16.89 31.02
CA ILE C 248 -0.23 -17.03 30.75
C ILE C 248 -0.07 -16.84 29.26
N TRP C 249 1.02 -16.19 28.85
CA TRP C 249 1.27 -15.98 27.42
C TRP C 249 1.87 -17.24 26.79
N PRO C 250 1.31 -17.74 25.71
CA PRO C 250 1.73 -19.04 25.17
C PRO C 250 3.15 -19.01 24.61
N LYS C 251 3.91 -20.06 24.90
CA LYS C 251 5.29 -20.14 24.42
C LYS C 251 5.36 -20.20 22.92
N SER C 252 4.47 -20.94 22.29
CA SER C 252 4.59 -21.11 20.85
C SER C 252 4.52 -19.78 20.11
N HIS C 253 3.87 -18.77 20.68
CA HIS C 253 3.84 -17.44 20.06
C HIS C 253 4.80 -16.49 20.75
N THR C 254 5.97 -16.97 21.16
CA THR C 254 6.96 -16.18 21.85
C THR C 254 8.30 -16.22 21.14
N LEU C 255 8.93 -15.05 20.99
CA LEU C 255 10.30 -14.98 20.51
C LEU C 255 11.25 -15.22 21.66
N TRP C 256 12.32 -16.01 21.41
CA TRP C 256 13.44 -16.08 22.33
C TRP C 256 12.95 -16.49 23.72
N SER C 257 12.39 -17.68 23.77
CA SER C 257 11.73 -18.15 24.97
C SER C 257 12.58 -19.11 25.76
N ASN C 258 13.83 -19.30 25.36
CA ASN C 258 14.74 -20.21 26.03
C ASN C 258 15.54 -19.48 27.10
N GLY C 259 15.77 -20.17 28.21
CA GLY C 259 16.58 -19.61 29.28
C GLY C 259 16.03 -18.34 29.91
N VAL C 260 14.71 -18.20 29.97
CA VAL C 260 14.12 -17.00 30.54
C VAL C 260 14.08 -17.10 32.05
N LEU C 261 14.35 -16.00 32.72
CA LEU C 261 14.19 -15.94 34.17
C LEU C 261 12.91 -15.19 34.49
N GLU C 262 11.93 -15.88 35.07
CA GLU C 262 10.66 -15.22 35.41
C GLU C 262 10.90 -14.03 36.31
N SER C 263 11.93 -14.10 37.12
CA SER C 263 12.26 -13.01 38.01
C SER C 263 12.76 -11.80 37.27
N GLU C 264 13.14 -11.96 36.01
CA GLU C 264 13.72 -10.85 35.28
C GLU C 264 12.81 -10.29 34.18
N MET C 265 11.60 -10.89 34.01
CA MET C 265 10.60 -10.47 33.03
C MET C 265 9.95 -9.18 33.49
N ILE C 266 10.18 -8.10 32.75
CA ILE C 266 9.64 -6.81 33.16
C ILE C 266 8.14 -6.90 33.24
N ILE C 267 7.48 -7.26 32.14
CA ILE C 267 6.05 -7.49 32.26
C ILE C 267 5.90 -8.83 32.96
N PRO C 268 5.25 -8.88 34.12
CA PRO C 268 5.26 -10.12 34.90
C PRO C 268 4.55 -11.25 34.17
N LYS C 269 5.08 -12.46 34.36
CA LYS C 269 4.49 -13.63 33.73
C LYS C 269 3.03 -13.76 34.11
N ILE C 270 2.70 -13.45 35.37
CA ILE C 270 1.35 -13.69 35.85
C ILE C 270 0.35 -12.77 35.18
N TYR C 271 0.79 -11.70 34.54
CA TYR C 271 -0.13 -10.86 33.77
C TYR C 271 0.10 -10.99 32.26
N GLY C 272 0.50 -12.17 31.81
CA GLY C 272 0.56 -12.35 30.40
C GLY C 272 1.78 -11.77 29.75
N GLY C 273 2.78 -11.36 30.52
CA GLY C 273 4.02 -10.96 29.93
C GLY C 273 4.58 -12.15 29.16
N PRO C 274 5.08 -11.94 27.96
CA PRO C 274 5.77 -13.03 27.25
C PRO C 274 6.97 -13.58 28.00
N ILE C 275 7.05 -14.89 28.10
CA ILE C 275 8.20 -15.50 28.75
C ILE C 275 9.38 -15.43 27.79
N SER C 276 9.96 -14.25 27.62
CA SER C 276 10.91 -13.98 26.56
C SER C 276 12.02 -13.05 27.00
N GLN C 277 13.19 -13.22 26.44
CA GLN C 277 14.25 -12.29 26.78
C GLN C 277 14.02 -10.91 26.18
N HIS C 278 13.03 -10.75 25.27
CA HIS C 278 12.63 -9.41 24.83
C HIS C 278 11.94 -8.64 25.96
N ASN C 279 11.36 -9.37 26.88
CA ASN C 279 10.71 -8.84 28.06
C ASN C 279 11.72 -8.60 29.19
N TYR C 280 12.94 -8.22 28.86
CA TYR C 280 13.96 -7.92 29.86
C TYR C 280 14.30 -6.43 29.81
N ARG C 281 14.88 -5.92 30.87
CA ARG C 281 15.45 -4.61 30.64
C ARG C 281 16.64 -4.58 31.58
N PRO C 282 17.83 -4.24 31.10
CA PRO C 282 19.03 -4.35 31.92
C PRO C 282 18.87 -3.51 33.17
N GLY C 283 18.98 -4.17 34.33
CA GLY C 283 18.94 -3.46 35.59
C GLY C 283 17.59 -3.38 36.24
N TYR C 284 16.55 -3.96 35.64
CA TYR C 284 15.21 -3.98 36.21
C TYR C 284 14.82 -5.43 36.45
N PHE C 285 13.92 -5.64 37.42
CA PHE C 285 13.41 -6.99 37.66
C PHE C 285 11.90 -7.00 37.49
N THR C 286 11.29 -8.19 37.65
CA THR C 286 9.88 -8.34 37.33
C THR C 286 9.03 -7.35 38.13
N GLN C 287 8.12 -6.69 37.45
CA GLN C 287 7.36 -5.60 38.06
C GLN C 287 6.04 -6.09 38.65
N THR C 288 6.14 -7.03 39.59
CA THR C 288 4.96 -7.54 40.26
C THR C 288 4.22 -6.43 40.98
N ALA C 289 4.95 -5.45 41.51
CA ALA C 289 4.31 -4.33 42.17
C ALA C 289 4.23 -3.10 41.27
N GLY C 290 4.25 -3.29 39.97
CA GLY C 290 3.98 -2.20 39.08
C GLY C 290 2.52 -1.82 39.20
N PRO C 291 2.17 -0.68 38.65
CA PRO C 291 0.82 -0.15 38.81
C PRO C 291 -0.19 -0.81 37.89
N TRP C 292 -0.14 -2.14 37.76
CA TRP C 292 -1.05 -2.85 36.88
C TRP C 292 -2.51 -2.69 37.30
N HIS C 293 -2.79 -2.23 38.52
CA HIS C 293 -4.15 -2.01 38.99
C HIS C 293 -4.85 -0.95 38.18
N LEU C 294 -4.09 -0.06 37.55
CA LEU C 294 -4.65 0.96 36.69
C LEU C 294 -5.52 0.33 35.59
N GLY C 295 -5.27 -0.94 35.28
CA GLY C 295 -6.10 -1.68 34.37
C GLY C 295 -5.90 -1.34 32.93
N LYS C 296 -5.16 -0.29 32.64
CA LYS C 296 -4.99 0.19 31.29
C LYS C 296 -3.89 1.22 31.39
N LEU C 297 -2.80 1.03 30.67
CA LEU C 297 -1.64 1.85 30.98
C LEU C 297 -0.68 1.69 29.83
N GLU C 298 0.37 2.52 29.85
CA GLU C 298 1.29 2.65 28.73
C GLU C 298 2.71 2.65 29.27
N LEU C 299 3.49 1.64 28.91
CA LEU C 299 4.84 1.46 29.41
C LEU C 299 5.92 1.88 28.42
N ASP C 300 6.95 2.58 28.91
CA ASP C 300 8.15 2.86 28.13
C ASP C 300 9.26 3.28 29.07
N PHE C 301 10.34 3.81 28.51
CA PHE C 301 11.50 4.15 29.32
C PHE C 301 11.88 5.62 29.09
N ASP C 302 11.42 6.48 29.98
CA ASP C 302 11.62 7.90 29.78
C ASP C 302 11.28 8.55 31.09
N PHE C 303 11.94 9.67 31.38
CA PHE C 303 11.69 10.35 32.64
C PHE C 303 10.28 10.93 32.66
N CYS C 304 9.65 10.87 33.82
CA CYS C 304 8.35 11.49 33.93
C CYS C 304 8.46 12.99 34.04
N GLU C 305 7.39 13.66 33.63
CA GLU C 305 7.40 15.09 33.52
C GLU C 305 7.86 15.67 34.83
N GLY C 306 8.90 16.47 34.78
CA GLY C 306 9.31 17.19 35.97
C GLY C 306 10.01 16.39 37.04
N THR C 307 10.65 15.29 36.69
CA THR C 307 11.45 14.51 37.65
C THR C 307 12.85 14.26 37.10
N THR C 308 13.72 13.78 37.97
CA THR C 308 15.02 13.28 37.57
C THR C 308 15.29 11.99 38.31
N VAL C 309 15.99 11.06 37.66
CA VAL C 309 16.37 9.80 38.29
C VAL C 309 17.88 9.70 38.21
N VAL C 310 18.49 9.31 39.33
CA VAL C 310 19.92 9.14 39.41
C VAL C 310 20.24 7.75 39.96
N VAL C 311 21.33 7.18 39.48
CA VAL C 311 21.78 5.88 39.96
C VAL C 311 22.61 6.11 41.21
N ASP C 312 22.13 5.60 42.32
CA ASP C 312 22.83 5.82 43.58
C ASP C 312 22.74 4.55 44.39
N GLU C 313 23.90 4.05 44.77
CA GLU C 313 23.99 2.84 45.55
C GLU C 313 23.23 2.97 46.87
N HIS C 314 23.05 4.21 47.34
CA HIS C 314 22.41 4.59 48.59
C HIS C 314 20.87 4.60 48.62
N CYS C 315 20.16 4.39 47.50
CA CYS C 315 18.71 4.43 47.64
C CYS C 315 18.23 3.27 48.47
N GLY C 316 16.95 3.31 48.76
CA GLY C 316 16.30 2.15 49.29
C GLY C 316 16.25 1.04 48.26
N ASN C 317 15.86 -0.12 48.75
CA ASN C 317 15.63 -1.28 47.92
C ASN C 317 14.33 -1.09 47.12
N ARG C 318 14.20 -1.89 46.07
CA ARG C 318 13.01 -1.79 45.24
C ARG C 318 11.80 -2.15 46.07
N GLY C 319 10.72 -1.44 45.80
CA GLY C 319 9.47 -1.69 46.45
C GLY C 319 8.35 -1.36 45.49
N PRO C 320 7.12 -1.39 45.98
CA PRO C 320 5.98 -1.19 45.08
C PRO C 320 6.04 0.17 44.40
N SER C 321 5.59 0.20 43.15
CA SER C 321 5.67 1.40 42.32
C SER C 321 5.06 2.62 43.00
N LEU C 322 5.73 3.77 42.86
CA LEU C 322 5.20 5.01 43.41
C LEU C 322 4.77 5.94 42.30
N ARG C 323 3.76 6.74 42.59
CA ARG C 323 3.26 7.71 41.64
C ARG C 323 4.06 8.99 41.80
N THR C 324 4.44 9.60 40.69
CA THR C 324 5.23 10.81 40.77
C THR C 324 4.42 12.00 41.21
N THR C 325 3.10 11.89 41.32
CA THR C 325 2.32 13.02 41.80
C THR C 325 1.72 12.63 43.15
N THR C 326 1.89 13.49 44.15
CA THR C 326 1.43 13.25 45.50
C THR C 326 -0.09 13.06 45.51
N VAL C 327 -0.65 12.71 46.68
CA VAL C 327 -2.10 12.73 46.80
C VAL C 327 -2.63 14.15 46.61
N THR C 328 -1.83 15.16 47.00
CA THR C 328 -2.21 16.56 46.89
C THR C 328 -1.68 17.25 45.64
N GLY C 329 -1.29 16.50 44.62
CA GLY C 329 -0.80 17.06 43.40
C GLY C 329 0.61 17.59 43.40
N LYS C 330 1.37 17.41 44.50
CA LYS C 330 2.77 17.81 44.49
C LYS C 330 3.57 16.85 43.61
N ILE C 331 4.47 17.38 42.84
CA ILE C 331 5.33 16.53 42.05
C ILE C 331 6.55 16.21 42.89
N ILE C 332 7.03 14.98 42.82
CA ILE C 332 8.16 14.56 43.62
C ILE C 332 9.41 14.68 42.75
N HIS C 333 10.27 15.65 43.07
CA HIS C 333 11.29 16.05 42.11
C HIS C 333 12.39 15.01 42.02
N GLU C 334 13.01 14.66 43.14
CA GLU C 334 14.25 13.90 43.10
C GLU C 334 13.97 12.42 43.33
N TRP C 335 14.30 11.61 42.34
CA TRP C 335 14.21 10.16 42.49
C TRP C 335 15.58 9.56 42.26
N CYS C 336 15.71 8.28 42.64
CA CYS C 336 16.97 7.57 42.49
C CYS C 336 16.64 6.07 42.42
N CYS C 337 17.63 5.30 41.97
CA CYS C 337 17.53 3.85 41.88
C CYS C 337 18.91 3.26 42.17
N ARG C 338 18.91 2.10 42.84
CA ARG C 338 20.14 1.49 43.33
C ARG C 338 21.04 1.03 42.17
N SER C 339 20.48 0.25 41.25
CA SER C 339 21.32 -0.26 40.18
C SER C 339 20.57 -0.42 38.85
N CYS C 340 19.45 0.26 38.66
CA CYS C 340 18.77 0.22 37.37
C CYS C 340 19.63 0.90 36.30
N THR C 341 19.11 0.99 35.09
CA THR C 341 19.79 1.74 34.04
C THR C 341 18.80 2.74 33.47
N LEU C 342 19.29 3.94 33.20
CA LEU C 342 18.47 5.00 32.63
C LEU C 342 18.34 4.77 31.13
N PRO C 343 17.26 5.27 30.50
CA PRO C 343 16.10 5.96 31.06
C PRO C 343 15.32 5.04 32.01
N PRO C 344 14.54 5.64 32.90
CA PRO C 344 13.86 4.86 33.93
C PRO C 344 12.57 4.25 33.43
N LEU C 345 12.29 3.04 33.93
CA LEU C 345 11.06 2.35 33.58
C LEU C 345 9.88 3.09 34.17
N ARG C 346 8.98 3.59 33.32
CA ARG C 346 7.85 4.38 33.79
C ARG C 346 6.57 3.85 33.19
N PHE C 347 5.48 3.91 33.97
CA PHE C 347 4.14 3.58 33.51
C PHE C 347 3.32 4.85 33.55
N LYS C 348 2.58 5.12 32.49
CA LYS C 348 1.71 6.27 32.42
C LYS C 348 0.27 5.77 32.49
N GLY C 349 -0.54 6.40 33.35
CA GLY C 349 -1.89 5.93 33.57
C GLY C 349 -2.87 7.08 33.63
N GLU C 350 -4.14 6.73 33.88
CA GLU C 350 -5.21 7.71 33.94
C GLU C 350 -4.90 8.80 34.95
N ASP C 351 -4.39 8.44 36.11
CA ASP C 351 -4.20 9.37 37.19
C ASP C 351 -2.78 9.93 37.24
N GLY C 352 -1.98 9.70 36.21
CA GLY C 352 -0.66 10.32 36.12
C GLY C 352 0.41 9.38 35.63
N CYS C 353 1.65 9.62 35.98
CA CYS C 353 2.73 8.71 35.61
C CYS C 353 3.26 8.03 36.90
N TRP C 354 3.75 6.81 36.75
CA TRP C 354 4.31 6.00 37.83
C TRP C 354 5.68 5.48 37.43
N TYR C 355 6.54 5.22 38.41
CA TYR C 355 7.88 4.73 38.12
C TYR C 355 8.05 3.28 38.54
N GLY C 356 9.00 2.62 37.87
CA GLY C 356 9.30 1.22 38.14
C GLY C 356 9.69 0.95 39.58
N MET C 357 9.63 -0.33 39.97
CA MET C 357 9.80 -0.67 41.38
C MET C 357 11.14 -0.20 41.90
N GLU C 358 12.17 -0.30 41.09
CA GLU C 358 13.52 0.07 41.52
C GLU C 358 13.69 1.56 41.80
N ILE C 359 12.88 2.43 41.20
CA ILE C 359 13.00 3.88 41.37
C ILE C 359 12.40 4.32 42.69
N ARG C 360 13.16 5.05 43.49
CA ARG C 360 12.60 5.48 44.76
C ARG C 360 12.87 6.96 44.95
N PRO C 361 12.08 7.64 45.78
CA PRO C 361 12.35 9.05 46.02
C PRO C 361 13.61 9.16 46.86
N VAL C 362 14.55 10.00 46.39
CA VAL C 362 15.83 10.09 47.08
C VAL C 362 15.62 10.68 48.46
N LYS C 363 14.60 11.54 48.62
CA LYS C 363 14.35 12.16 49.91
C LYS C 363 13.69 11.20 50.91
N ASP C 364 13.60 9.90 50.54
CA ASP C 364 13.15 8.83 51.44
C ASP C 364 11.73 9.13 51.90
N LYS C 365 11.13 8.21 52.66
CA LYS C 365 9.70 8.34 52.94
C LYS C 365 9.39 9.63 53.70
N GLU C 366 8.57 10.44 53.03
CA GLU C 366 7.96 11.65 53.53
C GLU C 366 6.62 11.78 52.84
N GLU C 367 5.88 12.84 53.19
CA GLU C 367 4.71 13.31 52.46
C GLU C 367 3.55 12.32 52.37
N ASN C 368 2.60 12.61 51.48
CA ASN C 368 1.44 11.76 51.28
C ASN C 368 1.72 10.94 50.04
N LEU C 369 2.26 9.75 50.21
CA LEU C 369 2.65 8.95 49.06
C LEU C 369 1.52 8.06 48.57
N VAL C 370 1.50 7.83 47.25
CA VAL C 370 0.54 6.94 46.60
C VAL C 370 1.32 5.74 46.11
N LYS C 371 0.99 4.55 46.61
CA LYS C 371 1.70 3.36 46.17
C LYS C 371 0.70 2.30 45.72
N SER C 372 1.16 1.39 44.87
CA SER C 372 0.36 0.27 44.35
C SER C 372 0.45 -0.98 45.24
N MET C 373 -0.41 -1.97 44.95
CA MET C 373 -0.41 -3.28 45.66
C MET C 373 0.51 -4.30 44.99
N GLY D 14 -19.25 1.51 3.48
CA GLY D 14 -19.11 2.27 4.73
C GLY D 14 -17.70 2.55 5.24
N THR D 15 -17.61 3.20 6.41
CA THR D 15 -16.35 3.68 6.96
C THR D 15 -15.86 2.84 8.13
N GLU D 16 -14.56 2.60 8.17
CA GLU D 16 -13.98 1.85 9.28
C GLU D 16 -12.82 2.64 9.90
N ASN D 17 -12.32 2.12 11.04
CA ASN D 17 -11.37 2.83 11.91
C ASN D 17 -10.09 2.03 12.08
N LEU D 18 -8.97 2.67 11.74
CA LEU D 18 -7.69 2.01 11.58
C LEU D 18 -6.59 2.82 12.23
N TYR D 19 -5.64 2.11 12.84
CA TYR D 19 -4.50 2.73 13.47
C TYR D 19 -3.36 2.80 12.46
N PHE D 20 -2.66 3.94 12.40
CA PHE D 20 -1.47 4.05 11.57
C PHE D 20 -0.33 4.70 12.36
N GLN D 21 0.89 4.30 12.04
CA GLN D 21 2.08 4.84 12.68
C GLN D 21 3.11 5.25 11.63
N SER D 22 3.80 6.36 11.91
CA SER D 22 4.75 6.92 10.95
C SER D 22 5.98 6.03 10.80
N ASN D 23 6.39 5.36 11.86
CA ASN D 23 7.64 4.61 11.88
C ASN D 23 7.43 3.12 11.83
N ALA D 24 6.23 2.66 11.51
CA ALA D 24 6.01 1.23 11.34
C ALA D 24 5.63 0.91 9.90
N ASP D 25 5.65 -0.37 9.58
CA ASP D 25 5.16 -0.83 8.30
C ASP D 25 3.64 -0.62 8.30
N SER D 26 3.17 0.41 7.59
CA SER D 26 1.77 0.81 7.56
C SER D 26 1.18 0.66 6.18
N GLY D 27 -0.05 0.14 6.09
CA GLY D 27 -0.71 -0.04 4.82
C GLY D 27 -1.86 -1.03 4.92
N CYS D 28 -2.39 -1.38 3.75
CA CYS D 28 -3.42 -2.40 3.62
C CYS D 28 -2.87 -3.54 2.79
N VAL D 29 -3.31 -4.75 3.10
CA VAL D 29 -2.71 -5.96 2.55
C VAL D 29 -3.83 -6.98 2.38
N ILE D 30 -3.75 -7.78 1.32
CA ILE D 30 -4.86 -8.66 0.98
C ILE D 30 -4.43 -10.11 1.10
N ASN D 31 -5.36 -10.94 1.52
CA ASN D 31 -5.24 -12.39 1.57
C ASN D 31 -6.31 -12.97 0.66
N TRP D 32 -5.95 -13.43 -0.55
CA TRP D 32 -6.98 -13.84 -1.51
C TRP D 32 -7.86 -14.94 -0.94
N LYS D 33 -7.25 -16.04 -0.52
CA LYS D 33 -7.98 -17.05 0.24
C LYS D 33 -8.26 -16.53 1.64
N GLY D 34 -9.41 -16.92 2.19
CA GLY D 34 -9.87 -16.32 3.42
C GLY D 34 -10.38 -14.91 3.28
N ARG D 35 -10.25 -14.31 2.09
CA ARG D 35 -10.72 -12.99 1.71
C ARG D 35 -10.69 -12.00 2.87
N GLU D 36 -9.48 -11.71 3.35
CA GLU D 36 -9.19 -10.84 4.48
C GLU D 36 -8.41 -9.66 3.92
N LEU D 37 -9.00 -8.47 3.97
CA LEU D 37 -8.27 -7.21 3.78
C LEU D 37 -7.86 -6.70 5.15
N LYS D 38 -6.56 -6.55 5.40
CA LYS D 38 -6.07 -6.12 6.71
C LYS D 38 -5.30 -4.82 6.57
N CYS D 39 -5.70 -3.79 7.32
CA CYS D 39 -5.00 -2.51 7.29
C CYS D 39 -4.56 -2.14 8.70
N GLY D 40 -3.38 -1.55 8.81
CA GLY D 40 -2.88 -1.16 10.12
C GLY D 40 -1.41 -0.79 10.08
N SER D 41 -0.78 -0.88 11.23
CA SER D 41 0.64 -0.59 11.35
C SER D 41 1.33 -1.70 12.11
N GLY D 42 2.52 -2.05 11.70
CA GLY D 42 3.17 -3.10 12.44
C GLY D 42 4.44 -3.56 11.77
N ILE D 43 4.55 -4.86 11.58
CA ILE D 43 5.71 -5.44 10.94
C ILE D 43 5.20 -6.37 9.86
N PHE D 44 5.74 -6.19 8.65
CA PHE D 44 5.37 -6.99 7.48
C PHE D 44 6.57 -7.87 7.15
N VAL D 45 6.46 -9.15 7.45
CA VAL D 45 7.48 -10.12 7.09
C VAL D 45 7.13 -10.70 5.74
N THR D 46 8.03 -10.53 4.78
CA THR D 46 7.80 -10.97 3.41
C THR D 46 8.77 -12.08 3.06
N ASN D 47 8.42 -12.83 2.02
CA ASN D 47 9.21 -13.93 1.52
C ASN D 47 10.21 -13.38 0.52
N GLU D 48 11.41 -13.09 0.98
CA GLU D 48 12.35 -12.44 0.10
C GLU D 48 13.11 -13.45 -0.75
N VAL D 49 12.70 -14.71 -0.73
CA VAL D 49 13.52 -15.73 -1.35
C VAL D 49 13.44 -15.68 -2.87
N HIS D 50 12.25 -15.61 -3.45
CA HIS D 50 12.15 -15.83 -4.89
C HIS D 50 12.63 -14.64 -5.74
N THR D 51 12.84 -13.48 -5.13
CA THR D 51 13.20 -12.25 -5.81
C THR D 51 14.61 -11.71 -5.50
N TRP D 52 15.43 -12.45 -4.74
CA TRP D 52 16.58 -11.85 -4.06
C TRP D 52 17.63 -11.34 -5.05
N THR D 53 17.81 -12.05 -6.16
CA THR D 53 18.89 -11.78 -7.08
C THR D 53 18.81 -10.36 -7.63
N GLU D 54 17.60 -9.90 -7.95
CA GLU D 54 17.43 -8.53 -8.43
C GLU D 54 17.14 -7.51 -7.32
N GLN D 55 16.56 -7.97 -6.19
CA GLN D 55 16.08 -7.08 -5.15
C GLN D 55 17.17 -6.65 -4.15
N TYR D 56 18.18 -7.50 -3.88
CA TYR D 56 19.18 -7.18 -2.86
C TYR D 56 20.59 -7.33 -3.42
N LYS D 57 21.48 -6.44 -2.95
CA LYS D 57 22.87 -6.41 -3.39
C LYS D 57 23.79 -6.15 -2.19
N PHE D 58 24.66 -7.10 -1.86
CA PHE D 58 25.68 -6.89 -0.82
C PHE D 58 26.80 -5.99 -1.31
N GLN D 59 27.37 -5.21 -0.39
CA GLN D 59 28.41 -4.25 -0.72
C GLN D 59 29.30 -3.94 0.48
N ALA D 60 30.62 -3.94 0.24
CA ALA D 60 31.63 -3.66 1.27
C ALA D 60 31.83 -2.16 1.45
N ASP D 61 32.19 -1.77 2.69
CA ASP D 61 32.25 -0.34 3.02
C ASP D 61 33.42 0.37 2.31
N SER D 62 34.64 -0.21 2.36
CA SER D 62 35.76 0.36 1.60
C SER D 62 36.64 -0.77 1.06
N PRO D 63 36.63 -1.00 -0.25
CA PRO D 63 37.44 -2.09 -0.82
C PRO D 63 38.91 -1.99 -0.47
N LYS D 64 39.46 -0.78 -0.31
CA LYS D 64 40.88 -0.66 0.03
C LYS D 64 41.15 -1.24 1.41
N ARG D 65 40.39 -0.81 2.42
CA ARG D 65 40.62 -1.34 3.76
C ARG D 65 40.39 -2.83 3.80
N LEU D 66 39.47 -3.32 2.98
CA LEU D 66 39.23 -4.76 2.91
C LEU D 66 40.48 -5.48 2.41
N SER D 67 41.09 -4.99 1.34
CA SER D 67 42.23 -5.68 0.76
C SER D 67 43.35 -5.82 1.79
N ALA D 68 43.58 -4.78 2.59
CA ALA D 68 44.61 -4.83 3.60
C ALA D 68 44.32 -5.89 4.63
N ALA D 69 43.05 -6.05 5.01
CA ALA D 69 42.72 -7.09 5.98
C ALA D 69 43.04 -8.45 5.42
N ILE D 70 42.87 -8.63 4.11
CA ILE D 70 43.25 -9.89 3.49
C ILE D 70 44.76 -10.05 3.47
N GLY D 71 45.48 -8.99 3.14
CA GLY D 71 46.94 -9.04 3.18
C GLY D 71 47.42 -9.46 4.55
N LYS D 72 46.98 -8.74 5.58
CA LYS D 72 47.33 -9.14 6.93
C LYS D 72 46.84 -10.55 7.20
N ALA D 73 45.68 -10.89 6.67
CA ALA D 73 45.19 -12.24 6.88
C ALA D 73 46.09 -13.25 6.18
N TRP D 74 46.37 -13.03 4.89
CA TRP D 74 47.21 -13.98 4.17
C TRP D 74 48.61 -14.06 4.78
N GLU D 75 49.13 -12.93 5.26
CA GLU D 75 50.34 -13.00 6.06
C GLU D 75 50.13 -13.89 7.29
N GLU D 76 48.91 -13.87 7.86
CA GLU D 76 48.59 -14.56 9.11
C GLU D 76 48.30 -16.05 8.92
N GLY D 77 48.34 -16.57 7.71
CA GLY D 77 48.19 -17.99 7.49
C GLY D 77 46.79 -18.49 7.13
N VAL D 78 45.91 -17.62 6.61
CA VAL D 78 44.61 -18.04 6.09
C VAL D 78 44.68 -18.09 4.57
N CYS D 79 44.46 -19.27 4.00
CA CYS D 79 44.63 -19.46 2.57
C CYS D 79 43.45 -18.97 1.75
N GLY D 80 42.25 -18.97 2.33
CA GLY D 80 41.05 -18.64 1.57
C GLY D 80 39.86 -18.28 2.44
N ILE D 81 38.74 -18.02 1.77
CA ILE D 81 37.50 -17.62 2.43
C ILE D 81 36.35 -18.46 1.90
N ARG D 82 35.37 -18.74 2.77
CA ARG D 82 34.10 -19.30 2.34
C ARG D 82 33.00 -18.35 2.74
N SER D 83 32.17 -18.00 1.77
CA SER D 83 31.04 -17.13 2.01
C SER D 83 30.05 -17.81 2.94
N ALA D 84 29.36 -17.00 3.72
CA ALA D 84 28.30 -17.56 4.55
C ALA D 84 27.02 -17.71 3.76
N THR D 85 26.72 -16.71 2.94
CA THR D 85 25.43 -16.62 2.32
C THR D 85 25.65 -16.35 0.83
N ARG D 86 24.67 -16.74 0.02
CA ARG D 86 24.83 -16.60 -1.43
C ARG D 86 25.00 -15.15 -1.84
N LEU D 87 24.31 -14.25 -1.17
CA LEU D 87 24.55 -12.84 -1.44
C LEU D 87 26.01 -12.49 -1.22
N GLU D 88 26.61 -13.00 -0.15
CA GLU D 88 28.00 -12.69 0.09
C GLU D 88 28.87 -13.15 -1.07
N ASN D 89 28.56 -14.29 -1.67
CA ASN D 89 29.38 -14.78 -2.77
C ASN D 89 29.31 -13.85 -3.97
N ILE D 90 28.09 -13.47 -4.39
CA ILE D 90 27.95 -12.56 -5.53
C ILE D 90 28.68 -11.26 -5.27
N MET D 91 28.74 -10.86 -4.00
CA MET D 91 29.51 -9.68 -3.62
C MET D 91 30.99 -9.89 -3.92
N TRP D 92 31.51 -11.08 -3.61
CA TRP D 92 32.90 -11.36 -3.92
C TRP D 92 33.14 -11.32 -5.42
N LYS D 93 32.17 -11.79 -6.20
CA LYS D 93 32.33 -11.75 -7.66
C LYS D 93 32.38 -10.33 -8.20
N GLN D 94 31.56 -9.43 -7.66
CA GLN D 94 31.48 -8.10 -8.24
C GLN D 94 32.67 -7.22 -7.88
N ILE D 95 33.31 -7.49 -6.75
CA ILE D 95 34.41 -6.66 -6.29
C ILE D 95 35.78 -7.25 -6.61
N SER D 96 35.82 -8.52 -7.08
CA SER D 96 37.08 -9.25 -7.20
C SER D 96 38.06 -8.56 -8.15
N ASN D 97 37.59 -8.06 -9.29
CA ASN D 97 38.48 -7.35 -10.21
C ASN D 97 39.05 -6.09 -9.57
N GLU D 98 38.23 -5.35 -8.82
CA GLU D 98 38.71 -4.13 -8.19
C GLU D 98 39.69 -4.46 -7.08
N LEU D 99 39.52 -5.61 -6.43
CA LEU D 99 40.43 -6.02 -5.37
C LEU D 99 41.82 -6.28 -5.93
N ASN D 100 41.91 -7.12 -6.97
CA ASN D 100 43.20 -7.49 -7.53
C ASN D 100 43.96 -6.28 -8.03
N HIS D 101 43.24 -5.27 -8.54
CA HIS D 101 43.92 -4.05 -8.94
C HIS D 101 44.57 -3.37 -7.75
N ILE D 102 43.89 -3.39 -6.59
CA ILE D 102 44.44 -2.79 -5.38
C ILE D 102 45.68 -3.55 -4.91
N LEU D 103 45.68 -4.87 -5.07
CA LEU D 103 46.83 -5.64 -4.60
C LEU D 103 48.11 -5.30 -5.35
N LEU D 104 48.02 -4.76 -6.58
CA LEU D 104 49.19 -4.25 -7.30
C LEU D 104 49.77 -2.98 -6.64
N GLU D 105 48.90 -2.03 -6.29
CA GLU D 105 49.36 -0.80 -5.64
C GLU D 105 50.08 -1.10 -4.34
N ASN D 106 49.75 -2.23 -3.72
CA ASN D 106 50.34 -2.65 -2.47
C ASN D 106 51.43 -3.71 -2.70
N ASP D 107 51.82 -3.90 -3.96
CA ASP D 107 52.92 -4.79 -4.34
C ASP D 107 52.84 -6.15 -3.64
N MET D 108 51.61 -6.65 -3.50
CA MET D 108 51.35 -7.91 -2.81
C MET D 108 51.50 -9.09 -3.76
N LYS D 109 52.22 -10.10 -3.31
CA LYS D 109 52.55 -11.27 -4.14
C LYS D 109 51.52 -12.39 -3.92
N PHE D 110 50.28 -12.10 -4.27
CA PHE D 110 49.21 -13.10 -4.29
C PHE D 110 47.99 -12.49 -4.99
N THR D 111 47.06 -13.35 -5.40
CA THR D 111 45.86 -12.92 -6.11
C THR D 111 44.63 -13.59 -5.50
N VAL D 112 43.46 -13.01 -5.75
CA VAL D 112 42.20 -13.47 -5.18
C VAL D 112 41.36 -14.12 -6.26
N VAL D 113 40.94 -15.36 -6.02
CA VAL D 113 40.20 -16.18 -6.98
C VAL D 113 38.85 -16.54 -6.39
N VAL D 114 37.78 -16.33 -7.15
CA VAL D 114 36.41 -16.48 -6.66
C VAL D 114 35.67 -17.51 -7.48
N GLY D 115 35.26 -18.60 -6.82
CA GLY D 115 34.65 -19.72 -7.52
C GLY D 115 33.15 -19.76 -7.34
N ASP D 116 32.55 -20.78 -7.96
CA ASP D 116 31.10 -20.91 -7.88
C ASP D 116 30.72 -21.46 -6.51
N VAL D 117 29.44 -21.37 -6.19
CA VAL D 117 28.99 -21.87 -4.89
C VAL D 117 28.17 -23.12 -5.14
N SER D 118 28.80 -24.25 -4.86
CA SER D 118 28.26 -25.56 -5.15
C SER D 118 27.73 -26.16 -3.86
N GLY D 119 26.43 -26.42 -3.84
CA GLY D 119 25.92 -27.18 -2.72
C GLY D 119 26.03 -26.38 -1.44
N ILE D 120 26.42 -27.05 -0.35
CA ILE D 120 26.40 -26.39 0.94
C ILE D 120 27.54 -25.39 1.03
N LEU D 121 27.23 -24.21 1.59
CA LEU D 121 28.20 -23.14 1.80
C LEU D 121 28.93 -23.45 3.10
N ALA D 122 29.87 -24.38 3.00
CA ALA D 122 30.48 -25.01 4.17
C ALA D 122 31.22 -23.99 5.03
N GLN D 123 31.49 -24.39 6.27
CA GLN D 123 32.00 -23.47 7.28
C GLN D 123 33.52 -23.45 7.30
N GLY D 124 34.09 -22.24 7.29
CA GLY D 124 35.51 -22.04 7.46
C GLY D 124 35.72 -21.62 8.90
N LYS D 125 36.93 -21.84 9.42
CA LYS D 125 37.18 -21.66 10.84
C LYS D 125 37.96 -20.40 11.18
N LYS D 126 38.46 -19.66 10.20
CA LYS D 126 39.22 -18.48 10.58
C LYS D 126 38.35 -17.23 10.48
N MET D 127 38.95 -16.09 10.76
CA MET D 127 38.28 -14.81 10.69
C MET D 127 39.18 -13.83 9.95
N ILE D 128 38.56 -12.81 9.36
CA ILE D 128 39.30 -11.72 8.72
C ILE D 128 39.17 -10.50 9.62
N ARG D 129 40.27 -10.17 10.28
CA ARG D 129 40.27 -9.07 11.24
C ARG D 129 40.35 -7.74 10.51
N PRO D 130 39.52 -6.76 10.87
CA PRO D 130 39.58 -5.46 10.19
C PRO D 130 40.88 -4.76 10.55
N GLN D 131 41.23 -3.79 9.74
CA GLN D 131 42.48 -3.07 9.96
C GLN D 131 42.19 -1.64 10.42
N PRO D 132 43.20 -0.93 10.97
CA PRO D 132 42.95 0.44 11.45
C PRO D 132 42.86 1.51 10.34
N GLN D 153 49.42 -22.75 -3.74
CA GLN D 153 48.78 -22.62 -2.44
C GLN D 153 49.14 -21.27 -1.79
N ASN D 154 50.41 -20.88 -1.88
CA ASN D 154 50.82 -19.58 -1.38
C ASN D 154 50.48 -18.45 -2.36
N THR D 155 50.17 -18.79 -3.61
CA THR D 155 49.96 -17.77 -4.65
C THR D 155 48.52 -17.31 -4.78
N THR D 156 47.55 -18.10 -4.36
CA THR D 156 46.14 -17.77 -4.63
C THR D 156 45.32 -17.78 -3.35
N PHE D 157 44.58 -16.71 -3.12
CA PHE D 157 43.64 -16.59 -2.01
C PHE D 157 42.27 -16.94 -2.56
N ILE D 158 41.87 -18.19 -2.37
CA ILE D 158 40.71 -18.75 -3.03
C ILE D 158 39.47 -18.46 -2.22
N ILE D 159 38.46 -17.88 -2.87
CA ILE D 159 37.16 -17.64 -2.26
C ILE D 159 36.15 -18.62 -2.87
N ASP D 160 35.58 -19.47 -2.02
CA ASP D 160 34.54 -20.41 -2.39
C ASP D 160 35.05 -21.43 -3.40
N GLY D 161 34.34 -21.63 -4.52
CA GLY D 161 34.69 -22.69 -5.44
C GLY D 161 34.38 -24.04 -4.85
N PRO D 162 35.01 -25.09 -5.35
CA PRO D 162 34.84 -26.43 -4.77
C PRO D 162 35.73 -26.59 -3.55
N ASN D 163 35.54 -27.71 -2.85
CA ASN D 163 36.35 -28.02 -1.67
C ASN D 163 37.73 -28.55 -2.07
N THR D 164 38.77 -27.89 -1.56
CA THR D 164 40.14 -28.21 -1.95
C THR D 164 41.01 -28.46 -0.73
N PRO D 165 41.75 -29.58 -0.69
CA PRO D 165 42.69 -29.80 0.41
C PRO D 165 43.89 -28.87 0.38
N GLU D 166 44.27 -28.36 -0.77
CA GLU D 166 45.37 -27.40 -0.73
C GLU D 166 44.92 -26.06 -0.12
N CYS D 167 43.61 -25.86 0.09
CA CYS D 167 43.09 -24.78 0.94
C CYS D 167 41.90 -25.31 1.73
N PRO D 168 42.15 -26.13 2.75
CA PRO D 168 41.06 -26.76 3.47
C PRO D 168 40.30 -25.72 4.25
N ASP D 169 39.09 -26.09 4.66
CA ASP D 169 38.19 -25.14 5.31
C ASP D 169 38.82 -24.54 6.58
N ASN D 170 39.59 -25.33 7.33
CA ASN D 170 40.21 -24.88 8.58
C ASN D 170 41.17 -23.72 8.41
N GLN D 171 41.61 -23.43 7.20
CA GLN D 171 42.40 -22.24 6.93
C GLN D 171 41.56 -21.16 6.27
N ARG D 172 40.26 -21.38 6.09
CA ARG D 172 39.45 -20.41 5.39
C ARG D 172 38.65 -19.59 6.39
N ALA D 173 38.63 -18.28 6.18
CA ALA D 173 37.81 -17.43 7.00
C ALA D 173 36.39 -17.53 6.50
N TRP D 174 35.45 -17.19 7.39
CA TRP D 174 34.04 -17.43 7.09
C TRP D 174 33.18 -16.59 8.00
N ASN D 175 32.05 -16.15 7.47
CA ASN D 175 31.06 -15.36 8.21
C ASN D 175 31.68 -14.10 8.80
N ILE D 176 32.37 -13.33 7.96
CA ILE D 176 33.19 -12.22 8.42
C ILE D 176 32.51 -10.88 8.27
N TRP D 177 31.28 -10.85 7.76
CA TRP D 177 30.58 -9.59 7.52
C TRP D 177 29.39 -9.51 8.46
N GLU D 178 29.16 -8.31 8.99
CA GLU D 178 27.90 -8.03 9.67
C GLU D 178 27.32 -6.81 9.00
N VAL D 179 26.01 -6.67 9.07
CA VAL D 179 25.36 -5.57 8.38
C VAL D 179 25.46 -4.30 9.21
N GLU D 180 25.88 -3.21 8.58
CA GLU D 180 25.96 -1.89 9.18
C GLU D 180 24.71 -1.03 8.94
N ASP D 181 24.27 -0.94 7.69
CA ASP D 181 23.11 -0.14 7.33
C ASP D 181 22.46 -0.74 6.11
N TYR D 182 21.18 -0.43 5.95
CA TYR D 182 20.45 -0.75 4.73
C TYR D 182 20.36 0.50 3.87
N GLY D 183 20.47 0.33 2.56
CA GLY D 183 20.23 1.45 1.69
C GLY D 183 18.86 1.33 1.07
N PHE D 184 17.83 1.85 1.75
CA PHE D 184 16.45 1.61 1.36
C PHE D 184 16.00 2.52 0.22
N GLY D 185 15.47 1.87 -0.81
CA GLY D 185 14.84 2.52 -1.95
C GLY D 185 13.94 1.52 -2.62
N ILE D 186 13.14 2.05 -3.55
CA ILE D 186 12.43 1.19 -4.50
C ILE D 186 13.44 0.42 -5.37
N PHE D 187 12.95 -0.64 -6.03
CA PHE D 187 13.76 -1.48 -6.92
C PHE D 187 14.85 -2.25 -6.18
N THR D 188 16.11 -1.87 -6.34
CA THR D 188 17.16 -2.58 -5.60
C THR D 188 17.39 -1.92 -4.24
N THR D 189 17.77 -2.74 -3.25
CA THR D 189 18.17 -2.26 -1.94
C THR D 189 19.60 -2.70 -1.69
N ASN D 190 20.47 -1.75 -1.41
CA ASN D 190 21.85 -2.06 -1.08
C ASN D 190 21.95 -2.33 0.40
N ILE D 191 22.85 -3.25 0.76
CA ILE D 191 23.09 -3.64 2.13
C ILE D 191 24.56 -3.42 2.39
N TRP D 192 24.93 -2.37 3.11
CA TRP D 192 26.33 -2.05 3.30
C TRP D 192 26.87 -2.84 4.49
N LEU D 193 27.99 -3.53 4.29
CA LEU D 193 28.53 -4.47 5.26
C LEU D 193 29.86 -3.98 5.83
N LYS D 194 30.11 -4.32 7.09
CA LYS D 194 31.39 -4.08 7.73
C LYS D 194 31.92 -5.40 8.30
N LEU D 195 33.24 -5.52 8.36
CA LEU D 195 33.87 -6.71 8.92
C LEU D 195 33.61 -6.83 10.42
N ARG D 196 33.54 -8.08 10.89
CA ARG D 196 33.36 -8.32 12.32
C ARG D 196 34.64 -8.10 13.13
N ASP D 197 34.48 -8.13 14.45
CA ASP D 197 35.62 -8.04 15.33
C ASP D 197 36.17 -9.41 15.67
N SER D 198 35.30 -10.39 15.79
CA SER D 198 35.70 -11.74 16.16
C SER D 198 34.79 -12.75 15.48
N TYR D 199 35.24 -14.00 15.48
CA TYR D 199 34.53 -15.09 14.81
C TYR D 199 33.27 -15.44 15.60
N THR D 200 32.22 -15.82 14.88
CA THR D 200 30.96 -16.21 15.51
C THR D 200 30.20 -17.17 14.59
N GLN D 201 29.66 -18.25 15.17
CA GLN D 201 28.88 -19.20 14.38
C GLN D 201 27.48 -18.68 14.06
N VAL D 202 27.02 -17.65 14.73
CA VAL D 202 25.64 -17.21 14.62
C VAL D 202 25.49 -16.35 13.38
N CYS D 203 24.46 -16.67 12.58
CA CYS D 203 24.06 -15.86 11.44
C CYS D 203 23.84 -14.41 11.83
N ASP D 204 23.98 -13.53 10.85
CA ASP D 204 23.80 -12.10 11.07
C ASP D 204 22.31 -11.84 11.22
N HIS D 205 21.87 -11.52 12.43
CA HIS D 205 20.44 -11.39 12.64
C HIS D 205 19.85 -10.23 11.87
N ARG D 206 20.67 -9.26 11.47
CA ARG D 206 20.12 -8.14 10.73
C ARG D 206 19.43 -8.57 9.44
N LEU D 207 19.67 -9.79 8.97
CA LEU D 207 19.09 -10.22 7.71
C LEU D 207 17.87 -11.10 7.89
N MET D 208 17.55 -11.51 9.11
CA MET D 208 16.57 -12.57 9.30
C MET D 208 15.39 -12.07 10.09
N SER D 209 14.31 -12.82 10.00
CA SER D 209 13.07 -12.37 10.57
C SER D 209 12.21 -13.55 10.90
N ALA D 210 11.18 -13.27 11.69
CA ALA D 210 10.21 -14.29 12.05
C ALA D 210 8.88 -13.60 12.34
N ALA D 211 7.82 -14.38 12.20
CA ALA D 211 6.47 -13.86 12.35
C ALA D 211 5.54 -15.03 12.53
N ILE D 212 4.43 -14.81 13.25
CA ILE D 212 3.42 -15.82 13.53
C ILE D 212 2.11 -15.09 13.75
N LYS D 213 1.01 -15.65 13.25
CA LYS D 213 -0.27 -14.99 13.47
C LYS D 213 -1.36 -16.03 13.40
N ASP D 214 -2.17 -16.12 14.45
CA ASP D 214 -3.24 -17.11 14.54
C ASP D 214 -2.66 -18.50 14.55
N SER D 215 -2.68 -19.21 13.41
CA SER D 215 -2.18 -20.58 13.38
C SER D 215 -1.22 -20.83 12.20
N LYS D 216 -0.46 -19.82 11.78
CA LYS D 216 0.51 -19.93 10.69
C LYS D 216 1.80 -19.27 11.15
N ALA D 217 2.94 -19.83 10.79
CA ALA D 217 4.18 -19.25 11.31
C ALA D 217 5.32 -19.39 10.32
N VAL D 218 6.18 -18.37 10.31
CA VAL D 218 7.31 -18.26 9.38
C VAL D 218 8.57 -17.84 10.13
N HIS D 219 9.67 -18.55 9.84
CA HIS D 219 11.03 -18.07 9.99
C HIS D 219 11.62 -17.90 8.61
N ALA D 220 12.31 -16.79 8.41
CA ALA D 220 12.61 -16.34 7.06
C ALA D 220 13.91 -15.56 7.04
N ASP D 221 14.44 -15.48 5.85
CA ASP D 221 15.83 -15.14 5.66
C ASP D 221 15.96 -14.63 4.24
N MET D 222 17.15 -14.14 3.92
CA MET D 222 17.42 -13.90 2.54
C MET D 222 17.36 -15.18 1.73
N GLY D 223 17.50 -16.34 2.38
CA GLY D 223 17.51 -17.58 1.64
C GLY D 223 16.65 -18.72 2.17
N TYR D 224 16.21 -18.62 3.39
CA TYR D 224 15.35 -19.63 3.95
C TYR D 224 13.94 -19.06 4.03
N TRP D 225 12.95 -19.85 3.67
CA TRP D 225 11.56 -19.54 3.99
C TRP D 225 11.01 -20.81 4.62
N ILE D 226 10.74 -20.76 5.92
CA ILE D 226 10.43 -21.95 6.68
C ILE D 226 9.08 -21.74 7.34
N GLU D 227 8.08 -22.45 6.82
CA GLU D 227 6.69 -22.33 7.24
C GLU D 227 6.28 -23.46 8.18
N SER D 228 5.72 -23.11 9.32
CA SER D 228 5.10 -24.12 10.16
C SER D 228 3.70 -23.65 10.51
N GLU D 229 2.79 -24.61 10.71
CA GLU D 229 1.39 -24.28 10.97
C GLU D 229 0.77 -25.26 11.96
N LYS D 230 -0.37 -24.85 12.55
CA LYS D 230 -1.13 -25.65 13.51
C LYS D 230 -2.34 -26.27 12.85
N ASN D 231 -2.28 -27.57 12.61
CA ASN D 231 -3.46 -28.36 12.30
C ASN D 231 -3.52 -29.42 13.39
N GLU D 232 -4.35 -29.19 14.40
CA GLU D 232 -4.38 -30.02 15.59
C GLU D 232 -3.10 -29.87 16.39
N THR D 233 -1.96 -29.71 15.73
CA THR D 233 -0.71 -29.57 16.45
C THR D 233 0.27 -28.70 15.65
N TRP D 234 1.13 -27.97 16.36
CA TRP D 234 2.11 -27.13 15.67
C TRP D 234 3.18 -28.03 15.08
N LYS D 235 3.40 -27.93 13.76
CA LYS D 235 4.47 -28.69 13.13
C LYS D 235 5.02 -28.00 11.89
N LEU D 236 6.15 -28.52 11.43
CA LEU D 236 6.81 -28.03 10.22
C LEU D 236 6.01 -28.43 8.99
N ALA D 237 5.69 -27.45 8.16
CA ALA D 237 4.75 -27.70 7.08
C ALA D 237 5.41 -27.74 5.72
N ARG D 238 6.38 -26.84 5.48
CA ARG D 238 7.13 -26.82 4.24
C ARG D 238 8.22 -25.78 4.39
N ALA D 239 9.27 -25.94 3.61
CA ALA D 239 10.31 -24.93 3.60
C ALA D 239 10.85 -24.78 2.18
N SER D 240 11.55 -23.67 1.95
CA SER D 240 12.10 -23.36 0.65
C SER D 240 13.52 -22.90 0.84
N PHE D 241 14.45 -23.53 0.14
CA PHE D 241 15.87 -23.23 0.29
C PHE D 241 16.49 -22.88 -1.06
N ILE D 242 17.00 -21.64 -1.13
CA ILE D 242 17.77 -21.14 -2.25
C ILE D 242 19.26 -21.37 -2.03
N GLU D 243 19.64 -21.65 -0.81
CA GLU D 243 20.99 -21.93 -0.43
C GLU D 243 20.83 -22.77 0.82
N VAL D 244 21.89 -23.50 1.16
CA VAL D 244 22.01 -24.20 2.43
C VAL D 244 23.26 -23.65 3.11
N LYS D 245 23.11 -22.96 4.23
CA LYS D 245 24.26 -22.34 4.86
C LYS D 245 24.57 -23.04 6.18
N THR D 246 25.69 -22.65 6.81
CA THR D 246 26.20 -23.37 7.98
C THR D 246 26.46 -22.45 9.15
N CYS D 247 25.87 -21.26 9.15
CA CYS D 247 25.80 -20.42 10.33
C CYS D 247 24.70 -20.94 11.27
N ILE D 248 24.69 -20.45 12.49
CA ILE D 248 23.70 -20.89 13.47
C ILE D 248 22.53 -19.91 13.48
N TRP D 249 21.30 -20.42 13.68
CA TRP D 249 20.16 -19.49 13.66
C TRP D 249 20.12 -18.72 14.96
N PRO D 250 20.08 -17.40 14.95
CA PRO D 250 20.19 -16.67 16.22
C PRO D 250 18.96 -16.89 17.08
N LYS D 251 19.18 -17.19 18.37
CA LYS D 251 18.02 -17.48 19.22
C LYS D 251 17.04 -16.30 19.27
N SER D 252 17.59 -15.08 19.28
CA SER D 252 16.79 -13.87 19.42
C SER D 252 15.73 -13.78 18.36
N HIS D 253 15.94 -14.41 17.22
CA HIS D 253 14.94 -14.44 16.17
C HIS D 253 14.26 -15.80 16.05
N THR D 254 13.98 -16.47 17.17
CA THR D 254 13.36 -17.79 17.11
C THR D 254 12.06 -17.81 17.89
N LEU D 255 11.03 -18.37 17.27
CA LEU D 255 9.80 -18.63 17.98
C LEU D 255 9.99 -19.94 18.72
N TRP D 256 9.52 -19.98 19.97
CA TRP D 256 9.33 -21.24 20.69
C TRP D 256 10.64 -22.03 20.77
N SER D 257 11.65 -21.41 21.38
CA SER D 257 12.99 -21.97 21.42
C SER D 257 13.26 -22.65 22.75
N ASN D 258 12.24 -22.78 23.58
CA ASN D 258 12.40 -23.38 24.88
C ASN D 258 12.27 -24.88 24.72
N GLY D 259 13.12 -25.61 25.44
CA GLY D 259 13.03 -27.06 25.45
C GLY D 259 13.22 -27.78 24.11
N VAL D 260 14.04 -27.24 23.23
CA VAL D 260 14.27 -27.89 21.94
C VAL D 260 15.38 -28.92 22.08
N LEU D 261 15.19 -30.07 21.49
CA LEU D 261 16.26 -31.05 21.37
C LEU D 261 16.81 -30.96 19.95
N GLU D 262 18.12 -30.72 19.84
CA GLU D 262 18.73 -30.60 18.52
C GLU D 262 18.43 -31.81 17.64
N SER D 263 18.27 -33.00 18.24
CA SER D 263 17.99 -34.21 17.46
C SER D 263 16.59 -34.21 16.88
N GLU D 264 15.72 -33.32 17.31
CA GLU D 264 14.37 -33.36 16.80
C GLU D 264 14.10 -32.25 15.80
N MET D 265 15.10 -31.41 15.52
CA MET D 265 15.00 -30.34 14.55
C MET D 265 15.01 -30.91 13.13
N ILE D 266 13.94 -30.72 12.36
CA ILE D 266 13.95 -31.29 11.01
C ILE D 266 15.06 -30.65 10.20
N ILE D 267 15.04 -29.33 10.09
CA ILE D 267 16.15 -28.67 9.44
C ILE D 267 17.25 -28.63 10.49
N PRO D 268 18.39 -29.26 10.25
CA PRO D 268 19.40 -29.44 11.30
C PRO D 268 20.03 -28.13 11.76
N LYS D 269 20.40 -28.10 13.05
CA LYS D 269 21.02 -26.92 13.62
C LYS D 269 22.27 -26.54 12.86
N ILE D 270 23.01 -27.53 12.36
CA ILE D 270 24.29 -27.24 11.70
C ILE D 270 24.09 -26.58 10.34
N TYR D 271 22.91 -26.69 9.73
CA TYR D 271 22.59 -25.99 8.50
C TYR D 271 21.58 -24.87 8.71
N GLY D 272 21.65 -24.21 9.88
CA GLY D 272 20.94 -22.99 10.16
C GLY D 272 19.48 -23.17 10.46
N GLY D 273 19.02 -24.40 10.67
CA GLY D 273 17.64 -24.66 11.04
C GLY D 273 17.32 -23.93 12.31
N PRO D 274 16.16 -23.29 12.39
CA PRO D 274 15.76 -22.63 13.62
C PRO D 274 15.65 -23.60 14.79
N ILE D 275 16.35 -23.27 15.87
CA ILE D 275 16.30 -24.12 17.05
C ILE D 275 14.97 -23.86 17.71
N SER D 276 13.91 -24.42 17.13
CA SER D 276 12.56 -24.03 17.51
C SER D 276 11.66 -25.25 17.49
N GLN D 277 10.66 -25.27 18.34
CA GLN D 277 9.77 -26.39 18.17
C GLN D 277 8.92 -26.30 16.92
N HIS D 278 8.89 -25.15 16.24
CA HIS D 278 8.22 -25.12 14.96
C HIS D 278 8.97 -25.95 13.94
N ASN D 279 10.26 -26.14 14.16
CA ASN D 279 11.11 -26.91 13.28
C ASN D 279 11.04 -28.37 13.66
N TYR D 280 9.90 -28.84 14.17
CA TYR D 280 9.68 -30.23 14.50
C TYR D 280 8.68 -30.87 13.54
N ARG D 281 8.68 -32.17 13.50
CA ARG D 281 7.58 -32.88 12.85
C ARG D 281 7.47 -34.28 13.41
N PRO D 282 6.29 -34.67 13.87
CA PRO D 282 6.16 -35.92 14.63
C PRO D 282 6.62 -37.14 13.87
N GLY D 283 7.58 -37.81 14.47
CA GLY D 283 8.08 -39.06 13.95
C GLY D 283 9.33 -38.96 13.14
N TYR D 284 9.91 -37.77 13.03
CA TYR D 284 11.17 -37.59 12.33
C TYR D 284 12.24 -37.05 13.26
N PHE D 285 13.49 -37.41 13.01
CA PHE D 285 14.59 -36.81 13.74
C PHE D 285 15.43 -35.99 12.78
N THR D 286 16.41 -35.29 13.35
CA THR D 286 17.11 -34.25 12.60
C THR D 286 17.72 -34.79 11.31
N GLN D 287 17.54 -34.03 10.22
CA GLN D 287 17.90 -34.51 8.88
C GLN D 287 19.35 -34.17 8.51
N THR D 288 20.26 -34.62 9.38
CA THR D 288 21.68 -34.41 9.16
C THR D 288 22.16 -35.12 7.90
N ALA D 289 21.55 -36.24 7.53
CA ALA D 289 21.93 -36.94 6.31
C ALA D 289 21.00 -36.67 5.17
N GLY D 290 20.20 -35.61 5.26
CA GLY D 290 19.32 -35.19 4.21
C GLY D 290 20.01 -34.68 2.95
N PRO D 291 19.22 -34.49 1.93
CA PRO D 291 19.79 -34.10 0.65
C PRO D 291 20.21 -32.64 0.65
N TRP D 292 20.78 -32.17 1.77
CA TRP D 292 21.22 -30.78 1.84
C TRP D 292 22.39 -30.48 0.89
N HIS D 293 23.09 -31.50 0.41
CA HIS D 293 24.16 -31.26 -0.55
C HIS D 293 23.63 -30.65 -1.82
N LEU D 294 22.33 -30.80 -2.08
CA LEU D 294 21.72 -30.24 -3.27
C LEU D 294 21.92 -28.74 -3.39
N GLY D 295 22.24 -28.06 -2.30
CA GLY D 295 22.59 -26.65 -2.34
C GLY D 295 21.42 -25.71 -2.54
N LYS D 296 20.25 -26.23 -2.90
CA LYS D 296 19.03 -25.48 -3.19
C LYS D 296 17.93 -26.52 -3.40
N LEU D 297 16.85 -26.46 -2.64
CA LEU D 297 15.92 -27.57 -2.64
C LEU D 297 14.64 -27.08 -2.00
N GLU D 298 13.60 -27.91 -2.06
CA GLU D 298 12.29 -27.52 -1.57
C GLU D 298 11.76 -28.65 -0.72
N LEU D 299 11.55 -28.37 0.57
CA LEU D 299 11.12 -29.35 1.55
C LEU D 299 9.63 -29.21 1.82
N ASP D 300 8.91 -30.33 1.83
CA ASP D 300 7.54 -30.35 2.37
C ASP D 300 7.17 -31.79 2.69
N PHE D 301 5.90 -32.01 2.94
CA PHE D 301 5.46 -33.32 3.41
C PHE D 301 4.41 -33.86 2.44
N ASP D 302 4.86 -34.67 1.50
CA ASP D 302 3.95 -35.10 0.46
C ASP D 302 4.60 -36.25 -0.27
N PHE D 303 3.80 -37.15 -0.80
CA PHE D 303 4.40 -38.25 -1.52
C PHE D 303 5.11 -37.74 -2.78
N CYS D 304 6.21 -38.39 -3.13
CA CYS D 304 6.90 -38.14 -4.38
C CYS D 304 6.11 -38.75 -5.52
N GLU D 305 6.27 -38.20 -6.72
CA GLU D 305 5.49 -38.67 -7.86
C GLU D 305 5.67 -40.17 -8.02
N GLY D 306 4.56 -40.92 -7.94
CA GLY D 306 4.68 -42.33 -8.25
C GLY D 306 5.35 -43.18 -7.20
N THR D 307 5.25 -42.81 -5.94
CA THR D 307 5.78 -43.61 -4.86
C THR D 307 4.65 -43.91 -3.90
N THR D 308 4.89 -44.88 -3.05
CA THR D 308 4.01 -45.11 -1.92
C THR D 308 4.92 -45.27 -0.71
N VAL D 309 4.44 -44.81 0.43
CA VAL D 309 5.15 -44.94 1.69
C VAL D 309 4.19 -45.63 2.64
N VAL D 310 4.70 -46.59 3.42
CA VAL D 310 3.90 -47.24 4.44
C VAL D 310 4.63 -47.21 5.77
N VAL D 311 3.84 -47.10 6.85
CA VAL D 311 4.38 -47.21 8.19
C VAL D 311 4.50 -48.69 8.48
N ASP D 312 5.72 -49.20 8.58
CA ASP D 312 5.92 -50.62 8.82
C ASP D 312 7.12 -50.79 9.73
N GLU D 313 6.89 -51.46 10.85
CA GLU D 313 7.93 -51.70 11.84
C GLU D 313 9.12 -52.45 11.24
N HIS D 314 8.90 -53.18 10.17
CA HIS D 314 9.96 -53.97 9.55
C HIS D 314 10.90 -53.23 8.60
N CYS D 315 10.74 -51.94 8.29
CA CYS D 315 11.75 -51.41 7.39
C CYS D 315 13.11 -51.38 8.03
N GLY D 316 14.08 -51.05 7.21
CA GLY D 316 15.38 -50.72 7.71
C GLY D 316 15.33 -49.44 8.52
N ASN D 317 16.42 -49.24 9.25
CA ASN D 317 16.55 -48.08 10.08
C ASN D 317 16.83 -46.85 9.23
N ARG D 318 16.63 -45.69 9.83
CA ARG D 318 16.89 -44.46 9.09
C ARG D 318 18.36 -44.39 8.72
N GLY D 319 18.61 -43.91 7.51
CA GLY D 319 19.93 -43.73 6.99
C GLY D 319 19.92 -42.54 6.06
N PRO D 320 20.98 -42.37 5.28
CA PRO D 320 21.07 -41.21 4.41
C PRO D 320 19.93 -41.17 3.39
N SER D 321 19.41 -39.97 3.14
CA SER D 321 18.31 -39.80 2.20
C SER D 321 18.66 -40.40 0.85
N LEU D 322 17.67 -41.05 0.26
CA LEU D 322 17.82 -41.72 -1.01
C LEU D 322 16.98 -40.99 -2.06
N ARG D 323 17.44 -41.06 -3.29
CA ARG D 323 16.70 -40.45 -4.38
C ARG D 323 15.73 -41.46 -4.96
N THR D 324 14.51 -41.02 -5.23
CA THR D 324 13.50 -41.95 -5.72
C THR D 324 13.79 -42.45 -7.11
N THR D 325 14.68 -41.81 -7.84
CA THR D 325 14.98 -42.20 -9.21
C THR D 325 16.42 -42.67 -9.28
N THR D 326 16.63 -43.87 -9.86
CA THR D 326 17.96 -44.47 -10.03
C THR D 326 18.83 -43.65 -10.97
N VAL D 327 20.08 -44.06 -11.14
CA VAL D 327 20.92 -43.36 -12.12
C VAL D 327 20.34 -43.50 -13.51
N THR D 328 19.61 -44.59 -13.77
CA THR D 328 19.04 -44.86 -15.08
C THR D 328 17.60 -44.37 -15.22
N GLY D 329 17.16 -43.47 -14.33
CA GLY D 329 15.82 -42.95 -14.44
C GLY D 329 14.69 -43.86 -14.03
N LYS D 330 14.98 -45.01 -13.41
CA LYS D 330 13.93 -45.89 -12.90
C LYS D 330 13.27 -45.30 -11.65
N ILE D 331 11.96 -45.37 -11.60
CA ILE D 331 11.26 -44.88 -10.43
C ILE D 331 11.12 -46.02 -9.44
N ILE D 332 11.35 -45.73 -8.18
CA ILE D 332 11.31 -46.76 -7.14
C ILE D 332 9.93 -46.70 -6.49
N HIS D 333 9.13 -47.71 -6.76
CA HIS D 333 7.71 -47.62 -6.46
C HIS D 333 7.44 -47.63 -4.96
N GLU D 334 7.87 -48.69 -4.29
CA GLU D 334 7.36 -49.03 -2.97
C GLU D 334 8.36 -48.62 -1.90
N TRP D 335 7.94 -47.73 -1.02
CA TRP D 335 8.75 -47.25 0.10
C TRP D 335 8.05 -47.55 1.43
N CYS D 336 8.79 -47.40 2.52
CA CYS D 336 8.27 -47.70 3.84
C CYS D 336 9.07 -46.92 4.89
N CYS D 337 8.50 -46.80 6.08
CA CYS D 337 9.27 -46.17 7.16
C CYS D 337 8.90 -46.84 8.47
N ARG D 338 9.88 -46.90 9.36
CA ARG D 338 9.71 -47.66 10.59
C ARG D 338 8.69 -46.98 11.51
N SER D 339 8.90 -45.72 11.86
CA SER D 339 7.95 -45.14 12.80
C SER D 339 7.75 -43.66 12.52
N CYS D 340 8.03 -43.23 11.31
CA CYS D 340 7.69 -41.90 10.89
C CYS D 340 6.18 -41.80 10.78
N THR D 341 5.70 -40.62 10.39
CA THR D 341 4.28 -40.36 10.14
C THR D 341 4.06 -39.80 8.76
N LEU D 342 2.96 -40.18 8.16
CA LEU D 342 2.56 -39.72 6.84
C LEU D 342 1.92 -38.32 6.93
N PRO D 343 1.93 -37.53 5.85
CA PRO D 343 2.63 -37.68 4.58
C PRO D 343 4.12 -37.66 4.86
N PRO D 344 4.92 -38.23 3.97
CA PRO D 344 6.34 -38.37 4.25
C PRO D 344 7.12 -37.10 3.97
N LEU D 345 8.15 -36.88 4.76
CA LEU D 345 9.02 -35.73 4.56
C LEU D 345 9.78 -35.89 3.25
N ARG D 346 9.57 -34.98 2.32
CA ARG D 346 10.21 -35.08 1.03
C ARG D 346 10.88 -33.77 0.63
N PHE D 347 12.07 -33.90 0.04
CA PHE D 347 12.82 -32.78 -0.49
C PHE D 347 12.76 -32.92 -2.00
N LYS D 348 12.44 -31.85 -2.69
CA LYS D 348 12.41 -31.90 -4.14
C LYS D 348 13.54 -31.01 -4.63
N GLY D 349 14.31 -31.52 -5.60
CA GLY D 349 15.49 -30.81 -6.03
C GLY D 349 15.68 -30.75 -7.53
N GLU D 350 16.82 -30.20 -7.97
CA GLU D 350 17.08 -30.11 -9.40
C GLU D 350 16.92 -31.47 -10.08
N ASP D 351 17.41 -32.52 -9.43
CA ASP D 351 17.45 -33.84 -10.05
C ASP D 351 16.31 -34.74 -9.62
N GLY D 352 15.32 -34.23 -8.90
CA GLY D 352 14.21 -35.12 -8.63
C GLY D 352 13.66 -35.11 -7.22
N CYS D 353 13.14 -36.25 -6.77
CA CYS D 353 12.57 -36.34 -5.45
C CYS D 353 13.47 -37.20 -4.53
N TRP D 354 13.60 -36.75 -3.29
CA TRP D 354 14.36 -37.44 -2.26
C TRP D 354 13.45 -37.54 -1.05
N TYR D 355 13.69 -38.55 -0.24
CA TYR D 355 12.89 -38.78 0.95
C TYR D 355 13.71 -38.53 2.19
N GLY D 356 13.00 -38.21 3.27
CA GLY D 356 13.63 -38.07 4.55
C GLY D 356 14.37 -39.33 4.93
N MET D 357 15.22 -39.18 5.94
CA MET D 357 16.11 -40.27 6.31
C MET D 357 15.31 -41.51 6.71
N GLU D 358 14.19 -41.31 7.39
CA GLU D 358 13.39 -42.44 7.87
C GLU D 358 12.76 -43.25 6.74
N ILE D 359 12.47 -42.65 5.59
CA ILE D 359 11.81 -43.40 4.53
C ILE D 359 12.83 -44.24 3.81
N ARG D 360 12.50 -45.51 3.57
CA ARG D 360 13.41 -46.44 2.93
C ARG D 360 12.69 -47.23 1.84
N PRO D 361 13.42 -47.83 0.90
CA PRO D 361 12.77 -48.66 -0.12
C PRO D 361 12.31 -49.96 0.48
N VAL D 362 11.08 -50.37 0.14
CA VAL D 362 10.61 -51.60 0.75
C VAL D 362 11.32 -52.80 0.15
N LYS D 363 11.66 -52.74 -1.13
CA LYS D 363 12.28 -53.83 -1.88
C LYS D 363 13.81 -53.94 -1.68
N ASP D 364 14.33 -53.38 -0.59
CA ASP D 364 15.74 -53.48 -0.20
C ASP D 364 16.64 -52.77 -1.20
N LYS D 365 17.91 -52.66 -0.84
CA LYS D 365 18.87 -52.06 -1.74
C LYS D 365 19.03 -52.98 -2.95
N GLU D 366 18.76 -52.43 -4.13
CA GLU D 366 18.98 -53.08 -5.41
C GLU D 366 19.38 -52.01 -6.41
N GLU D 367 19.70 -52.47 -7.63
CA GLU D 367 19.84 -51.57 -8.77
C GLU D 367 20.90 -50.52 -8.48
N ASN D 368 20.87 -49.41 -9.21
CA ASN D 368 21.81 -48.30 -9.02
C ASN D 368 21.13 -47.24 -8.18
N LEU D 369 21.31 -47.32 -6.85
CA LEU D 369 20.72 -46.39 -5.91
C LEU D 369 21.62 -45.19 -5.72
N VAL D 370 21.00 -44.04 -5.48
CA VAL D 370 21.68 -42.76 -5.38
C VAL D 370 21.64 -42.31 -3.92
N LYS D 371 22.80 -42.10 -3.31
CA LYS D 371 22.84 -41.70 -1.91
C LYS D 371 23.56 -40.38 -1.73
N SER D 372 23.13 -39.66 -0.71
CA SER D 372 23.75 -38.38 -0.37
C SER D 372 24.89 -38.58 0.63
N MET D 373 26.06 -38.03 0.30
CA MET D 373 27.23 -38.06 1.20
C MET D 373 27.28 -36.77 2.02
N VAL E 21 40.49 11.71 -30.35
CA VAL E 21 39.82 10.63 -29.59
C VAL E 21 40.72 9.42 -29.54
N GLN E 22 41.40 9.22 -28.41
CA GLN E 22 42.41 8.18 -28.27
C GLN E 22 41.88 7.11 -27.33
N LEU E 23 41.95 5.85 -27.78
CA LEU E 23 41.44 4.67 -27.07
C LEU E 23 42.60 3.80 -26.63
N GLN E 24 42.65 3.45 -25.35
CA GLN E 24 43.67 2.57 -24.81
C GLN E 24 43.02 1.35 -24.17
N GLN E 25 43.31 0.15 -24.72
CA GLN E 25 42.74 -1.09 -24.22
C GLN E 25 43.70 -1.79 -23.25
N SER E 26 43.12 -2.67 -22.43
CA SER E 26 43.87 -3.41 -21.43
C SER E 26 44.87 -4.34 -22.10
N GLY E 27 45.67 -5.02 -21.30
CA GLY E 27 46.67 -5.93 -21.84
C GLY E 27 46.11 -7.28 -22.19
N PRO E 28 46.98 -8.14 -22.71
CA PRO E 28 46.56 -9.51 -23.04
C PRO E 28 46.16 -10.29 -21.80
N GLU E 29 45.40 -11.37 -21.99
CA GLU E 29 44.89 -12.14 -20.87
C GLU E 29 45.02 -13.63 -21.19
N LEU E 30 45.42 -14.41 -20.18
CA LEU E 30 45.38 -15.88 -20.24
C LEU E 30 44.47 -16.38 -19.14
N VAL E 31 43.44 -17.14 -19.52
CA VAL E 31 42.35 -17.48 -18.61
C VAL E 31 41.95 -18.95 -18.77
N LYS E 32 41.64 -19.59 -17.64
CA LYS E 32 41.25 -20.99 -17.64
C LYS E 32 39.84 -21.14 -18.20
N PRO E 33 39.52 -22.30 -18.80
CA PRO E 33 38.16 -22.53 -19.30
C PRO E 33 37.13 -22.39 -18.20
N GLY E 34 36.03 -21.73 -18.52
CA GLY E 34 34.94 -21.58 -17.59
C GLY E 34 35.06 -20.40 -16.67
N ALA E 35 36.22 -19.74 -16.65
CA ALA E 35 36.43 -18.61 -15.76
C ALA E 35 35.81 -17.37 -16.37
N SER E 36 36.27 -16.19 -15.97
CA SER E 36 35.76 -14.94 -16.51
C SER E 36 36.88 -13.92 -16.59
N VAL E 37 36.76 -13.01 -17.54
CA VAL E 37 37.72 -11.94 -17.74
C VAL E 37 36.95 -10.63 -17.90
N LYS E 38 37.55 -9.54 -17.45
CA LYS E 38 37.02 -8.18 -17.58
C LYS E 38 38.13 -7.30 -18.14
N MET E 39 37.95 -6.81 -19.37
CA MET E 39 38.94 -5.96 -20.00
C MET E 39 38.41 -4.53 -20.03
N SER E 40 39.31 -3.59 -20.24
CA SER E 40 38.98 -2.19 -20.09
C SER E 40 39.27 -1.44 -21.37
N CYS E 41 38.69 -0.26 -21.48
CA CYS E 41 38.97 0.63 -22.59
C CYS E 41 38.74 2.06 -22.09
N LYS E 42 39.82 2.84 -21.97
CA LYS E 42 39.74 4.24 -21.57
C LYS E 42 39.74 5.12 -22.82
N ALA E 43 38.88 6.13 -22.83
CA ALA E 43 38.66 6.97 -24.01
C ALA E 43 39.03 8.42 -23.70
N SER E 44 40.10 8.92 -24.30
CA SER E 44 40.49 10.31 -24.17
C SER E 44 39.94 11.12 -25.34
N GLY E 45 39.55 12.36 -25.06
CA GLY E 45 39.10 13.27 -26.10
C GLY E 45 37.65 13.17 -26.47
N CYS E 46 36.82 12.60 -25.60
CA CYS E 46 35.43 12.33 -25.92
C CYS E 46 34.48 13.39 -25.37
N THR E 47 33.27 13.39 -25.91
CA THR E 47 32.20 14.23 -25.40
C THR E 47 31.00 13.39 -25.05
N LEU E 48 30.09 13.97 -24.28
CA LEU E 48 28.90 13.23 -23.88
C LEU E 48 28.12 12.74 -25.08
N THR E 49 28.02 13.58 -26.12
CA THR E 49 27.12 13.32 -27.25
C THR E 49 27.63 12.22 -28.20
N ASN E 50 28.94 12.13 -28.42
CA ASN E 50 29.48 10.93 -29.07
C ASN E 50 29.97 9.98 -27.97
N CYS E 51 31.06 9.27 -28.24
CA CYS E 51 31.72 8.43 -27.24
C CYS E 51 30.89 7.20 -26.89
N PHE E 52 30.39 6.52 -27.90
CA PHE E 52 29.80 5.20 -27.72
C PHE E 52 30.90 4.17 -27.97
N MET E 53 31.29 3.46 -26.92
CA MET E 53 32.34 2.45 -27.01
C MET E 53 31.75 1.13 -27.51
N HIS E 54 32.03 0.79 -28.76
CA HIS E 54 31.59 -0.48 -29.29
C HIS E 54 32.65 -1.55 -29.07
N TRP E 55 32.21 -2.80 -29.06
CA TRP E 55 33.04 -3.95 -28.78
C TRP E 55 32.82 -4.99 -29.87
N MET E 56 33.92 -5.53 -30.41
CA MET E 56 33.84 -6.53 -31.47
C MET E 56 34.80 -7.67 -31.20
N LYS E 57 34.38 -8.87 -31.56
CA LYS E 57 35.12 -10.11 -31.37
C LYS E 57 35.60 -10.60 -32.73
N GLN E 58 36.91 -10.76 -32.89
CA GLN E 58 37.48 -11.24 -34.14
C GLN E 58 38.48 -12.37 -33.88
N LYS E 59 38.11 -13.58 -34.27
CA LYS E 59 39.04 -14.68 -34.24
C LYS E 59 40.14 -14.37 -35.24
N PRO E 60 41.28 -15.05 -35.14
CA PRO E 60 42.39 -14.69 -36.07
C PRO E 60 41.96 -14.86 -37.51
N GLY E 61 42.03 -13.75 -38.25
CA GLY E 61 41.66 -13.74 -39.67
C GLY E 61 40.26 -14.21 -40.00
N GLN E 62 39.29 -13.85 -39.18
CA GLN E 62 37.88 -14.19 -39.41
C GLN E 62 37.03 -12.93 -39.28
N ASP E 63 35.73 -13.10 -39.56
CA ASP E 63 34.80 -11.98 -39.55
C ASP E 63 34.68 -11.39 -38.16
N LEU E 64 34.49 -10.08 -38.14
CA LEU E 64 34.20 -9.37 -36.91
C LEU E 64 32.75 -9.61 -36.52
N GLU E 65 32.53 -9.80 -35.23
CA GLU E 65 31.19 -9.89 -34.64
C GLU E 65 30.95 -8.66 -33.77
N TRP E 66 29.73 -8.11 -33.84
CA TRP E 66 29.37 -6.99 -32.99
C TRP E 66 28.74 -7.50 -31.69
N ILE E 67 29.26 -7.01 -30.56
CA ILE E 67 28.75 -7.39 -29.25
C ILE E 67 27.78 -6.35 -28.73
N GLY E 68 28.19 -5.09 -28.70
CA GLY E 68 27.33 -4.06 -28.17
C GLY E 68 28.10 -2.77 -27.96
N TYR E 69 27.49 -1.86 -27.23
CA TYR E 69 28.15 -0.59 -26.98
C TYR E 69 27.74 -0.10 -25.61
N ILE E 70 28.53 0.82 -25.08
CA ILE E 70 28.19 1.45 -23.83
C ILE E 70 28.75 2.86 -23.86
N ASN E 71 27.99 3.79 -23.28
CA ASN E 71 28.38 5.19 -23.20
C ASN E 71 28.81 5.47 -21.78
N PRO E 72 30.08 5.74 -21.52
CA PRO E 72 30.51 5.90 -20.12
C PRO E 72 29.75 6.97 -19.39
N TYR E 73 29.32 8.04 -20.08
CA TYR E 73 28.59 9.12 -19.43
C TYR E 73 27.10 8.83 -19.31
N ASN E 74 26.47 8.31 -20.38
CA ASN E 74 25.02 8.05 -20.39
C ASN E 74 24.60 6.77 -19.68
N ASP E 75 25.49 5.79 -19.59
CA ASP E 75 25.18 4.40 -19.27
C ASP E 75 24.19 3.77 -20.23
N MET E 76 23.95 4.40 -21.38
CA MET E 76 23.25 3.72 -22.46
C MET E 76 24.02 2.48 -22.85
N THR E 77 23.36 1.32 -22.85
CA THR E 77 24.03 0.12 -23.35
C THR E 77 23.06 -0.66 -24.23
N LYS E 78 23.59 -1.31 -25.25
CA LYS E 78 22.85 -2.21 -26.12
C LYS E 78 23.72 -3.40 -26.44
N TYR E 79 23.17 -4.60 -26.29
CA TYR E 79 23.89 -5.82 -26.56
C TYR E 79 23.35 -6.49 -27.81
N SER E 80 24.21 -7.19 -28.54
CA SER E 80 23.67 -8.03 -29.59
C SER E 80 23.13 -9.34 -28.99
N GLU E 81 22.24 -9.98 -29.75
CA GLU E 81 21.54 -11.13 -29.22
C GLU E 81 22.49 -12.28 -28.96
N ASN E 82 23.46 -12.48 -29.85
CA ASN E 82 24.40 -13.57 -29.69
C ASN E 82 25.19 -13.46 -28.40
N PHE E 83 25.37 -12.25 -27.88
CA PHE E 83 26.22 -12.02 -26.72
C PHE E 83 25.45 -11.68 -25.43
N LYS E 84 24.12 -11.75 -25.44
CA LYS E 84 23.38 -11.24 -24.29
C LYS E 84 23.78 -11.95 -23.00
N GLY E 85 23.88 -13.29 -23.04
CA GLY E 85 24.30 -14.08 -21.88
C GLY E 85 25.78 -14.06 -21.59
N LYS E 86 26.59 -13.77 -22.61
CA LYS E 86 28.04 -13.90 -22.58
C LYS E 86 28.74 -12.64 -22.07
N ALA E 87 28.42 -11.48 -22.63
CA ALA E 87 29.14 -10.26 -22.30
C ALA E 87 28.33 -9.38 -21.33
N THR E 88 29.04 -8.58 -20.55
CA THR E 88 28.42 -7.62 -19.67
C THR E 88 29.16 -6.30 -19.74
N LEU E 89 28.46 -5.26 -20.16
CA LEU E 89 29.04 -3.93 -20.29
C LEU E 89 28.82 -3.11 -19.03
N THR E 90 29.90 -2.48 -18.56
CA THR E 90 29.88 -1.60 -17.40
C THR E 90 30.75 -0.39 -17.71
N SER E 91 30.66 0.63 -16.86
CA SER E 91 31.32 1.89 -17.15
C SER E 91 31.67 2.62 -15.86
N ASP E 92 32.76 3.37 -15.92
CA ASP E 92 33.11 4.31 -14.87
C ASP E 92 33.27 5.70 -15.49
N LYS E 93 32.37 6.64 -15.15
CA LYS E 93 32.38 7.97 -15.75
C LYS E 93 33.69 8.70 -15.54
N SER E 94 34.11 8.84 -14.28
CA SER E 94 35.29 9.65 -13.98
C SER E 94 36.50 9.14 -14.74
N SER E 95 36.65 7.82 -14.78
CA SER E 95 37.66 7.21 -15.62
C SER E 95 37.29 7.27 -17.10
N SER E 96 36.04 7.58 -17.42
CA SER E 96 35.53 7.55 -18.80
C SER E 96 36.01 6.28 -19.50
N THR E 97 35.74 5.15 -18.84
CA THR E 97 36.26 3.84 -19.23
C THR E 97 35.12 2.86 -19.43
N ALA E 98 35.27 1.97 -20.41
CA ALA E 98 34.30 0.91 -20.66
C ALA E 98 34.87 -0.43 -20.23
N PHE E 99 34.05 -1.28 -19.62
CA PHE E 99 34.47 -2.59 -19.17
C PHE E 99 33.59 -3.67 -19.80
N MET E 100 34.21 -4.73 -20.30
CA MET E 100 33.50 -5.86 -20.88
C MET E 100 33.96 -7.17 -20.28
N GLU E 101 33.00 -8.00 -19.87
CA GLU E 101 33.28 -9.22 -19.11
C GLU E 101 32.54 -10.40 -19.74
N LEU E 102 33.16 -11.59 -19.72
CA LEU E 102 32.79 -12.61 -20.67
C LEU E 102 32.24 -13.90 -20.08
N SER E 103 31.73 -13.89 -18.85
CA SER E 103 30.90 -15.00 -18.33
C SER E 103 31.65 -16.33 -18.53
N SER E 104 30.97 -17.47 -18.74
CA SER E 104 31.68 -18.76 -18.83
C SER E 104 32.55 -18.85 -20.10
N LEU E 105 33.83 -19.12 -19.95
CA LEU E 105 34.72 -18.99 -21.10
C LEU E 105 35.00 -20.32 -21.78
N THR E 106 35.02 -20.30 -23.11
CA THR E 106 35.27 -21.47 -23.93
C THR E 106 36.35 -21.11 -24.94
N SER E 107 36.95 -22.12 -25.57
CA SER E 107 37.93 -21.85 -26.63
C SER E 107 37.34 -21.05 -27.77
N GLU E 108 36.02 -21.13 -28.01
CA GLU E 108 35.40 -20.33 -29.05
C GLU E 108 35.54 -18.84 -28.76
N ASP E 109 35.91 -18.46 -27.53
CA ASP E 109 36.06 -17.08 -27.10
C ASP E 109 37.49 -16.56 -27.22
N SER E 110 38.44 -17.43 -27.50
CA SER E 110 39.81 -16.98 -27.65
C SER E 110 39.91 -16.19 -28.95
N ALA E 111 40.16 -14.89 -28.85
CA ALA E 111 40.22 -14.04 -30.04
C ALA E 111 40.74 -12.67 -29.61
N VAL E 112 40.68 -11.72 -30.54
CA VAL E 112 40.98 -10.33 -30.26
C VAL E 112 39.68 -9.57 -30.09
N TYR E 113 39.57 -8.84 -28.98
CA TYR E 113 38.37 -8.05 -28.69
C TYR E 113 38.71 -6.58 -28.92
N TYR E 114 38.07 -5.96 -29.91
CA TYR E 114 38.39 -4.59 -30.29
C TYR E 114 37.43 -3.62 -29.62
N CYS E 115 37.97 -2.53 -29.11
CA CYS E 115 37.21 -1.40 -28.61
C CYS E 115 37.22 -0.31 -29.66
N ALA E 116 36.09 0.34 -29.92
CA ALA E 116 36.14 1.34 -30.98
C ALA E 116 35.01 2.34 -30.83
N ARG E 117 35.30 3.61 -31.13
CA ARG E 117 34.29 4.65 -30.99
C ARG E 117 33.27 4.55 -32.11
N GLY E 118 32.00 4.66 -31.77
CA GLY E 118 30.94 4.61 -32.75
C GLY E 118 29.83 5.57 -32.40
N TYR E 119 28.60 5.30 -32.82
CA TYR E 119 27.50 6.15 -32.42
C TYR E 119 26.24 5.29 -32.27
N LEU E 120 25.08 5.95 -32.26
CA LEU E 120 23.82 5.25 -32.18
C LEU E 120 23.49 4.62 -33.53
N LEU E 121 22.22 4.25 -33.74
CA LEU E 121 21.91 3.24 -34.75
C LEU E 121 22.22 3.73 -36.16
N ARG E 122 21.55 4.75 -36.63
CA ARG E 122 21.84 5.19 -38.00
C ARG E 122 22.75 6.40 -37.95
N THR E 123 23.84 6.29 -37.21
CA THR E 123 24.71 7.42 -36.98
C THR E 123 26.15 7.01 -37.13
N GLY E 124 26.86 7.72 -38.00
CA GLY E 124 28.28 7.61 -38.18
C GLY E 124 28.79 6.27 -38.66
N CYS E 125 30.08 6.08 -38.42
CA CYS E 125 30.82 4.88 -38.75
C CYS E 125 31.71 4.59 -37.56
N PHE E 126 32.60 3.63 -37.70
CA PHE E 126 33.58 3.37 -36.66
C PHE E 126 34.75 4.31 -36.92
N ASP E 127 34.74 5.47 -36.25
CA ASP E 127 35.76 6.47 -36.45
C ASP E 127 37.13 5.94 -36.04
N TYR E 128 37.31 5.70 -34.76
CA TYR E 128 38.59 5.36 -34.17
C TYR E 128 38.54 4.03 -33.42
N TRP E 129 39.67 3.33 -33.40
CA TRP E 129 39.75 2.00 -32.81
C TRP E 129 40.87 1.95 -31.79
N GLY E 130 40.64 1.23 -30.71
CA GLY E 130 41.71 0.90 -29.80
C GLY E 130 42.59 -0.15 -30.45
N GLN E 131 43.62 -0.55 -29.72
CA GLN E 131 44.57 -1.47 -30.35
C GLN E 131 44.15 -2.93 -30.31
N GLY E 132 43.23 -3.31 -29.43
CA GLY E 132 42.84 -4.70 -29.39
C GLY E 132 43.48 -5.46 -28.25
N THR E 133 42.65 -6.19 -27.52
CA THR E 133 43.03 -7.04 -26.40
C THR E 133 42.90 -8.48 -26.83
N THR E 134 44.01 -9.22 -26.80
CA THR E 134 44.02 -10.63 -27.19
C THR E 134 43.77 -11.49 -25.98
N LEU E 135 42.82 -12.40 -26.09
CA LEU E 135 42.46 -13.28 -24.99
C LEU E 135 42.78 -14.70 -25.42
N THR E 136 43.47 -15.46 -24.56
CA THR E 136 43.78 -16.85 -24.83
C THR E 136 43.23 -17.68 -23.70
N VAL E 137 42.30 -18.58 -24.01
CA VAL E 137 41.58 -19.33 -23.01
C VAL E 137 42.18 -20.72 -23.00
N SER E 138 42.86 -21.08 -21.92
CA SER E 138 43.61 -22.33 -21.94
C SER E 138 43.94 -22.80 -20.53
N SER E 139 43.86 -24.11 -20.32
CA SER E 139 44.32 -24.70 -19.08
C SER E 139 45.85 -24.72 -19.00
N ALA E 140 46.55 -24.72 -20.14
CA ALA E 140 48.00 -24.81 -20.17
C ALA E 140 48.63 -23.62 -19.43
N LYS E 141 49.89 -23.78 -19.05
CA LYS E 141 50.54 -22.82 -18.16
C LYS E 141 51.59 -22.00 -18.91
N THR E 142 51.82 -20.78 -18.41
CA THR E 142 52.77 -19.86 -19.04
C THR E 142 54.18 -20.43 -19.05
N THR E 143 54.78 -20.54 -20.22
CA THR E 143 56.13 -21.07 -20.38
C THR E 143 56.99 -20.12 -21.22
N PRO E 144 58.07 -19.58 -20.68
CA PRO E 144 58.89 -18.63 -21.47
C PRO E 144 59.71 -19.36 -22.53
N PRO E 145 60.12 -18.66 -23.58
CA PRO E 145 60.78 -19.33 -24.70
C PRO E 145 62.26 -19.59 -24.45
N SER E 146 62.82 -20.46 -25.31
CA SER E 146 64.26 -20.62 -25.46
C SER E 146 64.67 -19.88 -26.74
N VAL E 147 65.77 -19.14 -26.68
CA VAL E 147 66.26 -18.39 -27.85
C VAL E 147 67.61 -18.94 -28.27
N TYR E 148 67.69 -19.39 -29.52
CA TYR E 148 68.91 -19.92 -30.11
C TYR E 148 69.35 -19.01 -31.26
N PRO E 149 70.61 -18.58 -31.31
CA PRO E 149 71.07 -17.75 -32.42
C PRO E 149 71.25 -18.57 -33.68
N LEU E 150 71.19 -17.89 -34.82
CA LEU E 150 71.31 -18.53 -36.12
C LEU E 150 72.33 -17.75 -36.94
N ALA E 151 73.47 -18.37 -37.20
CA ALA E 151 74.61 -17.84 -37.93
C ALA E 151 75.07 -18.93 -38.90
N PRO E 152 75.76 -18.56 -39.99
CA PRO E 152 76.28 -19.58 -40.92
C PRO E 152 77.70 -19.98 -40.57
N GLY E 155 81.40 -21.12 -41.83
CA GLY E 155 82.48 -21.55 -42.70
C GLY E 155 82.02 -22.07 -44.04
N ASP E 156 81.54 -21.16 -44.90
CA ASP E 156 80.95 -21.53 -46.19
C ASP E 156 81.14 -20.37 -47.16
N THR E 157 80.28 -20.28 -48.18
CA THR E 157 80.36 -19.17 -49.12
C THR E 157 79.65 -17.91 -48.59
N THR E 158 80.15 -16.77 -49.04
CA THR E 158 79.77 -15.45 -48.55
C THR E 158 79.60 -14.50 -49.73
N GLY E 159 78.71 -13.52 -49.55
CA GLY E 159 78.42 -12.53 -50.56
C GLY E 159 78.29 -11.17 -49.89
N SER E 160 77.95 -10.15 -50.70
CA SER E 160 77.86 -8.78 -50.21
C SER E 160 76.64 -8.59 -49.32
N SER E 161 76.20 -9.67 -48.68
CA SER E 161 75.08 -9.68 -47.74
C SER E 161 75.08 -11.00 -47.02
N VAL E 162 74.88 -10.95 -45.70
CA VAL E 162 74.80 -12.13 -44.88
C VAL E 162 73.55 -12.01 -44.00
N THR E 163 72.78 -13.10 -43.94
CA THR E 163 71.54 -13.12 -43.18
C THR E 163 71.72 -13.94 -41.91
N LEU E 164 71.17 -13.43 -40.81
CA LEU E 164 71.21 -14.08 -39.51
C LEU E 164 69.79 -14.24 -39.00
N GLY E 165 69.62 -15.14 -38.03
CA GLY E 165 68.29 -15.46 -37.50
C GLY E 165 68.30 -15.80 -36.04
N CYS E 166 67.09 -15.84 -35.46
CA CYS E 166 66.87 -16.34 -34.11
C CYS E 166 65.69 -17.31 -34.10
N LEU E 167 65.88 -18.46 -33.44
CA LEU E 167 64.82 -19.44 -33.24
C LEU E 167 64.24 -19.31 -31.83
N VAL E 168 62.99 -18.90 -31.74
CA VAL E 168 62.22 -18.82 -30.50
C VAL E 168 61.34 -20.06 -30.41
N LYS E 169 61.66 -20.97 -29.48
CA LYS E 169 61.03 -22.28 -29.42
C LYS E 169 60.46 -22.54 -28.04
N GLY E 170 59.26 -23.14 -28.03
CA GLY E 170 58.65 -23.71 -26.85
C GLY E 170 58.12 -22.73 -25.81
N TYR E 171 57.21 -21.84 -26.21
CA TYR E 171 56.63 -20.88 -25.29
C TYR E 171 55.11 -20.91 -25.35
N PHE E 172 54.49 -20.45 -24.27
CA PHE E 172 53.04 -20.30 -24.20
C PHE E 172 52.78 -19.22 -23.17
N PRO E 173 51.82 -18.31 -23.42
CA PRO E 173 51.07 -18.26 -24.66
C PRO E 173 51.69 -17.30 -25.67
N GLU E 174 51.11 -17.24 -26.85
CA GLU E 174 51.50 -16.23 -27.81
C GLU E 174 51.15 -14.87 -27.22
N SER E 175 51.97 -13.84 -27.48
CA SER E 175 53.04 -13.83 -28.45
C SER E 175 54.35 -13.29 -27.89
N VAL E 176 55.32 -13.21 -28.79
CA VAL E 176 56.63 -12.63 -28.54
C VAL E 176 56.88 -11.52 -29.55
N THR E 177 57.80 -10.64 -29.20
CA THR E 177 58.26 -9.57 -30.09
C THR E 177 59.77 -9.72 -30.22
N VAL E 178 60.26 -9.85 -31.45
CA VAL E 178 61.68 -10.03 -31.71
C VAL E 178 62.18 -8.81 -32.46
N THR E 179 63.01 -8.01 -31.79
CA THR E 179 63.58 -6.80 -32.37
C THR E 179 65.09 -6.95 -32.55
N TRP E 180 65.62 -6.39 -33.63
CA TRP E 180 67.03 -6.50 -34.00
C TRP E 180 67.74 -5.14 -33.84
N ASN E 181 68.50 -4.99 -32.76
CA ASN E 181 69.26 -3.76 -32.47
C ASN E 181 68.38 -2.54 -32.29
N SER E 182 67.07 -2.72 -32.20
CA SER E 182 66.04 -1.69 -31.99
C SER E 182 65.82 -0.79 -33.20
N GLY E 183 66.49 -1.04 -34.34
CA GLY E 183 66.30 -0.22 -35.53
C GLY E 183 67.46 -0.35 -36.50
N SER E 187 67.92 -1.53 -41.93
CA SER E 187 68.05 -2.90 -42.42
C SER E 187 66.67 -3.61 -42.59
N SER E 188 66.68 -4.63 -43.44
CA SER E 188 65.49 -5.42 -43.77
C SER E 188 65.33 -6.60 -42.81
N VAL E 189 64.12 -6.77 -42.25
CA VAL E 189 63.85 -7.80 -41.27
C VAL E 189 62.63 -8.59 -41.71
N HIS E 190 62.57 -9.87 -41.33
CA HIS E 190 61.44 -10.74 -41.63
C HIS E 190 60.98 -11.46 -40.37
N THR E 191 59.68 -11.37 -40.06
CA THR E 191 59.11 -12.00 -38.88
C THR E 191 58.11 -13.06 -39.30
N PHE E 192 58.25 -14.28 -38.75
CA PHE E 192 57.58 -15.48 -39.21
C PHE E 192 56.52 -15.93 -38.22
N PRO E 193 55.33 -16.28 -38.69
CA PRO E 193 54.23 -16.59 -37.78
C PRO E 193 54.53 -17.79 -36.89
N ALA E 194 54.12 -17.69 -35.64
CA ALA E 194 54.38 -18.77 -34.70
C ALA E 194 53.53 -19.97 -35.05
N LEU E 195 54.07 -21.16 -34.79
CA LEU E 195 53.38 -22.43 -35.01
C LEU E 195 53.29 -23.24 -33.74
N LEU E 196 52.23 -24.06 -33.67
CA LEU E 196 51.93 -24.87 -32.51
C LEU E 196 52.51 -26.27 -32.68
N GLN E 197 53.27 -26.72 -31.68
CA GLN E 197 53.86 -28.06 -31.68
C GLN E 197 53.82 -28.59 -30.26
N SER E 198 53.11 -29.69 -30.04
CA SER E 198 53.06 -30.35 -28.73
C SER E 198 52.52 -29.42 -27.63
N GLY E 199 51.66 -28.47 -27.99
CA GLY E 199 51.08 -27.58 -27.01
C GLY E 199 51.91 -26.38 -26.62
N LEU E 200 52.97 -26.07 -27.36
CA LEU E 200 53.79 -24.88 -27.17
C LEU E 200 54.10 -24.28 -28.55
N TYR E 201 54.60 -23.05 -28.56
CA TYR E 201 54.79 -22.30 -29.80
C TYR E 201 56.25 -22.25 -30.23
N THR E 202 56.47 -22.20 -31.54
CA THR E 202 57.79 -22.03 -32.12
C THR E 202 57.69 -21.05 -33.28
N MET E 203 58.53 -20.01 -33.26
CA MET E 203 58.63 -19.04 -34.34
C MET E 203 60.09 -18.70 -34.57
N SER E 204 60.36 -17.95 -35.64
CA SER E 204 61.73 -17.55 -35.94
C SER E 204 61.71 -16.16 -36.57
N SER E 205 62.88 -15.51 -36.57
CA SER E 205 62.98 -14.18 -37.16
C SER E 205 64.33 -14.00 -37.81
N SER E 206 64.34 -13.55 -39.08
CA SER E 206 65.58 -13.37 -39.82
C SER E 206 65.77 -11.91 -40.26
N VAL E 207 67.02 -11.49 -40.29
CA VAL E 207 67.43 -10.15 -40.70
C VAL E 207 68.59 -10.30 -41.65
N THR E 208 68.69 -9.38 -42.61
CA THR E 208 69.76 -9.37 -43.59
C THR E 208 70.49 -8.05 -43.49
N VAL E 209 71.80 -8.13 -43.27
CA VAL E 209 72.69 -6.96 -43.24
C VAL E 209 73.89 -7.27 -44.11
N PRO E 210 74.61 -6.24 -44.57
CA PRO E 210 75.75 -6.48 -45.45
C PRO E 210 76.88 -7.23 -44.74
N SER E 211 77.53 -8.16 -45.46
CA SER E 211 78.53 -9.02 -44.84
C SER E 211 79.84 -8.30 -44.54
N SER E 212 80.08 -7.15 -45.15
CA SER E 212 81.17 -6.29 -44.71
C SER E 212 80.96 -5.84 -43.27
N THR E 213 79.71 -5.75 -42.83
CA THR E 213 79.41 -5.35 -41.45
C THR E 213 79.48 -6.52 -40.47
N TRP E 214 79.19 -7.76 -40.91
CA TRP E 214 79.21 -8.87 -39.98
C TRP E 214 80.32 -9.85 -40.31
N PRO E 215 80.98 -10.44 -39.29
CA PRO E 215 80.76 -10.19 -37.86
C PRO E 215 81.67 -9.13 -37.24
N SER E 216 82.24 -8.23 -38.05
CA SER E 216 83.03 -7.12 -37.54
C SER E 216 82.19 -6.24 -36.60
N GLN E 217 81.00 -5.88 -37.04
CA GLN E 217 79.98 -5.31 -36.16
C GLN E 217 79.34 -6.40 -35.30
N THR E 218 78.71 -5.97 -34.20
CA THR E 218 77.96 -6.86 -33.34
C THR E 218 76.47 -6.73 -33.65
N VAL E 219 75.76 -7.86 -33.62
CA VAL E 219 74.34 -7.91 -33.95
C VAL E 219 73.64 -8.79 -32.92
N THR E 220 72.58 -8.26 -32.30
CA THR E 220 71.85 -8.96 -31.25
C THR E 220 70.36 -8.98 -31.56
N CYS E 221 69.75 -10.17 -31.43
CA CYS E 221 68.31 -10.32 -31.54
C CYS E 221 67.73 -10.29 -30.12
N SER E 222 66.68 -9.49 -29.94
CA SER E 222 66.03 -9.33 -28.65
C SER E 222 64.65 -9.97 -28.73
N VAL E 223 64.41 -10.97 -27.88
CA VAL E 223 63.13 -11.68 -27.83
C VAL E 223 62.44 -11.30 -26.54
N ALA E 224 61.23 -10.75 -26.63
CA ALA E 224 60.44 -10.38 -25.47
C ALA E 224 59.17 -11.21 -25.43
N HIS E 225 58.91 -11.84 -24.27
CA HIS E 225 57.68 -12.63 -24.04
C HIS E 225 56.95 -12.09 -22.82
N PRO E 226 55.95 -11.22 -23.00
CA PRO E 226 55.36 -10.53 -21.84
C PRO E 226 54.69 -11.45 -20.82
N ALA E 227 53.91 -12.44 -21.27
CA ALA E 227 53.10 -13.25 -20.36
C ALA E 227 53.94 -14.01 -19.34
N SER E 228 55.23 -14.21 -19.63
CA SER E 228 56.18 -14.75 -18.67
C SER E 228 57.08 -13.67 -18.11
N SER E 229 56.93 -12.42 -18.59
CA SER E 229 57.75 -11.30 -18.16
C SER E 229 59.23 -11.68 -18.22
N THR E 230 59.60 -12.32 -19.31
CA THR E 230 60.98 -12.69 -19.59
C THR E 230 61.49 -11.92 -20.79
N THR E 231 62.70 -11.37 -20.68
CA THR E 231 63.38 -10.76 -21.81
C THR E 231 64.76 -11.39 -21.93
N VAL E 232 65.05 -11.87 -23.12
CA VAL E 232 66.29 -12.56 -23.44
C VAL E 232 66.91 -11.89 -24.66
N ASP E 233 68.18 -11.52 -24.55
CA ASP E 233 68.99 -11.07 -25.67
C ASP E 233 69.96 -12.17 -26.04
N LYS E 234 70.25 -12.28 -27.32
CA LYS E 234 71.26 -13.21 -27.79
C LYS E 234 72.16 -12.43 -28.74
N LYS E 235 73.47 -12.46 -28.48
CA LYS E 235 74.42 -11.84 -29.39
C LYS E 235 74.72 -12.79 -30.54
N LEU E 236 74.81 -12.23 -31.75
CA LEU E 236 75.05 -13.04 -32.95
C LEU E 236 76.55 -13.12 -33.18
N GLU E 237 77.08 -14.34 -33.14
CA GLU E 237 78.46 -14.70 -33.38
C GLU E 237 78.54 -15.92 -34.29
N PRO E 238 79.64 -16.10 -35.02
CA PRO E 238 79.71 -17.23 -35.95
C PRO E 238 80.12 -18.53 -35.24
N SER E 239 79.62 -19.64 -35.79
CA SER E 239 79.89 -20.98 -35.27
C SER E 239 81.37 -21.28 -35.16
N ASN F 21 18.61 -10.64 -39.12
CA ASN F 21 19.65 -9.65 -39.29
C ASN F 21 19.98 -9.42 -40.73
N ILE F 22 20.58 -8.25 -40.97
CA ILE F 22 21.07 -7.87 -42.30
C ILE F 22 22.43 -8.54 -42.49
N VAL F 23 22.50 -9.43 -43.46
CA VAL F 23 23.70 -10.22 -43.70
C VAL F 23 24.40 -9.61 -44.90
N LEU F 24 25.67 -9.27 -44.72
CA LEU F 24 26.48 -8.75 -45.81
C LEU F 24 27.27 -9.89 -46.43
N THR F 25 27.10 -10.10 -47.73
CA THR F 25 27.88 -11.10 -48.42
C THR F 25 28.80 -10.35 -49.38
N GLN F 26 30.11 -10.56 -49.23
CA GLN F 26 31.16 -9.88 -49.98
C GLN F 26 31.71 -10.76 -51.10
N SER F 27 31.98 -10.17 -52.25
CA SER F 27 32.53 -10.98 -53.32
C SER F 27 33.67 -10.25 -54.00
N PRO F 28 34.76 -10.95 -54.35
CA PRO F 28 35.04 -12.38 -54.15
C PRO F 28 35.62 -12.63 -52.79
N ALA F 29 35.74 -13.89 -52.39
CA ALA F 29 36.35 -14.17 -51.10
C ALA F 29 37.80 -13.70 -51.06
N SER F 30 38.56 -13.97 -52.11
CA SER F 30 39.93 -13.50 -52.21
C SER F 30 40.20 -13.04 -53.63
N LEU F 31 41.04 -12.01 -53.76
CA LEU F 31 41.31 -11.36 -55.03
C LEU F 31 42.82 -11.15 -55.21
N ALA F 32 43.30 -11.44 -56.42
CA ALA F 32 44.69 -11.18 -56.82
C ALA F 32 44.69 -10.12 -57.91
N VAL F 33 45.42 -9.02 -57.71
CA VAL F 33 45.44 -7.94 -58.69
C VAL F 33 46.86 -7.43 -58.88
N SER F 34 47.17 -7.05 -60.12
CA SER F 34 48.49 -6.54 -60.45
C SER F 34 48.62 -5.07 -60.11
N LEU F 35 49.85 -4.63 -59.86
CA LEU F 35 50.13 -3.23 -59.53
C LEU F 35 49.50 -2.31 -60.56
N GLY F 36 48.82 -1.27 -60.10
CA GLY F 36 48.24 -0.31 -61.02
C GLY F 36 46.91 -0.66 -61.65
N GLN F 37 46.37 -1.85 -61.43
CA GLN F 37 45.11 -2.23 -62.05
C GLN F 37 43.92 -1.61 -61.33
N ARG F 38 42.73 -2.03 -61.70
CA ARG F 38 41.50 -1.58 -61.07
C ARG F 38 40.92 -2.75 -60.30
N ALA F 39 40.67 -2.54 -59.01
CA ALA F 39 40.11 -3.55 -58.12
C ALA F 39 38.66 -3.24 -57.81
N THR F 40 37.78 -4.24 -57.92
CA THR F 40 36.39 -4.06 -57.58
C THR F 40 35.94 -5.15 -56.63
N ILE F 41 35.47 -4.73 -55.45
CA ILE F 41 34.87 -5.58 -54.43
C ILE F 41 33.40 -5.21 -54.29
N SER F 42 32.53 -6.19 -54.04
CA SER F 42 31.12 -5.91 -53.87
C SER F 42 30.61 -6.49 -52.55
N CYS F 43 29.59 -5.82 -52.00
CA CYS F 43 28.94 -6.20 -50.76
C CYS F 43 27.43 -6.25 -51.03
N ARG F 44 26.80 -7.37 -50.70
CA ARG F 44 25.38 -7.59 -50.97
C ARG F 44 24.65 -7.81 -49.66
N ALA F 45 23.71 -6.92 -49.36
CA ALA F 45 22.95 -6.94 -48.13
C ALA F 45 21.64 -7.67 -48.31
N SER F 46 21.21 -8.37 -47.26
CA SER F 46 19.97 -9.15 -47.31
C SER F 46 18.72 -8.29 -47.19
N GLU F 47 18.85 -7.08 -46.66
CA GLU F 47 17.76 -6.14 -46.54
C GLU F 47 18.35 -4.76 -46.82
N SER F 48 17.50 -3.81 -47.19
CA SER F 48 18.01 -2.48 -47.52
C SER F 48 18.76 -1.88 -46.34
N VAL F 49 19.90 -1.28 -46.62
CA VAL F 49 20.61 -0.55 -45.60
C VAL F 49 20.38 0.95 -45.73
N ASP F 50 19.30 1.37 -46.39
CA ASP F 50 19.05 2.77 -46.68
C ASP F 50 18.02 3.35 -45.73
N SER F 51 18.35 4.50 -45.12
CA SER F 51 17.38 5.20 -44.29
C SER F 51 17.67 6.68 -44.31
N TYR F 52 16.62 7.48 -44.17
CA TYR F 52 16.69 8.93 -44.13
C TYR F 52 17.36 9.50 -45.38
N GLY F 53 17.41 8.71 -46.46
CA GLY F 53 18.04 9.11 -47.69
C GLY F 53 19.52 8.81 -47.76
N TYR F 54 20.06 8.13 -46.78
CA TYR F 54 21.48 7.82 -46.78
C TYR F 54 21.63 6.31 -46.82
N SER F 55 22.79 5.86 -47.26
CA SER F 55 23.12 4.44 -47.24
C SER F 55 24.08 4.21 -46.08
N PHE F 56 23.64 3.42 -45.11
CA PHE F 56 24.40 3.23 -43.88
C PHE F 56 25.30 2.02 -44.10
N MET F 57 26.36 2.28 -44.85
CA MET F 57 27.29 1.28 -45.34
C MET F 57 28.68 1.87 -45.23
N HIS F 58 29.67 1.03 -44.93
CA HIS F 58 31.02 1.54 -44.79
C HIS F 58 32.00 0.47 -45.25
N TRP F 59 33.20 0.90 -45.62
CA TRP F 59 34.24 0.00 -46.09
C TRP F 59 35.45 0.14 -45.18
N TYR F 60 36.04 -0.97 -44.77
CA TYR F 60 37.22 -0.92 -43.92
C TYR F 60 38.38 -1.68 -44.54
N GLN F 61 39.59 -1.18 -44.27
CA GLN F 61 40.81 -1.87 -44.63
C GLN F 61 41.52 -2.30 -43.35
N GLN F 62 41.91 -3.57 -43.28
CA GLN F 62 42.58 -4.12 -42.11
C GLN F 62 43.91 -4.72 -42.55
N LYS F 63 45.00 -4.03 -42.25
CA LYS F 63 46.31 -4.65 -42.37
C LYS F 63 46.47 -5.71 -41.27
N PRO F 64 47.18 -6.80 -41.52
CA PRO F 64 47.25 -7.89 -40.53
C PRO F 64 47.89 -7.42 -39.22
N GLY F 65 47.41 -7.98 -38.10
CA GLY F 65 47.93 -7.61 -36.80
C GLY F 65 47.59 -6.22 -36.33
N GLN F 66 46.56 -5.60 -36.88
CA GLN F 66 46.26 -4.18 -36.72
C GLN F 66 44.75 -3.99 -36.60
N PRO F 67 44.31 -2.87 -36.00
CA PRO F 67 42.87 -2.58 -36.03
C PRO F 67 42.45 -2.25 -37.44
N PRO F 68 41.17 -2.43 -37.76
CA PRO F 68 40.68 -1.99 -39.09
C PRO F 68 40.66 -0.47 -39.20
N LYS F 69 40.72 -0.01 -40.45
CA LYS F 69 40.74 1.41 -40.78
C LYS F 69 39.65 1.69 -41.82
N VAL F 70 38.99 2.82 -41.66
CA VAL F 70 37.89 3.21 -42.52
C VAL F 70 38.42 3.79 -43.82
N LEU F 71 37.79 3.41 -44.94
CA LEU F 71 38.10 4.01 -46.23
C LEU F 71 36.93 4.84 -46.75
N ILE F 72 35.77 4.22 -46.94
CA ILE F 72 34.58 4.92 -47.37
C ILE F 72 33.54 4.81 -46.25
N TYR F 73 32.96 5.95 -45.87
CA TYR F 73 31.87 5.97 -44.90
C TYR F 73 30.62 6.42 -45.64
N LEU F 74 29.47 5.82 -45.26
CA LEU F 74 28.26 5.92 -46.09
C LEU F 74 28.62 5.31 -47.43
N ALA F 75 27.75 5.32 -48.42
CA ALA F 75 28.09 4.59 -49.62
C ALA F 75 29.33 5.16 -50.30
N SER F 76 29.46 6.48 -50.28
CA SER F 76 30.26 7.15 -51.33
C SER F 76 30.98 8.37 -50.80
N ASN F 77 31.57 8.26 -49.62
CA ASN F 77 32.28 9.37 -49.02
C ASN F 77 33.70 8.94 -48.69
N LEU F 78 34.65 9.65 -49.26
CA LEU F 78 36.07 9.39 -49.05
C LEU F 78 36.42 9.83 -47.64
N GLU F 79 37.03 8.93 -46.87
CA GLU F 79 37.38 9.28 -45.50
C GLU F 79 38.47 10.33 -45.48
N SER F 80 38.47 11.19 -44.45
CA SER F 80 39.45 12.28 -44.43
C SER F 80 40.86 11.71 -44.39
N GLY F 81 41.70 12.16 -45.32
CA GLY F 81 43.06 11.70 -45.32
C GLY F 81 43.25 10.29 -45.86
N VAL F 82 42.32 9.78 -46.66
CA VAL F 82 42.47 8.48 -47.31
C VAL F 82 42.72 8.77 -48.78
N PRO F 83 43.68 8.11 -49.44
CA PRO F 83 44.01 8.46 -50.83
C PRO F 83 42.82 8.33 -51.77
N ALA F 84 42.66 9.34 -52.63
CA ALA F 84 41.47 9.48 -53.46
C ALA F 84 41.30 8.38 -54.49
N ARG F 85 42.20 7.39 -54.56
CA ARG F 85 41.99 6.26 -55.44
C ARG F 85 40.91 5.31 -54.92
N PHE F 86 40.58 5.42 -53.64
CA PHE F 86 39.46 4.67 -53.08
C PHE F 86 38.15 5.39 -53.36
N SER F 87 37.13 4.63 -53.73
CA SER F 87 35.84 5.22 -54.03
C SER F 87 34.75 4.19 -53.78
N GLY F 88 33.59 4.69 -53.40
CA GLY F 88 32.45 3.85 -53.04
C GLY F 88 31.19 4.31 -53.75
N SER F 89 30.31 3.34 -53.98
CA SER F 89 29.06 3.61 -54.70
C SER F 89 28.01 2.58 -54.29
N GLY F 90 26.77 2.85 -54.69
CA GLY F 90 25.68 1.92 -54.48
C GLY F 90 24.57 2.52 -53.63
N SER F 91 23.45 1.78 -53.59
CA SER F 91 22.30 2.09 -52.76
C SER F 91 21.52 0.81 -52.51
N ARG F 92 20.67 0.85 -51.48
CA ARG F 92 19.81 -0.28 -51.10
C ARG F 92 20.62 -1.51 -50.76
N THR F 93 20.64 -2.50 -51.64
CA THR F 93 21.32 -3.73 -51.26
C THR F 93 22.73 -3.87 -51.84
N ASP F 94 23.07 -3.29 -52.99
CA ASP F 94 24.32 -3.59 -53.68
C ASP F 94 25.31 -2.43 -53.65
N PHE F 95 26.55 -2.72 -53.26
CA PHE F 95 27.58 -1.70 -53.08
C PHE F 95 28.90 -2.25 -53.59
N THR F 96 29.83 -1.33 -53.88
CA THR F 96 31.07 -1.67 -54.59
C THR F 96 32.20 -0.74 -54.19
N LEU F 97 33.31 -1.32 -53.74
CA LEU F 97 34.54 -0.59 -53.41
C LEU F 97 35.50 -0.66 -54.58
N THR F 98 36.00 0.49 -55.02
CA THR F 98 36.93 0.53 -56.14
C THR F 98 38.26 1.14 -55.73
N ILE F 99 39.35 0.52 -56.16
CA ILE F 99 40.69 0.99 -55.86
C ILE F 99 41.38 1.23 -57.19
N ASP F 100 41.83 2.46 -57.41
CA ASP F 100 42.36 2.74 -58.74
C ASP F 100 43.34 3.90 -58.83
N PRO F 101 44.63 3.62 -59.05
CA PRO F 101 45.22 2.29 -59.24
C PRO F 101 45.67 1.67 -57.93
N VAL F 102 45.41 0.36 -57.76
CA VAL F 102 45.84 -0.34 -56.57
C VAL F 102 47.36 -0.32 -56.48
N GLU F 103 47.89 -0.11 -55.27
CA GLU F 103 49.33 -0.01 -55.07
C GLU F 103 49.83 -1.04 -54.05
N ALA F 104 51.15 -1.04 -53.84
CA ALA F 104 51.79 -2.08 -53.04
C ALA F 104 51.31 -2.06 -51.60
N ASP F 105 50.84 -0.90 -51.13
CA ASP F 105 50.42 -0.76 -49.74
C ASP F 105 49.13 -1.52 -49.43
N ASP F 106 48.27 -1.70 -50.44
CA ASP F 106 46.90 -2.14 -50.23
C ASP F 106 46.75 -3.65 -50.02
N ALA F 107 47.85 -4.40 -49.91
CA ALA F 107 47.73 -5.80 -49.56
C ALA F 107 47.16 -5.90 -48.15
N ALA F 108 45.87 -6.21 -48.07
CA ALA F 108 45.15 -6.23 -46.80
C ALA F 108 43.79 -6.85 -47.06
N THR F 109 43.06 -7.11 -45.98
CA THR F 109 41.69 -7.58 -46.11
C THR F 109 40.72 -6.41 -45.98
N TYR F 110 39.64 -6.46 -46.74
CA TYR F 110 38.71 -5.35 -46.86
C TYR F 110 37.30 -5.74 -46.40
N TYR F 111 36.74 -4.98 -45.48
CA TYR F 111 35.45 -5.31 -44.87
C TYR F 111 34.43 -4.22 -45.17
N CYS F 112 33.20 -4.65 -45.42
CA CYS F 112 32.05 -3.77 -45.43
C CYS F 112 31.23 -4.00 -44.17
N GLN F 113 30.54 -2.96 -43.73
CA GLN F 113 29.76 -3.03 -42.49
C GLN F 113 28.52 -2.15 -42.64
N GLN F 114 27.43 -2.54 -41.98
CA GLN F 114 26.23 -1.72 -42.03
C GLN F 114 25.76 -1.37 -40.63
N ASN F 115 25.19 -0.18 -40.48
CA ASN F 115 24.52 0.20 -39.25
C ASN F 115 23.20 0.87 -39.62
N ASN F 116 22.39 0.15 -40.37
CA ASN F 116 21.03 0.61 -40.53
C ASN F 116 20.12 -0.01 -39.49
N GLU F 117 20.39 -1.25 -39.09
CA GLU F 117 19.59 -1.92 -38.06
C GLU F 117 20.45 -2.80 -37.17
N ASN F 118 20.02 -2.94 -35.90
CA ASN F 118 20.72 -3.83 -34.96
C ASN F 118 20.41 -5.28 -35.29
N PRO F 119 21.41 -6.17 -35.23
CA PRO F 119 22.77 -5.84 -34.80
C PRO F 119 23.63 -5.29 -35.94
N LEU F 120 24.59 -4.43 -35.62
CA LEU F 120 25.53 -4.05 -36.66
C LEU F 120 26.22 -5.31 -37.15
N THR F 121 26.37 -5.41 -38.47
CA THR F 121 26.94 -6.59 -39.11
C THR F 121 28.01 -6.19 -40.12
N PHE F 122 28.97 -7.10 -40.29
CA PHE F 122 30.10 -6.98 -41.19
C PHE F 122 30.02 -7.98 -42.34
N GLY F 123 30.74 -7.67 -43.41
CA GLY F 123 30.99 -8.67 -44.43
C GLY F 123 32.01 -9.69 -43.95
N ALA F 124 32.11 -10.80 -44.70
CA ALA F 124 33.07 -11.86 -44.37
C ALA F 124 34.50 -11.46 -44.69
N GLY F 125 34.68 -10.56 -45.64
CA GLY F 125 35.96 -10.01 -45.97
C GLY F 125 36.44 -10.42 -47.35
N THR F 126 37.29 -9.57 -47.93
CA THR F 126 37.97 -9.83 -49.19
C THR F 126 39.45 -9.65 -48.93
N LYS F 127 40.22 -10.73 -49.07
CA LYS F 127 41.68 -10.66 -48.95
C LYS F 127 42.26 -10.27 -50.30
N LEU F 128 42.92 -9.12 -50.36
CA LEU F 128 43.56 -8.69 -51.58
C LEU F 128 45.02 -9.13 -51.59
N GLU F 129 45.43 -9.80 -52.67
CA GLU F 129 46.79 -10.22 -52.90
C GLU F 129 47.31 -9.47 -54.11
N LEU F 130 48.51 -8.90 -54.03
CA LEU F 130 49.08 -8.19 -55.18
C LEU F 130 49.82 -9.13 -56.11
N LYS F 131 49.72 -8.85 -57.41
CA LYS F 131 50.48 -9.52 -58.44
C LYS F 131 51.63 -8.60 -58.83
N ARG F 132 52.85 -9.12 -58.78
CA ARG F 132 54.01 -8.40 -59.28
C ARG F 132 54.76 -9.32 -60.23
N ALA F 133 55.80 -8.79 -60.85
CA ALA F 133 56.61 -9.65 -61.70
C ALA F 133 57.32 -10.66 -60.80
N ASP F 134 57.42 -11.89 -61.29
CA ASP F 134 57.92 -12.99 -60.49
C ASP F 134 59.35 -12.72 -60.03
N ALA F 135 59.75 -13.36 -58.92
CA ALA F 135 61.06 -13.13 -58.34
C ALA F 135 61.58 -14.39 -57.67
N ALA F 136 62.92 -14.57 -57.70
CA ALA F 136 63.51 -15.80 -57.18
C ALA F 136 63.79 -15.70 -55.68
N PRO F 137 63.72 -16.82 -54.95
CA PRO F 137 63.91 -16.80 -53.49
C PRO F 137 65.38 -16.81 -53.09
N THR F 138 65.77 -15.87 -52.21
CA THR F 138 67.12 -15.86 -51.62
C THR F 138 67.21 -16.85 -50.47
N VAL F 139 67.89 -17.96 -50.68
CA VAL F 139 67.91 -19.04 -49.71
C VAL F 139 69.11 -18.91 -48.78
N SER F 140 68.90 -19.18 -47.49
CA SER F 140 69.94 -19.11 -46.48
C SER F 140 69.86 -20.33 -45.58
N ILE F 141 71.01 -20.95 -45.28
CA ILE F 141 71.06 -22.16 -44.47
C ILE F 141 71.83 -21.90 -43.18
N PHE F 142 71.29 -22.41 -42.06
CA PHE F 142 71.81 -22.10 -40.72
C PHE F 142 71.96 -23.35 -39.87
N PRO F 143 73.17 -23.65 -39.39
CA PRO F 143 73.37 -24.83 -38.52
C PRO F 143 72.70 -24.64 -37.16
N PRO F 144 72.53 -25.73 -36.41
CA PRO F 144 71.99 -25.60 -35.04
C PRO F 144 72.97 -24.81 -34.17
N SER F 145 72.41 -24.02 -33.27
CA SER F 145 73.23 -23.13 -32.45
C SER F 145 74.06 -23.93 -31.46
N SER F 146 75.11 -23.28 -30.95
CA SER F 146 75.96 -23.88 -29.92
C SER F 146 75.19 -24.05 -28.61
N GLU F 147 74.35 -23.06 -28.28
CA GLU F 147 73.49 -23.15 -27.10
C GLU F 147 72.48 -24.28 -27.23
N GLN F 148 71.99 -24.52 -28.44
CA GLN F 148 70.97 -25.54 -28.64
C GLN F 148 71.57 -26.94 -28.56
N LEU F 149 72.73 -27.17 -29.18
CA LEU F 149 73.32 -28.50 -29.17
C LEU F 149 73.65 -29.00 -27.76
N THR F 150 73.80 -28.11 -26.79
CA THR F 150 74.12 -28.54 -25.45
C THR F 150 72.89 -28.87 -24.60
N SER F 151 71.72 -28.38 -25.00
CA SER F 151 70.50 -28.52 -24.23
C SER F 151 69.72 -29.81 -24.54
N GLY F 152 70.21 -30.65 -25.44
CA GLY F 152 69.54 -31.89 -25.74
C GLY F 152 68.74 -31.88 -27.03
N GLY F 153 68.80 -30.80 -27.79
CA GLY F 153 68.10 -30.72 -29.06
C GLY F 153 68.87 -29.88 -30.06
N ALA F 154 68.54 -30.07 -31.34
CA ALA F 154 69.20 -29.40 -32.45
C ALA F 154 68.17 -29.19 -33.54
N SER F 155 68.05 -27.95 -34.03
CA SER F 155 67.13 -27.64 -35.12
C SER F 155 67.86 -26.86 -36.22
N VAL F 156 67.84 -27.39 -37.45
CA VAL F 156 68.45 -26.71 -38.59
C VAL F 156 67.38 -25.90 -39.30
N VAL F 157 67.67 -24.62 -39.55
CA VAL F 157 66.70 -23.66 -40.07
C VAL F 157 67.19 -23.15 -41.41
N CYS F 158 66.25 -23.00 -42.35
CA CYS F 158 66.50 -22.44 -43.69
C CYS F 158 65.49 -21.33 -43.94
N PHE F 159 66.01 -20.17 -44.34
CA PHE F 159 65.22 -18.97 -44.59
C PHE F 159 65.10 -18.76 -46.10
N LEU F 160 63.86 -18.69 -46.59
CA LEU F 160 63.56 -18.40 -47.98
C LEU F 160 62.91 -17.03 -48.04
N ASN F 161 63.62 -16.05 -48.57
CA ASN F 161 63.22 -14.65 -48.43
C ASN F 161 62.98 -13.99 -49.78
N ASN F 162 61.83 -13.31 -49.89
CA ASN F 162 61.51 -12.38 -50.97
C ASN F 162 61.43 -13.10 -52.33
N PHE F 163 60.39 -13.92 -52.44
CA PHE F 163 60.04 -14.60 -53.67
C PHE F 163 58.57 -14.32 -54.00
N TYR F 164 58.21 -14.57 -55.26
CA TYR F 164 56.83 -14.46 -55.76
C TYR F 164 56.71 -15.37 -56.97
N PRO F 165 55.59 -16.11 -57.13
CA PRO F 165 54.37 -16.20 -56.32
C PRO F 165 54.54 -16.94 -55.02
N LYS F 166 53.41 -17.01 -54.30
CA LYS F 166 53.39 -17.52 -52.93
C LYS F 166 53.62 -19.04 -52.89
N ASP F 167 53.09 -19.78 -53.86
CA ASP F 167 53.25 -21.22 -53.85
C ASP F 167 54.70 -21.65 -54.06
N ILE F 168 55.15 -22.60 -53.24
CA ILE F 168 56.52 -23.10 -53.32
C ILE F 168 56.63 -24.38 -52.49
N ASN F 169 57.49 -25.30 -52.94
CA ASN F 169 57.79 -26.51 -52.20
C ASN F 169 59.30 -26.58 -52.00
N VAL F 170 59.70 -26.93 -50.79
CA VAL F 170 61.10 -26.95 -50.38
C VAL F 170 61.52 -28.38 -50.14
N LYS F 171 62.82 -28.60 -50.28
CA LYS F 171 63.39 -29.94 -50.22
C LYS F 171 64.65 -29.85 -49.36
N TRP F 172 64.70 -30.63 -48.30
CA TRP F 172 65.88 -30.74 -47.47
C TRP F 172 66.60 -32.04 -47.78
N LYS F 173 67.91 -31.96 -48.00
CA LYS F 173 68.73 -33.14 -48.21
C LYS F 173 69.72 -33.25 -47.07
N ILE F 174 69.68 -34.37 -46.35
CA ILE F 174 70.64 -34.75 -45.33
C ILE F 174 71.53 -35.88 -45.86
N ASP F 175 72.80 -35.56 -46.12
CA ASP F 175 73.79 -36.53 -46.61
C ASP F 175 73.38 -37.22 -47.90
N GLY F 176 72.45 -36.62 -48.65
CA GLY F 176 71.94 -37.19 -49.89
C GLY F 176 70.65 -37.99 -49.78
N SER F 177 70.12 -38.20 -48.58
CA SER F 177 68.80 -38.81 -48.41
C SER F 177 67.78 -37.70 -48.24
N GLU F 178 66.66 -37.78 -48.96
CA GLU F 178 65.65 -36.76 -48.78
C GLU F 178 65.08 -36.90 -47.37
N ARG F 179 64.52 -35.82 -46.84
CA ARG F 179 64.02 -35.87 -45.47
C ARG F 179 62.64 -35.25 -45.40
N GLN F 180 61.71 -35.99 -44.79
CA GLN F 180 60.30 -35.65 -44.78
C GLN F 180 59.70 -35.62 -43.36
N ASN F 181 60.52 -35.71 -42.33
CA ASN F 181 60.05 -35.85 -40.95
C ASN F 181 60.27 -34.57 -40.16
N GLY F 182 59.30 -34.21 -39.32
CA GLY F 182 59.54 -33.13 -38.39
C GLY F 182 59.84 -31.79 -39.01
N VAL F 183 59.42 -31.58 -40.25
CA VAL F 183 59.60 -30.31 -40.95
C VAL F 183 58.31 -29.51 -40.82
N LEU F 184 58.41 -28.28 -40.34
CA LEU F 184 57.27 -27.36 -40.26
C LEU F 184 57.60 -26.07 -40.99
N ASN F 185 56.64 -25.59 -41.78
CA ASN F 185 56.80 -24.40 -42.59
C ASN F 185 55.74 -23.36 -42.25
N SER F 186 56.13 -22.09 -42.30
CA SER F 186 55.27 -20.96 -42.04
C SER F 186 55.45 -19.90 -43.11
N TRP F 187 54.35 -19.44 -43.71
CA TRP F 187 54.38 -18.31 -44.64
C TRP F 187 54.08 -17.00 -43.93
N THR F 188 54.77 -15.94 -44.37
CA THR F 188 54.53 -14.57 -43.92
C THR F 188 53.45 -13.90 -44.74
N ASP F 189 53.00 -12.75 -44.27
CA ASP F 189 52.13 -11.95 -45.11
C ASP F 189 52.94 -11.30 -46.23
N GLN F 190 52.26 -11.05 -47.34
CA GLN F 190 52.90 -10.36 -48.44
C GLN F 190 53.44 -9.03 -47.95
N ASP F 191 54.68 -8.71 -48.34
CA ASP F 191 55.33 -7.51 -47.82
C ASP F 191 54.69 -6.28 -48.44
N SER F 192 54.47 -5.24 -47.63
CA SER F 192 53.78 -4.09 -48.17
C SER F 192 54.66 -3.29 -49.12
N LYS F 193 55.97 -3.50 -49.08
CA LYS F 193 56.89 -2.65 -49.83
C LYS F 193 57.20 -3.23 -51.20
N ASP F 194 57.63 -4.49 -51.25
CA ASP F 194 58.00 -5.13 -52.51
C ASP F 194 56.97 -6.16 -53.00
N SER F 195 55.93 -6.44 -52.22
CA SER F 195 54.86 -7.34 -52.62
C SER F 195 55.35 -8.77 -52.79
N THR F 196 56.34 -9.19 -52.01
CA THR F 196 56.83 -10.56 -52.03
C THR F 196 56.48 -11.29 -50.74
N TYR F 197 56.67 -12.60 -50.77
CA TYR F 197 56.45 -13.49 -49.63
C TYR F 197 57.79 -14.00 -49.09
N SER F 198 57.72 -14.65 -47.93
CA SER F 198 58.87 -15.34 -47.36
C SER F 198 58.36 -16.52 -46.57
N MET F 199 59.28 -17.39 -46.17
CA MET F 199 58.90 -18.65 -45.53
C MET F 199 60.09 -19.18 -44.77
N SER F 200 59.86 -19.80 -43.61
CA SER F 200 60.94 -20.41 -42.84
C SER F 200 60.71 -21.92 -42.72
N SER F 201 61.71 -22.71 -43.14
CA SER F 201 61.70 -24.17 -42.99
C SER F 201 62.59 -24.62 -41.85
N THR F 202 62.05 -25.46 -40.96
CA THR F 202 62.71 -25.84 -39.70
C THR F 202 62.71 -27.35 -39.52
N LEU F 203 63.90 -27.95 -39.50
CA LEU F 203 64.06 -29.40 -39.29
C LEU F 203 64.33 -29.66 -37.82
N THR F 204 63.43 -30.42 -37.17
CA THR F 204 63.47 -30.64 -35.72
C THR F 204 63.87 -32.08 -35.43
N LEU F 205 65.00 -32.25 -34.74
CA LEU F 205 65.52 -33.56 -34.36
C LEU F 205 66.04 -33.51 -32.93
N THR F 206 66.44 -34.68 -32.45
CA THR F 206 67.23 -34.75 -31.24
C THR F 206 68.64 -34.25 -31.54
N LYS F 207 69.35 -33.86 -30.48
CA LYS F 207 70.72 -33.39 -30.62
C LYS F 207 71.62 -34.47 -31.24
N ASP F 208 71.53 -35.71 -30.73
CA ASP F 208 72.40 -36.78 -31.21
C ASP F 208 72.23 -37.06 -32.70
N GLU F 209 70.99 -37.03 -33.22
CA GLU F 209 70.73 -37.34 -34.62
C GLU F 209 71.49 -36.42 -35.58
N TYR F 210 71.70 -35.16 -35.18
CA TYR F 210 72.40 -34.19 -36.04
C TYR F 210 73.86 -34.60 -36.27
N GLU F 211 74.51 -35.13 -35.25
CA GLU F 211 75.92 -35.43 -35.34
C GLU F 211 76.21 -36.73 -36.08
N ARG F 212 75.20 -37.58 -36.28
CA ARG F 212 75.42 -38.84 -36.99
C ARG F 212 75.64 -38.61 -38.49
N HIS F 213 75.15 -37.48 -39.02
CA HIS F 213 75.33 -37.13 -40.41
C HIS F 213 76.07 -35.80 -40.51
N ASN F 214 76.87 -35.66 -41.56
CA ASN F 214 77.80 -34.56 -41.71
C ASN F 214 77.33 -33.43 -42.61
N SER F 215 76.70 -33.74 -43.75
CA SER F 215 76.36 -32.75 -44.77
C SER F 215 74.86 -32.45 -44.83
N TYR F 216 74.52 -31.16 -44.89
CA TYR F 216 73.14 -30.69 -44.88
C TYR F 216 72.84 -29.78 -46.06
N THR F 217 71.65 -29.92 -46.64
CA THR F 217 71.29 -29.19 -47.86
C THR F 217 69.87 -28.64 -47.81
N CYS F 218 69.71 -27.46 -48.41
CA CYS F 218 68.42 -26.81 -48.57
C CYS F 218 68.20 -26.61 -50.08
N GLU F 219 67.07 -27.10 -50.59
CA GLU F 219 66.78 -27.08 -52.03
C GLU F 219 65.36 -26.57 -52.30
N ALA F 220 65.26 -25.51 -53.10
CA ALA F 220 63.96 -24.91 -53.41
C ALA F 220 63.70 -24.91 -54.91
N THR F 221 62.53 -25.43 -55.33
CA THR F 221 62.08 -25.36 -56.72
C THR F 221 60.95 -24.34 -56.81
N HIS F 222 61.13 -23.36 -57.68
CA HIS F 222 60.23 -22.24 -57.84
C HIS F 222 59.86 -22.05 -59.31
N LYS F 223 58.79 -21.29 -59.55
CA LYS F 223 58.41 -20.86 -60.89
C LYS F 223 59.51 -20.10 -61.61
N THR F 224 60.53 -19.60 -60.89
CA THR F 224 61.60 -18.83 -61.53
C THR F 224 62.47 -19.70 -62.42
N SER F 225 62.94 -20.84 -61.89
CA SER F 225 63.80 -21.75 -62.64
C SER F 225 63.33 -23.19 -62.42
N THR F 226 63.62 -24.01 -63.44
CA THR F 226 63.33 -25.44 -63.39
C THR F 226 64.35 -26.17 -62.51
N SER F 227 65.61 -25.78 -62.59
CA SER F 227 66.67 -26.36 -61.78
C SER F 227 66.66 -25.71 -60.41
N PRO F 228 66.53 -26.47 -59.32
CA PRO F 228 66.34 -25.86 -58.00
C PRO F 228 67.52 -25.01 -57.54
N ILE F 229 67.21 -24.03 -56.69
CA ILE F 229 68.20 -23.19 -56.01
C ILE F 229 68.63 -23.91 -54.74
N VAL F 230 69.95 -24.17 -54.62
CA VAL F 230 70.50 -25.03 -53.59
C VAL F 230 71.45 -24.23 -52.70
N LYS F 231 71.45 -24.55 -51.40
CA LYS F 231 72.37 -23.98 -50.43
C LYS F 231 72.69 -25.05 -49.40
N SER F 232 73.97 -25.17 -49.04
CA SER F 232 74.41 -26.28 -48.20
C SER F 232 75.57 -25.83 -47.30
N PHE F 233 75.88 -26.68 -46.32
CA PHE F 233 77.01 -26.49 -45.42
C PHE F 233 77.35 -27.84 -44.79
N ASN F 234 78.57 -27.93 -44.26
CA ASN F 234 79.07 -29.14 -43.63
C ASN F 234 79.60 -28.79 -42.24
N ARG F 235 79.78 -29.82 -41.41
CA ARG F 235 80.45 -29.69 -40.11
C ARG F 235 81.97 -29.79 -40.17
N VAL G 21 -53.54 1.23 15.85
CA VAL G 21 -52.09 1.16 16.09
C VAL G 21 -51.70 1.43 17.54
N GLN G 22 -51.44 0.37 18.31
CA GLN G 22 -51.18 0.43 19.75
C GLN G 22 -49.78 -0.10 20.09
N LEU G 23 -49.02 0.65 20.89
CA LEU G 23 -47.64 0.32 21.24
C LEU G 23 -47.59 -0.18 22.68
N GLN G 24 -46.99 -1.34 22.88
CA GLN G 24 -46.86 -1.97 24.18
C GLN G 24 -45.36 -2.08 24.45
N GLN G 25 -44.88 -1.38 25.47
CA GLN G 25 -43.47 -1.42 25.82
C GLN G 25 -43.26 -2.42 26.96
N SER G 26 -42.01 -2.86 27.09
CA SER G 26 -41.68 -3.83 28.13
C SER G 26 -41.86 -3.18 29.51
N GLY G 27 -41.71 -3.99 30.56
CA GLY G 27 -41.89 -3.53 31.91
C GLY G 27 -40.68 -2.77 32.41
N PRO G 28 -40.81 -2.25 33.64
CA PRO G 28 -39.69 -1.51 34.24
C PRO G 28 -38.49 -2.40 34.51
N GLU G 29 -37.32 -1.75 34.64
CA GLU G 29 -36.08 -2.48 34.89
C GLU G 29 -35.20 -1.74 35.90
N LEU G 30 -34.60 -2.52 36.79
CA LEU G 30 -33.54 -2.07 37.68
C LEU G 30 -32.27 -2.81 37.26
N VAL G 31 -31.23 -2.06 36.93
CA VAL G 31 -30.02 -2.64 36.38
C VAL G 31 -28.84 -1.96 37.07
N LYS G 32 -27.84 -2.77 37.42
CA LYS G 32 -26.69 -2.27 38.17
C LYS G 32 -25.84 -1.34 37.31
N PRO G 33 -25.10 -0.41 37.93
CA PRO G 33 -24.24 0.48 37.14
C PRO G 33 -23.25 -0.30 36.30
N GLY G 34 -23.08 0.13 35.04
CA GLY G 34 -22.12 -0.47 34.13
C GLY G 34 -22.63 -1.63 33.28
N ALA G 35 -23.84 -2.08 33.50
CA ALA G 35 -24.40 -3.19 32.74
C ALA G 35 -24.98 -2.67 31.43
N SER G 36 -25.92 -3.41 30.86
CA SER G 36 -26.62 -3.02 29.64
C SER G 36 -28.04 -3.55 29.73
N VAL G 37 -28.96 -2.81 29.10
CA VAL G 37 -30.37 -3.18 29.10
C VAL G 37 -30.92 -3.00 27.70
N LYS G 38 -31.86 -3.86 27.33
CA LYS G 38 -32.51 -3.86 26.03
C LYS G 38 -34.00 -3.90 26.29
N MET G 39 -34.72 -2.84 25.95
CA MET G 39 -36.17 -2.77 26.16
C MET G 39 -36.90 -2.88 24.83
N SER G 40 -38.21 -3.13 24.88
CA SER G 40 -38.96 -3.49 23.67
C SER G 40 -40.11 -2.52 23.43
N CYS G 41 -40.60 -2.55 22.19
CA CYS G 41 -41.79 -1.78 21.78
C CYS G 41 -42.47 -2.51 20.62
N LYS G 42 -43.63 -3.14 20.88
CA LYS G 42 -44.37 -3.92 19.87
C LYS G 42 -45.49 -3.10 19.27
N ALA G 43 -45.59 -3.09 17.94
CA ALA G 43 -46.50 -2.20 17.23
C ALA G 43 -47.49 -3.00 16.38
N SER G 44 -48.74 -3.04 16.83
CA SER G 44 -49.83 -3.69 16.09
C SER G 44 -50.52 -2.62 15.26
N GLY G 45 -50.91 -2.98 14.05
CA GLY G 45 -51.51 -2.00 13.18
C GLY G 45 -50.52 -1.25 12.32
N CYS G 46 -49.34 -1.81 12.10
CA CYS G 46 -48.30 -1.13 11.35
C CYS G 46 -48.28 -1.55 9.87
N THR G 47 -47.73 -0.66 9.04
CA THR G 47 -47.42 -0.95 7.64
C THR G 47 -45.98 -0.57 7.34
N LEU G 48 -45.47 -1.09 6.24
CA LEU G 48 -44.09 -0.80 5.85
C LEU G 48 -43.86 0.70 5.68
N THR G 49 -44.86 1.43 5.15
CA THR G 49 -44.66 2.82 4.76
C THR G 49 -44.59 3.75 5.96
N ASN G 50 -45.40 3.50 6.99
CA ASN G 50 -45.22 4.18 8.27
C ASN G 50 -44.48 3.25 9.21
N CYS G 51 -44.83 3.26 10.50
CA CYS G 51 -44.31 2.31 11.48
C CYS G 51 -42.84 2.56 11.77
N PHE G 52 -42.51 3.83 11.98
CA PHE G 52 -41.20 4.22 12.48
C PHE G 52 -41.28 4.31 13.99
N MET G 53 -40.51 3.46 14.66
CA MET G 53 -40.46 3.44 16.11
C MET G 53 -39.47 4.50 16.56
N HIS G 54 -39.96 5.60 17.10
CA HIS G 54 -39.08 6.59 17.67
C HIS G 54 -38.89 6.30 19.15
N TRP G 55 -37.79 6.80 19.70
CA TRP G 55 -37.45 6.60 21.10
C TRP G 55 -37.02 7.91 21.72
N MET G 56 -37.57 8.20 22.89
CA MET G 56 -37.30 9.43 23.59
C MET G 56 -37.07 9.16 25.05
N LYS G 57 -36.13 9.91 25.64
CA LYS G 57 -35.74 9.78 27.03
C LYS G 57 -36.21 11.02 27.77
N GLN G 58 -36.98 10.83 28.83
CA GLN G 58 -37.46 11.94 29.65
C GLN G 58 -37.23 11.61 31.12
N LYS G 59 -36.34 12.36 31.77
CA LYS G 59 -36.20 12.29 33.22
C LYS G 59 -37.46 12.91 33.84
N PRO G 60 -37.71 12.70 35.15
CA PRO G 60 -38.97 13.21 35.72
C PRO G 60 -39.14 14.72 35.56
N GLY G 61 -40.25 15.11 34.94
CA GLY G 61 -40.59 16.52 34.76
C GLY G 61 -39.53 17.34 34.06
N GLN G 62 -38.92 16.80 33.02
CA GLN G 62 -37.87 17.47 32.25
C GLN G 62 -38.25 17.46 30.77
N ASP G 63 -37.40 18.11 29.99
CA ASP G 63 -37.57 18.11 28.55
C ASP G 63 -37.36 16.70 28.01
N LEU G 64 -38.08 16.37 26.94
CA LEU G 64 -37.87 15.13 26.24
C LEU G 64 -36.60 15.21 25.42
N GLU G 65 -35.85 14.13 25.38
CA GLU G 65 -34.70 14.02 24.53
C GLU G 65 -35.05 12.99 23.46
N TRP G 66 -34.75 13.30 22.19
CA TRP G 66 -35.00 12.37 21.10
C TRP G 66 -33.77 11.53 20.85
N ILE G 67 -33.96 10.21 20.77
CA ILE G 67 -32.83 9.31 20.58
C ILE G 67 -32.72 8.94 19.09
N GLY G 68 -33.79 8.43 18.50
CA GLY G 68 -33.68 7.98 17.12
C GLY G 68 -34.90 7.19 16.69
N TYR G 69 -34.75 6.47 15.61
CA TYR G 69 -35.92 5.73 15.18
C TYR G 69 -35.45 4.46 14.52
N ILE G 70 -36.35 3.49 14.42
CA ILE G 70 -36.03 2.31 13.64
C ILE G 70 -37.32 1.82 13.02
N ASN G 71 -37.22 1.37 11.77
CA ASN G 71 -38.37 0.84 11.06
C ASN G 71 -38.20 -0.66 10.93
N PRO G 72 -38.99 -1.46 11.67
CA PRO G 72 -38.75 -2.91 11.71
C PRO G 72 -38.76 -3.61 10.36
N TYR G 73 -39.54 -3.14 9.37
CA TYR G 73 -39.56 -3.77 8.05
C TYR G 73 -38.38 -3.28 7.21
N ASN G 74 -38.11 -1.99 7.24
CA ASN G 74 -37.00 -1.46 6.47
C ASN G 74 -35.67 -1.72 7.14
N ASP G 75 -35.67 -1.80 8.47
CA ASP G 75 -34.45 -1.72 9.29
C ASP G 75 -33.69 -0.41 9.10
N MET G 76 -34.34 0.60 8.50
CA MET G 76 -33.84 1.97 8.54
C MET G 76 -33.73 2.45 9.99
N THR G 77 -32.59 3.02 10.34
CA THR G 77 -32.39 3.59 11.66
C THR G 77 -31.72 4.95 11.54
N LYS G 78 -32.01 5.83 12.49
CA LYS G 78 -31.32 7.10 12.61
C LYS G 78 -31.11 7.39 14.09
N TYR G 79 -29.93 7.88 14.44
CA TYR G 79 -29.62 8.25 15.81
C TYR G 79 -29.47 9.76 15.90
N SER G 80 -29.80 10.33 17.07
CA SER G 80 -29.36 11.69 17.30
C SER G 80 -27.89 11.67 17.74
N GLU G 81 -27.26 12.86 17.77
CA GLU G 81 -25.81 12.88 18.02
C GLU G 81 -25.46 12.47 19.46
N ASN G 82 -26.24 12.89 20.44
CA ASN G 82 -25.89 12.59 21.83
C ASN G 82 -25.85 11.09 22.10
N PHE G 83 -26.71 10.31 21.42
CA PHE G 83 -26.96 8.93 21.81
C PHE G 83 -26.23 7.92 20.95
N LYS G 84 -25.33 8.36 20.06
CA LYS G 84 -24.78 7.43 19.11
C LYS G 84 -24.08 6.27 19.81
N GLY G 85 -23.25 6.59 20.80
CA GLY G 85 -22.56 5.53 21.53
C GLY G 85 -23.41 4.79 22.55
N LYS G 86 -24.48 5.42 23.03
CA LYS G 86 -25.28 4.90 24.11
C LYS G 86 -26.39 3.98 23.62
N ALA G 87 -27.17 4.39 22.63
CA ALA G 87 -28.28 3.55 22.21
C ALA G 87 -27.94 2.77 20.95
N THR G 88 -28.56 1.60 20.82
CA THR G 88 -28.48 0.78 19.61
C THR G 88 -29.88 0.28 19.30
N LEU G 89 -30.44 0.71 18.18
CA LEU G 89 -31.79 0.32 17.84
C LEU G 89 -31.71 -0.93 16.99
N THR G 90 -32.47 -1.97 17.36
CA THR G 90 -32.45 -3.23 16.64
C THR G 90 -33.87 -3.71 16.37
N SER G 91 -34.01 -4.73 15.53
CA SER G 91 -35.34 -5.00 15.01
C SER G 91 -35.64 -6.48 14.80
N ASP G 92 -36.90 -6.81 15.04
CA ASP G 92 -37.45 -8.09 14.62
C ASP G 92 -38.62 -7.84 13.66
N LYS G 93 -38.42 -8.14 12.38
CA LYS G 93 -39.48 -7.94 11.40
C LYS G 93 -40.72 -8.73 11.80
N SER G 94 -40.52 -10.03 12.09
CA SER G 94 -41.65 -10.93 12.30
C SER G 94 -42.54 -10.46 13.45
N SER G 95 -41.95 -10.20 14.62
CA SER G 95 -42.77 -9.70 15.71
C SER G 95 -43.16 -8.24 15.51
N SER G 96 -42.63 -7.56 14.49
CA SER G 96 -42.83 -6.11 14.27
C SER G 96 -42.67 -5.34 15.58
N THR G 97 -41.53 -5.58 16.21
CA THR G 97 -41.12 -5.10 17.52
C THR G 97 -39.80 -4.35 17.40
N ALA G 98 -39.65 -3.27 18.16
CA ALA G 98 -38.41 -2.50 18.19
C ALA G 98 -37.69 -2.71 19.51
N PHE G 99 -36.37 -2.84 19.45
CA PHE G 99 -35.53 -3.00 20.63
C PHE G 99 -34.59 -1.82 20.74
N MET G 100 -34.43 -1.31 21.97
CA MET G 100 -33.48 -0.24 22.22
C MET G 100 -32.56 -0.66 23.34
N GLU G 101 -31.24 -0.53 23.11
CA GLU G 101 -30.22 -1.05 24.04
C GLU G 101 -29.27 0.07 24.45
N LEU G 102 -28.88 0.07 25.74
CA LEU G 102 -28.40 1.28 26.38
C LEU G 102 -26.95 1.23 26.88
N SER G 103 -26.09 0.40 26.29
CA SER G 103 -24.61 0.53 26.39
C SER G 103 -24.18 0.71 27.84
N SER G 104 -23.09 1.44 28.08
CA SER G 104 -22.61 1.60 29.44
C SER G 104 -23.66 2.34 30.24
N LEU G 105 -24.12 1.75 31.35
CA LEU G 105 -25.24 2.30 32.09
C LEU G 105 -24.75 3.06 33.31
N THR G 106 -25.34 4.23 33.56
CA THR G 106 -24.98 5.05 34.72
C THR G 106 -26.26 5.49 35.44
N SER G 107 -26.09 6.07 36.62
CA SER G 107 -27.24 6.70 37.29
C SER G 107 -27.85 7.81 36.43
N GLU G 108 -27.03 8.43 35.57
CA GLU G 108 -27.54 9.48 34.69
C GLU G 108 -28.53 8.94 33.66
N ASP G 109 -28.59 7.62 33.47
CA ASP G 109 -29.47 7.00 32.49
C ASP G 109 -30.82 6.66 33.05
N SER G 110 -31.00 6.79 34.36
CA SER G 110 -32.28 6.48 34.97
C SER G 110 -33.30 7.56 34.61
N ALA G 111 -34.35 7.15 33.90
CA ALA G 111 -35.42 8.03 33.46
C ALA G 111 -36.54 7.15 32.92
N VAL G 112 -37.53 7.77 32.31
CA VAL G 112 -38.59 7.07 31.60
C VAL G 112 -38.29 7.18 30.11
N TYR G 113 -38.22 6.02 29.43
CA TYR G 113 -37.95 5.96 28.00
C TYR G 113 -39.23 5.64 27.23
N TYR G 114 -39.71 6.62 26.45
CA TYR G 114 -40.96 6.53 25.72
C TYR G 114 -40.70 6.08 24.28
N CYS G 115 -41.52 5.16 23.84
CA CYS G 115 -41.55 4.68 22.47
C CYS G 115 -42.74 5.29 21.75
N ALA G 116 -42.53 5.80 20.54
CA ALA G 116 -43.65 6.48 19.92
C ALA G 116 -43.56 6.37 18.41
N ARG G 117 -44.70 6.18 17.76
CA ARG G 117 -44.75 6.07 16.31
C ARG G 117 -44.66 7.42 15.65
N GLY G 118 -43.80 7.50 14.63
CA GLY G 118 -43.61 8.68 13.82
C GLY G 118 -43.38 8.28 12.38
N TYR G 119 -42.68 9.12 11.65
CA TYR G 119 -42.35 8.88 10.25
C TYR G 119 -40.96 9.43 10.02
N LEU G 120 -40.62 9.67 8.76
CA LEU G 120 -39.32 10.24 8.40
C LEU G 120 -39.28 11.72 8.75
N LEU G 121 -38.32 12.46 8.19
CA LEU G 121 -37.94 13.76 8.78
C LEU G 121 -39.05 14.79 8.65
N ARG G 122 -39.45 15.16 7.44
CA ARG G 122 -40.49 16.17 7.43
C ARG G 122 -41.83 15.55 7.16
N THR G 123 -42.19 14.48 7.87
CA THR G 123 -43.45 13.81 7.64
C THR G 123 -44.14 13.49 8.96
N GLY G 124 -45.38 13.96 9.11
CA GLY G 124 -46.26 13.67 10.22
C GLY G 124 -45.71 14.12 11.58
N CYS G 125 -46.34 13.58 12.63
CA CYS G 125 -45.97 13.89 14.01
C CYS G 125 -45.99 12.59 14.81
N PHE G 126 -45.84 12.67 16.12
CA PHE G 126 -45.87 11.47 16.95
C PHE G 126 -47.34 11.13 17.20
N ASP G 127 -47.91 10.31 16.32
CA ASP G 127 -49.33 10.02 16.38
C ASP G 127 -49.72 9.33 17.67
N TYR G 128 -49.19 8.13 17.87
CA TYR G 128 -49.55 7.25 18.97
C TYR G 128 -48.32 6.99 19.83
N TRP G 129 -48.51 6.84 21.13
CA TRP G 129 -47.40 6.68 22.06
C TRP G 129 -47.55 5.43 22.90
N GLY G 130 -46.44 4.77 23.18
CA GLY G 130 -46.40 3.70 24.15
C GLY G 130 -46.53 4.24 25.57
N GLN G 131 -46.54 3.32 26.52
CA GLN G 131 -46.82 3.67 27.90
C GLN G 131 -45.58 4.12 28.68
N GLY G 132 -44.38 3.87 28.18
CA GLY G 132 -43.20 4.31 28.88
C GLY G 132 -42.59 3.22 29.74
N THR G 133 -41.29 3.00 29.59
CA THR G 133 -40.53 2.02 30.35
C THR G 133 -39.60 2.75 31.32
N THR G 134 -39.79 2.51 32.62
CA THR G 134 -39.00 3.19 33.65
C THR G 134 -37.75 2.38 33.97
N LEU G 135 -36.61 3.06 33.99
CA LEU G 135 -35.33 2.42 34.19
C LEU G 135 -34.70 2.98 35.45
N THR G 136 -34.20 2.11 36.30
CA THR G 136 -33.49 2.54 37.50
C THR G 136 -32.13 1.88 37.55
N VAL G 137 -31.07 2.70 37.54
CA VAL G 137 -29.67 2.25 37.53
C VAL G 137 -29.07 2.55 38.90
N SER G 138 -28.77 1.51 39.67
CA SER G 138 -28.42 1.67 41.07
C SER G 138 -27.69 0.44 41.59
N SER G 139 -26.76 0.67 42.52
CA SER G 139 -26.13 -0.41 43.26
C SER G 139 -27.08 -1.04 44.28
N ALA G 140 -28.08 -0.29 44.72
CA ALA G 140 -28.99 -0.69 45.78
C ALA G 140 -29.76 -1.97 45.43
N LYS G 141 -30.30 -2.59 46.47
CA LYS G 141 -30.94 -3.90 46.39
C LYS G 141 -32.44 -3.70 46.52
N THR G 142 -33.17 -4.61 45.90
CA THR G 142 -34.63 -4.57 46.01
C THR G 142 -35.03 -4.82 47.46
N THR G 143 -35.84 -3.91 48.01
CA THR G 143 -36.31 -4.02 49.40
C THR G 143 -37.84 -3.98 49.43
N PRO G 144 -38.52 -4.98 49.99
CA PRO G 144 -39.96 -4.89 50.08
C PRO G 144 -40.37 -3.86 51.13
N PRO G 145 -41.50 -3.21 50.94
CA PRO G 145 -41.88 -2.11 51.84
C PRO G 145 -42.53 -2.59 53.15
N SER G 146 -42.53 -1.69 54.13
CA SER G 146 -43.34 -1.83 55.34
C SER G 146 -44.56 -0.93 55.22
N VAL G 147 -45.73 -1.48 55.55
CA VAL G 147 -47.00 -0.77 55.45
C VAL G 147 -47.49 -0.56 56.88
N TYR G 148 -47.62 0.69 57.27
CA TYR G 148 -48.11 1.00 58.60
C TYR G 148 -49.45 1.70 58.51
N PRO G 149 -50.42 1.26 59.30
CA PRO G 149 -51.72 1.91 59.29
C PRO G 149 -51.63 3.25 59.98
N LEU G 150 -52.52 4.14 59.59
CA LEU G 150 -52.58 5.48 60.18
C LEU G 150 -54.03 5.75 60.52
N ALA G 151 -54.34 5.72 61.82
CA ALA G 151 -55.66 5.98 62.36
C ALA G 151 -55.51 6.85 63.60
N PRO G 152 -56.55 7.62 63.97
CA PRO G 152 -56.54 8.43 65.20
C PRO G 152 -57.15 7.69 66.41
N ASP G 156 -58.19 9.40 69.55
CA ASP G 156 -59.12 9.33 70.68
C ASP G 156 -60.03 10.57 70.73
N THR G 157 -60.36 11.11 69.56
CA THR G 157 -61.19 12.31 69.40
C THR G 157 -62.08 12.11 68.19
N THR G 158 -63.17 12.89 68.11
CA THR G 158 -64.26 12.63 67.17
C THR G 158 -64.63 13.84 66.32
N GLY G 159 -65.08 13.56 65.09
CA GLY G 159 -65.50 14.57 64.13
C GLY G 159 -66.60 14.08 63.21
N SER G 160 -66.99 14.97 62.27
CA SER G 160 -67.99 14.66 61.24
C SER G 160 -67.40 13.90 60.05
N SER G 161 -66.10 14.07 59.79
CA SER G 161 -65.40 13.45 58.67
C SER G 161 -64.05 12.93 59.17
N VAL G 162 -63.68 11.73 58.71
CA VAL G 162 -62.46 11.05 59.15
C VAL G 162 -61.57 10.72 57.98
N THR G 163 -60.27 10.96 58.14
CA THR G 163 -59.29 10.60 57.14
C THR G 163 -58.39 9.49 57.69
N LEU G 164 -58.09 8.50 56.86
CA LEU G 164 -57.24 7.37 57.20
C LEU G 164 -56.07 7.29 56.24
N GLY G 165 -55.04 6.54 56.62
CA GLY G 165 -53.87 6.44 55.78
C GLY G 165 -53.18 5.10 55.85
N CYS G 166 -52.28 4.89 54.89
CA CYS G 166 -51.32 3.80 54.90
C CYS G 166 -49.96 4.39 54.63
N LEU G 167 -48.99 4.08 55.49
CA LEU G 167 -47.62 4.55 55.31
C LEU G 167 -46.78 3.41 54.74
N VAL G 168 -46.36 3.57 53.50
CA VAL G 168 -45.51 2.61 52.82
C VAL G 168 -44.10 3.13 52.98
N LYS G 169 -43.30 2.45 53.79
CA LYS G 169 -42.01 2.97 54.18
C LYS G 169 -40.94 1.94 53.89
N GLY G 170 -39.80 2.41 53.40
CA GLY G 170 -38.59 1.61 53.30
C GLY G 170 -38.60 0.57 52.21
N TYR G 171 -38.84 0.98 50.97
CA TYR G 171 -38.85 0.07 49.84
C TYR G 171 -37.93 0.60 48.75
N PHE G 172 -37.44 -0.32 47.91
CA PHE G 172 -36.64 -0.03 46.72
C PHE G 172 -36.78 -1.14 45.70
N PRO G 173 -36.93 -0.82 44.40
CA PRO G 173 -37.03 0.51 43.80
C PRO G 173 -38.47 0.98 43.62
N GLU G 174 -38.65 2.18 43.10
CA GLU G 174 -39.98 2.65 42.76
C GLU G 174 -40.61 1.76 41.69
N SER G 175 -41.93 1.54 41.75
CA SER G 175 -42.89 2.18 42.64
C SER G 175 -43.85 1.17 43.28
N VAL G 176 -44.76 1.71 44.09
CA VAL G 176 -45.77 0.91 44.77
C VAL G 176 -47.15 1.44 44.39
N THR G 177 -48.14 0.56 44.52
CA THR G 177 -49.52 0.89 44.23
C THR G 177 -50.35 0.66 45.49
N VAL G 178 -51.02 1.71 45.94
CA VAL G 178 -51.85 1.67 47.14
C VAL G 178 -53.29 1.93 46.71
N THR G 179 -54.12 0.89 46.80
CA THR G 179 -55.54 0.97 46.49
C THR G 179 -56.36 0.72 47.76
N TRP G 180 -57.46 1.42 47.89
CA TRP G 180 -58.30 1.39 49.09
C TRP G 180 -59.58 0.62 48.78
N ASN G 181 -59.66 -0.61 49.27
CA ASN G 181 -60.73 -1.57 49.03
C ASN G 181 -60.76 -2.08 47.59
N SER G 182 -59.77 -1.69 46.76
CA SER G 182 -59.60 -2.01 45.33
C SER G 182 -60.57 -1.28 44.40
N GLY G 183 -61.37 -0.33 44.91
CA GLY G 183 -62.28 0.45 44.08
C GLY G 183 -63.36 1.20 44.85
N SER G 187 -64.77 6.39 47.38
CA SER G 187 -64.26 7.23 48.47
C SER G 187 -63.14 8.08 47.89
N SER G 188 -62.82 9.17 48.58
CA SER G 188 -61.78 10.11 48.15
C SER G 188 -60.39 9.61 48.57
N VAL G 189 -59.45 9.58 47.62
CA VAL G 189 -58.12 9.02 47.85
C VAL G 189 -57.07 10.04 47.44
N HIS G 190 -55.95 10.02 48.15
CA HIS G 190 -54.79 10.85 47.85
C HIS G 190 -53.55 9.97 47.90
N THR G 191 -52.72 10.07 46.87
CA THR G 191 -51.46 9.32 46.84
C THR G 191 -50.32 10.33 46.82
N PHE G 192 -49.34 10.16 47.70
CA PHE G 192 -48.32 11.18 47.87
C PHE G 192 -46.99 10.68 47.34
N PRO G 193 -46.25 11.53 46.62
CA PRO G 193 -45.03 11.08 45.93
C PRO G 193 -43.97 10.53 46.86
N ALA G 194 -43.20 9.56 46.36
CA ALA G 194 -42.16 8.94 47.17
C ALA G 194 -40.97 9.87 47.38
N LEU G 195 -40.40 9.83 48.58
CA LEU G 195 -39.18 10.56 48.89
C LEU G 195 -38.07 9.62 49.33
N LEU G 196 -36.86 9.98 48.99
CA LEU G 196 -35.69 9.16 49.27
C LEU G 196 -35.07 9.61 50.58
N GLN G 197 -34.89 8.67 51.50
CA GLN G 197 -34.22 8.94 52.77
C GLN G 197 -33.35 7.75 53.12
N SER G 198 -32.04 7.97 53.22
CA SER G 198 -31.07 6.92 53.54
C SER G 198 -31.05 5.82 52.47
N GLY G 199 -31.36 6.19 51.22
CA GLY G 199 -31.25 5.26 50.12
C GLY G 199 -32.43 4.33 49.88
N LEU G 200 -33.58 4.58 50.50
CA LEU G 200 -34.81 3.84 50.21
C LEU G 200 -35.97 4.83 50.14
N TYR G 201 -37.09 4.36 49.59
CA TYR G 201 -38.20 5.25 49.32
C TYR G 201 -39.27 5.10 50.39
N THR G 202 -39.95 6.22 50.67
CA THR G 202 -41.03 6.28 51.65
C THR G 202 -42.17 7.10 51.06
N MET G 203 -43.38 6.56 51.11
CA MET G 203 -44.56 7.29 50.66
C MET G 203 -45.72 6.99 51.61
N SER G 204 -46.81 7.72 51.41
CA SER G 204 -48.04 7.56 52.19
C SER G 204 -49.25 7.82 51.30
N SER G 205 -50.41 7.32 51.74
CA SER G 205 -51.64 7.46 50.96
C SER G 205 -52.82 7.61 51.90
N SER G 206 -53.68 8.59 51.63
CA SER G 206 -54.80 8.92 52.50
C SER G 206 -56.13 8.69 51.82
N VAL G 207 -57.14 8.35 52.61
CA VAL G 207 -58.50 8.12 52.15
C VAL G 207 -59.44 8.85 53.10
N THR G 208 -60.54 9.35 52.56
CA THR G 208 -61.53 10.11 53.34
C THR G 208 -62.91 9.47 53.20
N VAL G 209 -63.55 9.15 54.32
CA VAL G 209 -64.92 8.65 54.35
C VAL G 209 -65.70 9.33 55.46
N PRO G 210 -67.04 9.36 55.37
CA PRO G 210 -67.84 10.01 56.41
C PRO G 210 -67.79 9.25 57.74
N SER G 211 -67.84 10.03 58.85
CA SER G 211 -67.66 9.46 60.18
C SER G 211 -68.81 8.55 60.60
N SER G 212 -69.98 8.66 59.98
CA SER G 212 -71.02 7.65 60.19
C SER G 212 -70.55 6.27 59.70
N THR G 213 -69.64 6.24 58.73
CA THR G 213 -69.15 4.98 58.15
C THR G 213 -68.01 4.35 58.95
N TRP G 214 -67.19 5.14 59.61
CA TRP G 214 -66.07 4.46 60.25
C TRP G 214 -66.13 4.59 61.77
N PRO G 215 -65.66 3.57 62.53
CA PRO G 215 -65.05 2.29 62.15
C PRO G 215 -66.02 1.10 62.11
N SER G 216 -67.32 1.36 62.01
CA SER G 216 -68.28 0.28 61.84
C SER G 216 -67.99 -0.49 60.55
N GLN G 217 -67.82 0.22 59.44
CA GLN G 217 -67.34 -0.41 58.22
C GLN G 217 -65.83 -0.66 58.32
N THR G 218 -65.36 -1.62 57.53
CA THR G 218 -63.95 -2.02 57.53
C THR G 218 -63.22 -1.34 56.39
N VAL G 219 -61.98 -0.96 56.62
CA VAL G 219 -61.17 -0.27 55.61
C VAL G 219 -59.79 -0.93 55.56
N THR G 220 -59.41 -1.41 54.37
CA THR G 220 -58.13 -2.04 54.12
C THR G 220 -57.47 -1.41 52.91
N CYS G 221 -56.21 -1.05 53.06
CA CYS G 221 -55.38 -0.59 51.95
C CYS G 221 -54.52 -1.75 51.45
N SER G 222 -54.45 -1.86 50.13
CA SER G 222 -53.68 -2.91 49.47
C SER G 222 -52.46 -2.25 48.84
N VAL G 223 -51.28 -2.65 49.31
CA VAL G 223 -50.03 -2.11 48.81
C VAL G 223 -49.39 -3.18 47.95
N ALA G 224 -49.18 -2.87 46.68
CA ALA G 224 -48.56 -3.79 45.76
C ALA G 224 -47.21 -3.19 45.37
N HIS G 225 -46.15 -3.96 45.56
CA HIS G 225 -44.80 -3.57 45.19
C HIS G 225 -44.31 -4.59 44.18
N PRO G 226 -44.52 -4.34 42.86
CA PRO G 226 -44.20 -5.36 41.85
C PRO G 226 -42.73 -5.74 41.78
N ALA G 227 -41.82 -4.77 41.91
CA ALA G 227 -40.39 -5.10 41.77
C ALA G 227 -39.94 -6.13 42.79
N SER G 228 -40.64 -6.28 43.91
CA SER G 228 -40.37 -7.39 44.81
C SER G 228 -41.46 -8.45 44.73
N SER G 229 -42.48 -8.22 43.89
CA SER G 229 -43.62 -9.12 43.70
C SER G 229 -44.26 -9.56 45.02
N THR G 230 -44.43 -8.60 45.93
CA THR G 230 -45.15 -8.79 47.17
C THR G 230 -46.36 -7.88 47.20
N THR G 231 -47.43 -8.37 47.83
CA THR G 231 -48.62 -7.56 48.13
C THR G 231 -48.91 -7.63 49.62
N VAL G 232 -49.06 -6.47 50.25
CA VAL G 232 -49.28 -6.35 51.68
C VAL G 232 -50.58 -5.57 51.87
N ASP G 233 -51.53 -6.18 52.57
CA ASP G 233 -52.79 -5.54 52.91
C ASP G 233 -52.83 -5.22 54.41
N LYS G 234 -53.41 -4.09 54.76
CA LYS G 234 -53.50 -3.68 56.16
C LYS G 234 -54.91 -3.23 56.46
N LYS G 235 -55.51 -3.78 57.52
CA LYS G 235 -56.80 -3.31 57.97
C LYS G 235 -56.60 -2.09 58.86
N LEU G 236 -57.46 -1.09 58.68
CA LEU G 236 -57.41 0.14 59.47
C LEU G 236 -58.41 0.04 60.61
N GLU G 237 -57.91 0.06 61.84
CA GLU G 237 -58.79 0.07 63.01
C GLU G 237 -58.32 1.11 64.01
N PRO G 238 -59.24 1.67 64.82
CA PRO G 238 -58.88 2.72 65.77
C PRO G 238 -58.56 2.21 67.17
N SER G 239 -57.51 2.77 67.77
CA SER G 239 -57.20 2.45 69.17
C SER G 239 -58.35 2.95 70.08
N ASN H 21 -28.31 22.16 16.00
CA ASN H 21 -29.70 21.75 16.13
C ASN H 21 -30.63 22.95 16.15
N ILE H 22 -31.89 22.72 15.81
CA ILE H 22 -32.90 23.77 15.91
C ILE H 22 -33.40 23.78 17.35
N VAL H 23 -33.30 24.93 18.01
CA VAL H 23 -33.63 25.05 19.41
C VAL H 23 -34.99 25.67 19.55
N LEU H 24 -35.89 25.00 20.25
CA LEU H 24 -37.19 25.54 20.56
C LEU H 24 -37.16 26.12 21.98
N THR H 25 -37.54 27.39 22.12
CA THR H 25 -37.65 28.00 23.43
C THR H 25 -39.11 28.36 23.66
N GLN H 26 -39.69 27.81 24.72
CA GLN H 26 -41.09 28.02 25.05
C GLN H 26 -41.21 29.06 26.15
N SER H 27 -42.20 29.92 26.04
CA SER H 27 -42.54 30.85 27.09
C SER H 27 -44.06 30.91 27.13
N PRO H 28 -44.65 31.01 28.33
CA PRO H 28 -43.88 31.03 29.58
C PRO H 28 -43.57 29.66 30.14
N ALA H 29 -42.61 29.64 31.08
CA ALA H 29 -42.22 28.41 31.76
C ALA H 29 -43.38 27.82 32.54
N SER H 30 -44.08 28.66 33.30
CA SER H 30 -45.28 28.25 34.00
C SER H 30 -46.31 29.35 33.84
N LEU H 31 -47.55 28.94 33.69
CA LEU H 31 -48.64 29.88 33.42
C LEU H 31 -49.82 29.49 34.28
N ALA H 32 -50.43 30.46 34.93
CA ALA H 32 -51.60 30.21 35.76
C ALA H 32 -52.82 30.86 35.13
N VAL H 33 -53.85 30.08 34.89
CA VAL H 33 -55.06 30.61 34.27
C VAL H 33 -56.26 30.04 35.02
N SER H 34 -57.25 30.90 35.25
CA SER H 34 -58.46 30.53 35.96
C SER H 34 -59.45 29.89 35.00
N LEU H 35 -60.34 29.06 35.56
CA LEU H 35 -61.33 28.34 34.78
C LEU H 35 -62.10 29.29 33.88
N GLY H 36 -62.26 28.91 32.63
CA GLY H 36 -62.99 29.71 31.66
C GLY H 36 -62.21 30.82 30.97
N GLN H 37 -61.00 31.13 31.39
CA GLN H 37 -60.24 32.22 30.78
C GLN H 37 -59.53 31.71 29.51
N ARG H 38 -58.59 32.50 28.98
CA ARG H 38 -57.77 32.15 27.82
C ARG H 38 -56.29 32.05 28.21
N ALA H 39 -55.67 30.91 27.94
CA ALA H 39 -54.25 30.73 28.18
C ALA H 39 -53.52 30.71 26.83
N THR H 40 -52.43 31.46 26.72
CA THR H 40 -51.67 31.50 25.48
C THR H 40 -50.21 31.20 25.73
N ILE H 41 -49.71 30.15 25.07
CA ILE H 41 -48.32 29.72 25.08
C ILE H 41 -47.73 30.00 23.71
N SER H 42 -46.45 30.36 23.70
CA SER H 42 -45.73 30.59 22.46
C SER H 42 -44.49 29.70 22.41
N CYS H 43 -44.09 29.35 21.19
CA CYS H 43 -42.90 28.56 20.90
C CYS H 43 -42.08 29.31 19.87
N ARG H 44 -40.82 29.58 20.17
CA ARG H 44 -39.94 30.36 19.30
C ARG H 44 -38.76 29.50 18.89
N ALA H 45 -38.63 29.25 17.59
CA ALA H 45 -37.59 28.41 17.03
C ALA H 45 -36.38 29.24 16.61
N SER H 46 -35.19 28.65 16.71
CA SER H 46 -34.00 29.41 16.33
C SER H 46 -33.82 29.49 14.81
N GLU H 47 -34.42 28.58 14.05
CA GLU H 47 -34.37 28.63 12.59
C GLU H 47 -35.75 28.25 12.08
N SER H 48 -36.07 28.66 10.85
CA SER H 48 -37.40 28.41 10.30
C SER H 48 -37.70 26.90 10.32
N VAL H 49 -38.86 26.51 10.81
CA VAL H 49 -39.24 25.11 10.79
C VAL H 49 -40.18 24.80 9.61
N ASP H 50 -40.14 25.65 8.58
CA ASP H 50 -41.03 25.58 7.43
C ASP H 50 -40.37 24.89 6.24
N SER H 51 -41.09 23.96 5.62
CA SER H 51 -40.68 23.37 4.35
C SER H 51 -41.91 22.91 3.57
N TYR H 52 -41.80 23.02 2.25
CA TYR H 52 -42.82 22.56 1.30
C TYR H 52 -44.16 23.26 1.50
N GLY H 53 -44.18 24.40 2.18
CA GLY H 53 -45.41 25.10 2.47
C GLY H 53 -46.09 24.72 3.76
N TYR H 54 -45.42 23.98 4.62
CA TYR H 54 -45.96 23.59 5.90
C TYR H 54 -45.08 24.15 6.99
N SER H 55 -45.61 24.24 8.20
CA SER H 55 -44.82 24.49 9.40
C SER H 55 -44.73 23.18 10.16
N PHE H 56 -43.52 22.68 10.38
CA PHE H 56 -43.35 21.37 11.01
C PHE H 56 -43.20 21.52 12.52
N MET H 57 -44.32 21.83 13.14
CA MET H 57 -44.39 22.27 14.51
C MET H 57 -45.57 21.55 15.14
N HIS H 58 -45.44 21.14 16.39
CA HIS H 58 -46.52 20.40 17.00
C HIS H 58 -46.62 20.72 18.49
N TRP H 59 -47.81 20.50 19.01
CA TRP H 59 -48.10 20.80 20.40
C TRP H 59 -48.56 19.52 21.08
N TYR H 60 -47.96 19.24 22.24
CA TYR H 60 -48.25 18.07 23.04
C TYR H 60 -48.69 18.44 24.45
N GLN H 61 -49.58 17.63 24.98
CA GLN H 61 -50.03 17.71 26.36
C GLN H 61 -49.59 16.47 27.12
N GLN H 62 -48.95 16.67 28.28
CA GLN H 62 -48.49 15.54 29.09
C GLN H 62 -49.03 15.64 30.52
N LYS H 63 -50.04 14.85 30.83
CA LYS H 63 -50.46 14.66 32.20
C LYS H 63 -49.39 13.86 32.94
N PRO H 64 -49.22 14.09 34.24
CA PRO H 64 -48.11 13.46 34.96
C PRO H 64 -48.25 11.94 35.00
N GLY H 65 -47.12 11.24 34.91
CA GLY H 65 -47.12 9.79 34.88
C GLY H 65 -47.64 9.14 33.62
N GLN H 66 -47.71 9.89 32.51
CA GLN H 66 -48.38 9.48 31.28
C GLN H 66 -47.59 9.94 30.07
N PRO H 67 -47.66 9.22 28.96
CA PRO H 67 -47.05 9.73 27.71
C PRO H 67 -47.78 10.98 27.23
N PRO H 68 -47.12 11.83 26.45
CA PRO H 68 -47.79 13.01 25.91
C PRO H 68 -48.85 12.64 24.88
N LYS H 69 -49.69 13.62 24.58
CA LYS H 69 -50.73 13.50 23.56
C LYS H 69 -50.58 14.66 22.57
N VAL H 70 -50.86 14.39 21.29
CA VAL H 70 -50.81 15.43 20.27
C VAL H 70 -52.08 16.25 20.32
N LEU H 71 -51.92 17.58 20.26
CA LEU H 71 -53.07 18.46 20.17
C LEU H 71 -53.14 19.16 18.82
N ILE H 72 -52.11 19.90 18.47
CA ILE H 72 -52.03 20.58 17.20
C ILE H 72 -50.89 19.96 16.42
N TYR H 73 -51.15 19.55 15.17
CA TYR H 73 -50.13 19.05 14.27
C TYR H 73 -50.01 20.01 13.09
N LEU H 74 -48.77 20.18 12.63
CA LEU H 74 -48.39 21.26 11.74
C LEU H 74 -48.66 22.49 12.58
N ALA H 75 -48.51 23.70 12.07
CA ALA H 75 -48.66 24.80 13.00
C ALA H 75 -50.07 24.86 13.59
N SER H 76 -51.07 24.45 12.82
CA SER H 76 -52.44 24.90 13.02
C SER H 76 -53.48 23.87 12.57
N ASN H 77 -53.34 22.60 12.97
CA ASN H 77 -54.36 21.61 12.60
C ASN H 77 -54.81 20.83 13.83
N LEU H 78 -56.10 20.93 14.15
CA LEU H 78 -56.67 20.28 15.33
C LEU H 78 -56.70 18.78 15.15
N GLU H 79 -56.11 18.06 16.10
CA GLU H 79 -56.04 16.62 16.02
C GLU H 79 -57.41 15.97 16.24
N SER H 80 -57.56 14.73 15.73
CA SER H 80 -58.81 14.00 15.88
C SER H 80 -59.19 13.79 17.34
N GLY H 81 -60.45 14.11 17.67
CA GLY H 81 -60.95 13.85 19.01
C GLY H 81 -60.43 14.77 20.09
N VAL H 82 -59.93 15.93 19.72
CA VAL H 82 -59.42 16.93 20.66
C VAL H 82 -60.45 18.05 20.71
N PRO H 83 -60.79 18.55 21.89
CA PRO H 83 -61.81 19.61 21.98
C PRO H 83 -61.37 20.83 21.22
N ALA H 84 -62.32 21.41 20.47
CA ALA H 84 -62.05 22.51 19.54
C ALA H 84 -61.61 23.77 20.26
N ARG H 85 -61.52 23.74 21.59
CA ARG H 85 -60.94 24.85 22.32
C ARG H 85 -59.43 24.92 22.18
N PHE H 86 -58.79 23.85 21.75
CA PHE H 86 -57.38 23.92 21.41
C PHE H 86 -57.18 24.43 19.98
N SER H 87 -56.21 25.32 19.82
CA SER H 87 -55.96 25.97 18.54
C SER H 87 -54.50 26.35 18.41
N GLY H 88 -54.02 26.37 17.17
CA GLY H 88 -52.63 26.68 16.91
C GLY H 88 -52.51 27.74 15.83
N SER H 89 -51.42 28.48 15.88
CA SER H 89 -51.20 29.55 14.92
C SER H 89 -49.72 29.75 14.76
N GLY H 90 -49.35 30.46 13.70
CA GLY H 90 -47.97 30.86 13.52
C GLY H 90 -47.34 30.20 12.30
N SER H 91 -46.16 30.70 11.96
CA SER H 91 -45.37 30.08 10.91
C SER H 91 -43.92 30.52 11.08
N ARG H 92 -43.01 29.75 10.48
CA ARG H 92 -41.58 30.00 10.48
C ARG H 92 -40.96 29.91 11.87
N THR H 93 -40.75 31.04 12.53
CA THR H 93 -40.07 31.05 13.81
C THR H 93 -41.01 31.05 15.01
N ASP H 94 -42.21 31.61 14.86
CA ASP H 94 -43.10 31.92 15.97
C ASP H 94 -44.37 31.09 15.91
N PHE H 95 -44.74 30.49 17.04
CA PHE H 95 -45.94 29.68 17.07
C PHE H 95 -46.64 29.89 18.39
N THR H 96 -47.92 29.53 18.43
CA THR H 96 -48.75 29.85 19.58
C THR H 96 -49.83 28.79 19.72
N LEU H 97 -49.86 28.16 20.89
CA LEU H 97 -50.96 27.28 21.26
C LEU H 97 -51.84 28.06 22.22
N THR H 98 -53.14 28.15 21.89
CA THR H 98 -54.10 28.93 22.66
C THR H 98 -55.18 28.01 23.18
N ILE H 99 -55.59 28.23 24.41
CA ILE H 99 -56.64 27.42 25.04
C ILE H 99 -57.76 28.36 25.50
N ASP H 100 -58.99 28.13 25.00
CA ASP H 100 -60.11 29.02 25.29
C ASP H 100 -61.43 28.28 25.06
N PRO H 101 -62.19 27.93 26.11
CA PRO H 101 -61.99 28.18 27.55
C PRO H 101 -61.17 27.13 28.26
N VAL H 102 -60.20 27.56 29.06
CA VAL H 102 -59.42 26.60 29.84
C VAL H 102 -60.34 25.92 30.85
N GLU H 103 -60.24 24.59 30.95
CA GLU H 103 -61.11 23.79 31.82
C GLU H 103 -60.29 23.03 32.85
N ALA H 104 -61.01 22.31 33.72
CA ALA H 104 -60.38 21.67 34.88
C ALA H 104 -59.40 20.54 34.48
N ASP H 105 -59.66 19.89 33.35
CA ASP H 105 -58.88 18.72 32.96
C ASP H 105 -57.48 19.12 32.51
N ASP H 106 -57.32 20.36 32.07
CA ASP H 106 -56.14 20.81 31.34
C ASP H 106 -54.93 21.02 32.22
N ALA H 107 -54.96 20.57 33.46
CA ALA H 107 -53.79 20.57 34.31
C ALA H 107 -52.78 19.61 33.75
N ALA H 108 -51.77 20.13 33.09
CA ALA H 108 -50.74 19.31 32.47
C ALA H 108 -49.63 20.25 32.01
N THR H 109 -48.51 19.66 31.61
CA THR H 109 -47.42 20.40 30.99
C THR H 109 -47.59 20.28 29.47
N TYR H 110 -47.27 21.37 28.77
CA TYR H 110 -47.53 21.47 27.34
C TYR H 110 -46.23 21.73 26.59
N TYR H 111 -45.95 20.89 25.58
CA TYR H 111 -44.67 20.90 24.85
C TYR H 111 -44.86 21.21 23.37
N CYS H 112 -43.94 22.00 22.82
CA CYS H 112 -43.85 22.15 21.38
C CYS H 112 -42.64 21.41 20.86
N GLN H 113 -42.76 20.90 19.64
CA GLN H 113 -41.67 20.13 19.05
C GLN H 113 -41.68 20.34 17.55
N GLN H 114 -40.52 20.24 16.95
CA GLN H 114 -40.36 20.43 15.51
C GLN H 114 -39.77 19.18 14.88
N ASN H 115 -40.14 18.94 13.63
CA ASN H 115 -39.48 17.92 12.82
C ASN H 115 -39.19 18.48 11.42
N ASN H 116 -38.46 19.60 11.40
CA ASN H 116 -37.93 20.17 10.16
C ASN H 116 -36.50 19.75 9.87
N GLU H 117 -35.66 19.63 10.90
CA GLU H 117 -34.27 19.19 10.73
C GLU H 117 -33.92 18.21 11.82
N ASN H 118 -33.07 17.26 11.49
CA ASN H 118 -32.56 16.40 12.53
C ASN H 118 -31.53 17.15 13.36
N PRO H 119 -31.50 16.94 14.66
CA PRO H 119 -32.34 16.00 15.39
C PRO H 119 -33.68 16.61 15.76
N LEU H 120 -34.72 15.78 15.88
CA LEU H 120 -35.96 16.32 16.40
C LEU H 120 -35.73 16.85 17.80
N THR H 121 -36.30 18.01 18.11
CA THR H 121 -36.09 18.66 19.38
C THR H 121 -37.41 19.11 20.01
N PHE H 122 -37.43 19.16 21.33
CA PHE H 122 -38.60 19.59 22.06
C PHE H 122 -38.36 20.91 22.79
N GLY H 123 -39.45 21.59 23.06
CA GLY H 123 -39.43 22.72 23.97
C GLY H 123 -39.23 22.27 25.40
N ALA H 124 -39.02 23.26 26.28
CA ALA H 124 -38.85 23.00 27.71
C ALA H 124 -40.18 22.73 28.39
N GLY H 125 -41.28 23.22 27.84
CA GLY H 125 -42.59 22.92 28.37
C GLY H 125 -43.19 24.13 29.07
N THR H 126 -44.52 24.14 29.13
CA THR H 126 -45.25 25.11 29.92
C THR H 126 -46.16 24.33 30.85
N LYS H 127 -45.91 24.44 32.14
CA LYS H 127 -46.76 23.77 33.10
C LYS H 127 -47.95 24.67 33.34
N LEU H 128 -49.14 24.20 32.94
CA LEU H 128 -50.37 24.96 33.08
C LEU H 128 -50.95 24.62 34.44
N GLU H 129 -51.18 25.66 35.26
CA GLU H 129 -51.79 25.56 36.57
C GLU H 129 -53.11 26.33 36.58
N LEU H 130 -54.15 25.71 37.14
CA LEU H 130 -55.46 26.34 37.22
C LEU H 130 -55.59 27.21 38.49
N LYS H 131 -56.28 28.35 38.34
CA LYS H 131 -56.64 29.25 39.44
C LYS H 131 -58.08 29.02 39.87
N ARG H 132 -58.28 28.73 41.15
CA ARG H 132 -59.61 28.77 41.77
C ARG H 132 -59.53 29.55 43.07
N ALA H 133 -60.71 29.78 43.66
CA ALA H 133 -60.78 30.50 44.93
C ALA H 133 -60.17 29.66 46.04
N ASP H 134 -59.47 30.32 46.94
CA ASP H 134 -58.70 29.62 47.94
C ASP H 134 -59.59 28.73 48.80
N ALA H 135 -58.98 27.68 49.34
CA ALA H 135 -59.64 26.73 50.21
C ALA H 135 -58.56 26.26 51.16
N ALA H 136 -58.92 26.09 52.44
CA ALA H 136 -57.97 25.79 53.51
C ALA H 136 -57.77 24.28 53.65
N PRO H 137 -56.58 23.89 54.11
CA PRO H 137 -56.24 22.46 54.17
C PRO H 137 -56.87 21.78 55.37
N THR H 138 -57.49 20.62 55.12
CA THR H 138 -58.02 19.78 56.20
C THR H 138 -56.84 19.04 56.83
N VAL H 139 -56.41 19.47 58.03
CA VAL H 139 -55.19 18.94 58.63
C VAL H 139 -55.55 17.77 59.51
N SER H 140 -54.76 16.71 59.43
CA SER H 140 -55.00 15.50 60.18
C SER H 140 -53.68 15.01 60.77
N ILE H 141 -53.73 14.53 62.02
CA ILE H 141 -52.55 14.09 62.73
C ILE H 141 -52.68 12.59 62.98
N PHE H 142 -51.59 11.85 62.84
CA PHE H 142 -51.63 10.39 62.94
C PHE H 142 -50.49 9.92 63.83
N PRO H 143 -50.76 9.27 64.96
CA PRO H 143 -49.69 8.75 65.81
C PRO H 143 -48.97 7.60 65.10
N PRO H 144 -47.80 7.21 65.59
CA PRO H 144 -47.12 6.04 65.03
C PRO H 144 -47.91 4.76 65.33
N SER H 145 -47.90 3.85 64.37
CA SER H 145 -48.67 2.62 64.48
C SER H 145 -48.05 1.68 65.51
N SER H 146 -48.88 0.71 65.94
CA SER H 146 -48.41 -0.30 66.88
C SER H 146 -47.37 -1.21 66.22
N GLU H 147 -47.57 -1.56 64.94
CA GLU H 147 -46.59 -2.37 64.23
C GLU H 147 -45.26 -1.65 64.07
N GLN H 148 -45.27 -0.32 63.92
CA GLN H 148 -44.03 0.41 63.68
C GLN H 148 -43.18 0.48 64.93
N LEU H 149 -43.80 0.75 66.07
CA LEU H 149 -43.08 0.96 67.32
C LEU H 149 -42.26 -0.28 67.72
N THR H 150 -42.57 -1.46 67.17
CA THR H 150 -41.87 -2.68 67.54
C THR H 150 -40.59 -2.88 66.73
N SER H 151 -40.46 -2.23 65.59
CA SER H 151 -39.26 -2.35 64.78
C SER H 151 -38.21 -1.32 65.18
N GLY H 152 -38.51 -0.48 66.16
CA GLY H 152 -37.52 0.47 66.64
C GLY H 152 -37.67 1.88 66.16
N GLY H 153 -38.74 2.22 65.45
CA GLY H 153 -38.89 3.55 64.92
C GLY H 153 -40.34 4.00 64.91
N ALA H 154 -40.50 5.31 64.77
CA ALA H 154 -41.81 5.94 64.83
C ALA H 154 -41.85 7.13 63.89
N SER H 155 -42.90 7.19 63.08
CA SER H 155 -43.13 8.30 62.17
C SER H 155 -44.48 8.90 62.50
N VAL H 156 -44.51 10.18 62.83
CA VAL H 156 -45.76 10.89 63.07
C VAL H 156 -46.13 11.58 61.78
N VAL H 157 -47.35 11.33 61.30
CA VAL H 157 -47.77 11.73 59.96
C VAL H 157 -48.86 12.77 60.05
N CYS H 158 -48.76 13.77 59.18
CA CYS H 158 -49.71 14.86 59.11
C CYS H 158 -50.14 15.03 57.66
N PHE H 159 -51.44 14.95 57.41
CA PHE H 159 -51.99 15.10 56.06
C PHE H 159 -52.64 16.46 55.97
N LEU H 160 -52.19 17.28 55.03
CA LEU H 160 -52.81 18.58 54.77
C LEU H 160 -53.50 18.48 53.41
N ASN H 161 -54.83 18.47 53.42
CA ASN H 161 -55.61 18.02 52.28
C ASN H 161 -56.43 19.15 51.67
N ASN H 162 -56.33 19.27 50.34
CA ASN H 162 -57.19 20.08 49.47
C ASN H 162 -57.08 21.57 49.71
N PHE H 163 -55.92 22.14 49.47
CA PHE H 163 -55.73 23.55 49.65
C PHE H 163 -55.24 24.20 48.37
N TYR H 164 -55.43 25.52 48.28
CA TYR H 164 -54.93 26.34 47.17
C TYR H 164 -54.81 27.76 47.69
N PRO H 165 -53.70 28.46 47.39
CA PRO H 165 -52.54 28.12 46.56
C PRO H 165 -51.60 27.07 47.10
N LYS H 166 -50.55 26.73 46.34
CA LYS H 166 -49.63 25.67 46.75
C LYS H 166 -48.78 26.11 47.94
N ASP H 167 -48.57 27.42 48.10
CA ASP H 167 -47.73 27.93 49.17
C ASP H 167 -48.30 27.51 50.51
N ILE H 168 -47.44 27.03 51.41
CA ILE H 168 -47.86 26.61 52.74
C ILE H 168 -46.61 26.39 53.60
N ASN H 169 -46.72 26.59 54.91
CA ASN H 169 -45.61 26.34 55.82
C ASN H 169 -46.05 25.32 56.84
N VAL H 170 -45.22 24.31 57.06
CA VAL H 170 -45.56 23.31 58.06
C VAL H 170 -44.54 23.41 59.18
N LYS H 171 -45.01 23.18 60.40
CA LYS H 171 -44.24 23.36 61.62
C LYS H 171 -44.57 22.23 62.57
N TRP H 172 -43.55 21.52 63.02
CA TRP H 172 -43.72 20.49 64.04
C TRP H 172 -43.28 21.04 65.39
N LYS H 173 -44.11 20.87 66.41
CA LYS H 173 -43.79 21.22 67.78
C LYS H 173 -43.83 19.96 68.64
N ILE H 174 -42.71 19.68 69.30
CA ILE H 174 -42.65 18.64 70.34
C ILE H 174 -42.61 19.35 71.69
N ASP H 175 -43.63 19.12 72.50
CA ASP H 175 -43.67 19.69 73.84
C ASP H 175 -43.64 21.20 73.83
N GLY H 176 -43.97 21.80 72.68
CA GLY H 176 -43.97 23.23 72.49
C GLY H 176 -42.68 23.82 71.97
N SER H 177 -41.64 23.01 71.81
CA SER H 177 -40.40 23.44 71.16
C SER H 177 -40.42 22.99 69.71
N GLU H 178 -39.95 23.85 68.80
CA GLU H 178 -39.93 23.46 67.40
C GLU H 178 -38.91 22.35 67.14
N ARG H 179 -39.10 21.66 66.01
CA ARG H 179 -38.30 20.53 65.56
C ARG H 179 -37.95 20.73 64.09
N GLN H 180 -36.67 20.52 63.72
CA GLN H 180 -36.20 20.71 62.34
C GLN H 180 -35.49 19.45 61.84
N ASN H 181 -35.57 18.34 62.54
CA ASN H 181 -34.87 17.12 62.12
C ASN H 181 -35.90 16.09 61.67
N GLY H 182 -35.58 15.38 60.59
CA GLY H 182 -36.41 14.29 60.08
C GLY H 182 -37.77 14.69 59.53
N VAL H 183 -37.95 15.96 59.14
CA VAL H 183 -39.19 16.43 58.53
C VAL H 183 -39.00 16.38 57.02
N LEU H 184 -39.85 15.62 56.35
CA LEU H 184 -39.84 15.53 54.91
C LEU H 184 -41.25 15.82 54.41
N ASN H 185 -41.35 16.63 53.36
CA ASN H 185 -42.62 17.03 52.81
C ASN H 185 -42.75 16.54 51.37
N SER H 186 -43.96 16.13 51.00
CA SER H 186 -44.25 15.73 49.63
C SER H 186 -45.56 16.40 49.24
N TRP H 187 -45.53 17.16 48.15
CA TRP H 187 -46.71 17.78 47.56
C TRP H 187 -47.26 16.91 46.45
N THR H 188 -48.56 16.93 46.26
CA THR H 188 -49.12 16.29 45.09
C THR H 188 -49.14 17.26 43.91
N ASP H 189 -49.37 16.69 42.73
CA ASP H 189 -49.69 17.53 41.59
C ASP H 189 -51.13 18.01 41.71
N GLN H 190 -51.39 19.16 41.11
CA GLN H 190 -52.71 19.78 41.17
C GLN H 190 -53.80 18.81 40.70
N ASP H 191 -54.96 18.89 41.35
CA ASP H 191 -56.02 17.93 41.13
C ASP H 191 -56.65 18.06 39.74
N SER H 192 -56.97 16.92 39.13
CA SER H 192 -57.50 16.94 37.77
C SER H 192 -58.95 17.41 37.74
N LYS H 193 -59.67 17.25 38.85
CA LYS H 193 -61.09 17.60 39.01
C LYS H 193 -61.30 18.89 39.80
N ASP H 194 -60.73 18.98 41.01
CA ASP H 194 -60.97 20.13 41.87
C ASP H 194 -59.84 21.15 41.91
N SER H 195 -58.71 20.87 41.27
CA SER H 195 -57.63 21.85 41.14
C SER H 195 -57.08 22.30 42.48
N THR H 196 -57.03 21.40 43.46
CA THR H 196 -56.37 21.68 44.73
C THR H 196 -55.11 20.85 44.86
N TYR H 197 -54.31 21.20 45.83
CA TYR H 197 -53.13 20.45 46.18
C TYR H 197 -53.36 19.74 47.50
N SER H 198 -52.43 18.87 47.86
CA SER H 198 -52.39 18.26 49.17
C SER H 198 -50.94 17.96 49.46
N MET H 199 -50.65 17.63 50.72
CA MET H 199 -49.25 17.48 51.08
C MET H 199 -49.14 16.61 52.32
N SER H 200 -48.15 15.72 52.34
CA SER H 200 -47.90 14.88 53.50
C SER H 200 -46.55 15.26 54.09
N SER H 201 -46.58 15.72 55.34
CA SER H 201 -45.40 16.03 56.13
C SER H 201 -45.18 14.86 57.09
N THR H 202 -43.95 14.34 57.14
CA THR H 202 -43.66 13.14 57.93
C THR H 202 -42.43 13.36 58.79
N LEU H 203 -42.63 13.42 60.11
CA LEU H 203 -41.58 13.61 61.10
C LEU H 203 -41.14 12.26 61.64
N THR H 204 -39.91 11.88 61.32
CA THR H 204 -39.39 10.54 61.57
C THR H 204 -38.27 10.61 62.61
N LEU H 205 -38.46 9.90 63.72
CA LEU H 205 -37.44 9.83 64.77
C LEU H 205 -37.32 8.39 65.26
N THR H 206 -36.36 8.18 66.17
CA THR H 206 -36.23 6.90 66.82
C THR H 206 -37.39 6.62 67.78
N LYS H 207 -37.64 5.33 68.02
CA LYS H 207 -38.69 4.92 68.96
C LYS H 207 -38.42 5.44 70.36
N ASP H 208 -37.19 5.25 70.87
CA ASP H 208 -36.89 5.73 72.21
C ASP H 208 -37.08 7.23 72.29
N GLU H 209 -36.64 7.95 71.24
CA GLU H 209 -36.81 9.39 71.18
C GLU H 209 -38.29 9.76 71.25
N TYR H 210 -39.16 8.89 70.74
CA TYR H 210 -40.61 9.10 70.77
C TYR H 210 -41.16 9.07 72.19
N GLU H 211 -40.56 8.25 73.07
CA GLU H 211 -41.11 8.10 74.42
C GLU H 211 -40.73 9.23 75.36
N ARG H 212 -39.67 9.99 75.07
CA ARG H 212 -39.26 11.09 75.94
C ARG H 212 -40.19 12.28 75.87
N HIS H 213 -41.02 12.38 74.85
CA HIS H 213 -41.94 13.50 74.71
C HIS H 213 -43.38 13.01 74.74
N ASN H 214 -44.26 13.85 75.29
CA ASN H 214 -45.65 13.50 75.54
C ASN H 214 -46.62 14.07 74.49
N SER H 215 -46.50 15.36 74.17
CA SER H 215 -47.46 16.01 73.29
C SER H 215 -46.77 16.39 71.98
N TYR H 216 -47.39 16.02 70.86
CA TYR H 216 -46.86 16.25 69.52
C TYR H 216 -47.86 17.07 68.73
N THR H 217 -47.37 18.07 68.01
CA THR H 217 -48.24 19.02 67.34
C THR H 217 -47.80 19.23 65.91
N CYS H 218 -48.78 19.42 65.04
CA CYS H 218 -48.58 19.76 63.63
C CYS H 218 -49.27 21.09 63.36
N GLU H 219 -48.51 22.08 62.88
CA GLU H 219 -49.00 23.44 62.69
C GLU H 219 -48.74 23.85 61.25
N ALA H 220 -49.81 24.12 60.52
CA ALA H 220 -49.71 24.52 59.13
C ALA H 220 -50.36 25.88 59.00
N THR H 221 -49.59 26.84 58.48
CA THR H 221 -50.09 28.19 58.25
C THR H 221 -50.29 28.42 56.76
N HIS H 222 -51.50 28.85 56.40
CA HIS H 222 -51.89 29.01 55.02
C HIS H 222 -52.37 30.43 54.77
N LYS H 223 -52.33 30.81 53.48
CA LYS H 223 -52.80 32.10 52.99
C LYS H 223 -54.25 32.38 53.35
N THR H 224 -55.01 31.37 53.78
CA THR H 224 -56.43 31.62 54.07
C THR H 224 -56.58 32.51 55.30
N SER H 225 -55.94 32.13 56.41
CA SER H 225 -56.07 32.85 57.68
C SER H 225 -54.72 33.01 58.36
N THR H 226 -54.62 34.06 59.19
CA THR H 226 -53.38 34.36 59.90
C THR H 226 -53.11 33.35 61.01
N SER H 227 -54.14 32.94 61.74
CA SER H 227 -53.96 31.98 62.83
C SER H 227 -53.86 30.57 62.26
N PRO H 228 -52.75 29.87 62.47
CA PRO H 228 -52.53 28.58 61.79
C PRO H 228 -53.56 27.53 62.18
N ILE H 229 -53.70 26.54 61.29
CA ILE H 229 -54.54 25.37 61.53
C ILE H 229 -53.69 24.35 62.30
N VAL H 230 -54.16 23.98 63.49
CA VAL H 230 -53.37 23.21 64.44
C VAL H 230 -54.05 21.87 64.71
N LYS H 231 -53.24 20.83 64.87
CA LYS H 231 -53.72 19.52 65.28
C LYS H 231 -52.63 18.91 66.14
N SER H 232 -53.03 18.24 67.22
CA SER H 232 -52.07 17.70 68.19
C SER H 232 -52.63 16.41 68.76
N PHE H 233 -51.78 15.65 69.44
CA PHE H 233 -52.21 14.45 70.15
C PHE H 233 -51.24 14.15 71.29
N ASN H 234 -51.71 13.39 72.27
CA ASN H 234 -50.97 13.13 73.48
C ASN H 234 -50.85 11.64 73.74
N ARG H 235 -49.87 11.28 74.56
CA ARG H 235 -49.85 9.97 75.19
C ARG H 235 -50.44 10.06 76.62
N VAL I 21 -0.84 30.71 42.06
CA VAL I 21 -1.63 30.25 40.92
C VAL I 21 -2.93 31.03 40.74
N GLN I 22 -2.95 31.99 39.83
CA GLN I 22 -4.07 32.91 39.71
C GLN I 22 -4.79 32.72 38.38
N LEU I 23 -6.11 32.52 38.45
CA LEU I 23 -6.97 32.25 37.30
C LEU I 23 -7.90 33.43 37.05
N GLN I 24 -7.88 33.94 35.82
CA GLN I 24 -8.68 35.07 35.38
C GLN I 24 -9.57 34.64 34.22
N GLN I 25 -10.88 34.75 34.38
CA GLN I 25 -11.82 34.34 33.35
C GLN I 25 -12.32 35.51 32.52
N SER I 26 -12.84 35.17 31.35
CA SER I 26 -13.42 36.14 30.42
C SER I 26 -14.64 36.81 31.05
N GLY I 27 -15.21 37.79 30.34
CA GLY I 27 -16.37 38.49 30.81
C GLY I 27 -17.67 37.76 30.51
N PRO I 28 -18.77 38.36 30.96
CA PRO I 28 -20.10 37.80 30.70
C PRO I 28 -20.43 37.79 29.21
N GLU I 29 -21.43 36.99 28.82
CA GLU I 29 -21.80 36.83 27.43
C GLU I 29 -23.32 36.83 27.31
N LEU I 30 -23.86 37.53 26.30
CA LEU I 30 -25.28 37.44 25.92
C LEU I 30 -25.38 36.87 24.51
N VAL I 31 -26.09 35.76 24.39
CA VAL I 31 -26.07 34.94 23.18
C VAL I 31 -27.46 34.45 22.81
N LYS I 32 -27.72 34.39 21.49
CA LYS I 32 -29.00 33.94 20.98
C LYS I 32 -29.18 32.44 21.22
N PRO I 33 -30.41 31.98 21.42
CA PRO I 33 -30.65 30.54 21.50
C PRO I 33 -30.24 29.87 20.20
N GLY I 34 -29.57 28.73 20.31
CA GLY I 34 -29.10 28.00 19.17
C GLY I 34 -27.73 28.41 18.67
N ALA I 35 -27.20 29.52 19.18
CA ALA I 35 -25.89 29.99 18.76
C ALA I 35 -24.81 29.27 19.55
N SER I 36 -23.63 29.86 19.65
CA SER I 36 -22.55 29.28 20.41
C SER I 36 -21.76 30.40 21.07
N VAL I 37 -21.11 30.07 22.18
CA VAL I 37 -20.26 31.00 22.90
C VAL I 37 -18.96 30.30 23.27
N LYS I 38 -17.87 31.08 23.34
CA LYS I 38 -16.54 30.61 23.75
C LYS I 38 -15.95 31.52 24.82
N MET I 39 -15.73 30.97 26.01
CA MET I 39 -15.12 31.66 27.14
C MET I 39 -13.71 31.13 27.41
N SER I 40 -12.92 31.91 28.10
CA SER I 40 -11.50 31.69 28.25
C SER I 40 -11.12 31.63 29.72
N CYS I 41 -9.90 31.16 30.00
CA CYS I 41 -9.37 31.16 31.36
C CYS I 41 -7.85 31.19 31.33
N LYS I 42 -7.23 32.28 31.80
CA LYS I 42 -5.78 32.44 31.84
C LYS I 42 -5.25 32.05 33.23
N ALA I 43 -4.19 31.26 33.26
CA ALA I 43 -3.68 30.67 34.49
C ALA I 43 -2.26 31.16 34.76
N SER I 44 -2.10 32.01 35.78
CA SER I 44 -0.79 32.46 36.24
C SER I 44 -0.33 31.60 37.41
N GLY I 45 0.97 31.32 37.47
CA GLY I 45 1.51 30.52 38.56
C GLY I 45 1.51 29.03 38.32
N CYS I 46 1.43 28.60 37.07
CA CYS I 46 1.30 27.19 36.74
C CYS I 46 2.64 26.53 36.46
N THR I 47 2.62 25.20 36.54
CA THR I 47 3.70 24.38 36.01
C THR I 47 3.06 23.32 35.12
N LEU I 48 3.86 22.69 34.26
CA LEU I 48 3.30 21.67 33.37
C LEU I 48 2.67 20.52 34.15
N THR I 49 3.29 20.09 35.24
CA THR I 49 2.86 18.89 35.97
C THR I 49 1.59 19.10 36.79
N ASN I 50 1.34 20.30 37.33
CA ASN I 50 0.00 20.59 37.82
C ASN I 50 -0.74 21.31 36.71
N CYS I 51 -1.60 22.27 37.07
CA CYS I 51 -2.20 23.20 36.09
C CYS I 51 -3.23 22.55 35.16
N PHE I 52 -4.13 21.78 35.75
CA PHE I 52 -5.28 21.28 35.03
C PHE I 52 -6.44 22.23 35.24
N MET I 53 -6.89 22.85 34.15
CA MET I 53 -8.04 23.75 34.17
C MET I 53 -9.31 22.91 34.09
N HIS I 54 -10.07 22.84 35.18
CA HIS I 54 -11.37 22.19 35.17
C HIS I 54 -12.42 23.23 34.84
N TRP I 55 -13.58 22.77 34.38
CA TRP I 55 -14.66 23.67 34.02
C TRP I 55 -15.95 23.19 34.64
N MET I 56 -16.66 24.09 35.33
CA MET I 56 -17.87 23.68 36.00
C MET I 56 -19.00 24.66 35.75
N LYS I 57 -20.19 24.09 35.64
CA LYS I 57 -21.43 24.82 35.38
C LYS I 57 -22.23 24.84 36.64
N GLN I 58 -22.62 26.03 37.06
CA GLN I 58 -23.53 26.16 38.20
C GLN I 58 -24.66 27.11 37.85
N LYS I 59 -25.87 26.57 37.77
CA LYS I 59 -27.00 27.46 37.68
C LYS I 59 -27.05 28.26 38.97
N PRO I 60 -27.66 29.44 38.98
CA PRO I 60 -27.61 30.25 40.21
C PRO I 60 -28.26 29.53 41.38
N GLY I 61 -27.48 29.33 42.44
CA GLY I 61 -27.92 28.65 43.66
C GLY I 61 -28.41 27.23 43.45
N GLN I 62 -27.72 26.47 42.61
CA GLN I 62 -27.99 25.06 42.33
C GLN I 62 -26.69 24.28 42.46
N ASP I 63 -26.79 22.97 42.28
CA ASP I 63 -25.63 22.11 42.38
C ASP I 63 -24.65 22.41 41.26
N LEU I 64 -23.38 22.29 41.58
CA LEU I 64 -22.35 22.43 40.58
C LEU I 64 -22.30 21.15 39.74
N GLU I 65 -22.07 21.31 38.45
CA GLU I 65 -21.82 20.19 37.57
C GLU I 65 -20.39 20.24 37.04
N TRP I 66 -19.74 19.11 36.93
CA TRP I 66 -18.41 19.04 36.36
C TRP I 66 -18.50 18.79 34.84
N ILE I 67 -17.77 19.59 34.06
CA ILE I 67 -17.76 19.45 32.59
C ILE I 67 -16.54 18.66 32.12
N GLY I 68 -15.35 19.07 32.53
CA GLY I 68 -14.16 18.38 32.10
C GLY I 68 -12.95 19.19 32.51
N TYR I 69 -11.81 18.83 31.94
CA TYR I 69 -10.62 19.59 32.26
C TYR I 69 -9.74 19.61 31.04
N ILE I 70 -8.84 20.60 31.01
CA ILE I 70 -7.87 20.71 29.94
C ILE I 70 -6.60 21.30 30.50
N ASN I 71 -5.47 20.73 30.11
CA ASN I 71 -4.18 21.20 30.56
C ASN I 71 -3.51 21.97 29.45
N PRO I 72 -3.36 23.29 29.56
CA PRO I 72 -2.86 24.06 28.42
C PRO I 72 -1.52 23.59 27.89
N TYR I 73 -0.65 23.05 28.72
CA TYR I 73 0.65 22.64 28.20
C TYR I 73 0.58 21.26 27.54
N ASN I 74 -0.11 20.31 28.17
CA ASN I 74 -0.20 18.94 27.67
C ASN I 74 -1.20 18.75 26.55
N ASP I 75 -2.22 19.59 26.51
CA ASP I 75 -3.45 19.37 25.75
C ASP I 75 -4.19 18.11 26.15
N MET I 76 -3.81 17.49 27.27
CA MET I 76 -4.61 16.45 27.89
C MET I 76 -5.99 17.00 28.19
N THR I 77 -7.03 16.34 27.70
CA THR I 77 -8.38 16.77 28.03
C THR I 77 -9.24 15.55 28.36
N LYS I 78 -10.16 15.74 29.30
CA LYS I 78 -11.15 14.74 29.64
C LYS I 78 -12.49 15.45 29.79
N TYR I 79 -13.53 14.88 29.18
CA TYR I 79 -14.88 15.42 29.21
C TYR I 79 -15.77 14.49 30.01
N SER I 80 -16.77 15.07 30.69
CA SER I 80 -17.78 14.23 31.35
C SER I 80 -18.83 13.76 30.34
N GLU I 81 -19.64 12.78 30.77
CA GLU I 81 -20.60 12.20 29.85
C GLU I 81 -21.74 13.17 29.54
N ASN I 82 -22.22 13.91 30.54
CA ASN I 82 -23.34 14.81 30.26
C ASN I 82 -22.95 15.86 29.24
N PHE I 83 -21.68 16.24 29.17
CA PHE I 83 -21.26 17.40 28.39
C PHE I 83 -20.47 17.09 27.13
N LYS I 84 -20.31 15.81 26.75
CA LYS I 84 -19.45 15.46 25.62
C LYS I 84 -19.92 16.09 24.32
N GLY I 85 -21.23 16.07 24.06
CA GLY I 85 -21.81 16.73 22.89
C GLY I 85 -21.94 18.24 23.02
N LYS I 86 -21.89 18.76 24.25
CA LYS I 86 -22.17 20.16 24.51
C LYS I 86 -20.90 21.00 24.47
N ALA I 87 -19.89 20.61 25.24
CA ALA I 87 -18.70 21.42 25.45
C ALA I 87 -17.53 20.95 24.58
N THR I 88 -16.64 21.89 24.27
CA THR I 88 -15.41 21.61 23.55
C THR I 88 -14.28 22.40 24.18
N LEU I 89 -13.31 21.70 24.75
CA LEU I 89 -12.20 22.36 25.41
C LEU I 89 -11.03 22.49 24.43
N THR I 90 -10.43 23.68 24.39
CA THR I 90 -9.26 23.95 23.56
C THR I 90 -8.28 24.77 24.38
N SER I 91 -7.07 24.93 23.86
CA SER I 91 -6.03 25.58 24.65
C SER I 91 -5.04 26.32 23.75
N ASP I 92 -4.51 27.43 24.27
CA ASP I 92 -3.42 28.16 23.63
C ASP I 92 -2.24 28.12 24.60
N LYS I 93 -1.19 27.39 24.20
CA LYS I 93 -0.07 27.07 25.10
C LYS I 93 0.62 28.30 25.67
N SER I 94 1.03 29.23 24.78
CA SER I 94 1.85 30.37 25.20
C SER I 94 1.14 31.23 26.23
N SER I 95 -0.13 31.55 25.98
CA SER I 95 -0.94 32.28 26.95
C SER I 95 -1.34 31.41 28.14
N SER I 96 -1.09 30.10 28.06
CA SER I 96 -1.53 29.14 29.08
C SER I 96 -2.97 29.44 29.48
N THR I 97 -3.81 29.48 28.47
CA THR I 97 -5.19 29.85 28.64
C THR I 97 -6.02 28.67 28.13
N ALA I 98 -7.10 28.38 28.83
CA ALA I 98 -8.01 27.32 28.45
C ALA I 98 -9.29 27.95 27.94
N PHE I 99 -9.87 27.37 26.89
CA PHE I 99 -11.10 27.86 26.29
C PHE I 99 -12.19 26.79 26.29
N MET I 100 -13.43 27.22 26.55
CA MET I 100 -14.60 26.35 26.53
C MET I 100 -15.68 26.94 25.65
N GLU I 101 -16.28 26.11 24.82
CA GLU I 101 -17.24 26.52 23.79
C GLU I 101 -18.46 25.61 23.90
N LEU I 102 -19.66 26.15 23.74
CA LEU I 102 -20.83 25.45 24.25
C LEU I 102 -21.91 25.07 23.24
N SER I 103 -21.60 24.94 21.95
CA SER I 103 -22.52 24.27 21.00
C SER I 103 -23.94 24.90 21.00
N SER I 104 -24.99 24.13 20.69
CA SER I 104 -26.35 24.69 20.57
C SER I 104 -26.85 25.16 21.92
N LEU I 105 -27.24 26.43 22.02
CA LEU I 105 -27.51 27.01 23.33
C LEU I 105 -29.01 27.04 23.63
N THR I 106 -29.36 26.79 24.90
CA THR I 106 -30.73 26.85 25.37
C THR I 106 -30.78 27.66 26.66
N SER I 107 -31.99 28.01 27.08
CA SER I 107 -32.17 28.61 28.40
C SER I 107 -31.63 27.69 29.47
N GLU I 108 -31.59 26.39 29.21
CA GLU I 108 -30.96 25.49 30.16
C GLU I 108 -29.47 25.69 30.27
N ASP I 109 -28.87 26.47 29.37
CA ASP I 109 -27.43 26.73 29.47
C ASP I 109 -27.08 28.02 30.19
N SER I 110 -28.05 28.88 30.48
CA SER I 110 -27.72 30.10 31.21
C SER I 110 -27.36 29.74 32.63
N ALA I 111 -26.11 29.98 33.00
CA ALA I 111 -25.63 29.66 34.33
C ALA I 111 -24.27 30.34 34.50
N VAL I 112 -23.64 30.10 35.64
CA VAL I 112 -22.29 30.62 35.87
C VAL I 112 -21.31 29.50 35.58
N TYR I 113 -20.33 29.77 34.73
CA TYR I 113 -19.32 28.78 34.37
C TYR I 113 -18.03 29.14 35.06
N TYR I 114 -17.62 28.31 36.00
CA TYR I 114 -16.46 28.55 36.85
C TYR I 114 -15.25 27.80 36.32
N CYS I 115 -14.10 28.47 36.32
CA CYS I 115 -12.82 27.86 35.97
C CYS I 115 -12.07 27.60 37.27
N ALA I 116 -11.51 26.42 37.42
CA ALA I 116 -10.82 26.16 38.67
C ALA I 116 -9.73 25.16 38.41
N ARG I 117 -8.56 25.38 39.03
CA ARG I 117 -7.40 24.51 38.84
C ARG I 117 -7.55 23.24 39.65
N GLY I 118 -7.27 22.12 39.02
CA GLY I 118 -7.38 20.87 39.71
C GLY I 118 -6.22 19.98 39.33
N TYR I 119 -6.45 18.68 39.36
CA TYR I 119 -5.42 17.75 38.99
C TYR I 119 -6.11 16.62 38.27
N LEU I 120 -5.37 15.52 38.10
CA LEU I 120 -5.90 14.32 37.47
C LEU I 120 -6.85 13.58 38.40
N LEU I 121 -7.12 12.31 38.08
CA LEU I 121 -8.30 11.65 38.62
C LEU I 121 -8.21 11.51 40.13
N ARG I 122 -7.21 10.81 40.65
CA ARG I 122 -7.16 10.64 42.09
C ARG I 122 -6.11 11.54 42.73
N THR I 123 -6.07 12.81 42.35
CA THR I 123 -5.02 13.71 42.79
C THR I 123 -5.61 15.04 43.21
N GLY I 124 -5.34 15.46 44.44
CA GLY I 124 -5.68 16.78 44.94
C GLY I 124 -7.17 17.13 44.99
N CYS I 125 -7.41 18.43 45.07
CA CYS I 125 -8.73 19.03 45.16
C CYS I 125 -8.77 20.25 44.28
N PHE I 126 -9.89 20.97 44.32
CA PHE I 126 -10.04 22.21 43.57
C PHE I 126 -9.45 23.35 44.39
N ASP I 127 -8.18 23.64 44.11
CA ASP I 127 -7.32 24.60 44.81
C ASP I 127 -7.78 26.05 44.81
N TYR I 128 -7.70 26.63 43.61
CA TYR I 128 -7.95 28.02 43.31
C TYR I 128 -9.08 28.11 42.29
N TRP I 129 -9.87 29.17 42.39
CA TRP I 129 -11.06 29.30 41.55
C TRP I 129 -11.06 30.63 40.82
N GLY I 130 -11.51 30.59 39.57
CA GLY I 130 -11.78 31.80 38.85
C GLY I 130 -13.04 32.43 39.39
N GLN I 131 -13.36 33.59 38.85
CA GLN I 131 -14.50 34.32 39.38
C GLN I 131 -15.81 33.84 38.81
N GLY I 132 -15.79 33.19 37.64
CA GLY I 132 -16.99 32.69 37.01
C GLY I 132 -17.51 33.60 35.93
N THR I 133 -17.83 33.03 34.77
CA THR I 133 -18.37 33.78 33.64
C THR I 133 -19.86 33.48 33.51
N THR I 134 -20.68 34.52 33.61
CA THR I 134 -22.12 34.35 33.55
C THR I 134 -22.58 34.41 32.11
N LEU I 135 -23.35 33.43 31.69
CA LEU I 135 -23.84 33.34 30.33
C LEU I 135 -25.35 33.43 30.35
N THR I 136 -25.90 34.27 29.48
CA THR I 136 -27.34 34.48 29.39
C THR I 136 -27.77 34.16 27.98
N VAL I 137 -28.65 33.17 27.84
CA VAL I 137 -29.11 32.70 26.55
C VAL I 137 -30.52 33.25 26.36
N SER I 138 -30.67 34.18 25.43
CA SER I 138 -31.93 34.91 25.31
C SER I 138 -32.00 35.61 23.97
N SER I 139 -33.22 35.68 23.43
CA SER I 139 -33.47 36.50 22.24
C SER I 139 -33.43 38.00 22.53
N ALA I 140 -33.68 38.40 23.78
CA ALA I 140 -33.85 39.77 24.21
C ALA I 140 -32.65 40.64 23.86
N LYS I 141 -32.86 41.94 23.94
CA LYS I 141 -31.89 42.95 23.54
C LYS I 141 -31.28 43.59 24.78
N THR I 142 -30.05 44.02 24.66
CA THR I 142 -29.43 44.78 25.74
C THR I 142 -30.17 46.09 25.96
N THR I 143 -30.59 46.33 27.21
CA THR I 143 -31.28 47.57 27.60
C THR I 143 -30.60 48.19 28.81
N PRO I 144 -30.04 49.40 28.71
CA PRO I 144 -29.40 50.01 29.87
C PRO I 144 -30.44 50.40 30.91
N PRO I 145 -30.04 50.57 32.16
CA PRO I 145 -31.00 50.88 33.22
C PRO I 145 -31.36 52.36 33.27
N SER I 146 -32.46 52.65 33.94
CA SER I 146 -32.72 54.01 34.41
C SER I 146 -32.43 54.06 35.91
N VAL I 147 -31.70 55.08 36.33
CA VAL I 147 -31.25 55.21 37.71
C VAL I 147 -31.99 56.37 38.32
N TYR I 148 -32.76 56.10 39.38
CA TYR I 148 -33.51 57.13 40.10
C TYR I 148 -33.01 57.23 41.53
N PRO I 149 -32.74 58.45 42.03
CA PRO I 149 -32.36 58.59 43.44
C PRO I 149 -33.55 58.43 44.37
N LEU I 150 -33.24 58.10 45.63
CA LEU I 150 -34.25 57.90 46.65
C LEU I 150 -33.84 58.71 47.87
N ALA I 151 -34.56 59.79 48.14
CA ALA I 151 -34.31 60.70 49.24
C ALA I 151 -35.62 61.01 49.93
N PRO I 152 -35.59 61.33 51.24
CA PRO I 152 -36.80 61.66 51.98
C PRO I 152 -37.07 63.18 52.09
N ASP I 156 -40.32 64.56 53.74
CA ASP I 156 -39.74 65.60 54.58
C ASP I 156 -40.05 65.40 56.08
N THR I 157 -39.33 64.47 56.70
CA THR I 157 -39.43 64.22 58.14
C THR I 157 -38.09 63.66 58.60
N THR I 158 -37.83 63.77 59.91
CA THR I 158 -36.46 63.69 60.41
C THR I 158 -36.29 62.65 61.51
N GLY I 159 -35.08 62.10 61.54
CA GLY I 159 -34.64 61.08 62.48
C GLY I 159 -33.18 61.32 62.79
N SER I 160 -32.62 60.42 63.61
CA SER I 160 -31.22 60.52 64.02
C SER I 160 -30.28 60.04 62.91
N SER I 161 -30.77 59.19 62.02
CA SER I 161 -30.01 58.63 60.92
C SER I 161 -30.89 58.67 59.68
N VAL I 162 -30.27 58.91 58.53
CA VAL I 162 -31.01 59.04 57.28
C VAL I 162 -30.49 58.02 56.28
N THR I 163 -31.42 57.32 55.64
CA THR I 163 -31.12 56.32 54.63
C THR I 163 -31.51 56.86 53.27
N LEU I 164 -30.63 56.63 52.29
CA LEU I 164 -30.83 57.05 50.92
C LEU I 164 -30.74 55.81 50.05
N GLY I 165 -31.33 55.92 48.86
CA GLY I 165 -31.39 54.76 47.97
C GLY I 165 -31.32 55.15 46.52
N CYS I 166 -31.07 54.14 45.69
CA CYS I 166 -31.15 54.23 44.25
C CYS I 166 -31.98 53.07 43.74
N LEU I 167 -32.95 53.38 42.87
CA LEU I 167 -33.78 52.37 42.22
C LEU I 167 -33.27 52.16 40.79
N VAL I 168 -32.76 50.96 40.52
CA VAL I 168 -32.28 50.56 39.20
C VAL I 168 -33.38 49.77 38.49
N LYS I 169 -33.94 50.36 37.45
CA LYS I 169 -35.16 49.82 36.85
C LYS I 169 -34.98 49.63 35.35
N GLY I 170 -35.51 48.52 34.85
CA GLY I 170 -35.70 48.31 33.42
C GLY I 170 -34.44 48.06 32.62
N TYR I 171 -33.65 47.06 33.01
CA TYR I 171 -32.41 46.74 32.32
C TYR I 171 -32.38 45.27 31.94
N PHE I 172 -31.57 44.95 30.94
CA PHE I 172 -31.33 43.59 30.53
C PHE I 172 -29.94 43.59 29.92
N PRO I 173 -29.10 42.58 30.23
CA PRO I 173 -29.33 41.48 31.17
C PRO I 173 -28.73 41.82 32.52
N GLU I 174 -28.88 40.93 33.51
CA GLU I 174 -28.15 41.05 34.77
C GLU I 174 -26.65 40.85 34.52
N SER I 175 -25.80 41.58 35.23
CA SER I 175 -26.16 42.38 36.38
C SER I 175 -25.62 43.80 36.31
N VAL I 176 -25.93 44.56 37.39
CA VAL I 176 -25.48 45.93 37.60
C VAL I 176 -24.64 45.96 38.86
N THR I 177 -23.80 46.99 38.96
CA THR I 177 -22.97 47.24 40.12
C THR I 177 -23.27 48.62 40.68
N VAL I 178 -23.64 48.67 41.95
CA VAL I 178 -24.00 49.90 42.63
C VAL I 178 -22.96 50.12 43.73
N THR I 179 -22.16 51.17 43.57
CA THR I 179 -21.13 51.57 44.52
C THR I 179 -21.50 52.92 45.10
N TRP I 180 -21.21 53.12 46.38
CA TRP I 180 -21.51 54.38 47.07
C TRP I 180 -20.22 55.11 47.45
N ASN I 181 -19.83 56.11 46.64
CA ASN I 181 -18.63 56.92 46.81
C ASN I 181 -17.32 56.16 46.64
N SER I 182 -17.36 54.88 46.25
CA SER I 182 -16.23 53.97 46.08
C SER I 182 -15.63 53.49 47.41
N GLY I 183 -16.25 53.79 48.54
CA GLY I 183 -15.77 53.33 49.84
C GLY I 183 -16.31 54.11 51.03
N SER I 187 -19.23 53.06 56.42
CA SER I 187 -20.68 53.11 56.28
C SER I 187 -21.36 51.76 55.91
N SER I 188 -22.65 51.69 56.25
CA SER I 188 -23.51 50.53 56.03
C SER I 188 -24.20 50.59 54.66
N VAL I 189 -24.11 49.50 53.88
CA VAL I 189 -24.71 49.44 52.55
C VAL I 189 -25.52 48.15 52.44
N HIS I 190 -26.63 48.23 51.69
CA HIS I 190 -27.52 47.08 51.43
C HIS I 190 -27.85 47.01 49.95
N THR I 191 -27.71 45.82 49.35
CA THR I 191 -28.02 45.60 47.94
C THR I 191 -29.08 44.52 47.79
N PHE I 192 -30.11 44.80 46.98
CA PHE I 192 -31.26 43.92 46.93
C PHE I 192 -31.34 43.15 45.62
N PRO I 193 -31.66 41.84 45.68
CA PRO I 193 -31.64 41.00 44.46
C PRO I 193 -32.64 41.46 43.41
N ALA I 194 -32.24 41.34 42.16
CA ALA I 194 -33.08 41.75 41.04
C ALA I 194 -34.26 40.80 40.83
N LEU I 195 -35.38 41.38 40.40
CA LEU I 195 -36.58 40.64 40.04
C LEU I 195 -36.95 40.93 38.59
N LEU I 196 -37.58 39.96 37.95
CA LEU I 196 -37.93 40.07 36.54
C LEU I 196 -39.37 40.60 36.40
N GLN I 197 -39.53 41.64 35.60
CA GLN I 197 -40.83 42.25 35.33
C GLN I 197 -40.91 42.61 33.85
N SER I 198 -41.84 41.96 33.14
CA SER I 198 -42.08 42.23 31.71
C SER I 198 -40.83 41.96 30.86
N GLY I 199 -39.99 41.02 31.30
CA GLY I 199 -38.79 40.69 30.56
C GLY I 199 -37.62 41.59 30.87
N LEU I 200 -37.70 42.38 31.94
CA LEU I 200 -36.60 43.23 32.36
C LEU I 200 -36.44 43.11 33.88
N TYR I 201 -35.30 43.58 34.37
CA TYR I 201 -34.95 43.41 35.77
C TYR I 201 -35.12 44.72 36.52
N THR I 202 -35.43 44.61 37.83
CA THR I 202 -35.49 45.76 38.71
C THR I 202 -34.82 45.42 40.04
N MET I 203 -33.86 46.25 40.44
CA MET I 203 -33.21 46.12 41.74
C MET I 203 -32.99 47.51 42.33
N SER I 204 -32.63 47.54 43.61
CA SER I 204 -32.39 48.78 44.34
C SER I 204 -31.26 48.59 45.34
N SER I 205 -30.72 49.72 45.82
CA SER I 205 -29.64 49.69 46.80
C SER I 205 -29.79 50.86 47.76
N SER I 206 -29.79 50.56 49.06
CA SER I 206 -30.00 51.54 50.12
C SER I 206 -28.75 51.64 51.00
N VAL I 207 -28.51 52.83 51.54
CA VAL I 207 -27.38 53.08 52.41
C VAL I 207 -27.88 53.91 53.60
N THR I 208 -27.23 53.73 54.76
CA THR I 208 -27.58 54.47 55.99
C THR I 208 -26.37 55.26 56.47
N VAL I 209 -26.53 56.58 56.59
CA VAL I 209 -25.48 57.47 57.09
C VAL I 209 -26.10 58.43 58.09
N PRO I 210 -25.28 59.05 58.96
CA PRO I 210 -25.84 59.95 59.99
C PRO I 210 -26.44 61.21 59.38
N SER I 211 -27.53 61.69 59.98
CA SER I 211 -28.20 62.87 59.42
C SER I 211 -27.36 64.13 59.59
N SER I 212 -26.41 64.12 60.52
CA SER I 212 -25.40 65.18 60.61
C SER I 212 -24.55 65.26 59.34
N THR I 213 -24.41 64.14 58.61
CA THR I 213 -23.60 64.11 57.39
C THR I 213 -24.39 64.64 56.18
N TRP I 214 -25.71 64.49 56.20
CA TRP I 214 -26.51 64.83 55.04
C TRP I 214 -27.49 65.96 55.35
N PRO I 215 -27.78 66.82 54.36
CA PRO I 215 -27.18 66.82 53.03
C PRO I 215 -26.05 67.84 52.90
N SER I 216 -25.46 68.26 54.03
CA SER I 216 -24.31 69.16 53.98
C SER I 216 -23.16 68.51 53.23
N GLN I 217 -22.83 67.27 53.61
CA GLN I 217 -21.94 66.46 52.80
C GLN I 217 -22.71 65.89 51.62
N THR I 218 -21.98 65.54 50.54
CA THR I 218 -22.59 65.01 49.32
C THR I 218 -22.42 63.50 49.24
N VAL I 219 -23.46 62.82 48.76
CA VAL I 219 -23.49 61.37 48.67
C VAL I 219 -24.01 60.97 47.30
N THR I 220 -23.27 60.09 46.63
CA THR I 220 -23.54 59.69 45.25
C THR I 220 -23.67 58.17 45.17
N CYS I 221 -24.69 57.71 44.46
CA CYS I 221 -24.81 56.29 44.09
C CYS I 221 -24.31 56.15 42.66
N SER I 222 -23.45 55.18 42.43
CA SER I 222 -22.90 54.92 41.11
C SER I 222 -23.43 53.58 40.61
N VAL I 223 -24.15 53.60 39.49
CA VAL I 223 -24.72 52.41 38.88
C VAL I 223 -23.99 52.15 37.58
N ALA I 224 -23.36 50.97 37.48
CA ALA I 224 -22.68 50.51 36.28
C ALA I 224 -23.38 49.25 35.75
N HIS I 225 -23.77 49.29 34.47
CA HIS I 225 -24.41 48.17 33.77
C HIS I 225 -23.48 47.83 32.61
N PRO I 226 -22.54 46.92 32.83
CA PRO I 226 -21.49 46.72 31.83
C PRO I 226 -22.03 46.24 30.51
N ALA I 227 -22.98 45.31 30.53
CA ALA I 227 -23.46 44.68 29.31
C ALA I 227 -24.01 45.69 28.31
N SER I 228 -24.37 46.88 28.78
CA SER I 228 -24.79 48.00 27.94
C SER I 228 -23.72 49.07 27.80
N SER I 229 -22.54 48.88 28.41
CA SER I 229 -21.46 49.87 28.38
C SER I 229 -21.96 51.22 28.83
N THR I 230 -22.78 51.22 29.87
CA THR I 230 -23.25 52.46 30.47
C THR I 230 -22.80 52.55 31.91
N THR I 231 -22.35 53.75 32.30
CA THR I 231 -22.09 54.10 33.69
C THR I 231 -22.84 55.39 33.97
N VAL I 232 -23.71 55.35 34.97
CA VAL I 232 -24.51 56.51 35.33
C VAL I 232 -24.39 56.68 36.84
N ASP I 233 -24.05 57.90 37.26
CA ASP I 233 -24.00 58.31 38.65
C ASP I 233 -25.17 59.22 38.97
N LYS I 234 -25.68 59.10 40.19
CA LYS I 234 -26.77 59.96 40.62
C LYS I 234 -26.37 60.54 41.96
N LYS I 235 -26.41 61.86 42.06
CA LYS I 235 -26.14 62.56 43.31
C LYS I 235 -27.37 62.60 44.19
N LEU I 236 -27.16 62.46 45.50
CA LEU I 236 -28.26 62.46 46.45
C LEU I 236 -28.45 63.87 46.98
N GLU I 237 -29.60 64.46 46.68
CA GLU I 237 -30.05 65.76 47.15
C GLU I 237 -31.49 65.64 47.62
N PRO I 238 -31.94 66.52 48.50
CA PRO I 238 -33.26 66.33 49.10
C PRO I 238 -34.40 66.85 48.22
N SER I 239 -35.47 66.08 48.18
CA SER I 239 -36.68 66.41 47.45
C SER I 239 -37.31 67.73 47.89
N ASN J 21 -22.15 6.26 38.27
CA ASN J 21 -21.14 7.11 38.89
C ASN J 21 -21.49 7.43 40.35
N ILE J 22 -20.53 8.00 41.06
CA ILE J 22 -20.68 8.25 42.48
C ILE J 22 -21.59 9.46 42.70
N VAL J 23 -22.69 9.24 43.39
CA VAL J 23 -23.68 10.27 43.67
C VAL J 23 -23.50 10.70 45.11
N LEU J 24 -23.25 11.98 45.33
CA LEU J 24 -23.12 12.49 46.68
C LEU J 24 -24.43 13.12 47.12
N THR J 25 -25.00 12.58 48.19
CA THR J 25 -26.26 13.06 48.72
C THR J 25 -25.99 13.67 50.09
N GLN J 26 -26.35 14.95 50.27
CA GLN J 26 -26.06 15.67 51.51
C GLN J 26 -27.31 15.82 52.38
N SER J 27 -27.14 15.64 53.70
CA SER J 27 -28.17 15.78 54.73
C SER J 27 -27.61 16.58 55.90
N PRO J 28 -28.37 17.54 56.44
CA PRO J 28 -29.70 17.95 56.02
C PRO J 28 -29.65 18.95 54.88
N ALA J 29 -30.78 19.18 54.20
CA ALA J 29 -30.79 20.11 53.08
C ALA J 29 -30.43 21.51 53.54
N SER J 30 -31.06 21.96 54.61
CA SER J 30 -30.80 23.26 55.20
C SER J 30 -30.79 23.13 56.72
N LEU J 31 -29.95 23.93 57.35
CA LEU J 31 -29.73 23.83 58.78
C LEU J 31 -29.77 25.22 59.39
N ALA J 32 -30.46 25.34 60.52
CA ALA J 32 -30.50 26.58 61.29
C ALA J 32 -29.76 26.33 62.61
N VAL J 33 -28.73 27.12 62.88
CA VAL J 33 -27.88 26.90 64.06
C VAL J 33 -27.57 28.22 64.76
N SER J 34 -27.53 28.18 66.09
CA SER J 34 -27.27 29.36 66.91
C SER J 34 -25.78 29.62 67.03
N LEU J 35 -25.42 30.89 67.22
CA LEU J 35 -24.01 31.27 67.36
C LEU J 35 -23.34 30.50 68.47
N GLY J 36 -22.16 29.98 68.20
CA GLY J 36 -21.40 29.23 69.18
C GLY J 36 -21.77 27.76 69.30
N GLN J 37 -22.81 27.28 68.61
CA GLN J 37 -23.18 25.89 68.72
C GLN J 37 -22.33 25.01 67.81
N ARG J 38 -22.72 23.74 67.71
CA ARG J 38 -22.03 22.76 66.90
C ARG J 38 -22.96 22.34 65.79
N ALA J 39 -22.53 22.54 64.54
CA ALA J 39 -23.27 22.18 63.36
C ALA J 39 -22.60 20.98 62.70
N THR J 40 -23.41 20.01 62.28
CA THR J 40 -22.91 18.81 61.62
C THR J 40 -23.61 18.62 60.28
N ILE J 41 -22.81 18.59 59.22
CA ILE J 41 -23.28 18.30 57.87
C ILE J 41 -22.69 16.97 57.45
N SER J 42 -23.48 16.15 56.74
CA SER J 42 -23.00 14.86 56.29
C SER J 42 -23.15 14.72 54.78
N CYS J 43 -22.24 13.95 54.19
CA CYS J 43 -22.18 13.68 52.76
C CYS J 43 -22.11 12.18 52.56
N ARG J 44 -23.00 11.64 51.74
CA ARG J 44 -23.13 10.21 51.56
C ARG J 44 -22.90 9.78 50.11
N ALA J 45 -21.90 8.92 49.91
CA ALA J 45 -21.50 8.42 48.59
C ALA J 45 -22.19 7.10 48.26
N SER J 46 -22.51 6.93 46.97
CA SER J 46 -23.16 5.72 46.49
C SER J 46 -22.20 4.55 46.34
N GLU J 47 -20.91 4.83 46.18
CA GLU J 47 -19.86 3.83 46.10
C GLU J 47 -18.63 4.39 46.81
N SER J 48 -17.75 3.48 47.23
CA SER J 48 -16.61 3.91 48.03
C SER J 48 -15.78 4.93 47.29
N VAL J 49 -15.41 6.00 47.99
CA VAL J 49 -14.50 7.02 47.46
C VAL J 49 -13.09 6.86 48.04
N ASP J 50 -12.73 5.66 48.50
CA ASP J 50 -11.44 5.41 49.12
C ASP J 50 -10.51 4.79 48.07
N SER J 51 -9.30 5.33 47.97
CA SER J 51 -8.28 4.77 47.09
C SER J 51 -6.91 5.07 47.66
N TYR J 52 -5.99 4.12 47.46
CA TYR J 52 -4.59 4.27 47.84
C TYR J 52 -4.40 4.60 49.33
N GLY J 53 -5.40 4.31 50.15
CA GLY J 53 -5.34 4.57 51.57
C GLY J 53 -5.79 5.95 51.97
N TYR J 54 -6.32 6.73 51.05
CA TYR J 54 -6.79 8.08 51.27
C TYR J 54 -8.27 8.15 50.90
N SER J 55 -8.99 9.12 51.47
CA SER J 55 -10.38 9.35 51.07
C SER J 55 -10.45 10.60 50.21
N PHE J 56 -10.95 10.42 48.98
CA PHE J 56 -10.94 11.48 47.98
C PHE J 56 -12.25 12.25 48.04
N MET J 57 -12.35 13.08 49.08
CA MET J 57 -13.55 13.79 49.47
C MET J 57 -13.11 15.16 49.90
N HIS J 58 -13.91 16.19 49.63
CA HIS J 58 -13.49 17.52 50.06
C HIS J 58 -14.73 18.34 50.42
N TRP J 59 -14.52 19.37 51.23
CA TRP J 59 -15.61 20.22 51.67
C TRP J 59 -15.37 21.64 51.23
N TYR J 60 -16.40 22.25 50.65
CA TYR J 60 -16.29 23.63 50.23
C TYR J 60 -17.36 24.49 50.91
N GLN J 61 -17.00 25.74 51.14
CA GLN J 61 -17.93 26.75 51.60
C GLN J 61 -18.10 27.75 50.48
N GLN J 62 -19.35 28.03 50.10
CA GLN J 62 -19.62 28.97 49.01
C GLN J 62 -20.51 30.08 49.56
N LYS J 63 -19.91 31.24 49.79
CA LYS J 63 -20.69 32.44 50.04
C LYS J 63 -21.39 32.86 48.73
N PRO J 64 -22.58 33.43 48.81
CA PRO J 64 -23.36 33.67 47.59
C PRO J 64 -22.70 34.68 46.64
N GLY J 65 -22.86 34.42 45.34
CA GLY J 65 -22.24 35.24 44.33
C GLY J 65 -20.73 35.12 44.23
N GLN J 66 -20.16 34.04 44.76
CA GLN J 66 -18.73 33.84 44.96
C GLN J 66 -18.38 32.41 44.61
N PRO J 67 -17.17 32.15 44.13
CA PRO J 67 -16.76 30.78 43.88
C PRO J 67 -16.64 30.05 45.21
N PRO J 68 -16.75 28.72 45.20
CA PRO J 68 -16.58 27.98 46.46
C PRO J 68 -15.17 28.15 46.98
N LYS J 69 -14.99 27.83 48.25
CA LYS J 69 -13.70 27.91 48.92
C LYS J 69 -13.45 26.56 49.54
N VAL J 70 -12.20 26.11 49.56
CA VAL J 70 -11.88 24.81 50.14
C VAL J 70 -11.75 24.94 51.65
N LEU J 71 -12.36 24.00 52.38
CA LEU J 71 -12.17 23.94 53.83
C LEU J 71 -11.42 22.67 54.22
N ILE J 72 -12.00 21.51 53.93
CA ILE J 72 -11.40 20.23 54.22
C ILE J 72 -11.12 19.53 52.90
N TYR J 73 -9.88 19.09 52.73
CA TYR J 73 -9.48 18.31 51.57
C TYR J 73 -9.06 16.93 52.06
N LEU J 74 -9.30 15.92 51.23
CA LEU J 74 -9.15 14.53 51.63
C LEU J 74 -10.17 14.39 52.76
N ALA J 75 -10.19 13.32 53.52
CA ALA J 75 -11.29 13.21 54.48
C ALA J 75 -11.24 14.29 55.55
N SER J 76 -10.05 14.64 56.03
CA SER J 76 -9.94 15.26 57.34
C SER J 76 -8.72 16.18 57.46
N ASN J 77 -8.48 17.01 56.45
CA ASN J 77 -7.30 17.85 56.50
C ASN J 77 -7.72 19.29 56.35
N LEU J 78 -7.39 20.10 57.35
CA LEU J 78 -7.72 21.51 57.36
C LEU J 78 -6.88 22.23 56.32
N GLU J 79 -7.54 22.96 55.44
CA GLU J 79 -6.84 23.70 54.42
C GLU J 79 -6.03 24.84 55.04
N SER J 80 -5.01 25.31 54.31
CA SER J 80 -4.18 26.41 54.79
C SER J 80 -5.02 27.68 55.03
N GLY J 81 -4.92 28.23 56.22
CA GLY J 81 -5.62 29.47 56.54
C GLY J 81 -7.10 29.33 56.79
N VAL J 82 -7.59 28.16 57.17
CA VAL J 82 -8.99 27.94 57.50
C VAL J 82 -9.07 27.85 59.00
N PRO J 83 -10.05 28.48 59.65
CA PRO J 83 -10.10 28.43 61.12
C PRO J 83 -10.23 27.00 61.61
N ALA J 84 -9.44 26.65 62.62
CA ALA J 84 -9.37 25.25 63.04
C ALA J 84 -10.69 24.73 63.62
N ARG J 85 -11.74 25.55 63.63
CA ARG J 85 -13.06 25.08 64.07
C ARG J 85 -13.77 24.21 63.04
N PHE J 86 -13.33 24.22 61.79
CA PHE J 86 -13.83 23.26 60.81
C PHE J 86 -13.03 21.97 60.92
N SER J 87 -13.70 20.84 60.89
CA SER J 87 -12.99 19.57 60.98
C SER J 87 -13.83 18.50 60.32
N GLY J 88 -13.13 17.52 59.75
CA GLY J 88 -13.79 16.49 58.98
C GLY J 88 -13.35 15.11 59.40
N SER J 89 -14.24 14.15 59.16
CA SER J 89 -13.91 12.77 59.44
C SER J 89 -14.77 11.89 58.55
N GLY J 90 -14.40 10.62 58.51
CA GLY J 90 -15.12 9.61 57.77
C GLY J 90 -14.24 8.92 56.74
N SER J 91 -14.78 7.84 56.21
CA SER J 91 -14.15 7.07 55.15
C SER J 91 -15.24 6.28 54.43
N ARG J 92 -14.87 5.77 53.26
CA ARG J 92 -15.75 4.98 52.40
C ARG J 92 -16.89 5.84 51.89
N THR J 93 -18.10 5.64 52.42
CA THR J 93 -19.28 6.32 51.91
C THR J 93 -19.77 7.49 52.76
N ASP J 94 -19.53 7.50 54.08
CA ASP J 94 -20.15 8.47 54.97
C ASP J 94 -19.12 9.43 55.56
N PHE J 95 -19.39 10.72 55.48
CA PHE J 95 -18.44 11.72 55.95
C PHE J 95 -19.19 12.86 56.60
N THR J 96 -18.48 13.65 57.40
CA THR J 96 -19.13 14.66 58.22
C THR J 96 -18.21 15.84 58.45
N LEU J 97 -18.69 17.02 58.08
CA LEU J 97 -18.04 18.28 58.37
C LEU J 97 -18.67 18.93 59.60
N THR J 98 -17.83 19.29 60.57
CA THR J 98 -18.35 19.90 61.81
C THR J 98 -17.78 21.31 61.97
N ILE J 99 -18.63 22.21 62.43
CA ILE J 99 -18.27 23.60 62.66
C ILE J 99 -18.50 23.89 64.14
N ASP J 100 -17.44 24.27 64.84
CA ASP J 100 -17.51 24.39 66.28
C ASP J 100 -16.43 25.31 66.85
N PRO J 101 -16.78 26.51 67.34
CA PRO J 101 -18.15 27.03 67.39
C PRO J 101 -18.51 27.84 66.14
N VAL J 102 -19.71 27.57 65.61
CA VAL J 102 -20.21 28.26 64.43
C VAL J 102 -20.38 29.74 64.70
N GLU J 103 -20.01 30.58 63.74
CA GLU J 103 -20.01 32.02 63.93
C GLU J 103 -20.92 32.71 62.93
N ALA J 104 -20.98 34.04 63.05
CA ALA J 104 -21.85 34.85 62.20
C ALA J 104 -21.42 34.78 60.73
N ASP J 105 -20.13 34.52 60.50
CA ASP J 105 -19.54 34.50 59.16
C ASP J 105 -19.97 33.30 58.34
N ASP J 106 -20.31 32.18 58.97
CA ASP J 106 -20.50 30.92 58.30
C ASP J 106 -21.88 30.74 57.66
N ALA J 107 -22.68 31.79 57.58
CA ALA J 107 -23.92 31.71 56.79
C ALA J 107 -23.49 31.56 55.34
N ALA J 108 -23.62 30.36 54.84
CA ALA J 108 -23.16 30.01 53.51
C ALA J 108 -23.68 28.63 53.18
N THR J 109 -23.52 28.23 51.93
CA THR J 109 -23.83 26.87 51.52
C THR J 109 -22.55 26.04 51.47
N TYR J 110 -22.67 24.79 51.86
CA TYR J 110 -21.54 23.90 52.06
C TYR J 110 -21.67 22.70 51.14
N TYR J 111 -20.62 22.42 50.39
CA TYR J 111 -20.63 21.37 49.41
C TYR J 111 -19.57 20.33 49.73
N CYS J 112 -19.91 19.08 49.49
CA CYS J 112 -18.94 18.01 49.45
C CYS J 112 -18.72 17.56 48.01
N GLN J 113 -17.50 17.13 47.73
CA GLN J 113 -17.10 16.78 46.38
C GLN J 113 -16.15 15.60 46.45
N GLN J 114 -16.19 14.77 45.41
CA GLN J 114 -15.32 13.61 45.33
C GLN J 114 -14.55 13.59 44.01
N ASN J 115 -13.33 13.07 44.04
CA ASN J 115 -12.62 12.77 42.81
C ASN J 115 -11.95 11.40 42.96
N ASN J 116 -12.73 10.39 43.27
CA ASN J 116 -12.16 9.06 43.20
C ASN J 116 -12.37 8.44 41.85
N GLU J 117 -13.50 8.71 41.21
CA GLU J 117 -13.71 8.20 39.86
C GLU J 117 -14.45 9.23 39.01
N ASN J 118 -14.15 9.21 37.71
CA ASN J 118 -14.85 10.10 36.79
C ASN J 118 -16.30 9.67 36.61
N PRO J 119 -17.24 10.62 36.51
CA PRO J 119 -16.92 12.05 36.57
C PRO J 119 -16.91 12.53 38.00
N LEU J 120 -16.12 13.58 38.27
CA LEU J 120 -16.14 14.19 39.60
C LEU J 120 -17.54 14.67 39.90
N THR J 121 -17.97 14.52 41.14
CA THR J 121 -19.32 14.95 41.48
C THR J 121 -19.31 15.77 42.76
N PHE J 122 -20.30 16.65 42.87
CA PHE J 122 -20.53 17.48 44.04
C PHE J 122 -21.83 17.02 44.70
N GLY J 123 -21.95 17.32 45.99
CA GLY J 123 -23.22 17.16 46.68
C GLY J 123 -24.22 18.20 46.26
N ALA J 124 -25.46 18.04 46.75
CA ALA J 124 -26.50 19.05 46.54
C ALA J 124 -26.28 20.27 47.42
N GLY J 125 -25.66 20.11 48.56
CA GLY J 125 -25.30 21.27 49.35
C GLY J 125 -26.15 21.37 50.61
N THR J 126 -25.59 22.04 51.60
CA THR J 126 -26.33 22.38 52.82
C THR J 126 -26.24 23.88 53.01
N LYS J 127 -27.39 24.55 52.98
CA LYS J 127 -27.45 25.98 53.22
C LYS J 127 -27.51 26.20 54.73
N LEU J 128 -26.50 26.88 55.27
CA LEU J 128 -26.44 27.13 56.72
C LEU J 128 -27.07 28.48 57.03
N GLU J 129 -28.03 28.47 57.95
CA GLU J 129 -28.73 29.67 58.41
C GLU J 129 -28.45 29.86 59.90
N LEU J 130 -28.12 31.10 60.30
CA LEU J 130 -27.84 31.41 61.71
C LEU J 130 -29.08 31.84 62.49
N LYS J 131 -29.13 31.42 63.77
CA LYS J 131 -30.17 31.80 64.71
C LYS J 131 -29.66 32.90 65.64
N ARG J 132 -30.29 34.07 65.61
CA ARG J 132 -30.04 35.07 66.64
C ARG J 132 -31.37 35.59 67.16
N ALA J 133 -31.32 36.40 68.22
CA ALA J 133 -32.52 36.97 68.80
C ALA J 133 -33.16 37.98 67.85
N ASP J 134 -34.49 38.03 67.90
CA ASP J 134 -35.26 38.84 66.95
C ASP J 134 -34.85 40.32 67.05
N ALA J 135 -35.06 41.03 65.96
CA ALA J 135 -34.73 42.45 65.89
C ALA J 135 -35.73 43.12 64.96
N ALA J 136 -36.12 44.36 65.29
CA ALA J 136 -37.18 44.90 64.47
C ALA J 136 -36.63 45.63 63.24
N PRO J 137 -37.39 45.64 62.14
CA PRO J 137 -36.88 46.24 60.90
C PRO J 137 -37.01 47.75 60.92
N THR J 138 -35.91 48.43 60.59
CA THR J 138 -35.91 49.89 60.43
C THR J 138 -36.57 50.24 59.11
N VAL J 139 -37.76 50.81 59.14
CA VAL J 139 -38.53 51.01 57.92
C VAL J 139 -38.22 52.39 57.34
N SER J 140 -38.07 52.45 56.00
CA SER J 140 -37.79 53.70 55.32
C SER J 140 -38.70 53.83 54.10
N ILE J 141 -39.27 55.03 53.92
CA ILE J 141 -40.19 55.30 52.82
C ILE J 141 -39.62 56.42 51.95
N PHE J 142 -39.73 56.26 50.63
CA PHE J 142 -39.14 57.20 49.67
C PHE J 142 -40.12 57.53 48.54
N PRO J 143 -40.45 58.81 48.35
CA PRO J 143 -41.35 59.19 47.25
C PRO J 143 -40.68 58.92 45.92
N PRO J 144 -41.45 58.87 44.82
CA PRO J 144 -40.83 58.66 43.50
C PRO J 144 -39.90 59.81 43.14
N SER J 145 -38.79 59.47 42.46
CA SER J 145 -37.74 60.44 42.15
C SER J 145 -38.22 61.47 41.13
N SER J 146 -37.54 62.63 41.12
CA SER J 146 -37.91 63.70 40.21
C SER J 146 -37.62 63.34 38.75
N GLU J 147 -36.49 62.66 38.48
CA GLU J 147 -36.26 62.16 37.12
C GLU J 147 -37.32 61.14 36.73
N GLN J 148 -37.79 60.35 37.69
CA GLN J 148 -38.80 59.33 37.41
C GLN J 148 -40.15 59.97 37.14
N LEU J 149 -40.50 61.01 37.91
CA LEU J 149 -41.78 61.69 37.73
C LEU J 149 -41.93 62.28 36.32
N THR J 150 -40.85 62.44 35.58
CA THR J 150 -40.92 62.98 34.24
C THR J 150 -41.10 61.93 33.14
N SER J 151 -40.81 60.65 33.41
CA SER J 151 -40.74 59.64 32.37
C SER J 151 -42.04 58.90 32.06
N GLY J 152 -43.14 59.20 32.73
CA GLY J 152 -44.41 58.56 32.41
C GLY J 152 -44.80 57.43 33.33
N GLY J 153 -43.98 57.11 34.33
CA GLY J 153 -44.31 56.09 35.31
C GLY J 153 -43.68 56.44 36.63
N ALA J 154 -44.22 55.85 37.70
CA ALA J 154 -43.78 56.17 39.07
C ALA J 154 -43.85 54.91 39.94
N SER J 155 -42.74 54.64 40.63
CA SER J 155 -42.64 53.51 41.54
C SER J 155 -42.23 54.01 42.92
N VAL J 156 -43.04 53.72 43.95
CA VAL J 156 -42.75 54.09 45.33
C VAL J 156 -42.07 52.94 46.07
N VAL J 157 -41.00 53.26 46.82
CA VAL J 157 -40.10 52.28 47.39
C VAL J 157 -40.18 52.26 48.91
N CYS J 158 -40.16 51.05 49.48
CA CYS J 158 -40.18 50.81 50.92
C CYS J 158 -39.05 49.86 51.29
N PHE J 159 -38.12 50.31 52.15
CA PHE J 159 -36.94 49.55 52.54
C PHE J 159 -37.12 49.04 53.97
N LEU J 160 -37.01 47.73 54.16
CA LEU J 160 -37.09 47.12 55.48
C LEU J 160 -35.74 46.55 55.85
N ASN J 161 -35.09 47.12 56.87
CA ASN J 161 -33.67 46.90 57.13
C ASN J 161 -33.40 46.16 58.45
N ASN J 162 -32.61 45.09 58.36
CA ASN J 162 -31.91 44.46 59.48
C ASN J 162 -32.88 43.90 60.53
N PHE J 163 -33.62 42.86 60.13
CA PHE J 163 -34.57 42.17 61.00
C PHE J 163 -34.28 40.67 61.00
N TYR J 164 -34.88 39.97 61.97
CA TYR J 164 -34.85 38.52 62.12
C TYR J 164 -36.12 38.19 62.88
N PRO J 165 -36.82 37.11 62.53
CA PRO J 165 -36.60 36.07 61.52
C PRO J 165 -36.85 36.50 60.10
N LYS J 166 -36.71 35.53 59.19
CA LYS J 166 -36.78 35.80 57.77
C LYS J 166 -38.20 36.18 57.35
N ASP J 167 -39.20 35.60 58.00
CA ASP J 167 -40.61 35.76 57.62
C ASP J 167 -41.09 37.21 57.78
N ILE J 168 -41.86 37.68 56.80
CA ILE J 168 -42.41 39.04 56.86
C ILE J 168 -43.53 39.17 55.83
N ASN J 169 -44.52 40.01 56.15
CA ASN J 169 -45.66 40.35 55.29
C ASN J 169 -45.74 41.86 55.14
N VAL J 170 -45.93 42.34 53.92
CA VAL J 170 -46.01 43.77 53.67
C VAL J 170 -47.38 44.13 53.10
N LYS J 171 -47.84 45.35 53.41
CA LYS J 171 -49.15 45.86 53.02
C LYS J 171 -49.02 47.32 52.63
N TRP J 172 -49.53 47.67 51.45
CA TRP J 172 -49.52 49.05 50.96
C TRP J 172 -50.88 49.70 51.18
N LYS J 173 -50.88 50.89 51.79
CA LYS J 173 -52.09 51.69 51.97
C LYS J 173 -51.89 52.96 51.15
N ILE J 174 -52.64 53.11 50.08
CA ILE J 174 -52.63 54.32 49.28
C ILE J 174 -53.94 55.05 49.53
N ASP J 175 -53.85 56.22 50.19
CA ASP J 175 -55.01 57.04 50.57
C ASP J 175 -55.97 56.30 51.49
N GLY J 176 -55.52 55.26 52.17
CA GLY J 176 -56.40 54.45 52.99
C GLY J 176 -57.05 53.28 52.27
N SER J 177 -56.82 53.14 50.97
CA SER J 177 -57.25 52.00 50.19
C SER J 177 -56.09 51.02 50.03
N GLU J 178 -56.39 49.74 50.22
CA GLU J 178 -55.36 48.71 50.10
C GLU J 178 -54.87 48.61 48.66
N ARG J 179 -53.65 48.10 48.50
CA ARG J 179 -53.08 47.96 47.17
C ARG J 179 -52.39 46.60 47.10
N GLN J 180 -52.72 45.82 46.06
CA GLN J 180 -52.26 44.44 45.90
C GLN J 180 -51.67 44.16 44.52
N ASN J 181 -51.50 45.19 43.69
CA ASN J 181 -51.10 45.02 42.29
C ASN J 181 -49.73 45.62 42.00
N GLY J 182 -48.97 44.93 41.16
CA GLY J 182 -47.72 45.48 40.67
C GLY J 182 -46.68 45.71 41.73
N VAL J 183 -46.79 45.03 42.87
CA VAL J 183 -45.82 45.10 43.96
C VAL J 183 -44.91 43.87 43.91
N LEU J 184 -43.60 44.09 43.83
CA LEU J 184 -42.63 43.00 43.84
C LEU J 184 -41.63 43.22 44.97
N ASN J 185 -41.34 42.15 45.70
CA ASN J 185 -40.45 42.21 46.85
C ASN J 185 -39.25 41.26 46.71
N SER J 186 -38.11 41.71 47.24
CA SER J 186 -36.87 40.96 47.21
C SER J 186 -36.22 40.96 48.58
N TRP J 187 -35.86 39.78 49.06
CA TRP J 187 -35.06 39.65 50.28
C TRP J 187 -33.58 39.54 49.96
N THR J 188 -32.76 40.10 50.83
CA THR J 188 -31.32 39.95 50.72
C THR J 188 -30.90 38.64 51.36
N ASP J 189 -29.65 38.26 51.11
CA ASP J 189 -29.08 37.13 51.82
C ASP J 189 -28.79 37.51 53.26
N GLN J 190 -28.82 36.52 54.13
CA GLN J 190 -28.51 36.75 55.53
C GLN J 190 -27.15 37.43 55.65
N ASP J 191 -27.07 38.46 56.49
CA ASP J 191 -25.87 39.28 56.55
C ASP J 191 -24.74 38.47 57.18
N SER J 192 -23.53 38.67 56.68
CA SER J 192 -22.43 37.86 57.21
C SER J 192 -21.99 38.32 58.59
N LYS J 193 -22.34 39.54 58.97
CA LYS J 193 -21.86 40.12 60.22
C LYS J 193 -22.88 40.04 61.35
N ASP J 194 -24.11 40.50 61.14
CA ASP J 194 -25.10 40.41 62.20
C ASP J 194 -26.15 39.33 61.98
N SER J 195 -26.18 38.70 60.81
CA SER J 195 -27.11 37.63 60.55
C SER J 195 -28.55 38.13 60.53
N THR J 196 -28.77 39.31 59.95
CA THR J 196 -30.10 39.82 59.74
C THR J 196 -30.47 39.74 58.25
N TYR J 197 -31.74 39.91 57.98
CA TYR J 197 -32.26 39.95 56.61
C TYR J 197 -32.69 41.38 56.28
N SER J 198 -32.98 41.60 55.01
CA SER J 198 -33.51 42.89 54.58
C SER J 198 -34.42 42.65 53.39
N MET J 199 -35.20 43.67 53.04
CA MET J 199 -36.23 43.50 52.03
C MET J 199 -36.56 44.84 51.39
N SER J 200 -36.76 44.83 50.07
CA SER J 200 -37.17 46.03 49.34
C SER J 200 -38.51 45.76 48.66
N SER J 201 -39.51 46.58 49.00
CA SER J 201 -40.82 46.53 48.35
C SER J 201 -40.95 47.70 47.36
N THR J 202 -41.42 47.41 46.15
CA THR J 202 -41.52 48.41 45.10
C THR J 202 -42.91 48.36 44.46
N LEU J 203 -43.69 49.42 44.67
CA LEU J 203 -45.03 49.57 44.12
C LEU J 203 -45.01 50.42 42.85
N THR J 204 -45.43 49.84 41.72
CA THR J 204 -45.24 50.41 40.38
C THR J 204 -46.56 50.94 39.83
N LEU J 205 -46.57 52.21 39.40
CA LEU J 205 -47.78 52.85 38.88
C LEU J 205 -47.52 53.62 37.59
N THR J 206 -48.63 54.12 37.03
CA THR J 206 -48.69 55.10 35.95
C THR J 206 -48.30 56.49 36.48
N LYS J 207 -47.87 57.36 35.57
CA LYS J 207 -47.63 58.75 35.95
C LYS J 207 -48.91 59.43 36.39
N ASP J 208 -49.96 59.31 35.58
CA ASP J 208 -51.25 59.91 35.92
C ASP J 208 -51.81 59.31 37.21
N GLU J 209 -51.61 58.01 37.40
CA GLU J 209 -52.10 57.32 38.60
C GLU J 209 -51.53 57.87 39.90
N TYR J 210 -50.27 58.32 39.91
CA TYR J 210 -49.67 58.78 41.17
C TYR J 210 -50.33 60.06 41.69
N GLU J 211 -50.73 60.96 40.79
CA GLU J 211 -51.32 62.23 41.23
C GLU J 211 -52.77 62.08 41.66
N ARG J 212 -53.44 60.98 41.28
CA ARG J 212 -54.86 60.84 41.60
C ARG J 212 -55.11 60.60 43.08
N HIS J 213 -54.10 60.09 43.81
CA HIS J 213 -54.17 59.88 45.25
C HIS J 213 -53.06 60.70 45.93
N ASN J 214 -53.33 61.20 47.15
CA ASN J 214 -52.43 62.16 47.78
C ASN J 214 -51.45 61.54 48.78
N SER J 215 -51.92 60.71 49.71
CA SER J 215 -51.07 60.19 50.79
C SER J 215 -50.89 58.67 50.62
N TYR J 216 -49.64 58.20 50.72
CA TYR J 216 -49.29 56.79 50.49
C TYR J 216 -48.54 56.20 51.68
N THR J 217 -48.85 54.94 52.04
CA THR J 217 -48.30 54.26 53.21
C THR J 217 -47.95 52.80 52.90
N CYS J 218 -46.89 52.29 53.53
CA CYS J 218 -46.54 50.87 53.48
C CYS J 218 -46.58 50.31 54.90
N GLU J 219 -47.27 49.18 55.07
CA GLU J 219 -47.49 48.57 56.39
C GLU J 219 -47.03 47.11 56.38
N ALA J 220 -46.07 46.79 57.24
CA ALA J 220 -45.56 45.43 57.36
C ALA J 220 -45.67 44.96 58.81
N THR J 221 -46.24 43.77 59.02
CA THR J 221 -46.33 43.15 60.34
C THR J 221 -45.32 42.02 60.51
N HIS J 222 -44.54 42.08 61.59
CA HIS J 222 -43.45 41.16 61.86
C HIS J 222 -43.70 40.49 63.19
N LYS J 223 -43.06 39.33 63.40
CA LYS J 223 -43.18 38.61 64.66
C LYS J 223 -42.72 39.45 65.86
N THR J 224 -42.04 40.57 65.62
CA THR J 224 -41.52 41.40 66.70
C THR J 224 -42.65 42.01 67.54
N SER J 225 -43.65 42.60 66.89
CA SER J 225 -44.76 43.23 67.61
C SER J 225 -46.07 42.85 66.94
N THR J 226 -47.15 42.93 67.73
CA THR J 226 -48.48 42.63 67.21
C THR J 226 -48.98 43.71 66.27
N SER J 227 -48.80 44.98 66.66
CA SER J 227 -49.22 46.10 65.82
C SER J 227 -48.14 46.42 64.78
N PRO J 228 -48.45 46.36 63.48
CA PRO J 228 -47.42 46.52 62.44
C PRO J 228 -46.79 47.91 62.41
N ILE J 229 -45.56 47.93 61.88
CA ILE J 229 -44.79 49.16 61.69
C ILE J 229 -45.21 49.82 60.38
N VAL J 230 -45.61 51.09 60.46
CA VAL J 230 -46.22 51.82 59.35
C VAL J 230 -45.35 53.03 58.99
N LYS J 231 -45.28 53.34 57.69
CA LYS J 231 -44.59 54.53 57.21
C LYS J 231 -45.27 55.09 55.96
N SER J 232 -45.33 56.42 55.89
CA SER J 232 -46.11 57.16 54.90
C SER J 232 -45.41 58.45 54.47
N PHE J 233 -45.94 59.07 53.40
CA PHE J 233 -45.45 60.33 52.86
C PHE J 233 -46.57 60.99 52.09
N ASN J 234 -46.51 62.33 51.99
CA ASN J 234 -47.58 63.12 51.38
C ASN J 234 -47.00 64.13 50.38
N ARG J 235 -47.89 64.60 49.49
CA ARG J 235 -47.62 65.72 48.56
C ARG J 235 -47.10 66.98 49.28
N VAL K 21 11.00 -47.09 -28.30
CA VAL K 21 10.96 -45.64 -28.12
C VAL K 21 11.47 -44.90 -29.34
N GLN K 22 10.55 -44.39 -30.17
CA GLN K 22 10.89 -43.73 -31.42
C GLN K 22 10.40 -42.28 -31.38
N LEU K 23 11.26 -41.35 -31.79
CA LEU K 23 10.94 -39.92 -31.80
C LEU K 23 10.74 -39.46 -33.24
N GLN K 24 9.62 -38.80 -33.51
CA GLN K 24 9.33 -38.30 -34.85
C GLN K 24 9.14 -36.79 -34.77
N GLN K 25 10.06 -36.05 -35.37
CA GLN K 25 10.05 -34.60 -35.42
C GLN K 25 9.43 -34.10 -36.71
N SER K 26 9.03 -32.82 -36.70
CA SER K 26 8.40 -32.23 -37.86
C SER K 26 9.38 -32.14 -39.03
N GLY K 27 8.85 -31.74 -40.18
CA GLY K 27 9.66 -31.52 -41.36
C GLY K 27 10.26 -30.14 -41.34
N PRO K 28 11.11 -29.86 -42.31
CA PRO K 28 11.75 -28.54 -42.38
C PRO K 28 10.74 -27.43 -42.68
N GLU K 29 11.13 -26.20 -42.31
CA GLU K 29 10.31 -25.00 -42.41
C GLU K 29 11.19 -23.86 -42.91
N LEU K 30 10.62 -23.01 -43.76
CA LEU K 30 11.22 -21.74 -44.15
C LEU K 30 10.33 -20.62 -43.63
N VAL K 31 10.91 -19.72 -42.84
CA VAL K 31 10.12 -18.72 -42.11
C VAL K 31 10.77 -17.35 -42.21
N LYS K 32 9.94 -16.31 -42.40
CA LYS K 32 10.46 -14.96 -42.57
C LYS K 32 11.00 -14.41 -41.26
N PRO K 33 11.99 -13.52 -41.31
CA PRO K 33 12.53 -12.92 -40.09
C PRO K 33 11.45 -12.19 -39.34
N GLY K 34 11.45 -12.35 -38.02
CA GLY K 34 10.47 -11.69 -37.20
C GLY K 34 9.19 -12.46 -37.02
N ALA K 35 9.04 -13.59 -37.69
CA ALA K 35 7.86 -14.44 -37.54
C ALA K 35 8.09 -15.41 -36.40
N SER K 36 7.38 -16.53 -36.38
CA SER K 36 7.56 -17.53 -35.34
C SER K 36 7.26 -18.89 -35.93
N VAL K 37 7.88 -19.94 -35.38
CA VAL K 37 7.57 -21.30 -35.79
C VAL K 37 7.45 -22.19 -34.55
N LYS K 38 6.61 -23.21 -34.66
CA LYS K 38 6.38 -24.19 -33.60
C LYS K 38 6.61 -25.56 -34.22
N MET K 39 7.66 -26.26 -33.77
CA MET K 39 7.98 -27.59 -34.29
C MET K 39 7.63 -28.64 -33.24
N SER K 40 7.53 -29.89 -33.69
CA SER K 40 6.98 -30.94 -32.86
C SER K 40 7.96 -32.08 -32.70
N CYS K 41 7.67 -32.92 -31.69
CA CYS K 41 8.40 -34.16 -31.45
C CYS K 41 7.43 -35.13 -30.79
N LYS K 42 6.98 -36.16 -31.53
CA LYS K 42 6.04 -37.15 -31.00
C LYS K 42 6.83 -38.36 -30.51
N ALA K 43 6.53 -38.81 -29.30
CA ALA K 43 7.32 -39.81 -28.61
C ALA K 43 6.48 -41.05 -28.40
N SER K 44 6.78 -42.09 -29.17
CA SER K 44 6.12 -43.37 -29.04
C SER K 44 6.97 -44.26 -28.15
N GLY K 45 6.32 -45.04 -27.29
CA GLY K 45 7.06 -45.93 -26.41
C GLY K 45 7.45 -45.31 -25.09
N CYS K 46 6.77 -44.27 -24.66
CA CYS K 46 7.17 -43.56 -23.46
C CYS K 46 6.43 -44.08 -22.22
N THR K 47 7.03 -43.79 -21.07
CA THR K 47 6.35 -43.90 -19.78
C THR K 47 6.57 -42.59 -19.02
N LEU K 48 5.68 -42.30 -18.07
CA LEU K 48 5.72 -41.05 -17.31
C LEU K 48 7.04 -40.86 -16.57
N THR K 49 7.63 -41.94 -16.06
CA THR K 49 8.83 -41.84 -15.23
C THR K 49 10.06 -41.43 -16.05
N ASN K 50 10.16 -41.87 -17.31
CA ASN K 50 11.12 -41.26 -18.21
C ASN K 50 10.40 -40.26 -19.08
N CYS K 51 10.80 -40.16 -20.34
CA CYS K 51 10.08 -39.42 -21.36
C CYS K 51 10.14 -37.92 -21.11
N PHE K 52 11.34 -37.45 -20.80
CA PHE K 52 11.64 -36.03 -20.78
C PHE K 52 12.20 -35.67 -22.14
N MET K 53 11.48 -34.84 -22.88
CA MET K 53 11.90 -34.43 -24.20
C MET K 53 12.88 -33.27 -24.08
N HIS K 54 14.16 -33.53 -24.34
CA HIS K 54 15.14 -32.46 -24.35
C HIS K 54 15.24 -31.88 -25.76
N TRP K 55 15.78 -30.67 -25.85
CA TRP K 55 15.91 -29.98 -27.12
C TRP K 55 17.29 -29.37 -27.28
N MET K 56 17.90 -29.55 -28.44
CA MET K 56 19.21 -28.99 -28.72
C MET K 56 19.25 -28.30 -30.07
N LYS K 57 20.07 -27.26 -30.14
CA LYS K 57 20.28 -26.48 -31.35
C LYS K 57 21.68 -26.72 -31.86
N GLN K 58 21.80 -27.13 -33.11
CA GLN K 58 23.10 -27.34 -33.74
C GLN K 58 23.13 -26.69 -35.12
N LYS K 59 23.88 -25.58 -35.21
CA LYS K 59 24.20 -24.95 -36.48
C LYS K 59 25.11 -25.88 -37.29
N PRO K 60 25.20 -25.69 -38.60
CA PRO K 60 25.99 -26.63 -39.42
C PRO K 60 27.45 -26.71 -38.98
N GLY K 61 27.88 -27.92 -38.64
CA GLY K 61 29.25 -28.23 -38.18
C GLY K 61 29.71 -27.47 -36.96
N GLN K 62 28.84 -27.31 -35.96
CA GLN K 62 29.19 -26.60 -34.75
C GLN K 62 28.78 -27.41 -33.51
N ASP K 63 29.15 -26.90 -32.35
CA ASP K 63 28.79 -27.58 -31.10
C ASP K 63 27.28 -27.52 -30.87
N LEU K 64 26.78 -28.56 -30.21
CA LEU K 64 25.39 -28.65 -29.81
C LEU K 64 25.14 -27.69 -28.65
N GLU K 65 23.99 -27.02 -28.68
CA GLU K 65 23.55 -26.08 -27.65
C GLU K 65 22.34 -26.67 -26.97
N TRP K 66 22.28 -26.64 -25.65
CA TRP K 66 21.15 -27.22 -24.95
C TRP K 66 20.09 -26.16 -24.66
N ILE K 67 18.84 -26.46 -25.03
CA ILE K 67 17.78 -25.50 -24.83
C ILE K 67 17.07 -25.79 -23.53
N GLY K 68 16.57 -27.01 -23.39
CA GLY K 68 15.79 -27.34 -22.20
C GLY K 68 15.06 -28.65 -22.38
N TYR K 69 14.05 -28.89 -21.54
CA TYR K 69 13.30 -30.12 -21.66
C TYR K 69 11.86 -29.88 -21.24
N ILE K 70 10.99 -30.78 -21.66
CA ILE K 70 9.62 -30.80 -21.18
C ILE K 70 9.13 -32.25 -21.15
N ASN K 71 8.40 -32.58 -20.09
CA ASN K 71 7.81 -33.91 -19.94
C ASN K 71 6.33 -33.79 -20.21
N PRO K 72 5.81 -34.37 -21.29
CA PRO K 72 4.41 -34.15 -21.65
C PRO K 72 3.43 -34.54 -20.57
N TYR K 73 3.74 -35.53 -19.73
CA TYR K 73 2.77 -35.88 -18.69
C TYR K 73 2.87 -34.91 -17.51
N ASN K 74 4.08 -34.58 -17.09
CA ASN K 74 4.26 -33.71 -15.93
C ASN K 74 4.03 -32.25 -16.27
N ASP K 75 4.26 -31.88 -17.53
CA ASP K 75 4.47 -30.51 -17.96
C ASP K 75 5.65 -29.85 -17.26
N MET K 76 6.47 -30.64 -16.57
CA MET K 76 7.75 -30.14 -16.08
C MET K 76 8.59 -29.67 -17.25
N THR K 77 9.12 -28.45 -17.13
CA THR K 77 9.99 -27.85 -18.13
C THR K 77 11.20 -27.18 -17.48
N LYS K 78 12.30 -27.14 -18.21
CA LYS K 78 13.44 -26.34 -17.80
C LYS K 78 14.03 -25.70 -19.04
N TYR K 79 14.43 -24.44 -18.93
CA TYR K 79 15.13 -23.72 -19.98
C TYR K 79 16.52 -23.37 -19.51
N SER K 80 17.49 -23.37 -20.40
CA SER K 80 18.78 -22.80 -20.02
C SER K 80 18.70 -21.28 -20.14
N GLU K 81 19.69 -20.59 -19.60
CA GLU K 81 19.56 -19.14 -19.52
C GLU K 81 19.54 -18.50 -20.89
N ASN K 82 20.34 -19.02 -21.83
CA ASN K 82 20.48 -18.42 -23.14
C ASN K 82 19.16 -18.41 -23.91
N PHE K 83 18.31 -19.40 -23.68
CA PHE K 83 17.11 -19.60 -24.50
C PHE K 83 15.85 -19.18 -23.78
N LYS K 84 15.98 -18.56 -22.60
CA LYS K 84 14.81 -18.24 -21.81
C LYS K 84 13.86 -17.34 -22.58
N GLY K 85 14.38 -16.34 -23.28
CA GLY K 85 13.48 -15.52 -24.07
C GLY K 85 13.05 -16.16 -25.37
N LYS K 86 13.86 -17.07 -25.89
CA LYS K 86 13.63 -17.46 -27.27
C LYS K 86 12.60 -18.58 -27.41
N ALA K 87 12.80 -19.71 -26.73
CA ALA K 87 11.95 -20.87 -26.97
C ALA K 87 10.91 -21.03 -25.87
N THR K 88 9.77 -21.63 -26.25
CA THR K 88 8.67 -21.94 -25.36
C THR K 88 8.25 -23.37 -25.57
N LEU K 89 8.42 -24.18 -24.53
CA LEU K 89 8.08 -25.59 -24.59
C LEU K 89 6.66 -25.79 -24.06
N THR K 90 5.85 -26.49 -24.85
CA THR K 90 4.48 -26.81 -24.47
C THR K 90 4.20 -28.26 -24.83
N SER K 91 3.08 -28.78 -24.36
CA SER K 91 2.82 -30.20 -24.50
C SER K 91 1.34 -30.54 -24.55
N ASP K 92 1.03 -31.60 -25.31
CA ASP K 92 -0.26 -32.28 -25.27
C ASP K 92 -0.05 -33.72 -24.83
N LYS K 93 -0.55 -34.05 -23.63
CA LYS K 93 -0.40 -35.40 -23.09
C LYS K 93 -1.04 -36.43 -23.99
N SER K 94 -2.29 -36.18 -24.41
CA SER K 94 -3.07 -37.20 -25.12
C SER K 94 -2.35 -37.66 -26.40
N SER K 95 -1.90 -36.72 -27.22
CA SER K 95 -1.06 -37.07 -28.36
C SER K 95 0.37 -37.42 -27.95
N SER K 96 0.73 -37.19 -26.68
CA SER K 96 2.10 -37.37 -26.12
C SER K 96 3.20 -36.73 -26.97
N THR K 97 3.03 -35.45 -27.27
CA THR K 97 3.93 -34.72 -28.17
C THR K 97 4.50 -33.49 -27.48
N ALA K 98 5.75 -33.18 -27.80
CA ALA K 98 6.42 -31.98 -27.30
C ALA K 98 6.51 -30.97 -28.43
N PHE K 99 6.26 -29.70 -28.08
CA PHE K 99 6.27 -28.58 -29.02
C PHE K 99 7.32 -27.55 -28.63
N MET K 100 8.00 -26.98 -29.62
CA MET K 100 8.93 -25.89 -29.35
C MET K 100 8.66 -24.73 -30.31
N GLU K 101 8.62 -23.52 -29.77
CA GLU K 101 8.23 -22.29 -30.44
C GLU K 101 9.35 -21.28 -30.25
N LEU K 102 9.66 -20.50 -31.30
CA LEU K 102 10.97 -19.85 -31.35
C LEU K 102 10.93 -18.33 -31.47
N SER K 103 9.87 -17.66 -31.02
CA SER K 103 9.85 -16.20 -30.74
C SER K 103 10.39 -15.42 -31.94
N SER K 104 11.02 -14.26 -31.68
CA SER K 104 11.51 -13.40 -32.77
C SER K 104 12.62 -14.10 -33.52
N LEU K 105 12.43 -14.30 -34.83
CA LEU K 105 13.30 -15.16 -35.60
C LEU K 105 14.29 -14.33 -36.39
N THR K 106 15.56 -14.72 -36.36
CA THR K 106 16.63 -14.01 -37.04
C THR K 106 17.47 -15.00 -37.82
N SER K 107 18.36 -14.47 -38.66
CA SER K 107 19.28 -15.31 -39.40
C SER K 107 20.13 -16.20 -38.49
N GLU K 108 20.40 -15.74 -37.26
CA GLU K 108 21.16 -16.54 -36.30
C GLU K 108 20.42 -17.77 -35.80
N ASP K 109 19.12 -17.90 -36.07
CA ASP K 109 18.31 -19.06 -35.66
C ASP K 109 18.23 -20.16 -36.70
N SER K 110 18.79 -19.95 -37.90
CA SER K 110 18.79 -21.00 -38.92
C SER K 110 19.77 -22.09 -38.50
N ALA K 111 19.24 -23.27 -38.17
CA ALA K 111 20.07 -24.38 -37.68
C ALA K 111 19.20 -25.63 -37.64
N VAL K 112 19.80 -26.73 -37.17
CA VAL K 112 19.07 -27.97 -36.98
C VAL K 112 18.77 -28.11 -35.50
N TYR K 113 17.50 -28.33 -35.16
CA TYR K 113 17.05 -28.46 -33.78
C TYR K 113 16.75 -29.95 -33.51
N TYR K 114 17.53 -30.56 -32.62
CA TYR K 114 17.39 -31.98 -32.33
C TYR K 114 16.55 -32.20 -31.07
N CYS K 115 15.64 -33.15 -31.15
CA CYS K 115 14.86 -33.62 -30.03
C CYS K 115 15.40 -34.97 -29.56
N ALA K 116 15.55 -35.15 -28.25
CA ALA K 116 16.14 -36.39 -27.75
C ALA K 116 15.59 -36.70 -26.39
N ARG K 117 15.36 -37.98 -26.12
CA ARG K 117 14.85 -38.38 -24.81
C ARG K 117 15.96 -38.35 -23.78
N GLY K 118 15.68 -37.72 -22.65
CA GLY K 118 16.66 -37.68 -21.60
C GLY K 118 15.96 -37.87 -20.28
N TYR K 119 16.53 -37.33 -19.21
CA TYR K 119 15.92 -37.43 -17.89
C TYR K 119 16.20 -36.14 -17.14
N LEU K 120 16.03 -36.18 -15.83
CA LEU K 120 16.27 -35.01 -14.99
C LEU K 120 17.77 -34.76 -14.88
N LEU K 121 18.20 -33.95 -13.91
CA LEU K 121 19.55 -33.42 -14.02
C LEU K 121 20.57 -34.54 -13.91
N ARG K 122 20.68 -35.17 -12.76
CA ARG K 122 21.76 -36.14 -12.65
C ARG K 122 21.21 -37.54 -12.85
N THR K 123 20.47 -37.69 -13.95
CA THR K 123 19.82 -38.95 -14.32
C THR K 123 20.04 -39.24 -15.80
N GLY K 124 20.65 -40.38 -16.11
CA GLY K 124 20.77 -40.92 -17.45
C GLY K 124 21.55 -40.06 -18.43
N CYS K 125 21.37 -40.39 -19.71
CA CYS K 125 22.02 -39.73 -20.85
C CYS K 125 20.96 -39.56 -21.94
N PHE K 126 21.39 -39.11 -23.12
CA PHE K 126 20.49 -38.95 -24.25
C PHE K 126 20.37 -40.28 -24.99
N ASP K 127 19.40 -41.10 -24.57
CA ASP K 127 19.21 -42.46 -25.10
C ASP K 127 18.95 -42.48 -26.60
N TYR K 128 17.82 -41.90 -27.01
CA TYR K 128 17.30 -41.97 -28.35
C TYR K 128 17.12 -40.56 -28.91
N TRP K 129 17.35 -40.40 -30.20
CA TRP K 129 17.34 -39.08 -30.85
C TRP K 129 16.40 -39.05 -32.04
N GLY K 130 15.72 -37.93 -32.19
CA GLY K 130 14.96 -37.67 -33.39
C GLY K 130 15.87 -37.37 -34.56
N GLN K 131 15.24 -37.16 -35.72
CA GLN K 131 16.00 -36.99 -36.95
C GLN K 131 16.48 -35.56 -37.15
N GLY K 132 15.90 -34.60 -36.47
CA GLY K 132 16.33 -33.23 -36.57
C GLY K 132 15.45 -32.52 -37.57
N THR K 133 14.90 -31.39 -37.14
CA THR K 133 14.07 -30.53 -37.96
C THR K 133 14.89 -29.29 -38.28
N THR K 134 15.13 -29.07 -39.57
CA THR K 134 16.00 -28.01 -40.06
C THR K 134 15.20 -26.73 -40.28
N LEU K 135 15.71 -25.62 -39.76
CA LEU K 135 15.04 -24.33 -39.86
C LEU K 135 15.89 -23.35 -40.64
N THR K 136 15.26 -22.65 -41.59
CA THR K 136 15.91 -21.64 -42.42
C THR K 136 15.13 -20.34 -42.33
N VAL K 137 15.79 -19.30 -41.81
CA VAL K 137 15.16 -17.99 -41.57
C VAL K 137 15.65 -17.01 -42.63
N SER K 138 14.75 -16.62 -43.55
CA SER K 138 15.23 -15.83 -44.66
C SER K 138 14.08 -15.12 -45.33
N SER K 139 14.37 -13.90 -45.80
CA SER K 139 13.46 -13.13 -46.63
C SER K 139 13.33 -13.69 -48.04
N ALA K 140 14.32 -14.44 -48.51
CA ALA K 140 14.32 -14.94 -49.88
C ALA K 140 13.13 -15.85 -50.13
N LYS K 141 12.79 -16.01 -51.39
CA LYS K 141 11.58 -16.73 -51.78
C LYS K 141 11.95 -18.08 -52.40
N THR K 142 11.01 -19.02 -52.31
CA THR K 142 11.21 -20.36 -52.85
C THR K 142 11.38 -20.36 -54.37
N THR K 143 12.48 -20.98 -54.85
CA THR K 143 12.79 -21.10 -56.27
C THR K 143 13.01 -22.56 -56.63
N PRO K 144 12.24 -23.14 -57.56
CA PRO K 144 12.49 -24.54 -57.93
C PRO K 144 13.79 -24.66 -58.69
N PRO K 145 14.46 -25.82 -58.62
CA PRO K 145 15.81 -25.94 -59.19
C PRO K 145 15.78 -26.16 -60.69
N SER K 146 16.91 -25.87 -61.31
CA SER K 146 17.17 -26.28 -62.69
C SER K 146 18.14 -27.45 -62.69
N VAL K 147 17.86 -28.44 -63.53
CA VAL K 147 18.66 -29.66 -63.64
C VAL K 147 19.31 -29.69 -65.02
N TYR K 148 20.64 -29.70 -65.06
CA TYR K 148 21.35 -29.75 -66.33
C TYR K 148 22.13 -31.06 -66.41
N PRO K 149 22.03 -31.79 -67.52
CA PRO K 149 22.83 -33.02 -67.65
C PRO K 149 24.28 -32.67 -67.91
N LEU K 150 25.17 -33.58 -67.56
CA LEU K 150 26.61 -33.40 -67.76
C LEU K 150 27.22 -34.66 -68.36
N ALA K 151 27.55 -34.59 -69.64
CA ALA K 151 28.19 -35.66 -70.39
C ALA K 151 29.27 -35.03 -71.25
N PRO K 152 30.34 -35.77 -71.56
CA PRO K 152 31.38 -35.16 -72.41
C PRO K 152 31.22 -35.48 -73.91
N ASP K 156 36.24 -35.76 -77.53
CA ASP K 156 35.57 -36.04 -76.27
C ASP K 156 36.41 -36.99 -75.40
N THR K 157 37.10 -37.92 -76.09
CA THR K 157 37.97 -38.94 -75.52
C THR K 157 37.22 -40.00 -74.71
N THR K 158 37.77 -41.22 -74.65
CA THR K 158 37.09 -42.39 -74.10
C THR K 158 38.02 -43.12 -73.14
N GLY K 159 37.42 -43.81 -72.17
CA GLY K 159 38.16 -44.50 -71.15
C GLY K 159 37.46 -45.78 -70.73
N SER K 160 38.06 -46.42 -69.71
CA SER K 160 37.54 -47.66 -69.17
C SER K 160 36.28 -47.42 -68.34
N SER K 161 36.13 -46.22 -67.80
CA SER K 161 35.03 -45.86 -66.93
C SER K 161 34.48 -44.52 -67.39
N VAL K 162 33.17 -44.36 -67.32
CA VAL K 162 32.52 -43.13 -67.77
C VAL K 162 31.75 -42.52 -66.61
N THR K 163 31.91 -41.22 -66.42
CA THR K 163 31.24 -40.49 -65.37
C THR K 163 30.23 -39.53 -66.00
N LEU K 164 29.04 -39.47 -65.39
CA LEU K 164 27.98 -38.57 -65.81
C LEU K 164 27.62 -37.70 -64.62
N GLY K 165 26.95 -36.59 -64.91
CA GLY K 165 26.60 -35.67 -63.84
C GLY K 165 25.26 -34.99 -64.06
N CYS K 166 24.77 -34.41 -62.96
CA CYS K 166 23.62 -33.51 -62.94
C CYS K 166 24.02 -32.27 -62.17
N LEU K 167 23.78 -31.11 -62.78
CA LEU K 167 23.99 -29.83 -62.11
C LEU K 167 22.63 -29.30 -61.70
N VAL K 168 22.37 -29.27 -60.40
CA VAL K 168 21.13 -28.73 -59.85
C VAL K 168 21.44 -27.31 -59.42
N LYS K 169 20.91 -26.33 -60.15
CA LYS K 169 21.37 -24.96 -60.02
C LYS K 169 20.23 -23.99 -59.71
N GLY K 170 20.50 -23.07 -58.78
CA GLY K 170 19.67 -21.89 -58.55
C GLY K 170 18.33 -22.16 -57.92
N TYR K 171 18.33 -22.81 -56.76
CA TYR K 171 17.11 -23.17 -56.05
C TYR K 171 17.18 -22.64 -54.63
N PHE K 172 16.00 -22.42 -54.02
CA PHE K 172 15.98 -22.00 -52.61
C PHE K 172 14.67 -22.45 -52.00
N PRO K 173 14.68 -22.97 -50.76
CA PRO K 173 15.88 -23.19 -49.94
C PRO K 173 16.43 -24.59 -50.07
N GLU K 174 17.55 -24.88 -49.39
CA GLU K 174 18.02 -26.25 -49.32
C GLU K 174 16.97 -27.06 -48.57
N SER K 175 16.79 -28.34 -48.92
CA SER K 175 17.67 -29.12 -49.80
C SER K 175 16.97 -29.86 -50.94
N VAL K 176 17.77 -30.54 -51.76
CA VAL K 176 17.29 -31.29 -52.90
C VAL K 176 17.72 -32.75 -52.76
N THR K 177 17.03 -33.61 -53.49
CA THR K 177 17.32 -35.04 -53.54
C THR K 177 17.60 -35.45 -54.99
N VAL K 178 18.78 -36.02 -55.22
CA VAL K 178 19.20 -36.51 -56.54
C VAL K 178 19.45 -38.01 -56.44
N THR K 179 18.59 -38.81 -57.07
CA THR K 179 18.74 -40.25 -57.15
C THR K 179 18.95 -40.64 -58.61
N TRP K 180 19.77 -41.65 -58.84
CA TRP K 180 20.11 -42.12 -60.17
C TRP K 180 19.42 -43.47 -60.36
N ASN K 181 18.32 -43.48 -61.14
CA ASN K 181 17.43 -44.63 -61.33
C ASN K 181 16.67 -44.99 -60.04
N SER K 182 16.80 -44.16 -59.00
CA SER K 182 16.16 -44.21 -57.67
C SER K 182 16.71 -45.29 -56.73
N GLY K 183 17.79 -45.98 -57.08
CA GLY K 183 18.37 -46.97 -56.19
C GLY K 183 19.37 -47.93 -56.80
N SER K 187 26.24 -49.22 -59.12
CA SER K 187 26.98 -48.08 -59.65
C SER K 187 27.39 -47.12 -58.53
N SER K 188 28.45 -46.35 -58.81
CA SER K 188 29.01 -45.36 -57.88
C SER K 188 28.34 -43.98 -58.03
N VAL K 189 27.96 -43.37 -56.91
CA VAL K 189 27.30 -42.06 -56.91
C VAL K 189 28.05 -41.15 -55.95
N HIS K 190 28.13 -39.85 -56.29
CA HIS K 190 28.71 -38.82 -55.44
C HIS K 190 27.81 -37.59 -55.44
N THR K 191 27.50 -37.09 -54.24
CA THR K 191 26.67 -35.92 -54.04
C THR K 191 27.49 -34.81 -53.38
N PHE K 192 27.43 -33.62 -53.93
CA PHE K 192 28.34 -32.57 -53.51
C PHE K 192 27.61 -31.49 -52.72
N PRO K 193 28.22 -30.96 -51.67
CA PRO K 193 27.53 -29.99 -50.81
C PRO K 193 27.11 -28.75 -51.59
N ALA K 194 25.92 -28.24 -51.28
CA ALA K 194 25.41 -27.08 -51.99
C ALA K 194 26.12 -25.80 -51.55
N LEU K 195 26.35 -24.89 -52.49
CA LEU K 195 26.96 -23.61 -52.21
C LEU K 195 26.02 -22.47 -52.58
N LEU K 196 26.08 -21.41 -51.78
CA LEU K 196 25.20 -20.27 -51.89
C LEU K 196 25.89 -19.18 -52.69
N GLN K 197 25.25 -18.74 -53.76
CA GLN K 197 25.76 -17.69 -54.63
C GLN K 197 24.61 -16.80 -55.06
N SER K 198 24.73 -15.51 -54.76
CA SER K 198 23.74 -14.52 -55.17
C SER K 198 22.38 -14.86 -54.56
N GLY K 199 22.40 -15.54 -53.41
CA GLY K 199 21.20 -15.86 -52.67
C GLY K 199 20.47 -17.12 -53.11
N LEU K 200 21.09 -17.96 -53.94
CA LEU K 200 20.51 -19.24 -54.27
C LEU K 200 21.60 -20.28 -54.25
N TYR K 201 21.18 -21.54 -54.23
CA TYR K 201 22.07 -22.68 -54.04
C TYR K 201 22.37 -23.39 -55.35
N THR K 202 23.58 -23.97 -55.42
CA THR K 202 24.06 -24.77 -56.53
C THR K 202 24.75 -26.01 -56.00
N MET K 203 24.37 -27.17 -56.50
CA MET K 203 25.05 -28.41 -56.18
C MET K 203 25.15 -29.24 -57.45
N SER K 204 25.95 -30.30 -57.40
CA SER K 204 26.10 -31.20 -58.54
C SER K 204 26.23 -32.61 -58.02
N SER K 205 25.98 -33.59 -58.90
CA SER K 205 26.00 -34.98 -58.48
C SER K 205 26.56 -35.82 -59.61
N SER K 206 27.49 -36.71 -59.28
CA SER K 206 28.17 -37.52 -60.27
C SER K 206 27.86 -39.00 -60.08
N VAL K 207 27.84 -39.74 -61.20
CA VAL K 207 27.61 -41.17 -61.22
C VAL K 207 28.68 -41.78 -62.09
N THR K 208 29.12 -42.99 -61.74
CA THR K 208 30.18 -43.70 -62.46
C THR K 208 29.67 -45.06 -62.91
N VAL K 209 29.74 -45.33 -64.21
CA VAL K 209 29.37 -46.63 -64.79
C VAL K 209 30.44 -47.07 -65.77
N PRO K 210 30.50 -48.36 -66.07
CA PRO K 210 31.49 -48.85 -67.04
C PRO K 210 31.16 -48.37 -68.45
N SER K 211 32.22 -48.06 -69.23
CA SER K 211 32.00 -47.46 -70.53
C SER K 211 31.31 -48.39 -71.50
N SER K 212 31.33 -49.69 -71.22
CA SER K 212 30.53 -50.65 -71.99
C SER K 212 29.03 -50.39 -71.85
N THR K 213 28.62 -49.84 -70.71
CA THR K 213 27.19 -49.62 -70.45
C THR K 213 26.67 -48.28 -70.98
N TRP K 214 27.50 -47.21 -71.08
CA TRP K 214 26.90 -45.97 -71.55
C TRP K 214 27.48 -45.55 -72.90
N PRO K 215 26.66 -44.94 -73.80
CA PRO K 215 25.23 -44.59 -73.67
C PRO K 215 24.21 -45.60 -74.23
N SER K 216 24.60 -46.85 -74.42
CA SER K 216 23.64 -47.86 -74.87
C SER K 216 22.52 -48.05 -73.86
N GLN K 217 22.87 -48.25 -72.59
CA GLN K 217 21.90 -48.23 -71.51
C GLN K 217 21.47 -46.79 -71.23
N THR K 218 20.30 -46.64 -70.60
CA THR K 218 19.78 -45.32 -70.30
C THR K 218 20.10 -44.94 -68.85
N VAL K 219 20.44 -43.67 -68.62
CA VAL K 219 20.84 -43.15 -67.31
C VAL K 219 20.10 -41.85 -67.02
N THR K 220 19.33 -41.82 -65.93
CA THR K 220 18.53 -40.65 -65.56
C THR K 220 18.75 -40.28 -64.11
N CYS K 221 18.99 -38.99 -63.85
CA CYS K 221 18.99 -38.47 -62.48
C CYS K 221 17.65 -37.80 -62.21
N SER K 222 17.07 -38.11 -61.06
CA SER K 222 15.80 -37.57 -60.61
C SER K 222 16.07 -36.61 -59.46
N VAL K 223 15.70 -35.35 -59.64
CA VAL K 223 15.97 -34.29 -58.67
C VAL K 223 14.66 -33.92 -57.99
N ALA K 224 14.64 -34.07 -56.67
CA ALA K 224 13.48 -33.73 -55.85
C ALA K 224 13.83 -32.55 -54.94
N HIS K 225 13.00 -31.51 -55.01
CA HIS K 225 13.12 -30.29 -54.20
C HIS K 225 11.82 -30.10 -53.42
N PRO K 226 11.76 -30.58 -52.18
CA PRO K 226 10.47 -30.61 -51.46
C PRO K 226 9.85 -29.24 -51.20
N ALA K 227 10.66 -28.26 -50.79
CA ALA K 227 10.10 -26.97 -50.39
C ALA K 227 9.33 -26.29 -51.51
N SER K 228 9.60 -26.63 -52.77
CA SER K 228 8.83 -26.17 -53.89
C SER K 228 7.94 -27.27 -54.46
N SER K 229 7.99 -28.46 -53.85
CA SER K 229 7.22 -29.62 -54.29
C SER K 229 7.35 -29.85 -55.80
N THR K 230 8.59 -29.83 -56.26
CA THR K 230 8.91 -30.09 -57.66
C THR K 230 9.71 -31.38 -57.77
N THR K 231 9.44 -32.15 -58.82
CA THR K 231 10.29 -33.27 -59.19
C THR K 231 10.62 -33.18 -60.67
N VAL K 232 11.91 -33.17 -60.99
CA VAL K 232 12.41 -33.00 -62.35
C VAL K 232 13.35 -34.14 -62.68
N ASP K 233 13.13 -34.79 -63.82
CA ASP K 233 14.00 -35.84 -64.33
C ASP K 233 14.82 -35.33 -65.51
N LYS K 234 16.07 -35.79 -65.59
CA LYS K 234 16.90 -35.47 -66.75
C LYS K 234 17.56 -36.75 -67.27
N LYS K 235 17.35 -37.02 -68.54
CA LYS K 235 18.06 -38.11 -69.20
C LYS K 235 19.43 -37.62 -69.62
N LEU K 236 20.43 -38.49 -69.49
CA LEU K 236 21.80 -38.18 -69.88
C LEU K 236 22.03 -38.67 -71.31
N GLU K 237 22.35 -37.75 -72.22
CA GLU K 237 22.65 -38.14 -73.59
C GLU K 237 23.94 -37.49 -74.08
N PRO K 238 24.67 -38.14 -75.07
CA PRO K 238 25.96 -37.60 -75.52
C PRO K 238 25.84 -36.61 -76.68
N SER K 239 26.53 -35.47 -76.57
CA SER K 239 26.60 -34.49 -77.66
C SER K 239 27.31 -35.07 -78.89
N ASN L 21 28.48 -22.01 -15.74
CA ASN L 21 28.23 -23.39 -16.13
C ASN L 21 29.52 -24.18 -16.35
N ILE L 22 29.38 -25.51 -16.41
CA ILE L 22 30.50 -26.44 -16.53
C ILE L 22 30.96 -26.51 -17.99
N VAL L 23 32.25 -26.27 -18.22
CA VAL L 23 32.81 -26.12 -19.55
C VAL L 23 33.57 -27.38 -19.96
N LEU L 24 33.15 -27.98 -21.07
CA LEU L 24 33.84 -29.14 -21.65
C LEU L 24 34.75 -28.66 -22.78
N THR L 25 36.05 -28.94 -22.66
CA THR L 25 37.03 -28.64 -23.70
C THR L 25 37.61 -29.96 -24.19
N GLN L 26 37.48 -30.23 -25.48
CA GLN L 26 37.91 -31.50 -26.07
C GLN L 26 39.21 -31.34 -26.84
N SER L 27 40.07 -32.34 -26.72
CA SER L 27 41.33 -32.39 -27.40
C SER L 27 41.59 -33.79 -27.95
N PRO L 28 42.08 -33.89 -29.19
CA PRO L 28 42.37 -32.77 -30.07
C PRO L 28 41.16 -32.33 -30.88
N ALA L 29 41.31 -31.18 -31.54
CA ALA L 29 40.25 -30.68 -32.39
C ALA L 29 39.96 -31.66 -33.50
N SER L 30 41.00 -32.18 -34.15
CA SER L 30 40.86 -33.21 -35.16
C SER L 30 41.96 -34.23 -34.94
N LEU L 31 41.67 -35.47 -35.30
CA LEU L 31 42.60 -36.56 -35.07
C LEU L 31 42.73 -37.38 -36.35
N ALA L 32 43.96 -37.72 -36.71
CA ALA L 32 44.21 -38.58 -37.86
C ALA L 32 44.72 -39.91 -37.33
N VAL L 33 44.01 -41.00 -37.68
CA VAL L 33 44.35 -42.35 -37.24
C VAL L 33 44.18 -43.32 -38.40
N SER L 34 45.11 -44.26 -38.52
CA SER L 34 45.09 -45.29 -39.56
C SER L 34 44.26 -46.49 -39.11
N LEU L 35 43.66 -47.17 -40.10
CA LEU L 35 42.79 -48.32 -39.81
C LEU L 35 43.49 -49.36 -38.93
N GLY L 36 42.75 -49.83 -37.92
CA GLY L 36 43.26 -50.81 -37.00
C GLY L 36 44.08 -50.23 -35.88
N GLN L 37 44.42 -48.95 -35.94
CA GLN L 37 45.25 -48.33 -34.92
C GLN L 37 44.39 -47.92 -33.71
N ARG L 38 44.96 -47.12 -32.81
CA ARG L 38 44.28 -46.64 -31.62
C ARG L 38 44.10 -45.13 -31.69
N ALA L 39 42.86 -44.68 -31.56
CA ALA L 39 42.52 -43.27 -31.51
C ALA L 39 42.11 -42.92 -30.10
N THR L 40 42.64 -41.82 -29.56
CA THR L 40 42.31 -41.41 -28.20
C THR L 40 41.86 -39.96 -28.18
N ILE L 41 40.64 -39.74 -27.72
CA ILE L 41 40.07 -38.42 -27.52
C ILE L 41 39.91 -38.18 -26.02
N SER L 42 40.14 -36.95 -25.61
CA SER L 42 40.00 -36.58 -24.22
C SER L 42 38.97 -35.46 -24.08
N CYS L 43 38.31 -35.43 -22.93
CA CYS L 43 37.33 -34.42 -22.55
C CYS L 43 37.74 -33.86 -21.20
N ARG L 44 37.91 -32.56 -21.12
CA ARG L 44 38.44 -31.95 -19.90
C ARG L 44 37.36 -31.03 -19.35
N ALA L 45 36.88 -31.36 -18.16
CA ALA L 45 35.80 -30.58 -17.57
C ALA L 45 36.41 -29.51 -16.70
N SER L 46 35.77 -28.34 -16.69
CA SER L 46 36.29 -27.23 -15.92
C SER L 46 36.03 -27.40 -14.44
N GLU L 47 34.99 -28.17 -14.08
CA GLU L 47 34.68 -28.50 -12.69
C GLU L 47 34.21 -29.94 -12.64
N SER L 48 34.29 -30.54 -11.46
CA SER L 48 33.98 -31.96 -11.34
C SER L 48 32.57 -32.23 -11.82
N VAL L 49 32.41 -33.27 -12.65
CA VAL L 49 31.10 -33.73 -13.05
C VAL L 49 30.68 -34.97 -12.27
N ASP L 50 31.27 -35.19 -11.10
CA ASP L 50 31.07 -36.36 -10.28
C ASP L 50 30.02 -36.04 -9.23
N SER L 51 29.06 -36.93 -9.07
CA SER L 51 28.13 -36.83 -7.96
C SER L 51 27.59 -38.21 -7.66
N TYR L 52 27.34 -38.44 -6.38
CA TYR L 52 26.78 -39.69 -5.89
C TYR L 52 27.66 -40.87 -6.17
N GLY L 53 28.95 -40.66 -6.43
CA GLY L 53 29.81 -41.80 -6.67
C GLY L 53 29.79 -42.28 -8.10
N TYR L 54 29.18 -41.52 -9.00
CA TYR L 54 29.09 -41.74 -10.43
C TYR L 54 29.75 -40.57 -11.13
N SER L 55 30.17 -40.79 -12.38
CA SER L 55 30.68 -39.73 -13.25
C SER L 55 29.58 -39.42 -14.24
N PHE L 56 29.12 -38.17 -14.27
CA PHE L 56 28.02 -37.78 -15.14
C PHE L 56 28.61 -37.20 -16.43
N MET L 57 29.06 -38.12 -17.27
CA MET L 57 29.85 -37.88 -18.47
C MET L 57 29.36 -38.82 -19.55
N HIS L 58 29.29 -38.36 -20.78
CA HIS L 58 28.82 -39.24 -21.85
C HIS L 58 29.52 -38.91 -23.16
N TRP L 59 29.62 -39.90 -24.03
CA TRP L 59 30.30 -39.74 -25.29
C TRP L 59 29.33 -40.05 -26.43
N TYR L 60 29.30 -39.19 -27.43
CA TYR L 60 28.43 -39.39 -28.57
C TYR L 60 29.26 -39.41 -29.85
N GLN L 61 28.79 -40.18 -30.82
CA GLN L 61 29.33 -40.17 -32.18
C GLN L 61 28.26 -39.61 -33.09
N GLN L 62 28.61 -38.64 -33.92
CA GLN L 62 27.65 -38.02 -34.83
C GLN L 62 28.16 -38.10 -36.27
N LYS L 63 27.60 -39.02 -37.05
CA LYS L 63 27.82 -39.01 -38.48
C LYS L 63 27.16 -37.77 -39.08
N PRO L 64 27.74 -37.21 -40.14
CA PRO L 64 27.23 -35.93 -40.65
C PRO L 64 25.80 -36.06 -41.18
N GLY L 65 25.02 -35.01 -40.97
CA GLY L 65 23.63 -35.03 -41.39
C GLY L 65 22.76 -35.97 -40.58
N GLN L 66 23.22 -36.38 -39.41
CA GLN L 66 22.60 -37.44 -38.64
C GLN L 66 22.61 -37.04 -37.18
N PRO L 67 21.63 -37.48 -36.39
CA PRO L 67 21.67 -37.23 -34.96
C PRO L 67 22.81 -37.98 -34.30
N PRO L 68 23.32 -37.51 -33.17
CA PRO L 68 24.37 -38.25 -32.45
C PRO L 68 23.85 -39.55 -31.88
N LYS L 69 24.77 -40.43 -31.55
CA LYS L 69 24.48 -41.72 -30.96
C LYS L 69 25.25 -41.84 -29.65
N VAL L 70 24.69 -42.51 -28.66
CA VAL L 70 25.42 -42.69 -27.40
C VAL L 70 26.44 -43.82 -27.57
N LEU L 71 27.65 -43.58 -27.09
CA LEU L 71 28.69 -44.59 -27.08
C LEU L 71 29.01 -45.04 -25.67
N ILE L 72 29.45 -44.10 -24.86
CA ILE L 72 29.72 -44.36 -23.46
C ILE L 72 28.79 -43.47 -22.65
N TYR L 73 28.12 -44.07 -21.69
CA TYR L 73 27.30 -43.33 -20.74
C TYR L 73 27.92 -43.49 -19.37
N LEU L 74 27.87 -42.42 -18.57
CA LEU L 74 28.63 -42.37 -17.33
C LEU L 74 30.07 -42.46 -17.82
N ALA L 75 31.08 -42.52 -16.99
CA ALA L 75 32.41 -42.37 -17.58
C ALA L 75 32.75 -43.53 -18.52
N SER L 76 32.28 -44.74 -18.22
CA SER L 76 32.94 -45.91 -18.74
C SER L 76 31.98 -47.07 -18.98
N ASN L 77 30.83 -46.81 -19.61
CA ASN L 77 29.85 -47.86 -19.86
C ASN L 77 29.49 -47.92 -21.32
N LEU L 78 29.74 -49.08 -21.94
CA LEU L 78 29.41 -49.30 -23.34
C LEU L 78 27.91 -49.34 -23.50
N GLU L 79 27.39 -48.52 -24.39
CA GLU L 79 25.96 -48.55 -24.63
C GLU L 79 25.59 -49.86 -25.33
N SER L 80 24.33 -50.26 -25.19
CA SER L 80 23.83 -51.49 -25.82
C SER L 80 23.98 -51.44 -27.35
N GLY L 81 24.63 -52.48 -27.91
CA GLY L 81 24.81 -52.59 -29.35
C GLY L 81 25.94 -51.78 -29.97
N VAL L 82 26.95 -51.41 -29.18
CA VAL L 82 28.13 -50.69 -29.64
C VAL L 82 29.31 -51.65 -29.63
N PRO L 83 30.16 -51.64 -30.64
CA PRO L 83 31.29 -52.56 -30.62
C PRO L 83 32.17 -52.28 -29.42
N ALA L 84 32.63 -53.36 -28.78
CA ALA L 84 33.37 -53.30 -27.52
C ALA L 84 34.71 -52.60 -27.74
N ARG L 85 34.95 -52.17 -28.99
CA ARG L 85 36.10 -51.36 -29.33
C ARG L 85 36.00 -49.92 -28.80
N PHE L 86 34.82 -49.49 -28.37
CA PHE L 86 34.67 -48.25 -27.62
C PHE L 86 34.84 -48.49 -26.12
N SER L 87 35.57 -47.58 -25.46
CA SER L 87 35.85 -47.71 -24.04
C SER L 87 36.02 -46.33 -23.45
N GLY L 88 35.66 -46.21 -22.17
CA GLY L 88 35.71 -44.94 -21.49
C GLY L 88 36.50 -45.07 -20.21
N SER L 89 37.08 -43.94 -19.79
CA SER L 89 37.88 -43.94 -18.59
C SER L 89 37.84 -42.55 -17.98
N GLY L 90 38.32 -42.45 -16.75
CA GLY L 90 38.48 -41.15 -16.13
C GLY L 90 37.57 -40.98 -14.93
N SER L 91 37.83 -39.90 -14.21
CA SER L 91 36.98 -39.48 -13.10
C SER L 91 37.24 -38.00 -12.89
N ARG L 92 36.32 -37.37 -12.17
CA ARG L 92 36.49 -35.98 -11.78
C ARG L 92 36.52 -35.09 -13.03
N THR L 93 37.69 -34.58 -13.42
CA THR L 93 37.83 -33.62 -14.51
C THR L 93 38.29 -34.20 -15.84
N ASP L 94 39.05 -35.30 -15.86
CA ASP L 94 39.71 -35.79 -17.06
C ASP L 94 39.06 -37.09 -17.54
N PHE L 95 38.77 -37.16 -18.83
CA PHE L 95 38.11 -38.32 -19.41
C PHE L 95 38.71 -38.60 -20.77
N THR L 96 38.51 -39.84 -21.22
CA THR L 96 39.12 -40.32 -22.45
C THR L 96 38.20 -41.37 -23.05
N LEU L 97 37.80 -41.14 -24.30
CA LEU L 97 37.12 -42.11 -25.14
C LEU L 97 38.15 -42.72 -26.09
N THR L 98 38.25 -44.05 -26.10
CA THR L 98 39.25 -44.72 -26.91
C THR L 98 38.61 -45.67 -27.90
N ILE L 99 39.16 -45.69 -29.10
CA ILE L 99 38.70 -46.56 -30.17
C ILE L 99 39.86 -47.46 -30.60
N ASP L 100 39.65 -48.76 -30.46
CA ASP L 100 40.69 -49.75 -30.69
C ASP L 100 40.03 -51.10 -30.97
N PRO L 101 40.10 -51.61 -32.21
CA PRO L 101 40.81 -50.91 -33.30
C PRO L 101 39.90 -50.00 -34.13
N VAL L 102 40.33 -48.77 -34.40
CA VAL L 102 39.55 -47.88 -35.25
C VAL L 102 39.47 -48.45 -36.66
N GLU L 103 38.27 -48.43 -37.24
CA GLU L 103 38.01 -49.02 -38.55
C GLU L 103 37.48 -47.95 -39.50
N ALA L 104 37.17 -48.38 -40.73
CA ALA L 104 36.76 -47.44 -41.79
C ALA L 104 35.43 -46.74 -41.49
N ASP L 105 34.55 -47.37 -40.71
CA ASP L 105 33.24 -46.78 -40.48
C ASP L 105 33.28 -45.58 -39.55
N ASP L 106 34.26 -45.52 -38.66
CA ASP L 106 34.28 -44.63 -37.51
C ASP L 106 34.70 -43.19 -37.85
N ALA L 107 34.77 -42.84 -39.13
CA ALA L 107 34.98 -41.45 -39.53
C ALA L 107 33.76 -40.62 -39.15
N ALA L 108 33.88 -39.81 -38.11
CA ALA L 108 32.75 -39.04 -37.60
C ALA L 108 33.26 -38.00 -36.61
N THR L 109 32.35 -37.16 -36.14
CA THR L 109 32.63 -36.24 -35.04
C THR L 109 32.17 -36.87 -33.73
N TYR L 110 32.96 -36.68 -32.68
CA TYR L 110 32.76 -37.33 -31.40
C TYR L 110 32.57 -36.25 -30.35
N TYR L 111 31.51 -36.37 -29.57
CA TYR L 111 31.15 -35.36 -28.57
C TYR L 111 31.14 -35.95 -27.18
N CYS L 112 31.65 -35.20 -26.21
CA CYS L 112 31.41 -35.49 -24.82
C CYS L 112 30.39 -34.51 -24.26
N GLN L 113 29.63 -34.99 -23.27
CA GLN L 113 28.58 -34.17 -22.66
C GLN L 113 28.46 -34.55 -21.20
N GLN L 114 28.08 -33.57 -20.39
CA GLN L 114 27.85 -33.76 -18.97
C GLN L 114 26.44 -33.34 -18.59
N ASN L 115 25.88 -34.01 -17.59
CA ASN L 115 24.64 -33.59 -17.00
C ASN L 115 24.84 -33.70 -15.49
N ASN L 116 25.88 -33.01 -15.02
CA ASN L 116 26.04 -32.86 -13.58
C ASN L 116 25.44 -31.58 -13.06
N GLU L 117 25.43 -30.51 -13.86
CA GLU L 117 24.79 -29.27 -13.45
C GLU L 117 24.09 -28.62 -14.63
N ASN L 118 23.03 -27.92 -14.33
CA ASN L 118 22.41 -27.10 -15.36
C ASN L 118 23.28 -25.87 -15.62
N PRO L 119 23.44 -25.46 -16.87
CA PRO L 119 22.83 -26.11 -18.02
C PRO L 119 23.70 -27.24 -18.59
N LEU L 120 23.06 -28.22 -19.21
CA LEU L 120 23.82 -29.25 -19.88
C LEU L 120 24.72 -28.61 -20.90
N THR L 121 25.95 -29.10 -20.98
CA THR L 121 26.95 -28.56 -21.87
C THR L 121 27.61 -29.69 -22.66
N PHE L 122 28.02 -29.35 -23.90
CA PHE L 122 28.71 -30.27 -24.78
C PHE L 122 30.12 -29.80 -25.06
N GLY L 123 30.97 -30.74 -25.46
CA GLY L 123 32.28 -30.41 -25.97
C GLY L 123 32.23 -29.74 -27.34
N ALA L 124 33.40 -29.21 -27.75
CA ALA L 124 33.49 -28.61 -29.08
C ALA L 124 33.50 -29.70 -30.13
N GLY L 125 33.99 -30.87 -29.78
CA GLY L 125 33.96 -32.04 -30.64
C GLY L 125 35.32 -32.40 -31.19
N THR L 126 35.48 -33.68 -31.53
CA THR L 126 36.64 -34.18 -32.24
C THR L 126 36.16 -34.84 -33.52
N LYS L 127 36.57 -34.28 -34.66
CA LYS L 127 36.29 -34.84 -35.97
C LYS L 127 37.41 -35.83 -36.26
N LEU L 128 37.06 -37.10 -36.36
CA LEU L 128 38.04 -38.16 -36.61
C LEU L 128 38.18 -38.38 -38.10
N GLU L 129 39.41 -38.27 -38.60
CA GLU L 129 39.73 -38.53 -39.99
C GLU L 129 40.59 -39.78 -40.06
N LEU L 130 40.23 -40.70 -40.95
CA LEU L 130 40.97 -41.94 -41.10
C LEU L 130 42.10 -41.76 -42.10
N LYS L 131 43.23 -42.43 -41.83
CA LYS L 131 44.36 -42.46 -42.74
C LYS L 131 44.35 -43.75 -43.54
N ARG L 132 44.38 -43.61 -44.86
CA ARG L 132 44.63 -44.73 -45.78
C ARG L 132 45.72 -44.31 -46.77
N ALA L 133 46.13 -45.28 -47.58
CA ALA L 133 47.16 -45.01 -48.57
C ALA L 133 46.64 -44.04 -49.63
N ASP L 134 47.52 -43.14 -50.07
CA ASP L 134 47.12 -42.06 -50.97
C ASP L 134 46.55 -42.62 -52.27
N ALA L 135 45.67 -41.83 -52.88
CA ALA L 135 45.09 -42.19 -54.16
C ALA L 135 44.77 -40.89 -54.90
N ALA L 136 44.99 -40.88 -56.28
CA ALA L 136 44.82 -39.68 -57.08
C ALA L 136 43.37 -39.52 -57.53
N PRO L 137 42.93 -38.28 -57.76
CA PRO L 137 41.52 -38.05 -58.12
C PRO L 137 41.25 -38.37 -59.59
N THR L 138 40.18 -39.13 -59.84
CA THR L 138 39.74 -39.41 -61.21
C THR L 138 39.07 -38.17 -61.79
N VAL L 139 39.72 -37.50 -62.73
CA VAL L 139 39.27 -36.19 -63.20
C VAL L 139 38.35 -36.33 -64.40
N SER L 140 37.28 -35.53 -64.41
CA SER L 140 36.32 -35.48 -65.51
C SER L 140 35.98 -34.03 -65.80
N ILE L 141 35.90 -33.69 -67.07
CA ILE L 141 35.64 -32.32 -67.52
C ILE L 141 34.30 -32.29 -68.24
N PHE L 142 33.49 -31.26 -67.99
CA PHE L 142 32.18 -31.31 -68.63
C PHE L 142 31.76 -29.97 -69.22
N PRO L 143 31.50 -29.90 -70.52
CA PRO L 143 31.00 -28.66 -71.13
C PRO L 143 29.57 -28.38 -70.71
N PRO L 144 29.09 -27.15 -70.92
CA PRO L 144 27.69 -26.82 -70.62
C PRO L 144 26.71 -27.58 -71.50
N SER L 145 25.57 -27.92 -70.91
CA SER L 145 24.54 -28.66 -71.62
C SER L 145 23.85 -27.77 -72.65
N SER L 146 23.14 -28.41 -73.58
CA SER L 146 22.37 -27.66 -74.56
C SER L 146 21.24 -26.90 -73.89
N GLU L 147 20.60 -27.49 -72.87
CA GLU L 147 19.56 -26.80 -72.11
C GLU L 147 20.11 -25.58 -71.36
N GLN L 148 21.34 -25.68 -70.87
CA GLN L 148 21.91 -24.57 -70.09
C GLN L 148 22.27 -23.40 -70.98
N LEU L 149 22.95 -23.67 -72.10
CA LEU L 149 23.37 -22.61 -73.00
C LEU L 149 22.20 -21.84 -73.61
N THR L 150 20.99 -22.40 -73.61
CA THR L 150 19.83 -21.70 -74.13
C THR L 150 19.17 -20.80 -73.10
N SER L 151 19.46 -21.02 -71.82
CA SER L 151 18.88 -20.24 -70.73
C SER L 151 19.67 -18.97 -70.43
N GLY L 152 20.74 -18.71 -71.19
CA GLY L 152 21.51 -17.48 -71.09
C GLY L 152 22.82 -17.58 -70.34
N GLY L 153 23.21 -18.77 -69.90
CA GLY L 153 24.42 -18.92 -69.10
C GLY L 153 25.11 -20.24 -69.36
N ALA L 154 26.35 -20.33 -68.87
CA ALA L 154 27.20 -21.50 -69.10
C ALA L 154 28.04 -21.80 -67.86
N SER L 155 27.98 -23.05 -67.38
CA SER L 155 28.78 -23.51 -66.25
C SER L 155 29.59 -24.72 -66.70
N VAL L 156 30.91 -24.61 -66.58
CA VAL L 156 31.82 -25.70 -66.89
C VAL L 156 32.11 -26.45 -65.60
N VAL L 157 31.95 -27.76 -65.62
CA VAL L 157 31.99 -28.57 -64.40
C VAL L 157 33.18 -29.51 -64.46
N CYS L 158 33.87 -29.65 -63.32
CA CYS L 158 35.00 -30.55 -63.22
C CYS L 158 34.90 -31.35 -61.92
N PHE L 159 34.93 -32.67 -62.04
CA PHE L 159 34.81 -33.60 -60.91
C PHE L 159 36.17 -34.23 -60.61
N LEU L 160 36.63 -34.08 -59.37
CA LEU L 160 37.84 -34.73 -58.89
C LEU L 160 37.39 -35.77 -57.85
N ASN L 161 37.42 -37.04 -58.21
CA ASN L 161 36.72 -38.06 -57.45
C ASN L 161 37.69 -39.05 -56.84
N ASN L 162 37.51 -39.31 -55.54
CA ASN L 162 38.15 -40.41 -54.84
C ASN L 162 39.67 -40.25 -54.76
N PHE L 163 40.10 -39.21 -54.06
CA PHE L 163 41.50 -38.92 -53.81
C PHE L 163 41.75 -38.78 -52.32
N TYR L 164 43.02 -38.94 -51.93
CA TYR L 164 43.40 -38.73 -50.54
C TYR L 164 44.88 -38.39 -50.44
N PRO L 165 45.29 -37.42 -49.61
CA PRO L 165 44.49 -36.59 -48.69
C PRO L 165 43.64 -35.48 -49.33
N LYS L 166 42.92 -34.75 -48.46
CA LYS L 166 41.95 -33.78 -48.94
C LYS L 166 42.62 -32.55 -49.55
N ASP L 167 43.78 -32.13 -49.04
CA ASP L 167 44.40 -30.91 -49.57
C ASP L 167 44.70 -31.11 -51.04
N ILE L 168 44.37 -30.10 -51.85
CA ILE L 168 44.51 -30.19 -53.30
C ILE L 168 44.38 -28.79 -53.90
N ASN L 169 45.04 -28.56 -55.04
CA ASN L 169 44.94 -27.29 -55.76
C ASN L 169 44.40 -27.57 -57.15
N VAL L 170 43.37 -26.82 -57.55
CA VAL L 170 42.79 -26.97 -58.88
C VAL L 170 42.95 -25.65 -59.62
N LYS L 171 43.12 -25.73 -60.94
CA LYS L 171 43.44 -24.56 -61.75
C LYS L 171 42.65 -24.58 -63.04
N TRP L 172 41.91 -23.50 -63.32
CA TRP L 172 41.22 -23.36 -64.58
C TRP L 172 42.01 -22.42 -65.49
N LYS L 173 42.29 -22.88 -66.71
CA LYS L 173 42.92 -22.08 -67.75
C LYS L 173 42.01 -22.06 -68.98
N ILE L 174 41.69 -20.87 -69.45
CA ILE L 174 40.92 -20.66 -70.68
C ILE L 174 41.90 -20.26 -71.78
N ASP L 175 42.03 -21.12 -72.80
CA ASP L 175 42.90 -20.86 -73.95
C ASP L 175 44.35 -20.70 -73.56
N GLY L 176 44.73 -21.22 -72.38
CA GLY L 176 46.07 -21.09 -71.86
C GLY L 176 46.29 -19.89 -70.95
N SER L 177 45.28 -19.04 -70.77
CA SER L 177 45.33 -17.93 -69.84
C SER L 177 44.72 -18.37 -68.51
N GLU L 178 45.35 -18.00 -67.41
CA GLU L 178 44.76 -18.37 -66.14
C GLU L 178 43.46 -17.61 -65.89
N ARG L 179 42.60 -18.22 -65.08
CA ARG L 179 41.31 -17.68 -64.69
C ARG L 179 41.11 -17.96 -63.21
N GLN L 180 40.72 -16.94 -62.43
CA GLN L 180 40.49 -17.12 -60.99
C GLN L 180 39.11 -16.62 -60.57
N ASN L 181 38.23 -16.30 -61.52
CA ASN L 181 36.92 -15.73 -61.22
C ASN L 181 35.84 -16.79 -61.44
N GLY L 182 34.85 -16.80 -60.54
CA GLY L 182 33.69 -17.68 -60.68
C GLY L 182 33.94 -19.15 -60.51
N VAL L 183 35.00 -19.53 -59.80
CA VAL L 183 35.30 -20.93 -59.51
C VAL L 183 34.77 -21.23 -58.10
N LEU L 184 33.90 -22.24 -57.99
CA LEU L 184 33.34 -22.65 -56.71
C LEU L 184 33.67 -24.11 -56.49
N ASN L 185 34.14 -24.43 -55.28
CA ASN L 185 34.57 -25.77 -54.96
C ASN L 185 33.77 -26.34 -53.79
N SER L 186 33.45 -27.62 -53.87
CA SER L 186 32.73 -28.34 -52.82
C SER L 186 33.51 -29.62 -52.55
N TRP L 187 33.90 -29.83 -51.31
CA TRP L 187 34.49 -31.10 -50.87
C TRP L 187 33.41 -31.94 -50.18
N THR L 188 33.43 -33.25 -50.42
CA THR L 188 32.52 -34.10 -49.68
C THR L 188 33.13 -34.50 -48.34
N ASP L 189 32.30 -35.09 -47.49
CA ASP L 189 32.77 -35.65 -46.24
C ASP L 189 33.60 -36.89 -46.53
N GLN L 190 34.54 -37.18 -45.62
CA GLN L 190 35.37 -38.37 -45.79
C GLN L 190 34.50 -39.61 -45.87
N ASP L 191 34.76 -40.47 -46.85
CA ASP L 191 33.85 -41.58 -47.09
C ASP L 191 33.93 -42.62 -45.99
N SER L 192 32.77 -43.20 -45.69
CA SER L 192 32.69 -44.23 -44.65
C SER L 192 33.25 -45.56 -45.14
N LYS L 193 33.23 -45.80 -46.45
CA LYS L 193 33.64 -47.10 -47.01
C LYS L 193 35.06 -47.10 -47.59
N ASP L 194 35.35 -46.21 -48.55
CA ASP L 194 36.67 -46.23 -49.16
C ASP L 194 37.57 -45.12 -48.61
N SER L 195 37.02 -44.26 -47.76
CA SER L 195 37.79 -43.26 -47.01
C SER L 195 38.51 -42.28 -47.93
N THR L 196 37.90 -41.97 -49.07
CA THR L 196 38.41 -40.98 -50.00
C THR L 196 37.52 -39.75 -49.98
N TYR L 197 38.05 -38.67 -50.54
CA TYR L 197 37.34 -37.42 -50.71
C TYR L 197 36.99 -37.23 -52.18
N SER L 198 36.14 -36.25 -52.44
CA SER L 198 35.87 -35.84 -53.81
C SER L 198 35.49 -34.37 -53.80
N MET L 199 35.49 -33.78 -54.99
CA MET L 199 35.38 -32.34 -55.07
C MET L 199 34.78 -31.98 -56.42
N SER L 200 33.92 -30.97 -56.43
CA SER L 200 33.35 -30.45 -57.66
C SER L 200 33.77 -29.00 -57.83
N SER L 201 34.45 -28.70 -58.93
CA SER L 201 34.78 -27.32 -59.29
C SER L 201 33.82 -26.85 -60.37
N THR L 202 33.26 -25.65 -60.20
CA THR L 202 32.22 -25.14 -61.10
C THR L 202 32.60 -23.73 -61.56
N LEU L 203 33.00 -23.60 -62.84
CA LEU L 203 33.40 -22.32 -63.42
C LEU L 203 32.21 -21.75 -64.20
N THR L 204 31.69 -20.63 -63.71
CA THR L 204 30.43 -20.05 -64.17
C THR L 204 30.71 -18.74 -64.86
N LEU L 205 30.28 -18.62 -66.12
CA LEU L 205 30.37 -17.37 -66.87
C LEU L 205 29.03 -17.15 -67.57
N THR L 206 28.90 -16.00 -68.21
CA THR L 206 27.75 -15.80 -69.07
C THR L 206 27.89 -16.67 -70.32
N LYS L 207 26.74 -16.91 -70.98
CA LYS L 207 26.75 -17.63 -72.25
C LYS L 207 27.64 -16.92 -73.26
N ASP L 208 27.51 -15.59 -73.34
CA ASP L 208 28.32 -14.83 -74.28
C ASP L 208 29.81 -14.98 -73.99
N GLU L 209 30.19 -14.90 -72.71
CA GLU L 209 31.61 -15.04 -72.37
C GLU L 209 32.16 -16.40 -72.79
N TYR L 210 31.31 -17.43 -72.79
CA TYR L 210 31.75 -18.78 -73.17
C TYR L 210 32.17 -18.84 -74.63
N GLU L 211 31.54 -18.05 -75.50
CA GLU L 211 31.79 -18.15 -76.94
C GLU L 211 33.08 -17.49 -77.39
N ARG L 212 33.64 -16.57 -76.59
CA ARG L 212 34.87 -15.90 -76.99
C ARG L 212 36.11 -16.79 -76.86
N HIS L 213 36.01 -17.89 -76.14
CA HIS L 213 37.15 -18.80 -76.01
C HIS L 213 36.77 -20.20 -76.52
N ASN L 214 37.76 -20.90 -77.08
CA ASN L 214 37.53 -22.18 -77.74
C ASN L 214 37.87 -23.38 -76.86
N SER L 215 39.06 -23.38 -76.25
CA SER L 215 39.58 -24.52 -75.50
C SER L 215 39.67 -24.19 -74.02
N TYR L 216 39.12 -25.09 -73.19
CA TYR L 216 39.05 -24.92 -71.75
C TYR L 216 39.71 -26.11 -71.08
N THR L 217 40.44 -25.85 -70.00
CA THR L 217 41.24 -26.87 -69.36
C THR L 217 40.99 -26.88 -67.85
N CYS L 218 41.06 -28.08 -67.28
CA CYS L 218 40.95 -28.31 -65.85
C CYS L 218 42.22 -28.99 -65.40
N GLU L 219 42.92 -28.37 -64.44
CA GLU L 219 44.25 -28.79 -64.02
C GLU L 219 44.28 -28.95 -62.51
N ALA L 220 44.62 -30.14 -62.03
CA ALA L 220 44.65 -30.43 -60.61
C ALA L 220 46.06 -30.87 -60.21
N THR L 221 46.61 -30.23 -59.18
CA THR L 221 47.90 -30.60 -58.62
C THR L 221 47.70 -31.33 -57.30
N HIS L 222 48.21 -32.55 -57.21
CA HIS L 222 48.06 -33.37 -56.03
C HIS L 222 49.40 -33.92 -55.57
N LYS L 223 49.43 -34.34 -54.29
CA LYS L 223 50.58 -35.02 -53.69
C LYS L 223 50.96 -36.32 -54.40
N THR L 224 50.08 -36.88 -55.23
CA THR L 224 50.40 -38.13 -55.91
C THR L 224 51.51 -37.94 -56.94
N SER L 225 51.41 -36.91 -57.79
CA SER L 225 52.40 -36.63 -58.84
C SER L 225 52.76 -35.15 -58.87
N THR L 226 54.00 -34.86 -59.29
CA THR L 226 54.45 -33.48 -59.44
C THR L 226 53.78 -32.83 -60.65
N SER L 227 53.68 -33.58 -61.73
CA SER L 227 53.08 -33.10 -62.97
C SER L 227 51.56 -33.18 -62.87
N PRO L 228 50.84 -32.06 -63.07
CA PRO L 228 49.40 -32.06 -62.81
C PRO L 228 48.62 -32.99 -63.74
N ILE L 229 47.44 -33.38 -63.25
CA ILE L 229 46.47 -34.14 -64.03
C ILE L 229 45.63 -33.15 -64.83
N VAL L 230 45.57 -33.34 -66.15
CA VAL L 230 44.99 -32.38 -67.07
C VAL L 230 43.77 -33.02 -67.73
N LYS L 231 42.73 -32.22 -67.96
CA LYS L 231 41.59 -32.65 -68.77
C LYS L 231 41.03 -31.43 -69.49
N SER L 232 40.68 -31.60 -70.77
CA SER L 232 40.35 -30.46 -71.61
C SER L 232 39.25 -30.82 -72.61
N PHE L 233 38.72 -29.79 -73.28
CA PHE L 233 37.73 -29.96 -74.36
C PHE L 233 37.74 -28.74 -75.26
N ASN L 234 37.28 -28.94 -76.49
CA ASN L 234 37.23 -27.94 -77.56
C ASN L 234 35.81 -27.85 -78.10
N ARG L 235 35.54 -26.77 -78.82
CA ARG L 235 34.31 -26.67 -79.62
C ARG L 235 34.56 -26.82 -81.12
#